data_6W2J
#
_entry.id   6W2J
#
_cell.length_a   71.660
_cell.length_b   98.530
_cell.length_c   142.530
_cell.angle_alpha   102.130
_cell.angle_beta   97.940
_cell.angle_gamma   106.110
#
_symmetry.space_group_name_H-M   'P 1'
#
loop_
_entity.id
_entity.type
_entity.pdbx_description
1 polymer 'Carbamoyl-phosphate synthase [ammonia], mitochondrial'
2 non-polymer (2-fluoranyl-4-methoxy-phenyl)-[(3~{R},5~{R})-4-(2-fluoranyl-4-methoxy-phenyl)carbonyl-3,5-dimethyl-piperazin-1-yl]methanone
3 non-polymer 'ZINC ION'
4 non-polymer 1,2-ETHANEDIOL
5 water water
#
_entity_poly.entity_id   1
_entity_poly.type   'polypeptide(L)'
_entity_poly.pdbx_seq_one_letter_code
;MTRILTAFKVVRTLKTGFGFTNVTAHQKWKFSRPGIRLLSVKAQTAHIVLEDGTKMKGYSFGHPSSVAGEVVFNTGLGGY
PEAITDPAYKGQILTMANPIIGNGGAPDTTALDELGLSKYLESNGIKVSGLLVLDYSKDYNHWLATKSLGQWLQEEKVPA
IYGVDTRMLTKIIRDKGTMLGKIEFEGQPVDFVDPNKQNLIAEVSTKDVKVYGKGNPTKVVAVDCGIKNNVIRLLVKRGA
EVHLVPWNHDFTKMEYDGILIAGGPGNPALAEPLIQNVRKILESDRKEPLFGISTGNLITGLAAGAKTYKMSMANRGQNQ
PVLNITNKQAFITAQNHGYALDNTLPAGWKPLFVNVNDQTNEGIMHESKPFFAVQFHPEVTPGPIDTEYLFDSFFSLIKK
GKATTITSVLPKPALVASRVEVSKVLILGSGGLSIGQAGEFDYSGSQAVKAMKEENVKTVLMNPNIASVQTNEVGLKQAD
TVYFLPITPQFVTEVIKAEQPDGLILGMGGQTALNCGVELFKRGVLKEYGVKVLGTSVESIMATEDRQLFSDKLNEINEK
IAPSFAVESIEDALKAADTIGYPVMIRSAYALGGLGSGICPNRETLMDLSTKAFAMTNQILVEKSVTGWKEIEYEVVRDA
DDNCVTVCNMENVDAMGVHTGDSVVVAPAQTLSNAEFQMLRRTSINVVRHLGIVGECNIQFALHPTSMEYCIIEVNARLS
RSSALASKATGYPLAFIAAKIALGIPLPEIKNVVSGKTSACFEPSLDYMVTKIPRWDLDRFHGTSSRIGSSMKSVGEVMA
IGRTFEESFQKALRMCHPSIEGFTPRLPMNKEWPSNLDLRKELSEPSSTRIYAIAKAIDDNMSLDEIEKLTYIDKWFLYK
MRDILNMEKTLKGLNSESMTEETLKRAKEIGFSDKQISKCLGLTEAQTRELRLKKNIHPWVKQIDTLAAEYPSVTNYLYV
TYNGQEHDVNFDDHGMMVLGCGPYHIGSSVEFDWCAVSSIRTLRQLGKKTVVVNCNPETVSTDFDECDKLYFEELSLERI
LDIYHQEACGGCIISVGGQIPNNLAVPLYKNGVKIMGTSPLQIDRAEDRSIFSAVLDELKVAQAPWKAVNTLNEALEFAK
SVDYPCLLRPSYVLSGSAMNVVFSEDEMKKFLEEATRVSQEHPVVLTKFVEGAREVEMDAVGKDGRVISHAISEHVEDAG
VHSGDATLMLPTQTISQGAIEKVKDATRKIAKAFAISGPFNVQFLVKGNDVLVIECNLRASRSFPFVSKTLGVDFIDVAT
KVMIGENVDEKHLPTLDHPIIPADYVAIKAPMFSWPRLRDADPILRCEMASTGEVACFGEGIHTAFLKAMLSTGFKIPQK
GILIGIQQSFRPRFLGVAEQLHNEGFKLFATEATSDWLNANNVPATPVAWPSQEGQNPSLSSIRKLIRDGSIDLVINLPN
NNTKFVHDNYVIRRTAVDSGIPLLTNFQVTKLFAEAVQKSRKVDSKSLFHYRQYSAGKAA
;
_entity_poly.pdbx_strand_id   A,B
#
loop_
_chem_comp.id
_chem_comp.type
_chem_comp.name
_chem_comp.formula
374 non-polymer (2-fluoranyl-4-methoxy-phenyl)-[(3~{R},5~{R})-4-(2-fluoranyl-4-methoxy-phenyl)carbonyl-3,5-dimethyl-piperazin-1-yl]methanone 'C22 H24 F2 N2 O4'
EDO non-polymer 1,2-ETHANEDIOL 'C2 H6 O2'
ZN non-polymer 'ZINC ION' 'Zn 2'
#
# COMPACT_ATOMS: atom_id res chain seq x y z
N ALA A 43 -19.75 -14.92 26.46
CA ALA A 43 -18.67 -13.90 26.67
C ALA A 43 -17.32 -14.42 26.19
N GLN A 44 -17.02 -14.20 24.90
CA GLN A 44 -15.80 -14.76 24.29
C GLN A 44 -14.54 -14.01 24.74
N THR A 45 -13.42 -14.74 24.87
CA THR A 45 -12.20 -14.21 25.47
C THR A 45 -11.00 -14.40 24.57
N ALA A 46 -9.99 -13.57 24.78
CA ALA A 46 -8.73 -13.65 24.07
C ALA A 46 -7.62 -13.05 24.89
N HIS A 47 -6.41 -13.38 24.49
CA HIS A 47 -5.22 -12.89 25.10
C HIS A 47 -4.55 -11.89 24.18
N ILE A 48 -4.03 -10.82 24.75
CA ILE A 48 -3.03 -10.04 24.05
C ILE A 48 -1.78 -10.69 24.55
N VAL A 49 -0.96 -11.17 23.61
CA VAL A 49 0.39 -11.71 23.93
C VAL A 49 1.51 -10.88 23.27
N LEU A 50 2.53 -10.56 24.03
CA LEU A 50 3.66 -9.78 23.53
C LEU A 50 4.85 -10.71 23.36
N GLU A 51 5.77 -10.36 22.45
CA GLU A 51 6.94 -11.19 22.18
C GLU A 51 7.88 -11.33 23.36
N ASP A 52 7.77 -10.44 24.35
CA ASP A 52 8.50 -10.57 25.62
C ASP A 52 7.92 -11.58 26.68
N GLY A 53 6.88 -12.32 26.33
CA GLY A 53 6.28 -13.31 27.24
C GLY A 53 5.00 -12.86 27.90
N THR A 54 4.77 -11.56 28.02
CA THR A 54 3.62 -10.99 28.69
C THR A 54 2.32 -11.45 28.09
N LYS A 55 1.40 -11.90 28.94
CA LYS A 55 0.00 -12.21 28.54
C LYS A 55 -1.02 -11.45 29.42
N MET A 56 -2.12 -11.04 28.81
CA MET A 56 -3.25 -10.47 29.53
C MET A 56 -4.52 -11.03 28.90
N LYS A 57 -5.44 -11.55 29.71
CA LYS A 57 -6.68 -12.09 29.18
C LYS A 57 -7.71 -10.96 29.13
N GLY A 58 -8.53 -10.96 28.10
CA GLY A 58 -9.44 -9.87 27.83
C GLY A 58 -10.70 -10.45 27.22
N TYR A 59 -11.72 -9.61 27.15
CA TYR A 59 -13.02 -9.98 26.62
C TYR A 59 -13.10 -9.40 25.23
N SER A 60 -13.39 -10.24 24.24
CA SER A 60 -13.55 -9.77 22.87
C SER A 60 -14.79 -8.94 22.71
N PHE A 61 -14.62 -7.75 22.16
CA PHE A 61 -15.75 -6.98 21.64
C PHE A 61 -15.62 -6.68 20.14
N GLY A 62 -14.53 -7.08 19.53
CA GLY A 62 -14.37 -6.93 18.11
C GLY A 62 -14.79 -8.14 17.33
N HIS A 63 -14.26 -8.21 16.11
CA HIS A 63 -14.37 -9.38 15.30
C HIS A 63 -13.58 -10.49 16.00
N PRO A 64 -14.16 -11.68 16.09
CA PRO A 64 -13.53 -12.66 16.99
C PRO A 64 -12.51 -13.50 16.25
N SER A 65 -11.35 -12.93 16.02
CA SER A 65 -10.29 -13.63 15.27
C SER A 65 -8.93 -13.05 15.54
N SER A 66 -7.91 -13.90 15.43
CA SER A 66 -6.56 -13.54 15.80
C SER A 66 -5.94 -12.60 14.79
N VAL A 67 -4.94 -11.85 15.25
CA VAL A 67 -4.24 -10.92 14.42
C VAL A 67 -2.97 -10.59 15.14
N ALA A 68 -1.88 -10.45 14.37
CA ALA A 68 -0.55 -10.13 14.89
C ALA A 68 -0.08 -8.82 14.28
N GLY A 69 0.80 -8.14 15.01
CA GLY A 69 1.21 -6.78 14.63
C GLY A 69 2.15 -6.10 15.61
N GLU A 70 2.46 -4.84 15.33
CA GLU A 70 3.22 -4.04 16.28
C GLU A 70 2.26 -3.48 17.30
N VAL A 71 2.58 -3.61 18.59
CA VAL A 71 1.75 -3.04 19.62
C VAL A 71 2.32 -1.65 19.91
N VAL A 72 1.46 -0.65 19.82
CA VAL A 72 1.79 0.73 20.19
C VAL A 72 0.80 1.24 21.25
N PHE A 73 1.12 2.43 21.79
CA PHE A 73 0.16 3.19 22.61
C PHE A 73 0.04 4.63 22.14
N ASN A 74 -1.07 5.25 22.48
CA ASN A 74 -1.32 6.64 22.23
C ASN A 74 -2.04 7.30 23.44
N THR A 75 -1.48 8.40 23.96
CA THR A 75 -2.01 9.09 25.16
C THR A 75 -3.09 10.12 24.88
N GLY A 76 -3.54 10.22 23.63
CA GLY A 76 -4.62 11.16 23.30
C GLY A 76 -5.90 10.59 23.85
N LEU A 77 -6.60 11.38 24.66
CA LEU A 77 -7.79 10.88 25.33
C LEU A 77 -9.02 10.82 24.41
N GLY A 78 -9.25 11.90 23.66
CA GLY A 78 -10.45 12.03 22.84
C GLY A 78 -10.31 11.55 21.41
N GLY A 79 -11.46 11.39 20.77
CA GLY A 79 -11.53 11.12 19.34
C GLY A 79 -11.13 9.75 18.86
N TYR A 80 -11.65 8.70 19.50
CA TYR A 80 -11.34 7.34 19.09
C TYR A 80 -11.92 6.98 17.73
N PRO A 81 -13.13 7.46 17.36
CA PRO A 81 -13.56 7.13 15.99
C PRO A 81 -12.62 7.74 14.94
N GLU A 82 -12.30 9.02 15.08
CA GLU A 82 -11.25 9.61 14.26
C GLU A 82 -9.92 8.84 14.35
N ALA A 83 -9.50 8.50 15.57
CA ALA A 83 -8.18 7.90 15.78
C ALA A 83 -7.95 6.54 15.11
N ILE A 84 -8.92 5.66 15.24
CA ILE A 84 -8.81 4.32 14.66
C ILE A 84 -8.95 4.26 13.10
N THR A 85 -9.36 5.38 12.47
CA THR A 85 -9.31 5.51 11.00
C THR A 85 -8.06 6.22 10.48
N ASP A 86 -7.12 6.53 11.36
CA ASP A 86 -5.81 7.08 10.97
C ASP A 86 -5.05 6.05 10.14
N PRO A 87 -4.75 6.34 8.87
CA PRO A 87 -3.89 5.41 8.12
C PRO A 87 -2.56 5.08 8.81
N ALA A 88 -2.10 5.97 9.69
CA ALA A 88 -0.87 5.72 10.42
C ALA A 88 -0.82 4.42 11.26
N TYR A 89 -1.97 3.92 11.69
CA TYR A 89 -2.01 2.70 12.49
C TYR A 89 -1.97 1.39 11.70
N LYS A 90 -1.81 1.44 10.36
CA LYS A 90 -1.79 0.20 9.55
C LYS A 90 -0.80 -0.80 10.09
N GLY A 91 -1.26 -2.03 10.30
CA GLY A 91 -0.44 -3.09 10.89
C GLY A 91 -0.21 -3.00 12.40
N GLN A 92 -0.91 -2.09 13.10
CA GLN A 92 -0.65 -1.86 14.52
C GLN A 92 -1.84 -2.16 15.38
N ILE A 93 -1.53 -2.74 16.54
CA ILE A 93 -2.48 -3.05 17.56
C ILE A 93 -2.38 -1.87 18.53
N LEU A 94 -3.45 -1.08 18.58
CA LEU A 94 -3.50 0.15 19.35
C LEU A 94 -3.89 -0.04 20.85
N THR A 95 -2.97 0.22 21.76
CA THR A 95 -3.31 0.30 23.20
C THR A 95 -3.82 1.71 23.52
N MET A 96 -5.11 1.84 23.87
CA MET A 96 -5.70 3.16 24.17
C MET A 96 -5.41 3.55 25.61
N ALA A 97 -4.88 4.75 25.84
CA ALA A 97 -4.50 5.17 27.17
C ALA A 97 -5.73 5.46 28.00
N ASN A 98 -6.71 6.08 27.34
CA ASN A 98 -8.01 6.40 27.92
C ASN A 98 -8.72 5.12 28.29
N PRO A 99 -9.11 4.97 29.57
CA PRO A 99 -9.72 3.68 29.95
C PRO A 99 -11.18 3.48 29.54
N ILE A 100 -11.85 4.51 29.02
CA ILE A 100 -13.30 4.37 28.84
C ILE A 100 -13.63 4.64 27.38
N ILE A 101 -13.62 3.57 26.60
CA ILE A 101 -13.75 3.65 25.15
C ILE A 101 -15.12 3.19 24.69
N GLY A 102 -15.72 3.94 23.76
CA GLY A 102 -16.99 3.59 23.13
C GLY A 102 -18.18 4.40 23.56
N ASN A 103 -17.97 5.48 24.31
CA ASN A 103 -19.06 6.28 24.90
C ASN A 103 -19.94 6.90 23.85
N GLY A 104 -19.33 7.27 22.73
CA GLY A 104 -20.04 7.90 21.62
C GLY A 104 -20.51 7.00 20.51
N GLY A 105 -20.47 5.69 20.74
CA GLY A 105 -20.81 4.73 19.68
C GLY A 105 -19.90 4.89 18.47
N ALA A 106 -20.49 4.78 17.29
CA ALA A 106 -19.80 5.07 16.05
C ALA A 106 -20.68 6.01 15.28
N PRO A 107 -20.08 7.00 14.61
CA PRO A 107 -20.86 7.86 13.76
C PRO A 107 -21.33 7.15 12.46
N ASP A 108 -22.04 7.88 11.62
CA ASP A 108 -22.41 7.36 10.33
C ASP A 108 -21.14 7.12 9.48
N THR A 109 -20.79 5.86 9.31
CA THR A 109 -19.54 5.48 8.66
C THR A 109 -19.65 5.34 7.14
N THR A 110 -20.85 5.47 6.59
CA THR A 110 -21.05 5.45 5.15
C THR A 110 -21.22 6.87 4.55
N ALA A 111 -21.59 7.85 5.36
CA ALA A 111 -21.85 9.21 4.89
C ALA A 111 -20.64 9.89 4.26
N LEU A 112 -20.84 10.49 3.08
CA LEU A 112 -19.82 11.27 2.42
C LEU A 112 -20.13 12.74 2.53
N ASP A 113 -19.11 13.59 2.42
CA ASP A 113 -19.34 15.03 2.26
C ASP A 113 -19.52 15.31 0.75
N GLU A 114 -19.82 16.56 0.39
CA GLU A 114 -19.86 16.95 -1.04
C GLU A 114 -18.45 16.84 -1.74
N LEU A 115 -17.36 16.82 -0.97
CA LEU A 115 -16.03 16.50 -1.52
C LEU A 115 -15.75 15.00 -1.78
N GLY A 116 -16.65 14.11 -1.37
CA GLY A 116 -16.47 12.65 -1.53
C GLY A 116 -15.49 12.00 -0.56
N LEU A 117 -15.13 12.70 0.51
CA LEU A 117 -14.38 12.09 1.58
C LEU A 117 -15.42 11.64 2.61
N SER A 118 -15.06 10.63 3.40
CA SER A 118 -15.83 10.25 4.59
C SER A 118 -16.18 11.49 5.44
N LYS A 119 -17.47 11.65 5.75
CA LYS A 119 -17.93 12.81 6.47
C LYS A 119 -17.36 12.91 7.89
N TYR A 120 -17.24 11.78 8.58
CA TYR A 120 -16.82 11.80 9.98
C TYR A 120 -15.49 11.09 10.27
N LEU A 121 -14.98 10.32 9.32
CA LEU A 121 -13.74 9.56 9.56
C LEU A 121 -12.54 10.23 8.90
N GLU A 122 -11.36 9.70 9.19
CA GLU A 122 -10.16 10.23 8.59
C GLU A 122 -9.65 9.41 7.41
N SER A 123 -10.27 8.28 7.17
CA SER A 123 -9.96 7.47 6.01
C SER A 123 -11.15 6.55 5.69
N ASN A 124 -10.98 5.68 4.69
CA ASN A 124 -12.13 4.91 4.18
C ASN A 124 -12.68 3.86 5.15
N GLY A 125 -11.91 3.44 6.14
CA GLY A 125 -12.34 2.49 7.16
C GLY A 125 -11.39 2.45 8.33
N ILE A 126 -11.44 1.38 9.12
CA ILE A 126 -10.59 1.30 10.30
C ILE A 126 -9.23 0.79 9.85
N LYS A 127 -8.16 1.39 10.38
CA LYS A 127 -6.79 1.09 9.91
C LYS A 127 -5.96 0.29 10.88
N VAL A 128 -6.30 0.35 12.18
CA VAL A 128 -5.64 -0.48 13.20
C VAL A 128 -5.88 -1.96 12.89
N SER A 129 -4.88 -2.78 13.12
CA SER A 129 -5.03 -4.22 12.96
C SER A 129 -5.81 -4.77 14.14
N GLY A 130 -5.65 -4.17 15.32
CA GLY A 130 -6.42 -4.56 16.51
C GLY A 130 -6.47 -3.45 17.54
N LEU A 131 -7.32 -3.59 18.56
CA LEU A 131 -7.57 -2.50 19.52
C LEU A 131 -7.61 -3.03 20.94
N LEU A 132 -6.80 -2.42 21.83
CA LEU A 132 -6.75 -2.82 23.23
C LEU A 132 -7.28 -1.72 24.13
N VAL A 133 -8.31 -2.06 24.94
CA VAL A 133 -8.92 -1.13 25.89
C VAL A 133 -9.16 -1.76 27.25
N LEU A 134 -9.29 -0.90 28.27
CA LEU A 134 -9.54 -1.35 29.62
C LEU A 134 -11.03 -1.61 29.81
N ASP A 135 -11.84 -0.64 29.42
CA ASP A 135 -13.28 -0.76 29.50
C ASP A 135 -13.95 -0.28 28.24
N TYR A 136 -14.92 -1.08 27.79
CA TYR A 136 -15.69 -0.84 26.60
C TYR A 136 -17.13 -0.55 27.00
N SER A 137 -17.64 0.62 26.63
CA SER A 137 -19.05 0.95 26.80
C SER A 137 -19.90 0.25 25.76
N LYS A 138 -20.66 -0.74 26.24
CA LYS A 138 -21.57 -1.49 25.39
C LYS A 138 -22.62 -0.50 24.93
N ASP A 139 -23.17 0.24 25.92
CA ASP A 139 -24.22 1.25 25.67
C ASP A 139 -23.62 2.63 25.46
N TYR A 140 -24.15 3.39 24.52
CA TYR A 140 -23.49 4.59 24.03
C TYR A 140 -24.50 5.72 23.95
N ASN A 141 -24.02 6.98 24.01
CA ASN A 141 -24.92 8.13 23.96
C ASN A 141 -24.34 9.41 23.39
N HIS A 142 -24.40 9.51 22.07
CA HIS A 142 -24.10 10.72 21.36
C HIS A 142 -25.15 10.97 20.30
N TRP A 143 -25.43 12.24 20.03
CA TRP A 143 -26.39 12.63 18.99
C TRP A 143 -25.99 12.23 17.56
N LEU A 144 -24.69 12.14 17.29
CA LEU A 144 -24.18 11.64 16.00
C LEU A 144 -23.97 10.12 15.92
N ALA A 145 -24.28 9.40 17.00
CA ALA A 145 -24.05 7.96 17.01
C ALA A 145 -25.12 7.25 16.20
N THR A 146 -24.70 6.23 15.48
CA THR A 146 -25.60 5.35 14.72
C THR A 146 -25.50 3.87 15.13
N LYS A 147 -24.58 3.52 16.03
CA LYS A 147 -24.31 2.11 16.37
C LYS A 147 -23.22 2.01 17.44
N SER A 148 -23.08 0.84 18.05
CA SER A 148 -22.01 0.64 19.04
C SER A 148 -20.65 0.59 18.31
N LEU A 149 -19.58 0.80 19.07
CA LEU A 149 -18.21 0.72 18.53
C LEU A 149 -17.88 -0.72 18.30
N GLY A 150 -18.50 -1.60 19.09
CA GLY A 150 -18.31 -3.02 18.90
C GLY A 150 -18.84 -3.46 17.55
N GLN A 151 -19.99 -2.92 17.15
CA GLN A 151 -20.63 -3.32 15.93
C GLN A 151 -19.81 -2.83 14.74
N TRP A 152 -19.28 -1.60 14.86
CA TRP A 152 -18.44 -1.02 13.81
C TRP A 152 -17.15 -1.85 13.63
N LEU A 153 -16.54 -2.28 14.72
CA LEU A 153 -15.30 -3.04 14.63
C LEU A 153 -15.50 -4.40 13.97
N GLN A 154 -16.61 -5.08 14.30
CA GLN A 154 -16.91 -6.41 13.73
C GLN A 154 -17.16 -6.34 12.21
N GLU A 155 -18.06 -5.44 11.81
CA GLU A 155 -18.24 -5.02 10.43
C GLU A 155 -16.93 -4.85 9.68
N GLU A 156 -15.95 -4.16 10.27
CA GLU A 156 -14.61 -3.89 9.65
C GLU A 156 -13.59 -5.03 9.75
N LYS A 157 -14.00 -6.14 10.35
CA LYS A 157 -13.18 -7.33 10.60
C LYS A 157 -11.98 -7.09 11.51
N VAL A 158 -12.11 -6.14 12.43
CA VAL A 158 -11.05 -5.77 13.34
C VAL A 158 -11.26 -6.36 14.74
N PRO A 159 -10.25 -7.09 15.27
CA PRO A 159 -10.29 -7.59 16.66
C PRO A 159 -9.97 -6.57 17.75
N ALA A 160 -10.71 -6.67 18.84
CA ALA A 160 -10.62 -5.76 19.93
C ALA A 160 -11.00 -6.52 21.22
N ILE A 161 -10.14 -6.41 22.22
CA ILE A 161 -10.39 -7.01 23.53
C ILE A 161 -10.46 -5.88 24.54
N TYR A 162 -11.42 -5.95 25.45
CA TYR A 162 -11.45 -5.06 26.61
C TYR A 162 -11.11 -5.89 27.86
N GLY A 163 -10.89 -5.19 28.98
CA GLY A 163 -10.55 -5.81 30.25
C GLY A 163 -9.08 -6.05 30.54
N VAL A 164 -8.18 -5.43 29.78
CA VAL A 164 -6.72 -5.57 29.96
C VAL A 164 -6.12 -4.29 30.49
N ASP A 165 -4.95 -4.41 31.10
CA ASP A 165 -4.32 -3.28 31.83
C ASP A 165 -3.45 -2.49 30.86
N THR A 166 -4.09 -1.50 30.23
CA THR A 166 -3.48 -0.65 29.21
C THR A 166 -2.32 0.20 29.67
N ARG A 167 -2.24 0.42 30.99
CA ARG A 167 -1.12 1.13 31.57
C ARG A 167 0.10 0.23 31.76
N MET A 168 -0.12 -1.00 32.20
CA MET A 168 0.96 -1.95 32.29
C MET A 168 1.58 -2.12 30.90
N LEU A 169 0.73 -2.25 29.88
CA LEU A 169 1.15 -2.38 28.48
C LEU A 169 2.03 -1.21 28.06
N THR A 170 1.48 0.01 28.29
CA THR A 170 2.20 1.26 28.02
C THR A 170 3.58 1.21 28.68
N LYS A 171 3.64 0.92 29.96
CA LYS A 171 4.93 0.84 30.65
C LYS A 171 5.85 -0.19 30.00
N ILE A 172 5.30 -1.32 29.54
CA ILE A 172 6.09 -2.31 28.81
C ILE A 172 6.56 -1.83 27.40
N ILE A 173 5.67 -1.24 26.62
CA ILE A 173 6.00 -0.77 25.25
C ILE A 173 6.98 0.40 25.26
N ARG A 174 6.70 1.42 26.07
CA ARG A 174 7.62 2.53 26.39
C ARG A 174 9.10 2.10 26.42
N ASP A 175 9.92 2.99 25.87
CA ASP A 175 11.33 2.77 25.47
C ASP A 175 11.78 1.37 24.97
N LYS A 176 10.94 0.64 24.23
CA LYS A 176 11.37 -0.66 23.67
C LYS A 176 11.20 -0.79 22.17
N GLY A 177 11.82 0.14 21.44
CA GLY A 177 11.91 0.07 19.99
C GLY A 177 10.64 -0.35 19.28
N THR A 178 10.53 -1.65 19.03
CA THR A 178 9.40 -2.25 18.35
C THR A 178 8.91 -3.42 19.18
N MET A 179 7.85 -3.21 19.97
CA MET A 179 7.22 -4.34 20.70
C MET A 179 6.18 -5.03 19.82
N LEU A 180 6.44 -6.28 19.46
CA LEU A 180 5.49 -7.08 18.67
C LEU A 180 4.54 -7.86 19.56
N GLY A 181 3.34 -8.08 19.03
CA GLY A 181 2.35 -8.85 19.71
C GLY A 181 1.23 -9.35 18.84
N LYS A 182 0.26 -9.99 19.50
CA LYS A 182 -0.93 -10.56 18.84
C LYS A 182 -2.11 -10.64 19.79
N ILE A 183 -3.30 -10.36 19.25
CA ILE A 183 -4.52 -10.74 19.91
C ILE A 183 -4.80 -12.16 19.39
N GLU A 184 -4.78 -13.16 20.28
CA GLU A 184 -4.97 -14.58 19.91
C GLU A 184 -6.21 -15.17 20.60
N PHE A 185 -7.07 -15.82 19.81
CA PHE A 185 -8.25 -16.52 20.31
C PHE A 185 -7.88 -17.97 20.34
N GLU A 186 -8.44 -18.70 21.30
CA GLU A 186 -8.10 -20.12 21.43
C GLU A 186 -8.58 -20.80 20.16
N GLY A 187 -7.76 -21.71 19.64
CA GLY A 187 -8.01 -22.36 18.35
C GLY A 187 -7.70 -21.55 17.09
N GLN A 188 -6.99 -20.43 17.26
CA GLN A 188 -6.62 -19.55 16.14
C GLN A 188 -5.19 -19.05 16.31
N PRO A 189 -4.24 -19.98 16.44
CA PRO A 189 -2.90 -19.51 16.72
C PRO A 189 -2.39 -18.66 15.57
N VAL A 190 -1.45 -17.75 15.86
CA VAL A 190 -0.74 -16.94 14.87
C VAL A 190 0.65 -16.57 15.39
N ASP A 191 1.64 -16.50 14.51
CA ASP A 191 3.01 -16.17 14.91
C ASP A 191 3.18 -14.67 14.94
N PHE A 192 4.27 -14.24 15.54
CA PHE A 192 4.64 -12.83 15.56
C PHE A 192 5.17 -12.36 14.22
N VAL A 193 4.74 -11.19 13.80
CA VAL A 193 5.20 -10.62 12.55
C VAL A 193 5.33 -9.10 12.67
N ASP A 194 6.44 -8.56 12.19
CA ASP A 194 6.64 -7.10 12.12
C ASP A 194 6.14 -6.56 10.76
N PRO A 195 4.96 -5.91 10.74
CA PRO A 195 4.47 -5.34 9.48
C PRO A 195 5.32 -4.21 8.87
N ASN A 196 6.16 -3.59 9.69
CA ASN A 196 7.06 -2.52 9.28
C ASN A 196 8.18 -2.95 8.35
N LYS A 197 8.42 -4.25 8.19
CA LYS A 197 9.41 -4.76 7.22
C LYS A 197 8.87 -4.84 5.76
N GLN A 198 7.60 -4.49 5.54
CA GLN A 198 7.00 -4.34 4.21
C GLN A 198 6.55 -2.90 4.01
N ASN A 199 6.29 -2.50 2.76
CA ASN A 199 6.07 -1.08 2.44
C ASN A 199 4.63 -0.65 2.68
N LEU A 200 4.35 -0.25 3.92
CA LEU A 200 2.99 0.01 4.33
C LEU A 200 2.41 1.29 3.69
N ILE A 201 3.30 2.21 3.30
CA ILE A 201 2.92 3.39 2.53
C ILE A 201 2.11 2.95 1.29
N ALA A 202 2.67 2.00 0.55
CA ALA A 202 2.04 1.44 -0.65
C ALA A 202 0.64 0.86 -0.39
N GLU A 203 0.54 0.12 0.71
CA GLU A 203 -0.68 -0.56 1.10
C GLU A 203 -1.84 0.43 1.29
N VAL A 204 -1.59 1.55 1.96
CA VAL A 204 -2.66 2.51 2.35
C VAL A 204 -2.92 3.63 1.33
N SER A 205 -1.88 3.97 0.56
CA SER A 205 -1.93 4.89 -0.59
C SER A 205 -3.03 4.60 -1.63
N THR A 206 -3.70 5.65 -2.08
CA THR A 206 -4.62 5.56 -3.21
C THR A 206 -3.92 4.91 -4.41
N LYS A 207 -4.58 3.92 -5.02
CA LYS A 207 -4.02 3.16 -6.14
C LYS A 207 -4.00 3.99 -7.44
N ASP A 208 -4.94 4.94 -7.52
CA ASP A 208 -5.05 5.87 -8.64
C ASP A 208 -5.44 7.29 -8.19
N VAL A 209 -5.16 8.25 -9.07
CA VAL A 209 -5.27 9.69 -8.78
C VAL A 209 -6.72 10.12 -8.57
N LYS A 210 -6.99 10.85 -7.48
CA LYS A 210 -8.35 11.35 -7.13
C LYS A 210 -8.37 12.87 -7.02
N VAL A 211 -9.48 13.50 -7.41
CA VAL A 211 -9.56 14.96 -7.42
C VAL A 211 -10.67 15.47 -6.48
N TYR A 212 -10.29 16.46 -5.68
CA TYR A 212 -11.10 16.96 -4.60
C TYR A 212 -11.16 18.47 -4.72
N GLY A 213 -12.38 19.02 -4.61
CA GLY A 213 -12.60 20.44 -4.84
C GLY A 213 -12.27 20.79 -6.29
N LYS A 214 -12.75 19.93 -7.19
CA LYS A 214 -12.59 20.11 -8.63
C LYS A 214 -13.13 21.51 -8.96
N GLY A 215 -12.34 22.30 -9.70
CA GLY A 215 -12.74 23.64 -10.13
C GLY A 215 -12.23 24.85 -9.33
N ASN A 216 -11.46 24.60 -8.28
CA ASN A 216 -10.93 25.69 -7.46
C ASN A 216 -9.67 26.30 -8.15
N PRO A 217 -9.23 27.50 -7.70
CA PRO A 217 -8.10 28.19 -8.34
C PRO A 217 -6.68 27.68 -8.12
N THR A 218 -6.41 26.93 -7.05
CA THR A 218 -5.04 26.62 -6.63
C THR A 218 -4.77 25.12 -6.68
N LYS A 219 -3.85 24.69 -7.54
CA LYS A 219 -3.69 23.26 -7.83
C LYS A 219 -2.65 22.70 -6.90
N VAL A 220 -3.10 21.80 -6.01
CA VAL A 220 -2.20 21.17 -5.05
C VAL A 220 -2.11 19.68 -5.35
N VAL A 221 -0.89 19.21 -5.58
CA VAL A 221 -0.62 17.79 -5.68
C VAL A 221 -0.39 17.30 -4.26
N ALA A 222 -1.18 16.33 -3.83
CA ALA A 222 -1.04 15.73 -2.50
C ALA A 222 -0.56 14.30 -2.64
N VAL A 223 0.66 14.02 -2.22
CA VAL A 223 1.26 12.70 -2.34
C VAL A 223 0.80 11.83 -1.18
N ASP A 224 -0.05 10.85 -1.49
CA ASP A 224 -0.69 9.98 -0.48
C ASP A 224 0.26 8.89 0.04
N CYS A 225 0.83 9.10 1.22
CA CYS A 225 1.60 8.03 1.88
C CYS A 225 0.83 7.55 3.09
N GLY A 226 -0.50 7.62 3.01
CA GLY A 226 -1.37 7.44 4.16
C GLY A 226 -1.94 8.76 4.65
N ILE A 227 -2.46 9.59 3.75
CA ILE A 227 -2.93 10.94 4.13
C ILE A 227 -4.19 10.86 4.97
N LYS A 228 -4.38 11.83 5.85
CA LYS A 228 -5.62 11.90 6.59
C LYS A 228 -6.59 12.86 5.94
N ASN A 229 -7.87 12.57 6.07
CA ASN A 229 -8.90 13.33 5.37
C ASN A 229 -8.83 14.77 5.74
N ASN A 230 -8.47 15.12 6.96
CA ASN A 230 -8.49 16.55 7.32
C ASN A 230 -7.41 17.33 6.61
N VAL A 231 -6.32 16.69 6.20
CA VAL A 231 -5.37 17.41 5.36
C VAL A 231 -6.07 17.84 4.08
N ILE A 232 -6.77 16.91 3.45
CA ILE A 232 -7.51 17.25 2.23
C ILE A 232 -8.54 18.37 2.50
N ARG A 233 -9.39 18.18 3.49
CA ARG A 233 -10.43 19.16 3.81
C ARG A 233 -9.90 20.60 4.05
N LEU A 234 -8.77 20.74 4.75
CA LEU A 234 -8.26 22.06 5.07
C LEU A 234 -7.60 22.75 3.89
N LEU A 235 -6.95 21.97 3.03
CA LEU A 235 -6.47 22.48 1.72
C LEU A 235 -7.62 23.04 0.88
N VAL A 236 -8.71 22.29 0.73
CA VAL A 236 -9.83 22.72 -0.12
C VAL A 236 -10.54 23.96 0.40
N LYS A 237 -10.71 24.05 1.72
CA LYS A 237 -11.30 25.23 2.36
C LYS A 237 -10.50 26.52 2.06
N ARG A 238 -9.19 26.42 1.83
CA ARG A 238 -8.34 27.56 1.46
C ARG A 238 -8.17 27.74 -0.05
N GLY A 239 -9.16 27.28 -0.82
CA GLY A 239 -9.19 27.47 -2.27
C GLY A 239 -8.34 26.56 -3.14
N ALA A 240 -7.97 25.38 -2.66
CA ALA A 240 -7.22 24.43 -3.50
C ALA A 240 -8.10 23.38 -4.20
N GLU A 241 -7.64 23.00 -5.40
CA GLU A 241 -8.11 21.84 -6.14
C GLU A 241 -7.03 20.80 -5.83
N VAL A 242 -7.42 19.73 -5.15
CA VAL A 242 -6.42 18.80 -4.60
C VAL A 242 -6.37 17.56 -5.45
N HIS A 243 -5.20 17.32 -6.03
CA HIS A 243 -4.98 16.15 -6.83
C HIS A 243 -4.25 15.18 -5.92
N LEU A 244 -4.95 14.16 -5.41
CA LEU A 244 -4.32 13.16 -4.55
C LEU A 244 -3.71 12.04 -5.40
N VAL A 245 -2.40 11.86 -5.34
CA VAL A 245 -1.68 10.95 -6.26
C VAL A 245 -1.05 9.76 -5.55
N PRO A 246 -0.94 8.61 -6.22
CA PRO A 246 -0.25 7.50 -5.55
C PRO A 246 1.13 7.84 -4.99
N TRP A 247 1.54 7.07 -3.97
CA TRP A 247 2.83 7.25 -3.33
C TRP A 247 4.01 7.19 -4.28
N ASN A 248 3.85 6.41 -5.35
CA ASN A 248 4.89 6.21 -6.38
C ASN A 248 4.47 6.81 -7.72
N HIS A 249 3.49 7.71 -7.71
CA HIS A 249 3.14 8.43 -8.89
C HIS A 249 4.29 9.38 -9.24
N ASP A 250 4.48 9.61 -10.54
CA ASP A 250 5.50 10.53 -11.03
C ASP A 250 4.91 11.93 -11.24
N PHE A 251 5.24 12.82 -10.32
CA PHE A 251 4.71 14.18 -10.25
C PHE A 251 5.77 15.19 -10.69
N THR A 252 6.99 14.72 -11.01
CA THR A 252 8.11 15.63 -11.25
C THR A 252 7.86 16.64 -12.39
N LYS A 253 6.94 16.31 -13.31
CA LYS A 253 6.61 17.14 -14.46
C LYS A 253 5.21 17.70 -14.45
N MET A 254 4.33 17.25 -13.58
CA MET A 254 2.96 17.80 -13.53
C MET A 254 2.92 19.35 -13.39
N GLU A 255 1.88 19.96 -13.94
CA GLU A 255 1.51 21.35 -13.62
C GLU A 255 1.00 21.37 -12.17
N TYR A 256 1.58 22.21 -11.32
CA TYR A 256 0.94 22.51 -10.01
C TYR A 256 1.46 23.80 -9.37
N ASP A 257 0.62 24.38 -8.52
CA ASP A 257 0.97 25.58 -7.78
C ASP A 257 1.72 25.26 -6.49
N GLY A 258 1.35 24.15 -5.85
CA GLY A 258 2.00 23.71 -4.62
C GLY A 258 1.97 22.21 -4.49
N ILE A 259 2.94 21.66 -3.74
CA ILE A 259 3.00 20.21 -3.51
C ILE A 259 2.99 19.86 -2.01
N LEU A 260 2.27 18.78 -1.66
CA LEU A 260 2.14 18.33 -0.28
C LEU A 260 2.37 16.84 -0.16
N ILE A 261 3.15 16.44 0.82
CA ILE A 261 3.44 15.03 1.07
C ILE A 261 2.96 14.72 2.48
N ALA A 262 1.92 13.86 2.58
CA ALA A 262 1.26 13.57 3.87
C ALA A 262 1.04 12.10 4.12
N GLY A 263 1.56 11.65 5.25
CA GLY A 263 1.45 10.26 5.60
C GLY A 263 1.63 9.89 7.05
N GLY A 264 1.68 8.57 7.22
CA GLY A 264 1.46 7.89 8.47
C GLY A 264 2.24 6.59 8.60
N PRO A 265 1.78 5.49 7.96
CA PRO A 265 2.34 4.20 8.39
C PRO A 265 3.71 3.91 7.83
N GLY A 266 4.48 3.10 8.53
CA GLY A 266 5.63 2.43 7.94
C GLY A 266 6.94 3.17 8.02
N ASN A 267 7.99 2.46 7.66
CA ASN A 267 9.34 2.99 7.52
C ASN A 267 9.35 3.87 6.30
N PRO A 268 9.75 5.13 6.46
CA PRO A 268 9.83 6.01 5.29
C PRO A 268 10.91 5.53 4.29
N ALA A 269 11.94 4.84 4.79
CA ALA A 269 13.02 4.29 3.98
C ALA A 269 12.56 3.32 2.89
N LEU A 270 11.52 2.53 3.14
CA LEU A 270 11.03 1.57 2.15
C LEU A 270 10.30 2.19 0.97
N ALA A 271 10.01 3.48 0.99
CA ALA A 271 9.32 4.11 -0.15
C ALA A 271 10.29 4.76 -1.17
N GLU A 272 11.43 4.09 -1.38
CA GLU A 272 12.52 4.62 -2.20
C GLU A 272 12.13 5.33 -3.51
N PRO A 273 11.20 4.76 -4.32
CA PRO A 273 10.72 5.52 -5.48
C PRO A 273 10.24 6.94 -5.16
N LEU A 274 9.42 7.10 -4.12
CA LEU A 274 8.99 8.44 -3.69
C LEU A 274 10.15 9.37 -3.28
N ILE A 275 11.13 8.84 -2.53
CA ILE A 275 12.25 9.64 -2.06
C ILE A 275 13.00 10.19 -3.26
N GLN A 276 13.17 9.35 -4.29
CA GLN A 276 13.79 9.73 -5.58
C GLN A 276 13.05 10.86 -6.27
N ASN A 277 11.73 10.72 -6.40
CA ASN A 277 10.91 11.73 -7.03
C ASN A 277 11.01 13.07 -6.30
N VAL A 278 11.13 13.06 -4.98
CA VAL A 278 11.25 14.30 -4.22
C VAL A 278 12.64 14.87 -4.46
N ARG A 279 13.65 14.01 -4.39
CA ARG A 279 15.02 14.40 -4.70
C ARG A 279 15.06 15.20 -6.01
N LYS A 280 14.43 14.66 -7.06
CA LYS A 280 14.41 15.29 -8.39
C LYS A 280 13.76 16.66 -8.42
N ILE A 281 12.69 16.88 -7.65
CA ILE A 281 12.14 18.23 -7.45
C ILE A 281 13.22 19.11 -6.88
N LEU A 282 13.83 18.67 -5.77
CA LEU A 282 14.80 19.50 -5.02
C LEU A 282 16.01 19.88 -5.84
N GLU A 283 16.50 18.92 -6.64
CA GLU A 283 17.63 19.15 -7.56
C GLU A 283 17.29 19.92 -8.85
N SER A 284 16.03 19.88 -9.27
CA SER A 284 15.55 20.73 -10.34
C SER A 284 15.55 22.18 -9.89
N ASP A 285 15.06 23.05 -10.77
CA ASP A 285 14.91 24.48 -10.48
C ASP A 285 13.47 24.84 -10.11
N ARG A 286 12.59 23.85 -10.02
CA ARG A 286 11.20 24.11 -9.59
C ARG A 286 11.24 24.68 -8.17
N LYS A 287 10.51 25.77 -7.98
CA LYS A 287 10.45 26.46 -6.70
C LYS A 287 8.98 26.60 -6.31
N GLU A 288 8.18 25.61 -6.68
CA GLU A 288 6.82 25.54 -6.16
C GLU A 288 6.88 25.12 -4.70
N PRO A 289 6.14 25.84 -3.82
CA PRO A 289 6.04 25.52 -2.39
C PRO A 289 5.81 24.02 -2.10
N LEU A 290 6.60 23.47 -1.16
CA LEU A 290 6.53 22.08 -0.74
C LEU A 290 6.25 21.98 0.79
N PHE A 291 5.14 21.33 1.16
CA PHE A 291 4.71 21.20 2.58
C PHE A 291 4.59 19.71 2.98
N GLY A 292 5.53 19.25 3.81
CA GLY A 292 5.51 17.89 4.36
C GLY A 292 4.82 17.79 5.72
N ILE A 293 3.90 16.83 5.84
CA ILE A 293 3.26 16.46 7.13
C ILE A 293 3.62 15.05 7.51
N SER A 294 4.17 14.92 8.71
CA SER A 294 4.59 13.65 9.33
C SER A 294 5.51 12.80 8.45
N THR A 295 4.95 11.88 7.62
CA THR A 295 5.81 11.08 6.74
C THR A 295 6.48 12.02 5.72
N GLY A 296 5.78 13.09 5.36
CA GLY A 296 6.34 14.18 4.58
C GLY A 296 7.66 14.74 5.09
N ASN A 297 7.76 14.88 6.40
CA ASN A 297 8.98 15.37 7.03
C ASN A 297 10.09 14.36 6.83
N LEU A 298 9.76 13.08 7.03
CA LEU A 298 10.72 12.01 6.85
C LEU A 298 11.21 11.89 5.42
N ILE A 299 10.29 11.95 4.45
CA ILE A 299 10.63 11.77 3.03
C ILE A 299 11.47 12.96 2.55
N THR A 300 10.91 14.16 2.68
CA THR A 300 11.61 15.40 2.37
C THR A 300 13.02 15.43 2.95
N GLY A 301 13.17 15.05 4.21
CA GLY A 301 14.50 14.96 4.81
C GLY A 301 15.41 13.96 4.11
N LEU A 302 14.88 12.76 3.84
CA LEU A 302 15.62 11.68 3.15
C LEU A 302 16.05 12.06 1.74
N ALA A 303 15.15 12.77 1.04
CA ALA A 303 15.38 13.34 -0.29
C ALA A 303 16.42 14.47 -0.35
N ALA A 304 16.72 15.12 0.78
CA ALA A 304 17.81 16.06 0.85
C ALA A 304 19.11 15.48 1.47
N GLY A 305 19.17 14.19 1.81
CA GLY A 305 20.41 13.53 2.28
C GLY A 305 20.49 13.29 3.78
N ALA A 306 19.37 13.44 4.49
CA ALA A 306 19.27 13.10 5.93
C ALA A 306 19.02 11.62 6.11
N LYS A 307 19.11 11.21 7.37
CA LYS A 307 18.90 9.83 7.78
C LYS A 307 17.62 9.77 8.61
N THR A 308 16.96 8.60 8.61
CA THR A 308 15.81 8.35 9.49
C THR A 308 16.15 7.21 10.41
N TYR A 309 15.61 7.24 11.62
CA TYR A 309 15.75 6.11 12.55
C TYR A 309 14.37 5.69 13.08
N LYS A 310 14.30 4.48 13.64
CA LYS A 310 13.08 4.02 14.32
C LYS A 310 13.22 4.43 15.74
N MET A 311 12.36 5.31 16.22
CA MET A 311 12.47 5.85 17.58
C MET A 311 12.32 4.74 18.60
N SER A 312 13.26 4.63 19.54
CA SER A 312 13.06 3.73 20.67
C SER A 312 11.91 4.18 21.60
N MET A 313 11.61 5.47 21.65
CA MET A 313 10.45 6.03 22.37
C MET A 313 9.67 6.93 21.37
N ALA A 314 8.58 6.38 20.85
CA ALA A 314 7.80 7.01 19.77
C ALA A 314 7.01 8.22 20.25
N ASN A 315 6.64 9.10 19.33
CA ASN A 315 5.75 10.21 19.66
C ASN A 315 4.34 9.90 19.19
N ARG A 316 3.51 9.36 20.11
CA ARG A 316 2.07 9.18 19.84
C ARG A 316 1.18 9.77 20.98
N GLY A 317 0.58 10.92 20.72
CA GLY A 317 -0.23 11.64 21.72
C GLY A 317 -0.89 12.86 21.08
N GLN A 318 -1.77 13.52 21.83
CA GLN A 318 -2.35 14.83 21.47
C GLN A 318 -1.76 15.97 22.33
N ASN A 319 -0.75 15.67 23.14
CA ASN A 319 -0.21 16.57 24.13
C ASN A 319 1.26 16.76 23.87
N GLN A 320 1.72 16.50 22.64
CA GLN A 320 3.15 16.55 22.34
C GLN A 320 3.65 18.01 22.15
N PRO A 321 4.62 18.46 22.99
CA PRO A 321 5.09 19.85 22.88
C PRO A 321 6.25 20.04 21.92
N VAL A 322 6.09 21.03 21.06
CA VAL A 322 7.13 21.41 20.12
C VAL A 322 7.50 22.88 20.28
N LEU A 323 8.67 23.21 19.75
CA LEU A 323 9.22 24.55 19.84
C LEU A 323 9.66 24.99 18.46
N ASN A 324 9.20 26.17 18.04
CA ASN A 324 9.68 26.80 16.81
C ASN A 324 11.04 27.46 17.05
N ILE A 325 12.08 26.64 16.98
CA ILE A 325 13.49 27.05 17.05
C ILE A 325 13.70 28.49 16.57
N THR A 326 13.34 28.73 15.31
CA THR A 326 13.49 30.01 14.60
C THR A 326 12.97 31.25 15.35
N ASN A 327 11.88 31.12 16.14
CA ASN A 327 11.32 32.27 16.94
C ASN A 327 10.93 31.99 18.40
N LYS A 328 11.38 30.86 18.93
CA LYS A 328 11.14 30.46 20.30
C LYS A 328 9.66 30.51 20.73
N GLN A 329 8.74 30.12 19.83
CA GLN A 329 7.34 29.92 20.23
C GLN A 329 7.01 28.43 20.43
N ALA A 330 6.14 28.14 21.40
CA ALA A 330 5.76 26.79 21.76
C ALA A 330 4.34 26.45 21.30
N PHE A 331 4.12 25.18 20.97
CA PHE A 331 2.83 24.70 20.51
C PHE A 331 2.58 23.30 21.02
N ILE A 332 1.31 23.02 21.27
CA ILE A 332 0.87 21.70 21.64
C ILE A 332 0.43 21.01 20.36
N THR A 333 0.92 19.80 20.11
CA THR A 333 0.64 19.07 18.86
C THR A 333 0.19 17.63 19.05
N ALA A 334 -0.71 17.16 18.18
CA ALA A 334 -0.96 15.73 18.01
C ALA A 334 0.15 15.09 17.19
N GLN A 335 0.68 13.96 17.65
CA GLN A 335 1.65 13.23 16.87
C GLN A 335 1.33 11.75 16.85
N ASN A 336 1.80 11.06 15.81
CA ASN A 336 1.65 9.65 15.67
C ASN A 336 2.73 9.02 14.77
N HIS A 337 3.98 9.03 15.21
CA HIS A 337 5.05 8.39 14.47
C HIS A 337 6.08 7.68 15.38
N GLY A 338 6.59 6.54 14.91
CA GLY A 338 7.69 5.84 15.55
C GLY A 338 8.94 5.87 14.68
N TYR A 339 8.99 6.82 13.74
CA TYR A 339 10.20 7.07 12.94
C TYR A 339 10.51 8.54 12.98
N ALA A 340 11.81 8.83 13.07
CA ALA A 340 12.24 10.22 13.18
C ALA A 340 13.40 10.51 12.26
N LEU A 341 13.58 11.80 12.03
CA LEU A 341 14.64 12.31 11.21
C LEU A 341 15.80 12.64 12.14
N ASP A 342 17.01 12.19 11.80
CA ASP A 342 18.22 12.54 12.59
C ASP A 342 18.43 14.05 12.55
N ASN A 343 18.97 14.62 13.64
CA ASN A 343 19.17 16.08 13.72
C ASN A 343 20.38 16.60 12.95
N THR A 344 21.28 15.71 12.55
CA THR A 344 22.36 16.04 11.62
C THR A 344 21.78 16.09 10.19
N LEU A 345 21.23 17.26 9.86
CA LEU A 345 20.65 17.56 8.56
C LEU A 345 21.77 17.96 7.59
N PRO A 346 21.52 17.83 6.27
CA PRO A 346 22.51 18.21 5.26
C PRO A 346 22.39 19.68 4.83
N ALA A 347 23.41 20.13 4.09
CA ALA A 347 23.56 21.55 3.71
C ALA A 347 22.35 22.10 2.97
N GLY A 348 21.94 23.33 3.30
CA GLY A 348 20.75 23.96 2.73
C GLY A 348 19.51 23.89 3.61
N TRP A 349 19.47 22.83 4.44
CA TRP A 349 18.31 22.55 5.26
C TRP A 349 18.60 22.92 6.73
N LYS A 350 17.61 23.52 7.39
CA LYS A 350 17.67 23.83 8.82
C LYS A 350 16.50 23.18 9.56
N PRO A 351 16.68 22.87 10.85
CA PRO A 351 15.53 22.45 11.64
C PRO A 351 14.59 23.62 11.89
N LEU A 352 13.30 23.34 11.96
CA LEU A 352 12.27 24.34 12.15
C LEU A 352 11.70 24.13 13.53
N PHE A 353 11.09 22.97 13.76
CA PHE A 353 10.48 22.61 15.05
C PHE A 353 11.29 21.52 15.76
N VAL A 354 11.42 21.60 17.08
CA VAL A 354 12.06 20.56 17.93
C VAL A 354 11.12 20.13 19.07
N ASN A 355 11.30 18.89 19.50
CA ASN A 355 10.47 18.34 20.54
C ASN A 355 10.98 18.79 21.92
N VAL A 356 10.08 19.37 22.70
CA VAL A 356 10.41 19.89 24.02
C VAL A 356 10.70 18.77 25.04
N ASN A 357 9.98 17.63 24.98
CA ASN A 357 10.20 16.53 25.95
C ASN A 357 11.49 15.74 25.67
N ASP A 358 11.72 15.37 24.41
CA ASP A 358 12.81 14.44 24.04
C ASP A 358 13.90 14.98 23.07
N GLN A 359 13.82 16.24 22.61
CA GLN A 359 14.84 16.86 21.70
C GLN A 359 14.93 16.27 20.24
N THR A 360 13.96 15.46 19.84
CA THR A 360 13.93 14.88 18.50
C THR A 360 13.43 15.89 17.47
N ASN A 361 13.74 15.66 16.19
CA ASN A 361 13.31 16.57 15.13
C ASN A 361 11.79 16.55 14.93
N GLU A 362 11.19 17.72 14.93
CA GLU A 362 9.76 17.85 14.76
C GLU A 362 9.42 18.75 13.58
N GLY A 363 10.35 18.87 12.62
CA GLY A 363 10.12 19.64 11.39
C GLY A 363 11.40 20.26 10.82
N ILE A 364 11.37 20.63 9.53
CA ILE A 364 12.57 21.17 8.82
C ILE A 364 12.20 22.20 7.77
N MET A 365 13.20 23.03 7.44
CA MET A 365 13.06 24.10 6.42
C MET A 365 14.26 24.23 5.49
N HIS A 366 13.98 24.60 4.24
CA HIS A 366 15.02 25.04 3.30
C HIS A 366 15.37 26.49 3.61
N GLU A 367 16.67 26.75 3.63
CA GLU A 367 17.21 28.05 4.05
C GLU A 367 16.79 29.20 3.15
N SER A 368 16.63 28.93 1.85
CA SER A 368 16.12 29.92 0.86
C SER A 368 14.73 29.61 0.26
N LYS A 369 14.59 28.39 -0.29
CA LYS A 369 13.37 27.98 -1.02
C LYS A 369 12.13 27.75 -0.10
N PRO A 370 10.91 27.81 -0.66
CA PRO A 370 9.71 27.67 0.17
C PRO A 370 9.34 26.18 0.39
N PHE A 371 10.35 25.38 0.79
CA PHE A 371 10.19 23.97 1.16
C PHE A 371 10.31 23.83 2.70
N PHE A 372 9.31 23.17 3.30
CA PHE A 372 9.29 22.95 4.75
C PHE A 372 8.44 21.76 5.09
N ALA A 373 8.67 21.25 6.30
CA ALA A 373 7.92 20.11 6.83
C ALA A 373 7.78 20.11 8.34
N VAL A 374 6.65 19.57 8.82
CA VAL A 374 6.42 19.34 10.23
C VAL A 374 6.16 17.85 10.46
N GLN A 375 6.69 17.32 11.56
CA GLN A 375 6.61 15.88 11.88
C GLN A 375 5.32 15.52 12.59
N PHE A 376 4.63 16.55 13.04
CA PHE A 376 3.36 16.43 13.72
C PHE A 376 2.22 16.65 12.71
N HIS A 377 0.98 16.48 13.15
CA HIS A 377 -0.22 16.61 12.31
C HIS A 377 -1.03 17.88 12.66
N PRO A 378 -0.84 18.94 11.87
CA PRO A 378 -1.60 20.19 12.10
C PRO A 378 -3.09 20.13 11.75
N GLU A 379 -3.43 19.17 10.91
CA GLU A 379 -4.81 18.82 10.61
C GLU A 379 -5.52 18.19 11.81
N VAL A 380 -4.74 17.77 12.81
CA VAL A 380 -5.22 17.11 14.05
C VAL A 380 -6.35 16.14 13.78
N THR A 381 -7.56 16.28 14.33
CA THR A 381 -8.64 15.28 14.06
C THR A 381 -8.20 13.79 14.32
N PRO A 382 -7.96 13.42 15.57
CA PRO A 382 -8.18 14.26 16.74
C PRO A 382 -6.98 15.04 17.16
N GLY A 383 -7.21 16.00 18.04
CA GLY A 383 -6.15 16.72 18.72
C GLY A 383 -6.39 18.21 18.65
N PRO A 384 -5.52 18.98 19.32
CA PRO A 384 -5.63 20.43 19.52
C PRO A 384 -5.45 21.24 18.23
N ILE A 385 -6.33 22.23 18.04
CA ILE A 385 -6.40 23.03 16.80
C ILE A 385 -5.53 24.28 16.94
N ASP A 386 -4.25 24.06 17.17
CA ASP A 386 -3.31 25.09 17.52
C ASP A 386 -2.31 25.41 16.42
N THR A 387 -2.22 24.56 15.40
CA THR A 387 -1.15 24.63 14.39
C THR A 387 -1.70 24.70 12.96
N GLU A 388 -2.99 25.06 12.85
CA GLU A 388 -3.64 25.14 11.56
C GLU A 388 -3.02 26.27 10.73
N TYR A 389 -2.49 27.31 11.39
CA TYR A 389 -1.81 28.42 10.69
C TYR A 389 -0.76 27.99 9.67
N LEU A 390 -0.16 26.82 9.89
CA LEU A 390 0.76 26.25 8.90
C LEU A 390 0.15 26.01 7.49
N PHE A 391 -1.16 25.76 7.44
CA PHE A 391 -1.88 25.69 6.18
C PHE A 391 -2.01 27.07 5.55
N ASP A 392 -2.29 28.10 6.35
CA ASP A 392 -2.31 29.49 5.82
C ASP A 392 -0.94 29.88 5.28
N SER A 393 0.08 29.58 6.07
CA SER A 393 1.46 29.76 5.67
C SER A 393 1.78 29.15 4.31
N PHE A 394 1.29 27.95 4.07
CA PHE A 394 1.49 27.24 2.80
C PHE A 394 0.94 28.04 1.61
N PHE A 395 -0.33 28.40 1.69
CA PHE A 395 -1.01 29.16 0.66
C PHE A 395 -0.41 30.55 0.45
N SER A 396 -0.01 31.20 1.52
CA SER A 396 0.78 32.42 1.44
C SER A 396 2.06 32.20 0.61
N LEU A 397 2.78 31.09 0.82
CA LEU A 397 3.97 30.79 -0.01
C LEU A 397 3.66 30.54 -1.49
N ILE A 398 2.46 30.07 -1.80
CA ILE A 398 2.00 30.00 -3.19
C ILE A 398 1.73 31.41 -3.73
N LYS A 399 0.90 32.16 -3.00
CA LYS A 399 0.51 33.53 -3.37
C LYS A 399 1.68 34.54 -3.43
N LYS A 400 2.80 34.27 -2.77
CA LYS A 400 4.02 35.12 -2.93
C LYS A 400 4.79 34.67 -4.15
N GLY A 401 5.21 33.40 -4.16
CA GLY A 401 5.97 32.79 -5.26
C GLY A 401 7.16 33.60 -5.80
N LYS A 402 8.14 33.88 -4.94
CA LYS A 402 9.40 34.52 -5.35
C LYS A 402 10.54 33.98 -4.47
N ALA A 403 10.53 32.68 -4.23
CA ALA A 403 11.49 32.01 -3.32
C ALA A 403 11.58 32.64 -1.92
N THR A 404 10.45 33.12 -1.40
CA THR A 404 10.32 33.51 0.01
C THR A 404 10.53 32.26 0.87
N THR A 405 10.86 32.43 2.14
CA THR A 405 11.14 31.29 3.05
C THR A 405 9.98 31.02 4.05
N ILE A 406 10.02 29.90 4.75
CA ILE A 406 8.92 29.55 5.69
C ILE A 406 8.82 30.54 6.86
N THR A 407 9.96 30.87 7.46
CA THR A 407 10.08 31.96 8.45
C THR A 407 9.34 33.27 8.10
N SER A 408 9.36 33.65 6.83
CA SER A 408 8.77 34.91 6.33
C SER A 408 7.25 35.04 6.50
N VAL A 409 6.52 33.91 6.59
CA VAL A 409 5.04 33.91 6.66
C VAL A 409 4.44 33.36 7.98
N LEU A 410 5.19 33.59 9.07
CA LEU A 410 4.79 33.32 10.46
C LEU A 410 5.11 34.63 11.23
N PRO A 411 4.87 34.68 12.57
CA PRO A 411 5.41 35.81 13.37
C PRO A 411 6.95 35.77 13.58
N LYS A 412 7.50 36.75 14.31
CA LYS A 412 8.97 36.90 14.58
C LYS A 412 9.28 37.09 16.10
N PRO A 413 10.58 36.95 16.53
CA PRO A 413 10.98 37.01 17.97
C PRO A 413 10.51 38.24 18.80
N ALA A 414 10.58 38.13 20.13
CA ALA A 414 10.05 39.14 21.05
C ALA A 414 10.73 40.51 20.94
N SER A 418 11.61 39.43 27.88
CA SER A 418 10.97 40.49 28.67
C SER A 418 10.20 39.90 29.87
N ARG A 419 10.69 40.16 31.10
CA ARG A 419 10.03 39.68 32.33
C ARG A 419 10.24 40.64 33.50
N VAL A 420 9.26 40.68 34.41
CA VAL A 420 9.31 41.58 35.56
C VAL A 420 10.42 41.18 36.56
N GLU A 421 11.09 42.20 37.09
CA GLU A 421 12.12 42.06 38.14
C GLU A 421 11.40 42.32 39.47
N VAL A 422 11.41 41.36 40.39
CA VAL A 422 10.66 41.50 41.65
C VAL A 422 11.57 41.17 42.82
N SER A 423 11.52 41.97 43.88
CA SER A 423 12.33 41.73 45.08
C SER A 423 11.52 41.37 46.36
N LYS A 424 10.28 41.82 46.48
CA LYS A 424 9.45 41.45 47.63
C LYS A 424 7.98 41.47 47.26
N VAL A 425 7.31 40.31 47.39
CA VAL A 425 5.88 40.13 47.05
C VAL A 425 5.02 40.08 48.30
N LEU A 426 3.89 40.76 48.24
CA LEU A 426 2.85 40.62 49.24
C LEU A 426 1.86 39.59 48.69
N ILE A 427 1.55 38.57 49.47
CA ILE A 427 0.54 37.56 49.11
C ILE A 427 -0.66 37.63 50.06
N LEU A 428 -1.82 38.03 49.55
CA LEU A 428 -3.02 38.06 50.35
C LEU A 428 -3.55 36.65 50.46
N GLY A 429 -3.63 36.16 51.70
CA GLY A 429 -4.10 34.80 52.00
C GLY A 429 -5.60 34.74 52.25
N SER A 430 -6.03 33.60 52.78
CA SER A 430 -7.45 33.28 52.90
C SER A 430 -8.18 34.30 53.77
N GLY A 431 -9.11 35.04 53.15
CA GLY A 431 -9.83 36.13 53.82
C GLY A 431 -11.19 35.74 54.37
N GLY A 432 -12.02 36.75 54.58
CA GLY A 432 -13.30 36.62 55.26
C GLY A 432 -14.41 36.20 54.32
N LEU A 433 -15.54 36.89 54.40
CA LEU A 433 -16.72 36.57 53.59
C LEU A 433 -17.12 37.81 52.80
N SER A 434 -17.62 37.59 51.57
CA SER A 434 -18.10 38.63 50.66
C SER A 434 -19.64 38.71 50.65
N ILE A 435 -20.18 39.75 50.02
CA ILE A 435 -21.65 39.96 49.96
C ILE A 435 -22.20 39.15 48.75
N GLY A 436 -21.81 37.88 48.65
CA GLY A 436 -22.01 37.10 47.44
C GLY A 436 -21.43 35.70 47.58
N GLN A 437 -20.20 35.49 47.13
CA GLN A 437 -19.51 34.17 47.19
C GLN A 437 -18.93 33.87 48.59
N ALA A 438 -19.81 33.83 49.61
CA ALA A 438 -19.40 33.72 51.01
C ALA A 438 -19.17 32.27 51.39
N GLY A 439 -17.94 31.93 51.76
CA GLY A 439 -17.59 30.57 52.17
C GLY A 439 -16.57 29.93 51.27
N GLU A 440 -15.32 30.38 51.39
CA GLU A 440 -14.21 29.71 50.71
C GLU A 440 -12.96 29.59 51.59
N PHE A 441 -12.33 28.41 51.56
CA PHE A 441 -10.96 28.18 52.05
C PHE A 441 -10.08 28.18 50.80
N ASP A 442 -8.85 28.64 50.94
CA ASP A 442 -7.94 28.73 49.80
C ASP A 442 -6.53 28.99 50.36
N TYR A 443 -5.89 27.90 50.79
CA TYR A 443 -4.52 27.95 51.30
C TYR A 443 -3.49 27.56 50.20
N SER A 444 -3.76 28.06 48.99
CA SER A 444 -2.89 27.91 47.81
C SER A 444 -1.83 29.02 47.74
N GLY A 445 -2.03 30.12 48.48
CA GLY A 445 -0.94 31.08 48.74
C GLY A 445 0.34 30.41 49.22
N SER A 446 0.23 29.41 50.12
CA SER A 446 1.38 28.56 50.53
C SER A 446 2.21 27.98 49.36
N GLN A 447 1.54 27.53 48.30
CA GLN A 447 2.22 27.11 47.06
C GLN A 447 2.86 28.32 46.36
N ALA A 448 2.17 29.46 46.45
CA ALA A 448 2.70 30.70 45.89
C ALA A 448 3.99 31.11 46.62
N VAL A 449 3.94 31.19 47.94
CA VAL A 449 5.15 31.39 48.76
C VAL A 449 6.26 30.43 48.33
N LYS A 450 5.92 29.15 48.16
CA LYS A 450 6.90 28.14 47.72
C LYS A 450 7.56 28.56 46.42
N ALA A 451 6.74 28.99 45.47
CA ALA A 451 7.21 29.43 44.15
C ALA A 451 8.17 30.63 44.24
N MET A 452 7.81 31.61 45.07
CA MET A 452 8.61 32.83 45.25
C MET A 452 9.98 32.55 45.81
N LYS A 453 10.03 31.72 46.86
CA LYS A 453 11.28 31.40 47.52
C LYS A 453 12.25 30.80 46.51
N GLU A 454 11.77 29.88 45.70
CA GLU A 454 12.63 29.28 44.66
C GLU A 454 13.30 30.31 43.74
N GLU A 455 12.67 31.46 43.52
CA GLU A 455 13.28 32.52 42.72
C GLU A 455 13.96 33.61 43.56
N ASN A 456 14.34 33.29 44.80
CA ASN A 456 14.81 34.28 45.80
C ASN A 456 14.02 35.58 45.84
N VAL A 457 12.71 35.43 45.92
CA VAL A 457 11.82 36.55 46.10
C VAL A 457 11.35 36.57 47.55
N LYS A 458 11.51 37.72 48.20
CA LYS A 458 11.12 37.83 49.59
C LYS A 458 9.60 37.81 49.63
N THR A 459 9.03 37.19 50.66
CA THR A 459 7.58 37.07 50.77
C THR A 459 6.99 37.62 52.06
N VAL A 460 5.85 38.27 51.92
CA VAL A 460 5.04 38.76 53.01
C VAL A 460 3.64 38.19 52.81
N LEU A 461 3.12 37.48 53.82
CA LEU A 461 1.80 36.84 53.75
C LEU A 461 0.87 37.50 54.72
N MET A 462 -0.40 37.62 54.34
CA MET A 462 -1.41 38.17 55.24
C MET A 462 -2.51 37.14 55.41
N ASN A 463 -2.70 36.68 56.65
CA ASN A 463 -3.76 35.73 57.01
C ASN A 463 -4.17 36.17 58.41
N PRO A 464 -5.44 36.47 58.61
CA PRO A 464 -5.82 36.85 59.98
C PRO A 464 -5.94 35.68 61.00
N ASN A 465 -6.19 34.44 60.57
CA ASN A 465 -6.30 33.32 61.51
C ASN A 465 -4.93 32.89 62.02
N ILE A 466 -4.69 33.05 63.34
CA ILE A 466 -3.39 32.71 63.98
C ILE A 466 -3.10 31.19 64.06
N ALA A 467 -4.15 30.37 63.91
CA ALA A 467 -4.02 28.90 63.90
C ALA A 467 -4.21 28.28 62.50
N SER A 468 -4.10 29.11 61.48
CA SER A 468 -4.29 28.70 60.09
C SER A 468 -3.26 27.67 59.65
N VAL A 469 -3.73 26.63 58.99
CA VAL A 469 -2.83 25.66 58.39
C VAL A 469 -1.82 26.33 57.42
N GLN A 470 -2.27 27.37 56.70
CA GLN A 470 -1.38 28.16 55.81
C GLN A 470 -0.08 28.66 56.47
N THR A 471 -0.20 29.15 57.70
CA THR A 471 0.93 29.73 58.41
C THR A 471 1.59 28.72 59.35
N ASN A 472 1.33 27.42 59.16
CA ASN A 472 1.87 26.29 59.98
C ASN A 472 2.88 25.48 59.17
N GLU A 473 3.72 26.19 58.44
CA GLU A 473 4.69 25.56 57.54
C GLU A 473 5.99 26.12 58.06
N VAL A 474 7.07 25.38 57.88
CA VAL A 474 8.36 25.82 58.39
C VAL A 474 9.49 25.77 57.38
N GLY A 475 9.19 25.44 56.14
CA GLY A 475 10.23 25.20 55.18
C GLY A 475 10.19 26.25 54.10
N LEU A 476 10.22 25.75 52.88
CA LEU A 476 10.07 26.57 51.70
C LEU A 476 8.68 27.25 51.58
N LYS A 477 7.68 26.79 52.36
CA LYS A 477 6.31 27.28 52.32
C LYS A 477 5.97 28.24 53.44
N GLN A 478 6.88 28.39 54.41
CA GLN A 478 6.76 29.44 55.42
C GLN A 478 7.15 30.74 54.76
N ALA A 479 6.30 31.76 54.86
CA ALA A 479 6.64 33.09 54.34
C ALA A 479 7.75 33.71 55.20
N ASP A 480 8.55 34.57 54.58
CA ASP A 480 9.62 35.25 55.27
C ASP A 480 9.05 36.09 56.40
N THR A 481 7.91 36.72 56.13
CA THR A 481 7.24 37.56 57.10
C THR A 481 5.71 37.38 56.95
N VAL A 482 5.03 37.19 58.08
CA VAL A 482 3.60 36.93 58.12
C VAL A 482 3.00 38.00 58.98
N TYR A 483 1.90 38.58 58.51
CA TYR A 483 1.12 39.54 59.28
C TYR A 483 -0.23 38.90 59.57
N PHE A 484 -0.60 38.86 60.84
CA PHE A 484 -1.88 38.28 61.23
C PHE A 484 -2.95 39.37 61.29
N LEU A 485 -3.27 39.93 60.11
CA LEU A 485 -4.23 41.05 59.99
C LEU A 485 -5.38 40.71 59.05
N PRO A 486 -6.52 41.40 59.18
CA PRO A 486 -7.64 41.16 58.25
C PRO A 486 -7.33 41.56 56.83
N ILE A 487 -7.95 40.88 55.89
CA ILE A 487 -7.73 41.18 54.51
C ILE A 487 -8.72 42.26 54.13
N THR A 488 -8.34 43.52 54.37
CA THR A 488 -9.15 44.69 54.01
C THR A 488 -8.23 45.78 53.48
N PRO A 489 -8.79 46.77 52.78
CA PRO A 489 -7.94 47.83 52.20
C PRO A 489 -7.06 48.58 53.19
N GLN A 490 -7.64 48.99 54.34
CA GLN A 490 -6.89 49.66 55.42
C GLN A 490 -5.67 48.83 55.79
N PHE A 491 -5.89 47.56 56.07
CA PHE A 491 -4.85 46.70 56.62
C PHE A 491 -3.82 46.28 55.60
N VAL A 492 -4.23 46.01 54.36
CA VAL A 492 -3.27 45.73 53.29
C VAL A 492 -2.44 46.98 52.94
N THR A 493 -3.09 48.16 52.95
CA THR A 493 -2.36 49.42 52.80
C THR A 493 -1.31 49.61 53.89
N GLU A 494 -1.65 49.26 55.13
CA GLU A 494 -0.69 49.44 56.21
C GLU A 494 0.47 48.44 56.10
N VAL A 495 0.19 47.24 55.61
CA VAL A 495 1.24 46.25 55.38
C VAL A 495 2.11 46.72 54.20
N ILE A 496 1.50 47.37 53.21
CA ILE A 496 2.27 47.92 52.09
C ILE A 496 3.22 49.03 52.56
N LYS A 497 2.69 50.02 53.29
CA LYS A 497 3.53 51.12 53.86
C LYS A 497 4.73 50.57 54.61
N ALA A 498 4.49 49.56 55.43
CA ALA A 498 5.51 49.02 56.29
C ALA A 498 6.56 48.18 55.54
N GLU A 499 6.09 47.25 54.68
CA GLU A 499 6.96 46.26 54.05
C GLU A 499 7.55 46.70 52.74
N GLN A 500 6.86 47.63 52.08
CA GLN A 500 7.30 48.20 50.78
C GLN A 500 7.58 47.09 49.80
N PRO A 501 6.55 46.35 49.42
CA PRO A 501 6.77 45.33 48.43
C PRO A 501 6.66 46.00 47.08
N ASP A 502 7.24 45.37 46.06
CA ASP A 502 7.04 45.80 44.66
C ASP A 502 6.15 44.83 43.88
N GLY A 503 5.78 43.70 44.50
CA GLY A 503 4.86 42.71 43.90
C GLY A 503 3.62 42.50 44.75
N LEU A 504 2.50 42.22 44.09
CA LEU A 504 1.29 41.73 44.77
C LEU A 504 0.71 40.51 44.01
N ILE A 505 0.32 39.49 44.79
CA ILE A 505 -0.51 38.38 44.30
C ILE A 505 -1.88 38.47 45.00
N LEU A 506 -2.88 38.90 44.23
CA LEU A 506 -4.24 39.12 44.75
C LEU A 506 -5.24 38.06 44.32
N GLY A 507 -4.77 37.04 43.59
CA GLY A 507 -5.64 36.00 43.01
C GLY A 507 -5.52 34.60 43.56
N MET A 508 -4.98 34.48 44.78
CA MET A 508 -4.78 33.19 45.43
C MET A 508 -5.26 33.17 46.90
N GLY A 509 -6.23 34.02 47.24
CA GLY A 509 -6.81 34.05 48.58
C GLY A 509 -8.32 34.13 48.57
N GLY A 510 -8.91 33.56 47.52
CA GLY A 510 -10.35 33.59 47.33
C GLY A 510 -10.86 34.95 46.93
N GLN A 511 -12.18 35.08 46.97
CA GLN A 511 -12.86 36.25 46.48
C GLN A 511 -12.49 37.48 47.29
N THR A 512 -12.53 37.40 48.63
CA THR A 512 -12.30 38.57 49.51
C THR A 512 -10.94 39.25 49.25
N ALA A 513 -9.89 38.44 49.12
CA ALA A 513 -8.59 38.92 48.71
C ALA A 513 -8.60 39.68 47.38
N LEU A 514 -9.33 39.17 46.39
CA LEU A 514 -9.37 39.78 45.06
C LEU A 514 -9.98 41.17 45.10
N ASN A 515 -11.18 41.26 45.64
CA ASN A 515 -11.88 42.54 45.77
C ASN A 515 -11.03 43.56 46.51
N CYS A 516 -10.22 43.09 47.46
CA CYS A 516 -9.39 43.97 48.27
C CYS A 516 -8.25 44.60 47.46
N GLY A 517 -7.50 43.78 46.73
CA GLY A 517 -6.44 44.28 45.85
C GLY A 517 -6.94 45.06 44.62
N VAL A 518 -8.10 44.66 44.08
CA VAL A 518 -8.78 45.43 43.03
C VAL A 518 -9.09 46.84 43.57
N GLU A 519 -9.84 46.90 44.67
CA GLU A 519 -10.19 48.15 45.32
C GLU A 519 -8.92 48.99 45.56
N LEU A 520 -7.88 48.37 46.12
CA LEU A 520 -6.60 49.06 46.35
C LEU A 520 -5.95 49.62 45.11
N PHE A 521 -6.14 48.95 43.97
CA PHE A 521 -5.68 49.44 42.67
C PHE A 521 -6.48 50.67 42.25
N LYS A 522 -7.80 50.61 42.46
CA LYS A 522 -8.72 51.69 42.11
C LYS A 522 -8.66 52.95 42.99
N ARG A 523 -8.04 52.90 44.16
CA ARG A 523 -7.76 54.11 44.95
C ARG A 523 -6.36 54.65 44.65
N GLY A 524 -5.68 54.06 43.68
CA GLY A 524 -4.32 54.42 43.36
C GLY A 524 -3.30 54.02 44.41
N VAL A 525 -3.70 53.23 45.40
CA VAL A 525 -2.82 52.89 46.53
C VAL A 525 -1.63 52.06 46.02
N LEU A 526 -1.89 51.16 45.06
CA LEU A 526 -0.85 50.32 44.49
C LEU A 526 0.15 51.11 43.68
N LYS A 527 -0.36 52.02 42.83
CA LYS A 527 0.47 52.94 42.02
C LYS A 527 1.33 53.86 42.87
N GLU A 528 0.72 54.36 43.96
CA GLU A 528 1.38 55.28 44.89
C GLU A 528 2.62 54.69 45.54
N TYR A 529 2.50 53.48 46.09
CA TYR A 529 3.66 52.85 46.73
C TYR A 529 4.44 51.93 45.77
N GLY A 530 4.02 51.88 44.50
CA GLY A 530 4.83 51.31 43.44
C GLY A 530 4.83 49.81 43.39
N VAL A 531 3.64 49.23 43.59
CA VAL A 531 3.44 47.78 43.69
C VAL A 531 2.79 47.28 42.39
N LYS A 532 3.49 46.40 41.67
CA LYS A 532 2.89 45.72 40.51
C LYS A 532 1.85 44.70 40.98
N VAL A 533 0.83 44.52 40.14
CA VAL A 533 0.03 43.32 40.21
C VAL A 533 0.81 42.32 39.38
N LEU A 534 1.16 41.19 40.02
CA LEU A 534 1.84 40.08 39.34
C LEU A 534 0.82 39.12 38.72
N GLY A 535 0.99 38.80 37.44
CA GLY A 535 0.06 37.95 36.69
C GLY A 535 -1.06 38.72 36.01
N THR A 536 -2.27 38.18 35.99
CA THR A 536 -3.35 38.88 35.34
C THR A 536 -3.56 40.26 35.96
N SER A 537 -3.76 41.24 35.08
CA SER A 537 -3.88 42.64 35.46
C SER A 537 -5.28 42.92 36.01
N VAL A 538 -5.41 44.01 36.76
CA VAL A 538 -6.68 44.35 37.37
C VAL A 538 -7.71 44.71 36.30
N GLU A 539 -7.29 45.39 35.23
CA GLU A 539 -8.14 45.68 34.05
C GLU A 539 -8.74 44.40 33.52
N SER A 540 -7.87 43.42 33.28
CA SER A 540 -8.29 42.09 32.84
C SER A 540 -9.24 41.46 33.89
N ILE A 541 -8.81 41.42 35.15
CA ILE A 541 -9.63 40.84 36.23
C ILE A 541 -11.02 41.48 36.35
N MET A 542 -11.09 42.81 36.21
CA MET A 542 -12.37 43.52 36.33
C MET A 542 -13.31 43.16 35.19
N ALA A 543 -12.74 42.95 34.02
CA ALA A 543 -13.51 42.54 32.86
C ALA A 543 -14.12 41.13 33.02
N THR A 544 -13.45 40.27 33.78
CA THR A 544 -14.02 38.97 34.14
C THR A 544 -15.03 39.06 35.28
N GLU A 545 -14.83 39.98 36.22
CA GLU A 545 -15.70 40.11 37.40
C GLU A 545 -17.03 40.87 37.18
N ASP A 546 -17.11 41.75 36.18
CA ASP A 546 -18.38 42.43 35.81
C ASP A 546 -18.96 41.82 34.54
N ARG A 547 -20.23 41.43 34.57
CA ARG A 547 -20.86 40.71 33.46
C ARG A 547 -20.97 41.56 32.21
N GLN A 548 -21.34 42.83 32.37
CA GLN A 548 -21.51 43.70 31.23
C GLN A 548 -20.15 43.85 30.52
N LEU A 549 -19.12 44.22 31.29
CA LEU A 549 -17.74 44.36 30.77
C LEU A 549 -17.19 43.15 30.04
N PHE A 550 -17.50 41.96 30.57
CA PHE A 550 -17.19 40.66 29.96
C PHE A 550 -17.92 40.51 28.60
N SER A 551 -19.21 40.85 28.61
CA SER A 551 -20.10 40.76 27.43
C SER A 551 -19.62 41.64 26.30
N ASP A 552 -18.94 42.74 26.65
CA ASP A 552 -18.31 43.62 25.66
C ASP A 552 -16.99 43.04 25.15
N LYS A 553 -16.08 42.72 26.08
CA LYS A 553 -14.77 42.19 25.71
C LYS A 553 -14.89 40.97 24.82
N LEU A 554 -15.86 40.11 25.11
CA LEU A 554 -16.05 38.89 24.33
C LEU A 554 -16.73 39.15 22.99
N ASN A 555 -17.59 40.16 22.89
CA ASN A 555 -18.12 40.60 21.58
C ASN A 555 -17.02 41.07 20.62
N GLU A 556 -15.90 41.53 21.16
CA GLU A 556 -14.73 41.90 20.33
C GLU A 556 -14.14 40.73 19.51
N ILE A 557 -14.45 39.47 19.86
CA ILE A 557 -13.98 38.29 19.08
C ILE A 557 -15.11 37.31 18.70
N ASN A 558 -16.29 37.86 18.40
CA ASN A 558 -17.46 37.11 17.92
C ASN A 558 -17.87 35.98 18.87
N GLU A 559 -17.81 36.26 20.18
CA GLU A 559 -18.21 35.33 21.24
C GLU A 559 -19.28 36.00 22.09
N LYS A 560 -20.32 35.24 22.45
CA LYS A 560 -21.51 35.79 23.12
C LYS A 560 -21.79 35.07 24.44
N ILE A 561 -22.34 35.82 25.39
CA ILE A 561 -22.52 35.38 26.78
C ILE A 561 -23.97 35.00 27.12
N ALA A 562 -24.92 35.81 26.63
CA ALA A 562 -26.35 35.75 27.01
C ALA A 562 -26.56 36.47 28.37
N PRO A 563 -26.51 37.82 28.38
CA PRO A 563 -26.47 38.59 29.62
C PRO A 563 -27.62 38.29 30.57
N SER A 564 -27.31 38.07 31.84
CA SER A 564 -28.32 37.86 32.87
C SER A 564 -28.76 39.22 33.42
N PHE A 565 -30.04 39.34 33.78
CA PHE A 565 -30.58 40.60 34.22
C PHE A 565 -31.28 40.40 35.54
N ALA A 566 -31.03 41.30 36.47
CA ALA A 566 -31.74 41.33 37.74
C ALA A 566 -32.83 42.38 37.60
N VAL A 567 -34.09 41.99 37.78
CA VAL A 567 -35.22 42.88 37.51
C VAL A 567 -36.22 42.92 38.69
N GLU A 568 -36.78 44.09 38.96
CA GLU A 568 -37.75 44.30 40.07
C GLU A 568 -39.24 44.36 39.63
N SER A 569 -39.55 44.07 38.36
CA SER A 569 -40.94 44.12 37.87
C SER A 569 -41.21 43.16 36.71
N ILE A 570 -42.49 42.91 36.45
CA ILE A 570 -42.91 42.00 35.38
C ILE A 570 -42.49 42.50 34.00
N GLU A 571 -42.67 43.80 33.74
CA GLU A 571 -42.43 44.36 32.40
C GLU A 571 -40.95 44.52 32.13
N ASP A 572 -40.16 44.68 33.18
CA ASP A 572 -38.71 44.64 33.00
C ASP A 572 -38.18 43.20 32.83
N ALA A 573 -38.86 42.22 33.44
CA ALA A 573 -38.64 40.79 33.19
C ALA A 573 -38.92 40.43 31.72
N LEU A 574 -40.06 40.91 31.22
CA LEU A 574 -40.41 40.78 29.79
C LEU A 574 -39.38 41.45 28.88
N LYS A 575 -38.89 42.62 29.29
CA LYS A 575 -37.84 43.33 28.54
C LYS A 575 -36.55 42.51 28.48
N ALA A 576 -36.04 42.11 29.65
CA ALA A 576 -34.85 41.24 29.73
C ALA A 576 -35.02 39.98 28.90
N ALA A 577 -36.17 39.32 29.04
CA ALA A 577 -36.48 38.12 28.24
C ALA A 577 -36.29 38.40 26.76
N ASP A 578 -36.96 39.45 26.32
CA ASP A 578 -36.95 39.93 24.96
C ASP A 578 -35.54 40.17 24.41
N THR A 579 -34.63 40.73 25.22
CA THR A 579 -33.22 40.93 24.81
C THR A 579 -32.44 39.60 24.70
N ILE A 580 -32.68 38.67 25.63
CA ILE A 580 -31.94 37.40 25.68
C ILE A 580 -32.41 36.46 24.57
N GLY A 581 -33.72 36.46 24.34
CA GLY A 581 -34.36 35.53 23.44
C GLY A 581 -34.80 34.33 24.24
N TYR A 582 -36.05 33.89 24.03
CA TYR A 582 -36.59 32.73 24.74
C TYR A 582 -35.90 31.42 24.22
N PRO A 583 -35.89 30.33 24.98
CA PRO A 583 -36.45 30.23 26.34
C PRO A 583 -35.56 30.87 27.40
N VAL A 584 -36.11 31.07 28.59
CA VAL A 584 -35.39 31.76 29.66
C VAL A 584 -35.67 31.13 31.01
N MET A 585 -34.81 31.48 31.96
CA MET A 585 -34.77 30.91 33.29
C MET A 585 -34.97 32.08 34.23
N ILE A 586 -36.00 32.02 35.06
CA ILE A 586 -36.10 32.92 36.23
C ILE A 586 -35.60 32.20 37.48
N ARG A 587 -34.77 32.89 38.26
CA ARG A 587 -34.27 32.35 39.53
C ARG A 587 -34.56 33.35 40.63
N SER A 588 -35.26 32.89 41.65
CA SER A 588 -35.51 33.64 42.87
C SER A 588 -34.22 33.64 43.64
N ALA A 589 -34.05 34.61 44.53
CA ALA A 589 -32.95 34.61 45.49
C ALA A 589 -32.91 33.29 46.29
N TYR A 590 -34.10 32.84 46.72
CA TYR A 590 -34.26 31.60 47.49
C TYR A 590 -35.11 30.55 46.73
N ALA A 591 -36.42 30.45 46.97
CA ALA A 591 -37.25 29.44 46.30
C ALA A 591 -38.75 29.78 46.37
N GLY A 596 -42.79 25.21 39.33
CA GLY A 596 -41.51 24.50 39.38
C GLY A 596 -40.30 25.25 38.83
N SER A 597 -39.13 24.62 38.90
CA SER A 597 -37.91 25.17 38.32
C SER A 597 -38.05 25.26 36.80
N GLY A 598 -37.77 26.42 36.20
CA GLY A 598 -38.03 27.80 36.70
C GLY A 598 -38.06 28.58 35.36
N ILE A 599 -38.81 28.02 34.42
CA ILE A 599 -38.42 28.00 33.01
C ILE A 599 -39.63 28.42 32.15
N CYS A 600 -39.33 29.21 31.14
CA CYS A 600 -40.31 30.01 30.44
C CYS A 600 -39.93 29.93 28.95
N PRO A 601 -40.69 29.15 28.16
CA PRO A 601 -40.44 29.13 26.70
C PRO A 601 -40.96 30.34 25.92
N ASN A 602 -41.85 31.13 26.51
CA ASN A 602 -42.50 32.24 25.82
C ASN A 602 -43.04 33.32 26.80
N ARG A 603 -43.46 34.47 26.27
CA ARG A 603 -43.86 35.59 27.16
C ARG A 603 -45.07 35.28 28.07
N GLU A 604 -45.98 34.45 27.58
CA GLU A 604 -47.13 33.98 28.37
C GLU A 604 -46.63 33.43 29.73
N THR A 605 -45.61 32.61 29.66
CA THR A 605 -45.20 31.81 30.79
C THR A 605 -44.36 32.59 31.74
N LEU A 606 -43.44 33.37 31.18
CA LEU A 606 -42.63 34.29 31.96
C LEU A 606 -43.48 35.20 32.85
N MET A 607 -44.57 35.73 32.30
CA MET A 607 -45.50 36.57 33.10
C MET A 607 -46.12 35.78 34.24
N ASP A 608 -46.66 34.60 33.92
CA ASP A 608 -47.31 33.75 34.93
C ASP A 608 -46.35 33.43 36.07
N LEU A 609 -45.15 32.95 35.69
CA LEU A 609 -44.14 32.55 36.68
C LEU A 609 -43.54 33.73 37.45
N SER A 610 -43.11 34.77 36.74
CA SER A 610 -42.51 35.92 37.42
C SER A 610 -43.54 36.63 38.31
N THR A 611 -44.83 36.53 37.96
CA THR A 611 -45.93 37.11 38.77
C THR A 611 -46.04 36.38 40.09
N LYS A 612 -45.99 35.04 40.04
CA LYS A 612 -45.88 34.26 41.27
C LYS A 612 -44.66 34.69 42.06
N ALA A 613 -43.53 34.77 41.37
CA ALA A 613 -42.27 35.17 41.99
C ALA A 613 -42.34 36.55 42.67
N PHE A 614 -43.04 37.54 42.09
CA PHE A 614 -43.08 38.89 42.69
C PHE A 614 -44.06 39.04 43.86
N ALA A 615 -44.90 38.01 44.05
CA ALA A 615 -45.73 37.89 45.23
C ALA A 615 -45.00 37.26 46.44
N MET A 616 -43.72 36.90 46.29
CA MET A 616 -42.87 36.50 47.44
C MET A 616 -41.46 37.14 47.52
N THR A 617 -41.08 37.98 46.56
CA THR A 617 -39.75 38.66 46.59
C THR A 617 -39.73 39.99 45.81
N ASN A 618 -38.65 40.74 46.00
CA ASN A 618 -38.45 42.09 45.42
C ASN A 618 -37.65 42.06 44.10
N GLN A 619 -36.74 41.08 43.96
CA GLN A 619 -35.88 40.94 42.78
C GLN A 619 -35.78 39.50 42.26
N ILE A 620 -35.79 39.33 40.94
CA ILE A 620 -35.54 38.06 40.31
C ILE A 620 -34.46 38.24 39.24
N LEU A 621 -33.84 37.12 38.91
CA LEU A 621 -32.74 37.07 37.95
C LEU A 621 -33.29 36.37 36.70
N VAL A 622 -33.17 37.01 35.55
CA VAL A 622 -33.60 36.44 34.27
C VAL A 622 -32.33 36.03 33.54
N GLU A 623 -32.28 34.78 33.11
CA GLU A 623 -31.12 34.23 32.42
C GLU A 623 -31.58 33.41 31.20
N LYS A 624 -30.67 33.21 30.24
CA LYS A 624 -30.92 32.27 29.15
C LYS A 624 -31.03 30.85 29.73
N SER A 625 -31.98 30.06 29.22
CA SER A 625 -32.17 28.70 29.71
C SER A 625 -31.25 27.76 28.97
N VAL A 626 -30.23 27.25 29.68
CA VAL A 626 -29.30 26.27 29.13
C VAL A 626 -29.43 25.04 29.98
N THR A 627 -30.63 24.83 30.49
CA THR A 627 -30.85 23.80 31.47
C THR A 627 -31.14 22.53 30.69
N GLY A 628 -30.52 21.43 31.13
CA GLY A 628 -30.46 20.20 30.36
C GLY A 628 -29.34 20.17 29.32
N TRP A 629 -28.61 21.28 29.16
CA TRP A 629 -27.38 21.29 28.38
C TRP A 629 -26.24 20.69 29.23
N LYS A 630 -25.23 20.20 28.52
CA LYS A 630 -24.00 19.70 29.07
C LYS A 630 -23.15 20.87 29.55
N GLU A 631 -22.91 20.92 30.85
CA GLU A 631 -21.99 21.86 31.42
C GLU A 631 -20.60 21.23 31.36
N ILE A 632 -19.67 21.93 30.70
CA ILE A 632 -18.27 21.52 30.64
C ILE A 632 -17.38 22.66 31.12
N GLU A 633 -16.41 22.38 31.98
CA GLU A 633 -15.39 23.39 32.31
C GLU A 633 -13.96 23.03 31.93
N TYR A 634 -13.14 24.08 31.81
CA TYR A 634 -11.74 24.02 31.38
C TYR A 634 -10.86 24.82 32.33
N GLU A 635 -9.77 24.21 32.75
CA GLU A 635 -8.72 24.94 33.41
C GLU A 635 -7.63 25.21 32.39
N VAL A 636 -7.28 26.49 32.30
CA VAL A 636 -6.31 26.97 31.32
C VAL A 636 -5.18 27.72 32.05
N VAL A 637 -4.00 27.67 31.45
CA VAL A 637 -2.83 28.38 31.93
C VAL A 637 -2.28 29.14 30.72
N ARG A 638 -1.86 30.38 30.95
CA ARG A 638 -1.22 31.21 29.92
C ARG A 638 -0.07 31.98 30.58
N ASP A 639 1.14 31.84 30.02
CA ASP A 639 2.30 32.59 30.51
C ASP A 639 2.46 33.91 29.74
N ALA A 640 3.42 34.74 30.16
CA ALA A 640 3.65 36.07 29.55
C ALA A 640 4.26 36.02 28.16
N ASP A 641 4.82 34.88 27.73
CA ASP A 641 5.26 34.67 26.34
C ASP A 641 4.14 34.10 25.41
N ASP A 642 2.87 34.27 25.77
CA ASP A 642 1.69 33.72 25.04
C ASP A 642 1.57 32.18 24.86
N ASN A 643 2.34 31.35 25.59
CA ASN A 643 2.07 29.90 25.59
C ASN A 643 0.74 29.64 26.33
N CYS A 644 -0.04 28.69 25.86
CA CYS A 644 -1.38 28.52 26.39
C CYS A 644 -1.78 27.04 26.36
N VAL A 645 -2.16 26.47 27.51
CA VAL A 645 -2.43 25.01 27.63
C VAL A 645 -3.66 24.73 28.50
N THR A 646 -4.47 23.77 28.06
CA THR A 646 -5.54 23.23 28.90
C THR A 646 -5.00 22.10 29.77
N VAL A 647 -5.22 22.25 31.06
CA VAL A 647 -4.66 21.37 32.05
C VAL A 647 -5.63 20.26 32.42
N CYS A 648 -6.92 20.56 32.42
CA CYS A 648 -7.95 19.61 32.88
C CYS A 648 -9.29 20.01 32.31
N ASN A 649 -10.20 19.03 32.22
CA ASN A 649 -11.58 19.32 31.83
C ASN A 649 -12.60 18.48 32.56
N MET A 650 -13.70 19.10 32.92
CA MET A 650 -14.66 18.52 33.84
C MET A 650 -16.04 18.59 33.20
N GLU A 651 -16.80 17.50 33.29
CA GLU A 651 -18.16 17.45 32.83
C GLU A 651 -19.04 17.33 34.07
N ASN A 652 -19.98 18.27 34.27
CA ASN A 652 -20.98 18.13 35.34
C ASN A 652 -21.83 16.92 34.99
N VAL A 653 -21.89 15.96 35.90
CA VAL A 653 -22.77 14.82 35.75
C VAL A 653 -24.19 15.21 36.08
N ASP A 654 -24.33 15.84 37.25
CA ASP A 654 -25.61 16.19 37.84
C ASP A 654 -25.48 17.46 38.66
N ALA A 655 -26.37 18.42 38.41
CA ALA A 655 -26.45 19.68 39.20
C ALA A 655 -27.32 19.54 40.44
N MET A 656 -28.02 18.40 40.56
CA MET A 656 -28.77 17.97 41.75
C MET A 656 -30.02 18.81 42.03
N GLY A 657 -30.46 19.57 41.03
CA GLY A 657 -31.64 20.43 41.11
C GLY A 657 -31.41 21.72 41.89
N VAL A 658 -30.21 22.29 41.79
CA VAL A 658 -29.84 23.53 42.49
C VAL A 658 -28.82 24.26 41.63
N HIS A 659 -28.35 25.44 42.07
CA HIS A 659 -27.50 26.32 41.23
C HIS A 659 -26.01 26.35 41.69
N THR A 660 -25.59 27.36 42.46
CA THR A 660 -24.43 27.26 43.40
C THR A 660 -22.95 27.03 42.95
N GLY A 661 -22.67 25.91 42.26
CA GLY A 661 -21.34 25.23 42.31
C GLY A 661 -21.37 24.11 43.38
N ASP A 662 -22.39 23.27 43.29
CA ASP A 662 -22.36 21.95 43.88
C ASP A 662 -21.85 21.16 42.68
N SER A 663 -22.73 20.42 42.04
CA SER A 663 -22.42 19.61 40.88
C SER A 663 -21.52 18.40 41.15
N VAL A 664 -22.11 17.25 40.86
CA VAL A 664 -21.37 16.05 40.73
C VAL A 664 -20.64 16.20 39.41
N VAL A 665 -19.32 16.04 39.45
CA VAL A 665 -18.45 16.34 38.34
C VAL A 665 -17.58 15.15 38.06
N VAL A 666 -17.17 14.98 36.81
CA VAL A 666 -16.16 13.98 36.45
C VAL A 666 -15.06 14.61 35.62
N ALA A 667 -13.81 14.15 35.76
CA ALA A 667 -12.70 14.57 34.90
C ALA A 667 -11.94 13.33 34.48
N PRO A 668 -11.67 13.16 33.19
CA PRO A 668 -11.95 14.10 32.13
C PRO A 668 -13.39 14.04 31.72
N ALA A 669 -13.82 14.89 30.80
CA ALA A 669 -15.16 14.78 30.25
C ALA A 669 -15.31 13.46 29.57
N GLN A 670 -16.52 12.90 29.63
CA GLN A 670 -16.78 11.57 29.08
C GLN A 670 -17.62 11.52 27.81
N THR A 671 -18.57 12.45 27.64
CA THR A 671 -19.57 12.33 26.61
C THR A 671 -19.34 13.17 25.36
N LEU A 672 -18.26 13.95 25.28
CA LEU A 672 -18.00 14.81 24.10
C LEU A 672 -17.26 14.10 22.99
N SER A 673 -17.48 14.57 21.76
CA SER A 673 -16.75 14.10 20.59
C SER A 673 -15.49 14.91 20.49
N ASN A 674 -14.62 14.49 19.58
CA ASN A 674 -13.40 15.20 19.40
C ASN A 674 -13.70 16.58 18.94
N ALA A 675 -14.57 16.71 17.93
CA ALA A 675 -14.96 18.04 17.43
C ALA A 675 -15.42 18.97 18.56
N GLU A 676 -16.39 18.50 19.38
CA GLU A 676 -16.96 19.28 20.50
C GLU A 676 -15.92 19.70 21.53
N PHE A 677 -15.05 18.76 21.93
CA PHE A 677 -13.96 19.04 22.88
C PHE A 677 -12.96 20.08 22.35
N GLN A 678 -12.64 19.96 21.07
CA GLN A 678 -11.59 20.79 20.48
C GLN A 678 -12.06 22.17 20.12
N MET A 679 -13.34 22.29 19.77
CA MET A 679 -13.98 23.60 19.59
C MET A 679 -13.89 24.37 20.91
N LEU A 680 -14.44 23.78 21.99
CA LEU A 680 -14.47 24.45 23.30
C LEU A 680 -13.12 24.77 23.86
N ARG A 681 -12.19 23.84 23.71
CA ARG A 681 -10.79 24.10 24.02
C ARG A 681 -10.33 25.33 23.25
N ARG A 682 -10.50 25.31 21.94
CA ARG A 682 -10.05 26.43 21.13
C ARG A 682 -10.67 27.73 21.59
N THR A 683 -11.96 27.70 21.94
CA THR A 683 -12.63 28.87 22.44
C THR A 683 -12.03 29.35 23.78
N SER A 684 -11.73 28.41 24.69
CA SER A 684 -11.08 28.75 25.98
C SER A 684 -9.81 29.56 25.77
N ILE A 685 -8.97 29.06 24.86
CA ILE A 685 -7.69 29.67 24.53
C ILE A 685 -7.79 31.04 23.84
N ASN A 686 -8.81 31.28 23.03
CA ASN A 686 -9.01 32.62 22.46
C ASN A 686 -9.51 33.61 23.48
N VAL A 687 -10.44 33.17 24.33
CA VAL A 687 -10.96 34.00 25.40
C VAL A 687 -9.82 34.35 26.37
N VAL A 688 -9.10 33.33 26.79
CA VAL A 688 -7.99 33.53 27.73
C VAL A 688 -6.92 34.46 27.14
N ARG A 689 -6.57 34.30 25.85
CA ARG A 689 -5.63 35.23 25.20
C ARG A 689 -6.19 36.64 25.13
N HIS A 690 -7.46 36.76 24.72
CA HIS A 690 -8.12 38.05 24.59
C HIS A 690 -8.28 38.82 25.90
N LEU A 691 -8.42 38.08 27.00
CA LEU A 691 -8.48 38.71 28.32
C LEU A 691 -7.09 39.06 28.86
N GLY A 692 -6.02 38.57 28.22
CA GLY A 692 -4.66 38.81 28.69
C GLY A 692 -4.38 38.13 30.02
N ILE A 693 -4.89 36.91 30.17
CA ILE A 693 -4.70 36.09 31.38
C ILE A 693 -3.23 35.70 31.46
N VAL A 694 -2.56 36.02 32.56
CA VAL A 694 -1.18 35.55 32.79
C VAL A 694 -1.23 34.84 34.13
N GLY A 695 -1.43 33.53 34.06
CA GLY A 695 -1.77 32.71 35.23
C GLY A 695 -2.85 31.73 34.86
N GLU A 696 -3.64 31.30 35.82
CA GLU A 696 -4.67 30.30 35.60
C GLU A 696 -5.99 31.01 35.24
N CYS A 697 -6.85 30.33 34.51
CA CYS A 697 -8.22 30.75 34.33
C CYS A 697 -9.10 29.51 34.51
N ASN A 698 -10.38 29.74 34.78
CA ASN A 698 -11.40 28.71 34.74
C ASN A 698 -12.40 29.26 33.74
N ILE A 699 -12.91 28.43 32.85
CA ILE A 699 -13.93 28.87 31.93
C ILE A 699 -14.97 27.76 31.85
N GLN A 700 -16.22 28.10 32.17
CA GLN A 700 -17.32 27.15 32.17
C GLN A 700 -18.13 27.34 30.92
N PHE A 701 -18.41 26.24 30.21
CA PHE A 701 -19.34 26.25 29.08
C PHE A 701 -20.66 25.49 29.36
N ALA A 702 -21.70 25.92 28.62
CA ALA A 702 -22.95 25.19 28.44
C ALA A 702 -22.97 24.79 26.97
N LEU A 703 -23.21 23.50 26.69
CA LEU A 703 -23.15 22.95 25.34
C LEU A 703 -24.47 22.27 25.04
N HIS A 704 -25.16 22.72 24.00
CA HIS A 704 -26.37 22.05 23.55
C HIS A 704 -26.12 20.54 23.36
N PRO A 705 -27.00 19.68 23.90
CA PRO A 705 -26.66 18.23 23.97
C PRO A 705 -26.76 17.46 22.63
N THR A 706 -27.37 18.09 21.63
CA THR A 706 -27.60 17.46 20.33
C THR A 706 -27.17 18.36 19.16
N SER A 707 -26.24 19.29 19.41
CA SER A 707 -25.69 20.14 18.36
C SER A 707 -24.29 20.62 18.78
N MET A 708 -23.72 21.53 17.99
CA MET A 708 -22.47 22.21 18.35
C MET A 708 -22.69 23.64 18.92
N GLU A 709 -23.94 24.03 19.18
CA GLU A 709 -24.18 25.33 19.80
C GLU A 709 -23.71 25.31 21.25
N TYR A 710 -22.90 26.30 21.62
CA TYR A 710 -22.42 26.47 23.00
C TYR A 710 -22.61 27.90 23.51
N CYS A 711 -22.49 28.10 24.82
CA CYS A 711 -22.22 29.45 25.31
C CYS A 711 -21.44 29.46 26.59
N ILE A 712 -20.86 30.61 26.86
CA ILE A 712 -19.87 30.77 27.87
C ILE A 712 -20.60 31.24 29.10
N ILE A 713 -20.64 30.38 30.11
CA ILE A 713 -21.37 30.71 31.33
C ILE A 713 -20.61 31.70 32.18
N GLU A 714 -19.32 31.46 32.38
CA GLU A 714 -18.46 32.38 33.17
C GLU A 714 -16.98 32.10 33.05
N VAL A 715 -16.18 33.03 33.58
CA VAL A 715 -14.73 32.96 33.60
C VAL A 715 -14.26 33.45 34.98
N ASN A 716 -13.34 32.69 35.60
CA ASN A 716 -12.73 33.05 36.88
C ASN A 716 -11.25 33.09 36.67
N ALA A 717 -10.69 34.30 36.66
CA ALA A 717 -9.25 34.50 36.63
C ALA A 717 -8.66 34.72 38.04
N ARG A 718 -9.22 34.01 39.02
CA ARG A 718 -8.57 33.78 40.31
C ARG A 718 -8.65 32.29 40.57
N LEU A 719 -7.83 31.82 41.50
CA LEU A 719 -7.87 30.41 41.88
C LEU A 719 -9.18 30.09 42.61
N SER A 720 -9.70 28.89 42.37
CA SER A 720 -11.02 28.53 42.84
C SER A 720 -11.10 27.06 43.23
N ARG A 721 -12.23 26.73 43.84
CA ARG A 721 -12.66 25.34 43.99
C ARG A 721 -12.35 24.56 42.71
N SER A 722 -12.81 25.07 41.58
CA SER A 722 -12.56 24.40 40.30
C SER A 722 -11.07 24.12 40.12
N SER A 723 -10.25 25.15 40.29
CA SER A 723 -8.82 25.02 40.05
C SER A 723 -8.15 24.10 41.06
N ALA A 724 -8.64 24.05 42.30
CA ALA A 724 -8.10 23.07 43.28
C ALA A 724 -8.40 21.62 42.88
N LEU A 725 -9.62 21.37 42.47
CA LEU A 725 -10.02 20.04 42.06
C LEU A 725 -9.11 19.62 40.94
N ALA A 726 -8.96 20.50 39.96
CA ALA A 726 -8.12 20.24 38.78
C ALA A 726 -6.67 19.88 39.12
N SER A 727 -6.07 20.56 40.08
CA SER A 727 -4.71 20.19 40.53
C SER A 727 -4.63 18.79 41.09
N LYS A 728 -5.56 18.40 41.96
CA LYS A 728 -5.53 17.07 42.59
C LYS A 728 -5.94 15.96 41.62
N ALA A 729 -6.84 16.29 40.69
CA ALA A 729 -7.29 15.34 39.69
C ALA A 729 -6.18 15.00 38.70
N THR A 730 -5.32 15.95 38.38
CA THR A 730 -4.29 15.75 37.33
C THR A 730 -2.86 15.59 37.80
N GLY A 731 -2.55 16.13 38.98
CA GLY A 731 -1.17 16.21 39.47
C GLY A 731 -0.42 17.46 39.07
N TYR A 732 -1.13 18.36 38.39
CA TYR A 732 -0.57 19.56 37.83
C TYR A 732 -0.79 20.66 38.87
N PRO A 733 0.29 21.21 39.45
CA PRO A 733 0.07 22.19 40.53
C PRO A 733 -0.22 23.59 39.96
N LEU A 734 -1.49 23.89 39.72
CA LEU A 734 -1.88 25.17 39.17
C LEU A 734 -1.34 26.35 39.96
N ALA A 735 -1.74 26.48 41.23
CA ALA A 735 -1.29 27.55 42.13
C ALA A 735 0.24 27.82 42.09
N PHE A 736 1.05 26.76 42.08
CA PHE A 736 2.52 26.90 42.09
C PHE A 736 3.00 27.38 40.73
N ILE A 737 2.49 26.77 39.67
CA ILE A 737 2.84 27.18 38.30
C ILE A 737 2.36 28.59 38.00
N ALA A 738 1.14 28.92 38.42
CA ALA A 738 0.61 30.28 38.16
C ALA A 738 1.45 31.33 38.88
N ALA A 739 1.99 30.97 40.05
CA ALA A 739 2.91 31.85 40.77
C ALA A 739 4.18 32.10 39.97
N LYS A 740 4.84 31.04 39.53
CA LYS A 740 6.00 31.18 38.65
C LYS A 740 5.70 32.04 37.43
N ILE A 741 4.55 31.80 36.83
CA ILE A 741 4.08 32.55 35.67
C ILE A 741 3.98 34.07 35.94
N ALA A 742 3.55 34.45 37.14
CA ALA A 742 3.38 35.87 37.51
C ALA A 742 4.70 36.64 37.72
N LEU A 743 5.79 35.92 37.98
CA LEU A 743 7.13 36.48 37.88
C LEU A 743 7.59 36.70 36.44
N GLY A 744 6.84 36.17 35.47
CA GLY A 744 7.10 36.31 34.05
C GLY A 744 7.80 35.09 33.47
N ILE A 745 7.96 34.02 34.26
CA ILE A 745 8.69 32.83 33.80
C ILE A 745 7.79 32.01 32.86
N PRO A 746 8.29 31.63 31.67
CA PRO A 746 7.46 30.90 30.73
C PRO A 746 7.37 29.42 31.06
N LEU A 747 6.35 28.75 30.54
CA LEU A 747 6.06 27.36 30.93
C LEU A 747 7.18 26.38 30.55
N PRO A 748 7.78 26.53 29.34
CA PRO A 748 8.86 25.59 29.07
C PRO A 748 10.05 25.70 30.00
N GLU A 749 10.22 26.84 30.70
CA GLU A 749 11.30 26.96 31.70
C GLU A 749 10.93 26.52 33.13
N ILE A 750 9.71 26.02 33.33
CA ILE A 750 9.29 25.46 34.62
C ILE A 750 9.26 23.94 34.50
N LYS A 751 9.73 23.25 35.54
CA LYS A 751 9.76 21.78 35.61
C LYS A 751 8.38 21.09 35.97
N ASN A 752 8.07 19.96 35.34
CA ASN A 752 6.90 19.13 35.76
C ASN A 752 7.33 18.41 37.02
N VAL A 753 6.78 18.83 38.16
CA VAL A 753 7.21 18.27 39.45
C VAL A 753 7.03 16.74 39.58
N VAL A 754 5.98 16.22 38.94
CA VAL A 754 5.62 14.79 39.02
C VAL A 754 6.57 13.94 38.16
N SER A 755 6.79 14.37 36.91
CA SER A 755 7.64 13.62 35.96
C SER A 755 9.12 13.73 36.30
N GLY A 756 9.53 14.90 36.78
CA GLY A 756 10.97 15.21 36.91
C GLY A 756 11.56 15.75 35.62
N LYS A 757 11.63 14.91 34.59
CA LYS A 757 12.33 15.22 33.34
C LYS A 757 11.67 16.23 32.40
N THR A 758 10.34 16.35 32.42
CA THR A 758 9.61 17.18 31.43
C THR A 758 9.22 18.56 31.98
N SER A 759 8.63 19.41 31.14
CA SER A 759 8.20 20.74 31.57
C SER A 759 6.70 20.84 31.87
N ALA A 760 6.35 22.00 32.42
CA ALA A 760 4.98 22.36 32.70
C ALA A 760 4.24 22.90 31.48
N CYS A 761 4.93 23.04 30.35
CA CYS A 761 4.31 23.37 29.08
C CYS A 761 3.85 22.10 28.35
N PHE A 762 2.66 21.63 28.74
CA PHE A 762 2.01 20.43 28.20
C PHE A 762 0.59 20.34 28.74
N GLU A 763 -0.17 19.38 28.21
CA GLU A 763 -1.55 19.09 28.62
C GLU A 763 -1.61 17.68 29.19
N PRO A 764 -1.91 17.54 30.50
CA PRO A 764 -1.93 16.22 31.12
C PRO A 764 -2.78 15.22 30.41
N SER A 765 -2.38 13.96 30.53
CA SER A 765 -3.12 12.83 30.04
C SER A 765 -3.46 11.86 31.19
N LEU A 766 -4.74 11.70 31.46
CA LEU A 766 -5.24 10.93 32.60
C LEU A 766 -5.63 9.54 32.16
N ASP A 767 -4.94 8.51 32.69
CA ASP A 767 -5.31 7.10 32.41
C ASP A 767 -6.23 6.45 33.47
N TYR A 768 -6.90 7.34 34.22
CA TYR A 768 -7.94 7.07 35.22
C TYR A 768 -9.06 8.08 34.94
N MET A 769 -10.18 7.92 35.62
CA MET A 769 -11.23 8.93 35.68
C MET A 769 -11.43 9.36 37.15
N VAL A 770 -11.93 10.58 37.36
CA VAL A 770 -12.08 11.20 38.67
C VAL A 770 -13.55 11.54 38.85
N THR A 771 -14.07 11.40 40.07
CA THR A 771 -15.41 11.81 40.42
C THR A 771 -15.38 12.64 41.71
N LYS A 772 -16.12 13.74 41.68
CA LYS A 772 -16.21 14.67 42.78
C LYS A 772 -17.67 14.87 43.16
N ILE A 773 -17.98 14.66 44.43
CA ILE A 773 -19.33 14.89 44.96
C ILE A 773 -19.24 15.91 46.12
N PRO A 774 -20.11 16.95 46.12
CA PRO A 774 -20.15 17.83 47.30
C PRO A 774 -20.68 17.12 48.52
N ARG A 775 -20.27 17.62 49.68
CA ARG A 775 -20.88 17.30 50.95
C ARG A 775 -21.69 18.52 51.34
N TRP A 776 -23.00 18.34 51.50
CA TRP A 776 -23.88 19.45 51.87
C TRP A 776 -23.88 19.59 53.36
N ASP A 777 -24.43 20.72 53.84
CA ASP A 777 -24.50 21.03 55.26
C ASP A 777 -25.64 20.32 56.02
N LEU A 778 -26.49 19.60 55.29
CA LEU A 778 -27.53 18.76 55.90
C LEU A 778 -26.93 17.60 56.65
N ASP A 779 -27.73 17.05 57.56
CA ASP A 779 -27.28 15.95 58.38
C ASP A 779 -28.31 14.84 58.47
N ARG A 780 -29.27 14.81 57.56
CA ARG A 780 -30.36 13.83 57.60
C ARG A 780 -30.72 13.48 56.18
N PHE A 781 -31.20 12.27 55.97
CA PHE A 781 -31.53 11.79 54.63
C PHE A 781 -33.07 11.93 54.38
N HIS A 782 -33.46 12.75 53.40
CA HIS A 782 -34.85 13.27 53.19
C HIS A 782 -35.29 13.28 51.71
N GLY A 783 -36.48 13.83 51.42
CA GLY A 783 -36.99 14.11 50.06
C GLY A 783 -37.57 15.50 49.90
N ILE A 788 -37.72 19.62 51.94
CA ILE A 788 -38.09 20.52 50.84
C ILE A 788 -36.97 21.55 50.49
N GLY A 789 -36.43 22.23 51.50
CA GLY A 789 -35.45 23.34 51.37
C GLY A 789 -34.41 23.34 50.25
N SER A 790 -34.12 24.54 49.72
CA SER A 790 -33.22 24.76 48.56
C SER A 790 -31.99 25.68 48.79
N SER A 791 -31.81 26.23 49.99
CA SER A 791 -30.59 27.00 50.31
C SER A 791 -29.73 26.22 51.32
N MET A 792 -29.35 25.01 50.90
CA MET A 792 -28.23 24.28 51.50
C MET A 792 -26.91 24.82 50.93
N LYS A 793 -25.89 24.84 51.77
CA LYS A 793 -24.54 25.24 51.36
C LYS A 793 -23.69 23.96 51.21
N SER A 794 -22.76 23.98 50.27
CA SER A 794 -21.87 22.86 50.06
C SER A 794 -20.64 23.07 50.92
N VAL A 795 -20.61 22.44 52.08
CA VAL A 795 -19.53 22.71 53.06
C VAL A 795 -18.25 21.91 52.85
N GLY A 796 -18.27 20.94 51.94
CA GLY A 796 -17.06 20.17 51.65
C GLY A 796 -17.20 19.37 50.37
N GLU A 797 -16.15 18.62 50.04
CA GLU A 797 -16.19 17.77 48.86
C GLU A 797 -15.23 16.59 48.93
N VAL A 798 -15.53 15.57 48.10
CA VAL A 798 -14.73 14.36 48.01
C VAL A 798 -14.32 14.16 46.57
N MET A 799 -13.20 13.48 46.37
CA MET A 799 -12.70 13.14 45.05
C MET A 799 -12.27 11.69 45.10
N ALA A 800 -12.64 10.94 44.06
CA ALA A 800 -12.35 9.51 44.01
C ALA A 800 -11.82 9.12 42.65
N ILE A 801 -10.84 8.22 42.64
CA ILE A 801 -10.15 7.87 41.43
C ILE A 801 -10.40 6.43 41.08
N GLY A 802 -10.82 6.19 39.85
CA GLY A 802 -11.05 4.87 39.31
C GLY A 802 -10.57 4.76 37.89
N ARG A 803 -10.59 3.54 37.37
CA ARG A 803 -10.31 3.34 35.99
C ARG A 803 -11.52 2.86 35.23
N THR A 804 -12.67 2.75 35.90
CA THR A 804 -13.96 2.76 35.21
C THR A 804 -14.80 3.84 35.84
N PHE A 805 -15.79 4.37 35.15
CA PHE A 805 -16.71 5.30 35.78
C PHE A 805 -17.31 4.68 37.05
N GLU A 806 -17.72 3.42 36.94
CA GLU A 806 -18.48 2.75 37.99
C GLU A 806 -17.67 2.62 39.30
N GLU A 807 -16.35 2.45 39.18
CA GLU A 807 -15.45 2.32 40.35
C GLU A 807 -15.33 3.70 40.96
N SER A 808 -14.86 4.66 40.19
CA SER A 808 -14.78 6.04 40.64
C SER A 808 -16.03 6.52 41.35
N PHE A 809 -17.17 6.30 40.70
CA PHE A 809 -18.46 6.82 41.15
C PHE A 809 -18.88 6.21 42.48
N GLN A 810 -18.57 4.94 42.71
CA GLN A 810 -19.04 4.28 43.93
C GLN A 810 -18.19 4.63 45.11
N LYS A 811 -16.91 4.86 44.85
CA LYS A 811 -16.00 5.32 45.86
C LYS A 811 -16.37 6.73 46.32
N ALA A 812 -16.61 7.58 45.33
CA ALA A 812 -17.04 8.96 45.57
C ALA A 812 -18.24 8.97 46.51
N LEU A 813 -19.25 8.16 46.16
CA LEU A 813 -20.45 7.96 46.99
C LEU A 813 -20.13 7.56 48.41
N ARG A 814 -19.22 6.60 48.57
CA ARG A 814 -18.88 6.12 49.91
C ARG A 814 -18.12 7.20 50.72
N MET A 815 -17.25 7.96 50.04
CA MET A 815 -16.48 9.04 50.69
C MET A 815 -17.39 10.11 51.25
N CYS A 816 -18.48 10.39 50.53
CA CYS A 816 -19.39 11.45 50.87
C CYS A 816 -19.82 11.35 52.33
N HIS A 817 -20.32 10.19 52.74
CA HIS A 817 -20.76 9.97 54.14
C HIS A 817 -20.60 8.49 54.50
N PRO A 818 -20.16 8.19 55.72
CA PRO A 818 -19.86 6.79 56.07
C PRO A 818 -21.04 5.80 56.01
N SER A 819 -22.28 6.27 56.01
CA SER A 819 -23.41 5.37 55.96
C SER A 819 -23.99 5.25 54.53
N ILE A 820 -23.26 5.81 53.56
CA ILE A 820 -23.52 5.57 52.14
C ILE A 820 -22.65 4.40 51.66
N GLU A 821 -23.29 3.30 51.31
CA GLU A 821 -22.61 2.07 50.93
C GLU A 821 -22.07 2.13 49.52
N GLY A 822 -22.75 2.90 48.68
CA GLY A 822 -22.50 2.96 47.26
C GLY A 822 -23.74 3.43 46.50
N PHE A 823 -23.92 2.91 45.28
CA PHE A 823 -25.09 3.18 44.48
C PHE A 823 -26.08 2.01 44.60
N THR A 824 -27.15 2.22 45.35
CA THR A 824 -28.25 1.26 45.39
C THR A 824 -29.57 2.01 45.57
N PRO A 825 -30.69 1.32 45.29
CA PRO A 825 -32.01 1.81 45.72
C PRO A 825 -32.34 1.65 47.22
N ARG A 826 -31.51 0.94 47.99
CA ARG A 826 -31.77 0.73 49.42
C ARG A 826 -31.30 1.98 50.18
N LEU A 827 -32.25 2.69 50.78
CA LEU A 827 -31.91 3.91 51.53
C LEU A 827 -30.97 3.59 52.70
N PRO A 828 -30.21 4.60 53.16
CA PRO A 828 -29.35 4.39 54.32
C PRO A 828 -30.15 4.29 55.60
N MET A 829 -29.49 3.88 56.70
CA MET A 829 -30.09 3.66 58.04
C MET A 829 -31.18 2.61 57.99
N ASN A 830 -31.15 1.77 56.96
CA ASN A 830 -32.18 0.77 56.75
C ASN A 830 -33.65 1.27 56.61
N LYS A 831 -33.88 2.58 56.48
CA LYS A 831 -35.23 3.10 56.27
C LYS A 831 -35.84 2.56 54.98
N GLU A 832 -37.16 2.59 54.93
CA GLU A 832 -37.93 2.08 53.84
C GLU A 832 -38.51 3.24 53.03
N TRP A 833 -38.80 2.93 51.77
CA TRP A 833 -39.39 3.89 50.85
C TRP A 833 -40.86 4.10 51.21
N PRO A 834 -41.31 5.35 51.36
CA PRO A 834 -42.75 5.60 51.52
C PRO A 834 -43.58 5.01 50.39
N SER A 835 -44.82 4.62 50.68
CA SER A 835 -45.76 4.10 49.66
C SER A 835 -46.58 5.23 48.97
N ASN A 836 -46.54 6.45 49.49
CA ASN A 836 -47.08 7.61 48.78
C ASN A 836 -46.02 8.27 47.85
N LEU A 837 -45.10 7.47 47.30
CA LEU A 837 -43.87 8.01 46.73
C LEU A 837 -44.04 8.55 45.31
N ASP A 838 -43.96 9.87 45.19
CA ASP A 838 -44.08 10.55 43.92
C ASP A 838 -42.70 10.59 43.27
N LEU A 839 -42.37 9.52 42.55
CA LEU A 839 -40.99 9.32 42.06
C LEU A 839 -40.50 10.35 41.03
N ARG A 840 -41.41 10.85 40.19
CA ARG A 840 -41.08 11.99 39.33
C ARG A 840 -40.63 13.20 40.14
N LYS A 841 -41.34 13.52 41.22
CA LYS A 841 -40.98 14.67 42.07
C LYS A 841 -39.58 14.51 42.64
N GLU A 842 -39.36 13.36 43.28
CA GLU A 842 -38.07 13.04 43.88
C GLU A 842 -36.90 13.12 42.92
N LEU A 843 -37.16 12.97 41.61
CA LEU A 843 -36.14 13.17 40.58
C LEU A 843 -35.97 14.62 40.08
N SER A 844 -36.92 15.52 40.35
CA SER A 844 -36.84 16.92 39.88
C SER A 844 -36.54 17.94 40.98
N GLU A 845 -37.09 17.76 42.18
CA GLU A 845 -36.77 18.68 43.28
C GLU A 845 -35.43 18.35 43.97
N PRO A 846 -34.81 19.35 44.61
CA PRO A 846 -33.57 19.04 45.37
C PRO A 846 -33.84 18.08 46.50
N SER A 847 -32.94 17.13 46.74
CA SER A 847 -32.99 16.30 47.94
C SER A 847 -31.67 15.63 48.30
N SER A 848 -31.59 15.22 49.56
CA SER A 848 -30.43 14.56 50.08
C SER A 848 -30.49 13.02 49.97
N THR A 849 -31.50 12.47 49.31
CA THR A 849 -31.48 11.07 48.88
C THR A 849 -31.69 10.96 47.39
N ARG A 850 -31.37 12.04 46.67
CA ARG A 850 -31.53 12.11 45.20
C ARG A 850 -30.89 10.92 44.51
N ILE A 851 -29.68 10.54 44.93
CA ILE A 851 -28.98 9.46 44.22
C ILE A 851 -29.73 8.17 44.45
N TYR A 852 -30.27 7.99 45.64
CA TYR A 852 -31.03 6.78 45.94
C TYR A 852 -32.28 6.71 45.11
N ALA A 853 -32.92 7.86 44.90
CA ALA A 853 -34.12 7.96 44.09
C ALA A 853 -33.86 7.63 42.63
N ILE A 854 -32.73 8.09 42.12
CA ILE A 854 -32.31 7.75 40.78
C ILE A 854 -32.16 6.26 40.75
N ALA A 855 -31.46 5.70 41.74
CA ALA A 855 -31.27 4.25 41.76
C ALA A 855 -32.60 3.53 41.75
N LYS A 856 -33.55 4.00 42.58
CA LYS A 856 -34.88 3.40 42.63
C LYS A 856 -35.66 3.51 41.32
N ALA A 857 -35.63 4.69 40.72
CA ALA A 857 -36.30 4.87 39.44
C ALA A 857 -35.80 3.89 38.39
N ILE A 858 -34.49 3.61 38.36
CA ILE A 858 -33.94 2.64 37.41
C ILE A 858 -34.45 1.24 37.77
N ASP A 859 -34.30 0.88 39.03
CA ASP A 859 -34.75 -0.43 39.55
C ASP A 859 -36.27 -0.68 39.39
N ASP A 860 -37.07 0.38 39.34
CA ASP A 860 -38.53 0.28 39.11
C ASP A 860 -38.96 0.41 37.62
N ASN A 861 -38.00 0.26 36.71
CA ASN A 861 -38.24 0.24 35.25
C ASN A 861 -38.89 1.52 34.67
N MET A 862 -38.68 2.67 35.29
CA MET A 862 -38.84 3.95 34.60
C MET A 862 -37.75 3.98 33.54
N SER A 863 -38.06 4.44 32.33
CA SER A 863 -37.06 4.43 31.26
C SER A 863 -35.96 5.43 31.57
N LEU A 864 -34.83 5.22 30.95
CA LEU A 864 -33.67 6.06 31.18
C LEU A 864 -33.86 7.39 30.49
N ASP A 865 -34.57 7.37 29.36
CA ASP A 865 -34.95 8.61 28.69
C ASP A 865 -35.73 9.54 29.62
N GLU A 866 -36.68 8.96 30.39
CA GLU A 866 -37.49 9.74 31.34
C GLU A 866 -36.63 10.26 32.48
N ILE A 867 -35.68 9.42 32.90
CA ILE A 867 -34.79 9.81 33.97
C ILE A 867 -33.92 10.95 33.47
N GLU A 868 -33.38 10.82 32.25
CA GLU A 868 -32.53 11.86 31.65
C GLU A 868 -33.30 13.17 31.55
N LYS A 869 -34.60 13.08 31.23
CA LYS A 869 -35.42 14.27 31.06
C LYS A 869 -35.69 14.92 32.41
N LEU A 870 -35.94 14.13 33.44
CA LEU A 870 -36.23 14.68 34.79
C LEU A 870 -35.03 15.15 35.64
N THR A 871 -33.87 14.53 35.46
CA THR A 871 -32.64 14.84 36.19
C THR A 871 -31.66 15.71 35.40
N TYR A 872 -31.72 15.62 34.07
CA TYR A 872 -30.77 16.27 33.14
C TYR A 872 -29.42 15.55 33.06
N ILE A 873 -29.31 14.42 33.77
CA ILE A 873 -28.14 13.54 33.72
C ILE A 873 -28.12 12.78 32.37
N ASP A 874 -27.06 13.01 31.59
CA ASP A 874 -26.86 12.34 30.33
C ASP A 874 -26.92 10.81 30.47
N LYS A 875 -27.65 10.20 29.55
CA LYS A 875 -27.98 8.78 29.57
C LYS A 875 -26.74 7.89 29.59
N TRP A 876 -25.63 8.38 29.09
CA TRP A 876 -24.39 7.63 29.20
C TRP A 876 -24.10 7.26 30.67
N PHE A 877 -24.20 8.25 31.56
CA PHE A 877 -24.02 8.02 33.02
C PHE A 877 -25.09 7.06 33.58
N LEU A 878 -26.33 7.21 33.12
CA LEU A 878 -27.44 6.36 33.53
C LEU A 878 -27.26 4.91 33.04
N TYR A 879 -26.59 4.69 31.92
CA TYR A 879 -26.29 3.33 31.51
C TYR A 879 -25.35 2.64 32.48
N LYS A 880 -24.27 3.31 32.83
CA LYS A 880 -23.29 2.74 33.75
C LYS A 880 -23.97 2.49 35.11
N MET A 881 -24.84 3.39 35.56
CA MET A 881 -25.57 3.22 36.81
C MET A 881 -26.48 1.97 36.81
N ARG A 882 -27.19 1.77 35.70
CA ARG A 882 -27.99 0.56 35.52
C ARG A 882 -27.13 -0.70 35.55
N ASP A 883 -25.93 -0.66 34.98
CA ASP A 883 -25.01 -1.79 35.05
C ASP A 883 -24.64 -2.15 36.48
N ILE A 884 -24.50 -1.14 37.34
CA ILE A 884 -24.24 -1.38 38.75
C ILE A 884 -25.45 -2.09 39.39
N LEU A 885 -26.66 -1.58 39.16
CA LEU A 885 -27.84 -2.23 39.73
C LEU A 885 -28.07 -3.64 39.23
N ASN A 886 -27.78 -3.92 37.97
CA ASN A 886 -27.86 -5.30 37.47
C ASN A 886 -26.85 -6.29 38.11
N MET A 887 -25.67 -5.78 38.45
CA MET A 887 -24.69 -6.57 39.18
C MET A 887 -25.20 -6.94 40.57
N GLU A 888 -25.85 -5.99 41.24
CA GLU A 888 -26.43 -6.26 42.54
C GLU A 888 -27.51 -7.33 42.46
N LYS A 889 -28.39 -7.24 41.47
CA LYS A 889 -29.38 -8.30 41.22
C LYS A 889 -28.72 -9.66 41.02
N THR A 890 -27.64 -9.69 40.23
CA THR A 890 -26.86 -10.91 39.97
C THR A 890 -26.34 -11.47 41.26
N LEU A 891 -25.69 -10.61 42.02
CA LEU A 891 -25.15 -10.97 43.31
C LEU A 891 -26.23 -11.48 44.30
N LYS A 892 -27.37 -10.79 44.39
CA LYS A 892 -28.45 -11.21 45.32
C LYS A 892 -28.90 -12.68 45.14
N GLY A 893 -28.79 -13.18 43.92
CA GLY A 893 -29.07 -14.58 43.64
C GLY A 893 -27.92 -15.55 43.78
N LEU A 894 -26.92 -15.24 44.59
CA LEU A 894 -25.69 -16.03 44.66
C LEU A 894 -25.26 -16.16 46.10
N ASN A 895 -24.29 -17.03 46.37
CA ASN A 895 -23.82 -17.23 47.71
C ASN A 895 -22.34 -17.57 47.75
N SER A 896 -21.78 -17.66 48.95
CA SER A 896 -20.35 -17.93 49.10
C SER A 896 -19.83 -19.05 48.22
N GLU A 897 -20.70 -20.03 47.93
CA GLU A 897 -20.34 -21.18 47.07
C GLU A 897 -20.59 -20.97 45.57
N SER A 898 -21.77 -20.49 45.20
CA SER A 898 -22.13 -20.36 43.79
C SER A 898 -21.44 -19.20 43.09
N MET A 899 -20.99 -18.18 43.83
CA MET A 899 -20.35 -17.01 43.22
C MET A 899 -19.00 -17.39 42.60
N THR A 900 -18.82 -17.05 41.32
CA THR A 900 -17.56 -17.35 40.61
C THR A 900 -16.54 -16.24 40.76
N GLU A 901 -15.27 -16.61 40.68
CA GLU A 901 -14.17 -15.66 40.60
C GLU A 901 -14.46 -14.56 39.57
N GLU A 902 -15.03 -14.91 38.42
CA GLU A 902 -15.23 -13.94 37.32
C GLU A 902 -16.27 -12.89 37.68
N THR A 903 -17.32 -13.31 38.37
CA THR A 903 -18.39 -12.41 38.81
C THR A 903 -17.88 -11.48 39.92
N LEU A 904 -17.10 -12.00 40.85
CA LEU A 904 -16.59 -11.17 41.96
C LEU A 904 -15.63 -10.13 41.42
N LYS A 905 -14.67 -10.59 40.62
CA LYS A 905 -13.66 -9.75 39.97
C LYS A 905 -14.32 -8.56 39.31
N ARG A 906 -15.39 -8.86 38.58
CA ARG A 906 -16.09 -7.83 37.85
C ARG A 906 -16.80 -6.87 38.81
N ALA A 907 -17.44 -7.40 39.86
CA ALA A 907 -18.12 -6.54 40.85
C ALA A 907 -17.13 -5.56 41.51
N LYS A 908 -15.97 -6.06 41.89
CA LYS A 908 -14.95 -5.23 42.47
C LYS A 908 -14.46 -4.21 41.44
N GLU A 909 -14.37 -4.63 40.18
CA GLU A 909 -13.95 -3.73 39.11
C GLU A 909 -14.97 -2.64 38.81
N ILE A 910 -16.26 -2.85 39.18
CA ILE A 910 -17.25 -1.75 39.15
C ILE A 910 -17.62 -1.10 40.48
N GLY A 911 -16.80 -1.32 41.50
CA GLY A 911 -16.81 -0.50 42.69
C GLY A 911 -17.59 -1.00 43.87
N PHE A 912 -18.07 -2.24 43.79
CA PHE A 912 -18.72 -2.87 44.94
C PHE A 912 -17.74 -3.05 46.08
N SER A 913 -18.19 -2.66 47.27
CA SER A 913 -17.43 -2.87 48.49
C SER A 913 -17.70 -4.26 48.96
N ASP A 914 -16.84 -4.79 49.83
CA ASP A 914 -17.15 -6.09 50.42
C ASP A 914 -18.45 -6.06 51.23
N LYS A 915 -18.73 -4.95 51.89
CA LYS A 915 -19.99 -4.72 52.57
C LYS A 915 -21.20 -4.84 51.66
N GLN A 916 -21.14 -4.25 50.47
CA GLN A 916 -22.26 -4.31 49.52
C GLN A 916 -22.50 -5.77 49.08
N ILE A 917 -21.42 -6.39 48.65
CA ILE A 917 -21.47 -7.81 48.31
C ILE A 917 -21.97 -8.66 49.49
N SER A 918 -21.56 -8.32 50.71
CA SER A 918 -21.92 -9.12 51.88
C SER A 918 -23.43 -9.21 52.08
N LYS A 919 -24.10 -8.08 51.86
CA LYS A 919 -25.56 -7.99 51.97
C LYS A 919 -26.26 -8.87 50.93
N CYS A 920 -25.63 -9.03 49.76
CA CYS A 920 -26.21 -9.80 48.68
C CYS A 920 -26.08 -11.31 48.89
N LEU A 921 -24.90 -11.74 49.35
CA LEU A 921 -24.55 -13.14 49.54
C LEU A 921 -24.99 -13.67 50.89
N GLY A 922 -25.42 -12.79 51.79
CA GLY A 922 -25.81 -13.19 53.15
C GLY A 922 -24.63 -13.41 54.07
N LEU A 923 -23.45 -12.88 53.73
CA LEU A 923 -22.29 -12.92 54.60
C LEU A 923 -22.15 -11.62 55.38
N THR A 924 -21.19 -11.62 56.27
CA THR A 924 -20.70 -10.40 56.91
C THR A 924 -19.60 -9.84 56.04
N GLU A 925 -19.14 -8.65 56.43
CA GLU A 925 -18.10 -7.97 55.71
C GLU A 925 -16.79 -8.73 55.83
N ALA A 926 -16.42 -9.10 57.05
CA ALA A 926 -15.20 -9.85 57.26
C ALA A 926 -15.17 -11.14 56.44
N GLN A 927 -16.27 -11.85 56.43
CA GLN A 927 -16.39 -13.10 55.66
C GLN A 927 -16.26 -12.87 54.17
N THR A 928 -16.87 -11.77 53.70
CA THR A 928 -16.75 -11.41 52.31
C THR A 928 -15.30 -11.07 51.95
N ARG A 929 -14.63 -10.32 52.79
CA ARG A 929 -13.21 -10.04 52.55
C ARG A 929 -12.42 -11.36 52.48
N GLU A 930 -12.69 -12.26 53.40
CA GLU A 930 -12.01 -13.55 53.41
C GLU A 930 -12.27 -14.27 52.10
N LEU A 931 -13.54 -14.36 51.72
CA LEU A 931 -13.90 -15.00 50.48
C LEU A 931 -13.08 -14.45 49.32
N ARG A 932 -13.00 -13.13 49.24
CA ARG A 932 -12.28 -12.44 48.17
C ARG A 932 -10.79 -12.78 48.15
N LEU A 933 -10.13 -12.67 49.30
CA LEU A 933 -8.72 -13.02 49.40
C LEU A 933 -8.42 -14.51 49.18
N LYS A 934 -9.34 -15.40 49.55
CA LYS A 934 -9.24 -16.81 49.16
C LYS A 934 -9.04 -16.96 47.65
N LYS A 935 -9.73 -16.14 46.86
CA LYS A 935 -9.69 -16.15 45.40
C LYS A 935 -8.56 -15.29 44.76
N ASN A 936 -7.77 -14.62 45.59
CA ASN A 936 -6.67 -13.74 45.17
C ASN A 936 -7.14 -12.57 44.34
N ILE A 937 -8.33 -12.07 44.66
CA ILE A 937 -8.85 -10.84 44.07
C ILE A 937 -8.54 -9.64 44.97
N HIS A 938 -7.61 -8.83 44.55
CA HIS A 938 -7.20 -7.69 45.36
C HIS A 938 -6.95 -6.49 44.47
N PRO A 939 -6.98 -5.30 45.04
CA PRO A 939 -6.79 -4.14 44.17
C PRO A 939 -5.30 -3.83 43.92
N TRP A 940 -5.07 -2.82 43.09
CA TRP A 940 -3.72 -2.49 42.60
C TRP A 940 -3.41 -1.03 42.85
N VAL A 941 -2.14 -0.76 43.15
CA VAL A 941 -1.64 0.55 43.50
C VAL A 941 -1.07 1.15 42.25
N LYS A 942 -1.66 2.21 41.76
CA LYS A 942 -1.17 2.93 40.57
C LYS A 942 -0.72 4.33 40.92
N GLN A 943 0.16 4.86 40.06
CA GLN A 943 0.55 6.27 40.12
C GLN A 943 -0.32 7.13 39.24
N ILE A 944 -0.68 8.31 39.75
CA ILE A 944 -1.01 9.44 38.90
C ILE A 944 0.33 10.04 38.46
N ASP A 945 0.66 9.97 37.16
CA ASP A 945 1.96 10.52 36.66
C ASP A 945 1.89 11.70 35.67
N THR A 946 0.66 12.13 35.37
CA THR A 946 0.31 13.28 34.51
C THR A 946 0.40 12.99 33.01
N LEU A 947 1.02 11.88 32.63
CA LEU A 947 1.38 11.65 31.24
C LEU A 947 0.95 10.29 30.76
N ALA A 948 0.05 9.64 31.48
CA ALA A 948 -0.45 8.29 31.14
C ALA A 948 0.68 7.25 30.88
N ALA A 949 1.71 7.37 31.69
CA ALA A 949 2.85 6.47 31.64
C ALA A 949 3.78 6.69 30.44
N GLU A 950 3.64 7.82 29.73
CA GLU A 950 4.57 8.16 28.65
C GLU A 950 5.95 8.31 29.28
N TYR A 951 6.07 9.16 30.30
CA TYR A 951 7.29 9.21 31.14
C TYR A 951 7.00 8.72 32.57
N PRO A 952 7.95 7.96 33.16
CA PRO A 952 7.71 7.43 34.50
C PRO A 952 7.81 8.56 35.50
N SER A 953 6.95 8.55 36.51
CA SER A 953 7.05 9.44 37.64
C SER A 953 7.73 8.65 38.73
N VAL A 954 8.61 9.30 39.48
CA VAL A 954 8.98 8.76 40.79
C VAL A 954 8.78 9.89 41.82
N THR A 955 7.52 10.32 41.90
CA THR A 955 6.91 10.81 43.11
C THR A 955 5.76 9.83 43.32
N ASN A 956 5.24 9.79 44.53
CA ASN A 956 4.28 8.78 44.88
C ASN A 956 2.91 9.39 45.18
N TYR A 957 2.22 9.80 44.14
CA TYR A 957 0.86 10.23 44.22
C TYR A 957 0.03 9.07 43.74
N LEU A 958 -0.71 8.44 44.66
CA LEU A 958 -1.19 7.09 44.40
C LEU A 958 -2.71 6.91 44.52
N TYR A 959 -3.23 5.88 43.85
CA TYR A 959 -4.63 5.46 44.03
C TYR A 959 -4.69 3.94 43.90
N VAL A 960 -5.85 3.37 44.21
CA VAL A 960 -6.05 1.93 44.34
C VAL A 960 -7.21 1.56 43.45
N THR A 961 -7.02 0.61 42.53
CA THR A 961 -8.05 0.19 41.61
C THR A 961 -8.05 -1.30 41.42
N TYR A 962 -9.22 -1.90 41.22
CA TYR A 962 -9.29 -3.30 40.79
C TYR A 962 -8.97 -3.54 39.29
N ASN A 963 -8.82 -2.49 38.49
CA ASN A 963 -8.63 -2.62 37.03
C ASN A 963 -7.17 -2.46 36.68
N GLY A 964 -6.39 -3.48 36.98
CA GLY A 964 -4.97 -3.50 36.75
C GLY A 964 -4.45 -4.91 36.87
N GLN A 965 -3.17 -5.09 36.59
CA GLN A 965 -2.47 -6.37 36.72
C GLN A 965 -1.11 -6.23 37.37
N GLU A 966 -0.73 -5.03 37.79
CA GLU A 966 0.56 -4.81 38.47
C GLU A 966 0.45 -3.60 39.41
N HIS A 967 1.30 -3.56 40.40
CA HIS A 967 1.48 -2.34 41.15
C HIS A 967 2.53 -1.49 40.43
N ASP A 968 2.51 -0.19 40.70
CA ASP A 968 3.43 0.77 40.12
C ASP A 968 4.52 1.21 41.11
N VAL A 969 4.54 0.66 42.32
CA VAL A 969 5.53 1.04 43.35
C VAL A 969 6.05 -0.21 44.06
N ASN A 970 7.10 -0.02 44.83
CA ASN A 970 7.59 -1.07 45.70
C ASN A 970 7.02 -0.85 47.11
N PHE A 971 6.91 -1.91 47.89
CA PHE A 971 6.41 -1.88 49.26
C PHE A 971 7.51 -2.26 50.25
N ASP A 972 8.59 -1.49 50.18
CA ASP A 972 9.73 -1.64 51.09
C ASP A 972 9.81 -0.54 52.16
N ASP A 973 9.09 0.58 51.99
CA ASP A 973 9.11 1.65 52.97
C ASP A 973 8.66 1.20 54.35
N HIS A 974 7.57 0.41 54.40
CA HIS A 974 6.98 -0.01 55.68
C HIS A 974 6.71 1.18 56.63
N GLY A 975 6.17 2.26 56.08
CA GLY A 975 6.03 3.51 56.83
C GLY A 975 4.84 3.60 57.75
N MET A 976 4.74 4.75 58.40
CA MET A 976 3.72 5.05 59.38
C MET A 976 2.56 5.69 58.64
N MET A 977 1.38 5.08 58.74
CA MET A 977 0.18 5.57 58.11
C MET A 977 -0.36 6.69 58.95
N VAL A 978 -0.85 7.75 58.32
CA VAL A 978 -1.52 8.81 59.03
C VAL A 978 -2.83 9.00 58.34
N LEU A 979 -3.94 8.70 59.01
CA LEU A 979 -5.24 8.78 58.37
C LEU A 979 -5.77 10.16 58.40
N GLY A 980 -6.30 10.60 57.27
CA GLY A 980 -6.88 11.91 57.14
C GLY A 980 -8.31 11.94 57.62
N CYS A 981 -8.91 13.11 57.48
CA CYS A 981 -10.19 13.43 58.10
C CYS A 981 -11.40 13.23 57.24
N GLY A 982 -11.23 12.93 55.97
CA GLY A 982 -12.37 12.89 55.04
C GLY A 982 -12.94 14.26 54.70
N PRO A 983 -14.14 14.30 54.13
CA PRO A 983 -14.65 15.59 53.69
C PRO A 983 -15.00 16.54 54.82
N TYR A 984 -14.69 17.81 54.63
CA TYR A 984 -15.14 18.84 55.57
C TYR A 984 -16.66 18.80 55.61
N HIS A 985 -17.18 18.81 56.84
CA HIS A 985 -18.62 18.94 57.10
C HIS A 985 -18.78 19.74 58.41
N ILE A 986 -20.01 20.07 58.80
CA ILE A 986 -20.26 20.70 60.11
C ILE A 986 -19.80 19.77 61.22
N GLY A 987 -19.06 20.31 62.17
CA GLY A 987 -18.41 19.50 63.17
C GLY A 987 -16.97 19.22 62.81
N SER A 988 -16.63 19.17 61.52
CA SER A 988 -15.31 18.74 61.11
C SER A 988 -14.71 19.61 60.02
N SER A 989 -14.05 20.68 60.43
CA SER A 989 -13.58 21.68 59.47
C SER A 989 -12.09 21.64 59.31
N VAL A 990 -11.51 22.76 58.87
CA VAL A 990 -10.10 22.83 58.47
C VAL A 990 -9.05 22.59 59.55
N GLU A 991 -9.45 22.44 60.80
CA GLU A 991 -8.46 22.27 61.88
C GLU A 991 -7.78 20.91 61.84
N PHE A 992 -8.49 19.91 61.31
CA PHE A 992 -7.94 18.58 61.28
C PHE A 992 -6.93 18.43 60.17
N ASP A 993 -6.89 19.40 59.25
CA ASP A 993 -5.84 19.53 58.24
C ASP A 993 -4.59 20.11 58.89
N TRP A 994 -4.75 21.06 59.82
CA TRP A 994 -3.61 21.54 60.61
C TRP A 994 -2.95 20.36 61.32
N CYS A 995 -3.76 19.58 62.02
CA CYS A 995 -3.29 18.41 62.73
C CYS A 995 -2.55 17.40 61.84
N ALA A 996 -3.01 17.24 60.60
CA ALA A 996 -2.32 16.38 59.64
C ALA A 996 -0.91 16.90 59.25
N VAL A 997 -0.84 18.14 58.80
CA VAL A 997 0.42 18.72 58.42
C VAL A 997 1.43 18.54 59.56
N SER A 998 1.00 18.78 60.79
CA SER A 998 1.90 18.72 61.96
C SER A 998 2.36 17.28 62.23
N SER A 999 1.42 16.34 62.35
CA SER A 999 1.82 14.96 62.59
C SER A 999 2.76 14.44 61.49
N ILE A 1000 2.38 14.61 60.22
CA ILE A 1000 3.21 14.23 59.07
C ILE A 1000 4.62 14.85 59.21
N ARG A 1001 4.68 16.16 59.37
CA ARG A 1001 5.95 16.84 59.68
C ARG A 1001 6.77 16.23 60.83
N THR A 1002 6.13 15.92 61.96
CA THR A 1002 6.86 15.32 63.08
C THR A 1002 7.52 14.00 62.65
N LEU A 1003 6.83 13.23 61.80
CA LEU A 1003 7.35 11.97 61.33
C LEU A 1003 8.44 12.19 60.28
N ARG A 1004 8.22 13.11 59.34
CA ARG A 1004 9.24 13.52 58.37
C ARG A 1004 10.54 13.94 59.09
N GLN A 1005 10.44 14.94 59.96
CA GLN A 1005 11.60 15.47 60.67
C GLN A 1005 12.41 14.43 61.47
N LEU A 1006 11.78 13.35 61.95
CA LEU A 1006 12.52 12.25 62.60
C LEU A 1006 12.94 11.18 61.62
N GLY A 1007 12.87 11.45 60.32
CA GLY A 1007 13.23 10.48 59.32
C GLY A 1007 12.32 9.28 59.16
N LYS A 1008 11.13 9.30 59.76
CA LYS A 1008 10.16 8.19 59.60
C LYS A 1008 9.44 8.30 58.22
N LYS A 1009 9.51 7.27 57.39
CA LYS A 1009 8.72 7.20 56.17
C LYS A 1009 7.23 7.31 56.51
N THR A 1010 6.49 8.14 55.75
CA THR A 1010 5.05 8.38 55.93
C THR A 1010 4.20 7.75 54.81
N VAL A 1011 2.98 7.33 55.16
CA VAL A 1011 1.91 7.05 54.21
C VAL A 1011 0.68 7.88 54.60
N VAL A 1012 0.29 8.82 53.74
CA VAL A 1012 -0.89 9.63 53.99
C VAL A 1012 -2.10 9.10 53.22
N VAL A 1013 -3.26 9.02 53.88
CA VAL A 1013 -4.52 8.62 53.25
C VAL A 1013 -5.61 9.64 53.59
N ASN A 1014 -6.27 10.15 52.56
CA ASN A 1014 -7.30 11.17 52.71
C ASN A 1014 -7.97 11.24 51.36
N CYS A 1015 -9.22 11.68 51.34
CA CYS A 1015 -10.00 11.82 50.11
C CYS A 1015 -10.62 13.21 49.92
N ASN A 1016 -10.19 14.20 50.71
CA ASN A 1016 -10.69 15.59 50.71
C ASN A 1016 -9.80 16.40 49.79
N PRO A 1017 -10.27 16.80 48.62
CA PRO A 1017 -9.39 17.59 47.77
C PRO A 1017 -9.14 19.06 48.22
N GLU A 1018 -9.86 19.55 49.22
CA GLU A 1018 -9.59 20.90 49.75
C GLU A 1018 -8.51 20.94 50.84
N THR A 1019 -7.73 19.86 51.03
CA THR A 1019 -6.73 19.81 52.12
C THR A 1019 -5.28 20.07 51.69
N VAL A 1020 -4.62 20.94 52.45
CA VAL A 1020 -3.17 21.24 52.29
C VAL A 1020 -2.30 20.04 52.57
N SER A 1021 -2.75 19.16 53.47
CA SER A 1021 -2.04 17.95 53.86
C SER A 1021 -1.90 16.91 52.76
N THR A 1022 -2.78 16.92 51.76
CA THR A 1022 -2.69 15.97 50.64
C THR A 1022 -1.76 16.51 49.58
N ASP A 1023 -0.49 16.59 49.95
CA ASP A 1023 0.60 17.19 49.22
C ASP A 1023 1.68 16.10 49.11
N PHE A 1024 1.84 15.53 47.91
CA PHE A 1024 2.89 14.51 47.67
C PHE A 1024 4.33 15.01 47.95
N ASP A 1025 4.56 16.32 47.91
CA ASP A 1025 5.87 16.88 48.25
C ASP A 1025 6.18 16.77 49.75
N GLU A 1026 5.16 16.65 50.64
CA GLU A 1026 5.39 16.57 52.13
C GLU A 1026 5.20 15.22 52.84
N CYS A 1027 4.88 14.16 52.08
CA CYS A 1027 4.94 12.77 52.55
C CYS A 1027 5.50 11.84 51.49
N ASP A 1028 5.84 10.63 51.89
CA ASP A 1028 6.54 9.70 50.99
C ASP A 1028 5.57 9.01 50.07
N LYS A 1029 4.43 8.57 50.60
CA LYS A 1029 3.33 8.06 49.78
C LYS A 1029 2.01 8.72 50.18
N LEU A 1030 1.37 9.35 49.22
CA LEU A 1030 0.04 9.89 49.37
C LEU A 1030 -0.88 8.99 48.58
N TYR A 1031 -1.77 8.29 49.28
CA TYR A 1031 -2.87 7.59 48.63
C TYR A 1031 -4.07 8.49 48.73
N PHE A 1032 -4.59 8.94 47.58
CA PHE A 1032 -5.83 9.72 47.53
C PHE A 1032 -7.02 8.77 47.47
N GLU A 1033 -7.53 8.41 48.65
CA GLU A 1033 -8.30 7.17 48.77
C GLU A 1033 -9.36 7.17 49.84
N GLU A 1034 -10.22 6.16 49.79
CA GLU A 1034 -11.24 5.97 50.81
C GLU A 1034 -10.67 5.78 52.21
N LEU A 1035 -11.36 6.32 53.20
CA LEU A 1035 -11.05 6.10 54.59
C LEU A 1035 -12.12 5.16 55.16
N SER A 1036 -12.21 3.98 54.53
CA SER A 1036 -13.06 2.91 55.01
C SER A 1036 -12.19 1.85 55.56
N LEU A 1037 -12.80 0.95 56.32
CA LEU A 1037 -12.08 -0.18 56.87
C LEU A 1037 -11.41 -0.95 55.74
N GLU A 1038 -12.22 -1.31 54.74
CA GLU A 1038 -11.77 -2.08 53.60
C GLU A 1038 -10.48 -1.52 52.97
N ARG A 1039 -10.52 -0.24 52.60
CA ARG A 1039 -9.51 0.34 51.74
C ARG A 1039 -8.25 0.63 52.49
N ILE A 1040 -8.41 1.02 53.75
CA ILE A 1040 -7.29 1.16 54.68
C ILE A 1040 -6.67 -0.20 55.03
N LEU A 1041 -7.44 -1.27 55.16
CA LEU A 1041 -6.81 -2.58 55.31
C LEU A 1041 -5.98 -2.93 54.06
N ASP A 1042 -6.51 -2.66 52.86
CA ASP A 1042 -5.78 -2.94 51.62
C ASP A 1042 -4.47 -2.17 51.60
N ILE A 1043 -4.49 -0.89 51.95
CA ILE A 1043 -3.25 -0.11 51.85
C ILE A 1043 -2.26 -0.47 52.97
N TYR A 1044 -2.76 -0.58 54.20
CA TYR A 1044 -1.92 -0.94 55.34
C TYR A 1044 -1.19 -2.26 55.08
N HIS A 1045 -1.94 -3.28 54.66
CA HIS A 1045 -1.38 -4.59 54.40
C HIS A 1045 -0.57 -4.74 53.10
N GLN A 1046 -0.95 -4.04 52.03
CA GLN A 1046 -0.15 -4.06 50.83
C GLN A 1046 1.22 -3.46 51.10
N GLU A 1047 1.24 -2.31 51.77
CA GLU A 1047 2.49 -1.64 52.20
C GLU A 1047 3.26 -2.36 53.29
N ALA A 1048 2.55 -3.14 54.12
CA ALA A 1048 3.07 -3.69 55.38
C ALA A 1048 3.60 -2.51 56.21
N CYS A 1049 2.66 -1.63 56.57
CA CYS A 1049 2.96 -0.38 57.31
C CYS A 1049 3.41 -0.72 58.70
N GLY A 1050 4.35 0.06 59.22
CA GLY A 1050 4.88 -0.17 60.55
C GLY A 1050 3.82 0.03 61.62
N GLY A 1051 2.94 0.99 61.39
CA GLY A 1051 1.79 1.23 62.24
C GLY A 1051 0.85 2.22 61.56
N CYS A 1052 -0.16 2.64 62.31
CA CYS A 1052 -1.17 3.58 61.84
C CYS A 1052 -1.66 4.54 62.94
N ILE A 1053 -1.78 5.83 62.62
CA ILE A 1053 -2.16 6.84 63.58
C ILE A 1053 -3.56 7.24 63.23
N ILE A 1054 -4.45 7.11 64.21
CA ILE A 1054 -5.90 7.37 64.01
C ILE A 1054 -6.45 8.58 64.78
N SER A 1055 -5.52 9.24 65.47
CA SER A 1055 -5.80 10.22 66.49
C SER A 1055 -5.95 11.64 65.95
N VAL A 1056 -5.32 11.90 64.80
CA VAL A 1056 -5.19 13.27 64.35
C VAL A 1056 -6.05 13.60 63.14
N GLY A 1057 -7.14 12.87 62.92
CA GLY A 1057 -8.01 13.14 61.78
C GLY A 1057 -9.48 13.34 62.06
N GLY A 1058 -9.85 13.71 63.26
CA GLY A 1058 -11.28 13.81 63.59
C GLY A 1058 -11.93 12.45 63.77
N GLN A 1059 -13.24 12.41 63.60
CA GLN A 1059 -14.11 11.28 63.97
C GLN A 1059 -13.99 10.02 63.06
N ILE A 1060 -13.83 10.21 61.76
CA ILE A 1060 -13.80 9.10 60.77
C ILE A 1060 -12.70 8.07 61.12
N PRO A 1061 -11.42 8.50 61.21
CA PRO A 1061 -10.41 7.50 61.49
C PRO A 1061 -10.50 6.91 62.87
N ASN A 1062 -10.92 7.69 63.85
CA ASN A 1062 -10.98 7.17 65.20
C ASN A 1062 -12.11 6.13 65.39
N ASN A 1063 -13.17 6.19 64.58
CA ASN A 1063 -14.17 5.12 64.65
C ASN A 1063 -13.66 3.81 64.10
N LEU A 1064 -12.65 3.86 63.23
CA LEU A 1064 -11.99 2.65 62.73
C LEU A 1064 -11.05 1.90 63.71
N ALA A 1065 -10.79 2.47 64.89
CA ALA A 1065 -9.85 1.90 65.86
C ALA A 1065 -10.04 0.40 66.08
N VAL A 1066 -11.18 0.03 66.65
CA VAL A 1066 -11.42 -1.35 66.98
C VAL A 1066 -11.39 -2.25 65.72
N PRO A 1067 -12.20 -1.92 64.66
CA PRO A 1067 -12.21 -2.75 63.43
C PRO A 1067 -10.82 -2.93 62.86
N LEU A 1068 -10.04 -1.83 62.77
CA LEU A 1068 -8.64 -1.94 62.38
C LEU A 1068 -7.86 -2.86 63.31
N TYR A 1069 -8.01 -2.64 64.62
CA TYR A 1069 -7.32 -3.41 65.65
C TYR A 1069 -7.56 -4.90 65.47
N LYS A 1070 -8.78 -5.28 65.14
CA LYS A 1070 -9.13 -6.69 64.99
C LYS A 1070 -8.68 -7.30 63.68
N ASN A 1071 -8.31 -6.47 62.72
CA ASN A 1071 -7.89 -6.95 61.43
C ASN A 1071 -6.38 -6.72 61.24
N GLY A 1072 -5.61 -6.71 62.33
CA GLY A 1072 -4.14 -6.79 62.24
C GLY A 1072 -3.34 -5.51 62.12
N VAL A 1073 -3.95 -4.39 62.48
CA VAL A 1073 -3.32 -3.09 62.37
C VAL A 1073 -2.70 -2.64 63.75
N LYS A 1074 -1.41 -2.30 63.72
CA LYS A 1074 -0.76 -1.69 64.86
C LYS A 1074 -1.22 -0.27 64.86
N ILE A 1075 -2.06 0.06 65.84
CA ILE A 1075 -2.55 1.40 66.06
C ILE A 1075 -1.66 2.03 67.08
N MET A 1076 -1.06 3.16 66.72
CA MET A 1076 -0.07 3.83 67.58
C MET A 1076 -0.77 4.63 68.68
N GLY A 1077 -0.18 4.58 69.88
CA GLY A 1077 -0.71 5.20 71.09
C GLY A 1077 -1.75 4.48 71.96
N THR A 1078 -2.54 5.28 72.67
CA THR A 1078 -3.74 4.83 73.36
C THR A 1078 -4.40 3.73 72.57
N SER A 1079 -4.52 2.58 73.21
CA SER A 1079 -5.04 1.36 72.62
C SER A 1079 -6.52 1.46 72.19
N PRO A 1080 -6.87 0.86 71.06
CA PRO A 1080 -8.28 0.85 70.69
C PRO A 1080 -9.19 0.18 71.75
N LEU A 1081 -8.64 -0.69 72.59
CA LEU A 1081 -9.45 -1.28 73.66
C LEU A 1081 -9.93 -0.23 74.67
N GLN A 1082 -9.07 0.74 74.92
CA GLN A 1082 -9.35 1.85 75.82
C GLN A 1082 -10.24 2.89 75.17
N ILE A 1083 -10.06 3.09 73.86
CA ILE A 1083 -10.93 3.96 73.08
C ILE A 1083 -12.37 3.43 73.15
N ASP A 1084 -12.53 2.14 72.89
CA ASP A 1084 -13.84 1.48 73.09
C ASP A 1084 -14.43 1.71 74.47
N ARG A 1085 -13.59 1.57 75.49
CA ARG A 1085 -14.04 1.82 76.84
C ARG A 1085 -14.41 3.29 77.02
N ALA A 1086 -13.56 4.22 76.59
CA ALA A 1086 -13.80 5.65 76.88
C ALA A 1086 -15.05 6.23 76.21
N GLU A 1087 -15.53 5.55 75.17
CA GLU A 1087 -16.62 6.03 74.34
C GLU A 1087 -17.81 5.04 74.28
N ASP A 1088 -17.91 4.12 75.25
CA ASP A 1088 -19.15 3.38 75.59
C ASP A 1088 -19.69 4.17 76.78
N ARG A 1089 -20.80 4.88 76.59
CA ARG A 1089 -21.33 5.74 77.62
C ARG A 1089 -21.37 5.01 78.96
N SER A 1090 -21.96 3.81 78.93
CA SER A 1090 -22.16 3.03 80.13
C SER A 1090 -20.87 2.63 80.83
N ILE A 1091 -19.87 2.24 80.07
CA ILE A 1091 -18.59 1.92 80.68
C ILE A 1091 -17.89 3.15 81.22
N PHE A 1092 -17.87 4.19 80.42
CA PHE A 1092 -17.22 5.44 80.80
C PHE A 1092 -17.91 6.03 82.05
N SER A 1093 -19.24 6.02 82.08
CA SER A 1093 -19.93 6.48 83.29
C SER A 1093 -19.54 5.69 84.57
N ALA A 1094 -19.35 4.38 84.47
CA ALA A 1094 -19.04 3.54 85.64
C ALA A 1094 -17.66 3.81 86.17
N VAL A 1095 -16.71 3.96 85.25
CA VAL A 1095 -15.34 4.36 85.56
C VAL A 1095 -15.37 5.69 86.30
N LEU A 1096 -16.16 6.66 85.81
CA LEU A 1096 -16.29 7.93 86.51
C LEU A 1096 -16.86 7.84 87.93
N ASP A 1097 -17.87 6.99 88.22
CA ASP A 1097 -18.34 6.79 89.63
C ASP A 1097 -17.21 6.16 90.45
N GLU A 1098 -16.50 5.21 89.87
CA GLU A 1098 -15.42 4.54 90.59
C GLU A 1098 -14.36 5.57 90.90
N LEU A 1099 -14.07 6.48 89.97
CA LEU A 1099 -13.06 7.51 90.22
C LEU A 1099 -13.60 8.69 91.02
N LYS A 1100 -14.90 8.70 91.32
CA LYS A 1100 -15.54 9.77 92.07
C LYS A 1100 -15.50 11.12 91.33
N VAL A 1101 -15.64 11.08 90.02
CA VAL A 1101 -15.70 12.26 89.14
C VAL A 1101 -17.16 12.41 88.77
N ALA A 1102 -17.74 13.58 89.02
CA ALA A 1102 -19.17 13.80 88.79
C ALA A 1102 -19.50 13.89 87.30
N GLN A 1103 -20.74 13.53 86.99
CA GLN A 1103 -21.30 13.68 85.66
C GLN A 1103 -22.78 13.99 85.84
N ALA A 1104 -23.42 14.61 84.87
CA ALA A 1104 -24.89 14.76 84.91
C ALA A 1104 -25.55 13.38 84.82
N PRO A 1105 -26.59 13.12 85.63
CA PRO A 1105 -27.25 11.81 85.54
C PRO A 1105 -27.85 11.63 84.16
N TRP A 1106 -27.86 10.39 83.70
CA TRP A 1106 -28.36 10.01 82.37
C TRP A 1106 -28.99 8.60 82.43
N LYS A 1107 -29.67 8.21 81.36
CA LYS A 1107 -30.27 6.86 81.26
C LYS A 1107 -30.70 6.63 79.84
N ALA A 1108 -30.25 5.50 79.28
CA ALA A 1108 -30.73 5.03 77.99
C ALA A 1108 -32.14 4.50 78.23
N VAL A 1109 -33.11 4.90 77.41
CA VAL A 1109 -34.51 4.42 77.54
C VAL A 1109 -35.06 3.80 76.24
N ASN A 1110 -35.91 2.79 76.42
CA ASN A 1110 -36.53 2.04 75.30
C ASN A 1110 -38.03 2.35 75.10
N THR A 1111 -38.71 2.84 76.14
CA THR A 1111 -40.17 3.13 76.16
C THR A 1111 -40.45 4.60 76.53
N LEU A 1112 -41.66 5.07 76.26
CA LEU A 1112 -42.09 6.40 76.66
C LEU A 1112 -42.24 6.56 78.17
N ASN A 1113 -42.78 5.54 78.84
CA ASN A 1113 -42.97 5.59 80.31
C ASN A 1113 -41.62 5.53 81.02
N GLU A 1114 -40.67 4.76 80.47
CA GLU A 1114 -39.26 4.78 80.91
C GLU A 1114 -38.69 6.22 80.85
N ALA A 1115 -38.90 6.87 79.70
CA ALA A 1115 -38.44 8.25 79.49
C ALA A 1115 -39.04 9.22 80.49
N LEU A 1116 -40.36 9.19 80.62
CA LEU A 1116 -41.07 10.15 81.46
C LEU A 1116 -40.74 10.00 82.96
N GLU A 1117 -40.45 8.77 83.38
CA GLU A 1117 -40.12 8.48 84.78
C GLU A 1117 -38.72 8.98 85.19
N PHE A 1118 -37.81 9.07 84.23
CA PHE A 1118 -36.48 9.65 84.46
C PHE A 1118 -36.57 11.17 84.60
N ALA A 1119 -37.09 11.82 83.55
CA ALA A 1119 -37.26 13.28 83.51
C ALA A 1119 -37.87 13.80 84.79
N LYS A 1120 -38.99 13.21 85.18
CA LYS A 1120 -39.57 13.35 86.52
C LYS A 1120 -38.48 13.32 87.61
N SER A 1121 -37.72 12.23 87.65
CA SER A 1121 -36.79 11.93 88.75
C SER A 1121 -35.61 12.87 88.93
N VAL A 1122 -35.28 13.64 87.90
CA VAL A 1122 -34.19 14.62 88.00
C VAL A 1122 -34.63 16.08 87.79
N ASP A 1123 -35.95 16.32 87.78
CA ASP A 1123 -36.57 17.59 87.29
C ASP A 1123 -36.24 17.87 85.82
N TYR A 1124 -37.19 18.48 85.12
CA TYR A 1124 -36.96 18.96 83.75
C TYR A 1124 -36.00 20.17 83.87
N PRO A 1125 -35.22 20.49 82.83
CA PRO A 1125 -35.28 19.90 81.47
C PRO A 1125 -34.28 18.75 81.17
N CYS A 1126 -34.33 18.24 79.93
CA CYS A 1126 -33.57 17.05 79.45
C CYS A 1126 -33.00 17.14 78.02
N LEU A 1127 -32.06 16.23 77.72
CA LEU A 1127 -31.44 16.07 76.39
C LEU A 1127 -31.83 14.77 75.67
N LEU A 1128 -31.42 14.63 74.40
CA LEU A 1128 -31.87 13.51 73.56
C LEU A 1128 -30.86 13.08 72.46
N ARG A 1129 -31.10 11.94 71.80
CA ARG A 1129 -30.25 11.40 70.69
C ARG A 1129 -30.97 10.30 69.86
N PRO A 1130 -30.36 9.78 68.74
CA PRO A 1130 -31.09 8.80 67.91
C PRO A 1130 -31.07 7.38 68.49
N MET A 1139 -28.02 16.87 68.59
CA MET A 1139 -28.49 16.72 69.97
C MET A 1139 -29.70 17.61 70.19
N ASN A 1140 -30.77 17.06 70.77
CA ASN A 1140 -32.11 17.68 70.77
C ASN A 1140 -32.57 17.99 72.20
N VAL A 1141 -33.30 19.10 72.39
CA VAL A 1141 -33.66 19.57 73.76
C VAL A 1141 -35.09 19.16 74.13
N VAL A 1142 -35.38 19.09 75.44
CA VAL A 1142 -36.75 18.89 75.96
C VAL A 1142 -36.99 19.74 77.20
N PHE A 1143 -38.05 20.55 77.17
CA PHE A 1143 -38.56 21.31 78.33
C PHE A 1143 -39.88 20.73 78.91
N SER A 1144 -40.79 20.30 78.02
CA SER A 1144 -42.11 19.71 78.40
C SER A 1144 -42.46 18.41 77.64
N GLU A 1145 -43.45 17.68 78.15
CA GLU A 1145 -43.70 16.24 77.86
C GLU A 1145 -43.85 15.78 76.38
N ASP A 1146 -43.93 16.74 75.46
CA ASP A 1146 -44.45 16.50 74.10
C ASP A 1146 -43.39 16.23 73.02
N GLU A 1147 -42.20 16.81 73.18
CA GLU A 1147 -41.08 16.54 72.26
C GLU A 1147 -40.71 15.07 72.33
N MET A 1148 -40.44 14.62 73.57
CA MET A 1148 -40.23 13.20 73.93
C MET A 1148 -41.24 12.28 73.24
N LYS A 1149 -42.51 12.70 73.30
CA LYS A 1149 -43.65 12.04 72.67
C LYS A 1149 -43.48 11.68 71.18
N LYS A 1150 -42.74 12.51 70.42
CA LYS A 1150 -42.49 12.27 68.99
C LYS A 1150 -41.01 12.26 68.60
N PHE A 1151 -40.36 11.09 68.73
CA PHE A 1151 -38.96 10.88 68.30
C PHE A 1151 -38.67 9.39 67.92
N LEU A 1152 -38.91 8.45 68.84
CA LEU A 1152 -38.84 6.97 68.58
C LEU A 1152 -40.25 6.41 68.27
N GLU A 1153 -40.52 6.14 66.98
CA GLU A 1153 -41.86 5.73 66.51
C GLU A 1153 -41.80 4.70 65.38
N PRO A 1163 -33.85 3.09 70.89
CA PRO A 1163 -33.10 3.29 72.14
C PRO A 1163 -32.51 4.72 72.29
N VAL A 1164 -33.23 5.57 73.04
CA VAL A 1164 -32.94 7.01 73.21
C VAL A 1164 -32.22 7.32 74.54
N VAL A 1165 -31.16 8.13 74.48
CA VAL A 1165 -30.39 8.52 75.68
C VAL A 1165 -30.87 9.86 76.28
N LEU A 1166 -31.16 9.84 77.59
CA LEU A 1166 -31.69 11.02 78.29
C LEU A 1166 -30.77 11.63 79.37
N THR A 1167 -30.12 12.77 79.05
CA THR A 1167 -29.24 13.48 80.00
C THR A 1167 -29.94 14.72 80.59
N LYS A 1168 -29.82 14.90 81.90
CA LYS A 1168 -30.31 16.09 82.59
C LYS A 1168 -29.55 17.33 82.12
N PHE A 1169 -30.31 18.36 81.75
CA PHE A 1169 -29.76 19.62 81.24
C PHE A 1169 -29.52 20.51 82.46
N VAL A 1170 -28.35 21.16 82.55
CA VAL A 1170 -28.08 22.11 83.64
C VAL A 1170 -28.04 23.53 83.11
N GLU A 1171 -28.96 24.38 83.53
CA GLU A 1171 -29.01 25.74 82.99
C GLU A 1171 -28.02 26.64 83.72
N GLY A 1172 -27.58 27.68 83.01
CA GLY A 1172 -26.70 28.70 83.57
C GLY A 1172 -25.33 28.16 83.87
N ALA A 1173 -24.91 27.18 83.09
CA ALA A 1173 -23.66 26.49 83.30
C ALA A 1173 -22.63 27.04 82.34
N ARG A 1174 -21.41 27.09 82.80
CA ARG A 1174 -20.27 27.35 81.94
C ARG A 1174 -19.83 26.02 81.34
N GLU A 1175 -19.03 26.07 80.28
CA GLU A 1175 -18.47 24.87 79.66
C GLU A 1175 -17.01 25.08 79.36
N VAL A 1176 -16.23 24.02 79.56
CA VAL A 1176 -14.78 24.07 79.50
C VAL A 1176 -14.24 22.92 78.62
N GLU A 1177 -13.35 23.24 77.67
CA GLU A 1177 -12.58 22.23 76.93
C GLU A 1177 -11.33 22.01 77.70
N MET A 1178 -10.95 20.75 77.91
CA MET A 1178 -9.62 20.36 78.33
C MET A 1178 -9.07 19.66 77.10
N ASP A 1179 -8.06 20.24 76.46
CA ASP A 1179 -7.28 19.58 75.43
C ASP A 1179 -5.97 19.17 76.03
N ALA A 1180 -5.55 17.93 75.82
CA ALA A 1180 -4.33 17.40 76.48
C ALA A 1180 -3.62 16.33 75.67
N VAL A 1181 -2.42 15.98 76.11
CA VAL A 1181 -1.69 14.83 75.60
C VAL A 1181 -1.31 13.98 76.78
N GLY A 1182 -1.57 12.68 76.66
CA GLY A 1182 -1.17 11.71 77.68
C GLY A 1182 0.05 10.93 77.26
N LYS A 1183 0.83 10.47 78.25
CA LYS A 1183 1.89 9.50 77.99
C LYS A 1183 1.85 8.48 79.11
N ASP A 1184 1.70 7.20 78.76
CA ASP A 1184 1.52 6.12 79.74
C ASP A 1184 0.53 6.49 80.86
N GLY A 1185 -0.54 7.19 80.50
CA GLY A 1185 -1.53 7.63 81.47
C GLY A 1185 -1.31 8.87 82.30
N ARG A 1186 -0.22 9.59 82.05
CA ARG A 1186 0.09 10.87 82.69
C ARG A 1186 -0.09 12.05 81.74
N VAL A 1187 -0.74 13.10 82.23
CA VAL A 1187 -1.00 14.29 81.46
C VAL A 1187 0.29 15.08 81.34
N ILE A 1188 0.81 15.21 80.11
CA ILE A 1188 2.07 15.95 79.86
C ILE A 1188 1.98 17.22 79.03
N SER A 1189 0.81 17.53 78.48
CA SER A 1189 0.49 18.88 78.03
C SER A 1189 -0.99 19.06 78.23
N HIS A 1190 -1.42 20.26 78.59
CA HIS A 1190 -2.86 20.50 78.68
C HIS A 1190 -3.13 21.95 78.43
N ALA A 1191 -4.39 22.27 78.14
CA ALA A 1191 -4.82 23.65 77.94
C ALA A 1191 -6.30 23.74 78.18
N ILE A 1192 -6.70 24.53 79.17
CA ILE A 1192 -8.12 24.71 79.49
C ILE A 1192 -8.65 26.00 78.89
N SER A 1193 -9.74 25.87 78.14
CA SER A 1193 -10.32 26.96 77.35
C SER A 1193 -11.81 27.05 77.72
N GLU A 1194 -12.34 28.26 77.77
CA GLU A 1194 -13.68 28.47 78.25
C GLU A 1194 -14.53 28.91 77.07
N HIS A 1195 -15.72 28.34 76.99
CA HIS A 1195 -16.67 28.71 75.95
C HIS A 1195 -17.23 30.04 76.35
N VAL A 1196 -17.50 30.92 75.38
CA VAL A 1196 -18.23 32.15 75.69
C VAL A 1196 -19.68 31.81 76.05
N GLU A 1197 -20.31 31.02 75.19
CA GLU A 1197 -21.72 30.69 75.34
C GLU A 1197 -21.91 29.79 76.54
N ASP A 1198 -23.08 29.95 77.18
CA ASP A 1198 -23.48 29.06 78.25
C ASP A 1198 -23.59 27.69 77.62
N ALA A 1199 -23.38 26.66 78.44
CA ALA A 1199 -23.50 25.28 77.99
C ALA A 1199 -24.90 24.94 77.46
N GLY A 1200 -24.96 24.26 76.31
CA GLY A 1200 -26.24 23.87 75.72
C GLY A 1200 -26.01 22.88 74.60
N VAL A 1201 -27.01 22.72 73.73
CA VAL A 1201 -26.92 21.77 72.62
C VAL A 1201 -25.87 22.20 71.57
N HIS A 1202 -25.85 23.49 71.23
CA HIS A 1202 -24.76 24.09 70.43
C HIS A 1202 -23.45 23.97 71.24
N SER A 1203 -22.38 23.48 70.61
CA SER A 1203 -21.18 23.06 71.35
C SER A 1203 -19.90 23.05 70.52
N GLY A 1204 -19.92 22.30 69.41
CA GLY A 1204 -18.81 22.26 68.43
C GLY A 1204 -18.72 23.48 67.52
N ASP A 1205 -19.54 24.49 67.76
CA ASP A 1205 -19.36 25.81 67.15
C ASP A 1205 -19.34 26.92 68.21
N ALA A 1206 -18.89 26.55 69.41
CA ALA A 1206 -18.71 27.50 70.50
C ALA A 1206 -17.43 28.30 70.29
N THR A 1207 -17.54 29.60 70.51
CA THR A 1207 -16.39 30.49 70.59
C THR A 1207 -15.60 30.21 71.87
N LEU A 1208 -14.30 30.00 71.74
CA LEU A 1208 -13.50 29.58 72.86
C LEU A 1208 -12.62 30.75 73.30
N MET A 1209 -12.26 30.75 74.59
CA MET A 1209 -11.41 31.75 75.21
C MET A 1209 -10.26 31.01 75.89
N LEU A 1210 -9.03 31.36 75.56
CA LEU A 1210 -7.90 30.78 76.29
C LEU A 1210 -7.01 31.92 76.78
N PRO A 1211 -6.72 32.04 78.08
CA PRO A 1211 -7.15 31.11 79.15
C PRO A 1211 -8.53 31.43 79.72
N THR A 1212 -8.93 30.74 80.77
CA THR A 1212 -10.32 30.89 81.23
C THR A 1212 -10.60 32.28 81.76
N GLN A 1213 -11.85 32.70 81.72
CA GLN A 1213 -12.22 34.06 82.08
C GLN A 1213 -13.10 34.15 83.30
N THR A 1214 -14.10 33.27 83.41
CA THR A 1214 -15.03 33.31 84.57
C THR A 1214 -15.23 31.95 85.34
N ILE A 1215 -14.15 31.22 85.53
CA ILE A 1215 -14.19 29.88 86.05
C ILE A 1215 -13.51 29.93 87.41
N SER A 1216 -14.21 29.54 88.46
CA SER A 1216 -13.65 29.59 89.80
C SER A 1216 -12.35 28.83 89.77
N GLN A 1217 -11.39 29.24 90.58
CA GLN A 1217 -10.13 28.48 90.70
C GLN A 1217 -10.26 27.02 91.14
N GLY A 1218 -11.25 26.70 92.00
CA GLY A 1218 -11.47 25.34 92.49
C GLY A 1218 -11.99 24.45 91.37
N ALA A 1219 -12.90 24.99 90.56
CA ALA A 1219 -13.37 24.32 89.34
C ALA A 1219 -12.23 23.90 88.45
N ILE A 1220 -11.28 24.83 88.20
CA ILE A 1220 -10.09 24.48 87.43
C ILE A 1220 -9.38 23.28 88.07
N GLU A 1221 -9.09 23.37 89.37
CA GLU A 1221 -8.40 22.28 90.06
C GLU A 1221 -9.12 20.94 89.89
N LYS A 1222 -10.46 20.97 89.89
CA LYS A 1222 -11.30 19.79 89.70
C LYS A 1222 -11.28 19.25 88.29
N VAL A 1223 -11.30 20.15 87.30
CA VAL A 1223 -11.05 19.80 85.90
C VAL A 1223 -9.67 19.15 85.77
N LYS A 1224 -8.65 19.76 86.35
CA LYS A 1224 -7.30 19.22 86.29
C LYS A 1224 -7.24 17.84 86.90
N ASP A 1225 -7.83 17.69 88.08
CA ASP A 1225 -7.80 16.43 88.80
C ASP A 1225 -8.61 15.32 88.07
N ALA A 1226 -9.74 15.71 87.52
CA ALA A 1226 -10.57 14.78 86.77
C ALA A 1226 -9.78 14.30 85.57
N THR A 1227 -9.06 15.22 84.95
CA THR A 1227 -8.32 14.86 83.76
C THR A 1227 -7.17 13.86 84.08
N ARG A 1228 -6.33 14.19 85.05
CA ARG A 1228 -5.27 13.30 85.55
C ARG A 1228 -5.74 11.83 85.72
N LYS A 1229 -6.97 11.71 86.26
CA LYS A 1229 -7.65 10.44 86.53
C LYS A 1229 -8.13 9.73 85.29
N ILE A 1230 -8.92 10.42 84.48
CA ILE A 1230 -9.32 9.91 83.19
C ILE A 1230 -8.08 9.43 82.41
N ALA A 1231 -7.03 10.24 82.34
CA ALA A 1231 -5.85 9.86 81.59
C ALA A 1231 -5.30 8.53 82.07
N LYS A 1232 -5.21 8.37 83.39
CA LYS A 1232 -4.70 7.13 84.01
C LYS A 1232 -5.66 5.91 83.82
N ALA A 1233 -6.97 6.14 83.87
CA ALA A 1233 -7.95 5.05 83.83
C ALA A 1233 -7.93 4.34 82.48
N PHE A 1234 -7.66 5.12 81.43
CA PHE A 1234 -7.71 4.67 80.06
C PHE A 1234 -6.34 4.54 79.43
N ALA A 1235 -5.28 4.76 80.20
CA ALA A 1235 -3.93 4.42 79.77
C ALA A 1235 -3.50 5.24 78.52
N ILE A 1236 -3.85 6.52 78.52
CA ILE A 1236 -3.75 7.36 77.34
C ILE A 1236 -2.32 7.70 77.04
N SER A 1237 -1.90 7.38 75.81
CA SER A 1237 -0.62 7.80 75.23
C SER A 1237 -0.94 8.38 73.87
N GLY A 1238 -1.17 9.69 73.82
CA GLY A 1238 -1.64 10.34 72.59
C GLY A 1238 -2.45 11.56 72.94
N PRO A 1239 -3.06 12.21 71.95
CA PRO A 1239 -3.85 13.38 72.29
C PRO A 1239 -5.17 12.93 72.86
N PHE A 1240 -5.86 13.82 73.56
CA PHE A 1240 -7.24 13.59 73.95
C PHE A 1240 -7.93 14.84 74.46
N ASN A 1241 -9.25 14.80 74.50
CA ASN A 1241 -10.08 15.94 74.81
C ASN A 1241 -11.15 15.55 75.82
N VAL A 1242 -11.50 16.45 76.74
CA VAL A 1242 -12.60 16.21 77.71
C VAL A 1242 -13.42 17.48 77.83
N GLN A 1243 -14.75 17.36 77.80
CA GLN A 1243 -15.59 18.53 77.98
C GLN A 1243 -16.27 18.50 79.34
N PHE A 1244 -16.39 19.66 79.98
CA PHE A 1244 -16.96 19.80 81.33
C PHE A 1244 -18.04 20.89 81.39
N LEU A 1245 -19.09 20.61 82.18
CA LEU A 1245 -20.00 21.61 82.72
C LEU A 1245 -19.39 22.11 84.00
N VAL A 1246 -19.41 23.41 84.16
CA VAL A 1246 -18.92 24.03 85.36
C VAL A 1246 -19.99 25.02 85.78
N LYS A 1247 -20.47 24.86 87.01
CA LYS A 1247 -21.39 25.79 87.63
C LYS A 1247 -20.91 26.04 89.05
N GLY A 1248 -20.38 27.23 89.29
CA GLY A 1248 -19.80 27.57 90.57
C GLY A 1248 -18.60 26.70 90.82
N ASN A 1249 -18.75 25.76 91.75
CA ASN A 1249 -17.68 24.77 92.01
C ASN A 1249 -18.06 23.36 91.54
N ASP A 1250 -19.22 23.20 90.92
CA ASP A 1250 -19.62 21.90 90.44
C ASP A 1250 -18.99 21.66 89.09
N VAL A 1251 -18.15 20.65 89.00
CA VAL A 1251 -17.60 20.24 87.73
C VAL A 1251 -18.19 18.89 87.31
N LEU A 1252 -18.91 18.85 86.19
CA LEU A 1252 -19.43 17.59 85.67
C LEU A 1252 -18.75 17.31 84.35
N VAL A 1253 -18.34 16.06 84.12
CA VAL A 1253 -17.80 15.69 82.82
C VAL A 1253 -18.96 15.48 81.85
N ILE A 1254 -18.83 16.08 80.66
CA ILE A 1254 -19.84 15.93 79.61
C ILE A 1254 -19.46 14.74 78.75
N GLU A 1255 -18.25 14.72 78.24
CA GLU A 1255 -17.79 13.63 77.42
C GLU A 1255 -16.32 13.75 77.20
N CYS A 1256 -15.75 12.60 76.84
CA CYS A 1256 -14.35 12.41 76.56
C CYS A 1256 -14.18 11.82 75.17
N ASN A 1257 -13.37 12.47 74.34
CA ASN A 1257 -13.02 11.96 73.01
C ASN A 1257 -11.55 11.63 73.08
N LEU A 1258 -11.17 10.39 72.75
CA LEU A 1258 -9.76 9.97 72.84
C LEU A 1258 -9.09 10.21 71.51
N ARG A 1259 -8.93 11.49 71.20
CA ARG A 1259 -8.33 11.94 69.94
C ARG A 1259 -8.07 13.44 70.00
N ALA A 1260 -7.33 13.98 69.03
CA ALA A 1260 -7.24 15.42 68.93
C ALA A 1260 -8.64 15.99 68.64
N SER A 1261 -8.89 17.15 69.24
CA SER A 1261 -10.02 18.00 68.95
C SER A 1261 -9.67 19.11 67.94
N ARG A 1262 -10.72 19.75 67.45
CA ARG A 1262 -10.60 20.91 66.59
C ARG A 1262 -9.86 22.06 67.29
N SER A 1263 -9.82 22.07 68.64
CA SER A 1263 -9.15 23.16 69.35
C SER A 1263 -7.64 22.96 69.48
N PHE A 1264 -7.10 21.87 68.95
CA PHE A 1264 -5.64 21.61 69.09
C PHE A 1264 -4.76 22.64 68.44
N PRO A 1265 -5.09 23.07 67.20
CA PRO A 1265 -4.22 24.11 66.59
C PRO A 1265 -4.19 25.39 67.42
N PHE A 1266 -5.37 25.91 67.75
CA PHE A 1266 -5.58 27.09 68.61
C PHE A 1266 -4.77 27.05 69.89
N VAL A 1267 -4.90 25.96 70.58
CA VAL A 1267 -4.23 25.77 71.85
C VAL A 1267 -2.75 25.82 71.63
N SER A 1268 -2.28 25.20 70.57
CA SER A 1268 -0.86 25.07 70.33
C SER A 1268 -0.24 26.40 69.96
N LYS A 1269 -0.93 27.15 69.12
CA LYS A 1269 -0.41 28.44 68.66
C LYS A 1269 -0.55 29.47 69.76
N THR A 1270 -1.50 29.25 70.69
CA THR A 1270 -1.67 30.15 71.84
C THR A 1270 -0.58 29.89 72.88
N LEU A 1271 -0.34 28.64 73.19
CA LEU A 1271 0.63 28.27 74.22
C LEU A 1271 2.09 28.24 73.76
N GLY A 1272 2.34 28.31 72.46
CA GLY A 1272 3.70 28.14 71.90
C GLY A 1272 4.23 26.70 71.94
N VAL A 1273 3.32 25.71 71.86
CA VAL A 1273 3.68 24.29 71.91
C VAL A 1273 2.75 23.48 71.00
N ASP A 1274 3.32 22.84 69.98
CA ASP A 1274 2.57 22.00 69.11
C ASP A 1274 2.19 20.68 69.82
N PHE A 1275 0.97 20.66 70.35
CA PHE A 1275 0.37 19.46 70.97
C PHE A 1275 0.32 18.22 70.06
N ILE A 1276 0.10 18.42 68.77
CA ILE A 1276 0.04 17.30 67.83
C ILE A 1276 1.43 16.72 67.63
N ASP A 1277 2.46 17.57 67.72
CA ASP A 1277 3.87 17.15 67.63
C ASP A 1277 4.28 16.40 68.89
N VAL A 1278 3.84 16.89 70.04
CA VAL A 1278 4.09 16.22 71.33
C VAL A 1278 3.40 14.86 71.26
N ALA A 1279 2.16 14.85 70.78
CA ALA A 1279 1.36 13.62 70.73
C ALA A 1279 1.95 12.59 69.79
N THR A 1280 2.43 13.05 68.62
CA THR A 1280 2.96 12.12 67.63
C THR A 1280 4.19 11.45 68.17
N LYS A 1281 5.04 12.21 68.83
CA LYS A 1281 6.26 11.63 69.38
C LYS A 1281 5.94 10.54 70.39
N VAL A 1282 5.02 10.85 71.31
CA VAL A 1282 4.54 9.93 72.34
C VAL A 1282 4.02 8.66 71.69
N MET A 1283 3.18 8.83 70.68
CA MET A 1283 2.64 7.71 69.96
C MET A 1283 3.66 6.84 69.28
N ILE A 1284 4.76 7.39 68.76
CA ILE A 1284 5.81 6.54 68.14
C ILE A 1284 6.97 6.14 69.08
N GLY A 1285 6.88 6.51 70.36
CA GLY A 1285 7.92 6.17 71.31
C GLY A 1285 9.19 7.02 71.24
N GLU A 1286 9.13 8.19 70.62
CA GLU A 1286 10.21 9.15 70.69
C GLU A 1286 10.13 9.86 72.04
N ASN A 1287 11.26 10.12 72.69
CA ASN A 1287 11.21 10.82 74.00
C ASN A 1287 10.92 12.31 73.84
N VAL A 1288 10.34 12.87 74.90
CA VAL A 1288 9.88 14.24 74.89
C VAL A 1288 10.23 14.81 76.27
N ASP A 1289 10.91 15.94 76.28
CA ASP A 1289 11.41 16.50 77.50
C ASP A 1289 10.28 17.32 78.08
N GLU A 1290 9.84 16.92 79.28
CA GLU A 1290 8.62 17.46 79.89
C GLU A 1290 8.78 18.79 80.60
N LYS A 1291 9.99 19.32 80.69
CA LYS A 1291 10.25 20.44 81.60
C LYS A 1291 9.50 21.75 81.25
N HIS A 1292 9.38 22.05 79.94
CA HIS A 1292 8.73 23.28 79.44
C HIS A 1292 7.38 23.02 78.77
N LEU A 1293 6.85 21.82 78.93
CA LEU A 1293 5.49 21.49 78.47
C LEU A 1293 4.47 21.91 79.52
N PRO A 1294 3.22 22.22 79.11
CA PRO A 1294 2.22 22.58 80.10
C PRO A 1294 1.59 21.37 80.79
N THR A 1295 2.39 20.70 81.63
CA THR A 1295 1.89 19.62 82.49
C THR A 1295 0.87 20.13 83.51
N LEU A 1296 0.12 19.24 84.13
CA LEU A 1296 -0.86 19.65 85.16
C LEU A 1296 -0.26 20.41 86.37
N ASP A 1297 1.01 20.14 86.69
CA ASP A 1297 1.69 20.73 87.85
C ASP A 1297 2.32 22.09 87.47
N HIS A 1298 2.79 22.21 86.22
CA HIS A 1298 3.25 23.50 85.69
C HIS A 1298 2.57 23.90 84.35
N PRO A 1299 1.34 24.48 84.42
CA PRO A 1299 0.62 24.89 83.22
C PRO A 1299 1.31 26.00 82.54
N ILE A 1300 0.84 26.35 81.35
CA ILE A 1300 1.19 27.58 80.68
C ILE A 1300 -0.07 28.39 80.54
N ILE A 1301 -0.14 29.47 81.33
CA ILE A 1301 -1.21 30.45 81.28
C ILE A 1301 -0.68 31.76 80.71
N PRO A 1302 -1.20 32.17 79.54
CA PRO A 1302 -0.86 33.48 79.02
C PRO A 1302 -1.31 34.61 79.97
N ALA A 1303 -0.39 35.54 80.23
CA ALA A 1303 -0.65 36.67 81.12
C ALA A 1303 -0.95 37.98 80.38
N ASP A 1304 -0.21 38.30 79.32
CA ASP A 1304 -0.35 39.62 78.61
C ASP A 1304 -1.39 39.64 77.49
N TYR A 1305 -1.85 38.45 77.06
CA TYR A 1305 -2.82 38.29 75.97
C TYR A 1305 -3.84 37.18 76.25
N VAL A 1306 -5.04 37.34 75.70
CA VAL A 1306 -6.06 36.30 75.63
C VAL A 1306 -6.20 35.83 74.18
N ALA A 1307 -6.75 34.63 73.96
CA ALA A 1307 -6.98 34.12 72.61
C ALA A 1307 -8.44 33.74 72.43
N ILE A 1308 -8.98 33.98 71.25
CA ILE A 1308 -10.36 33.61 70.94
C ILE A 1308 -10.37 32.76 69.70
N LYS A 1309 -11.09 31.65 69.74
CA LYS A 1309 -11.38 30.85 68.55
C LYS A 1309 -12.85 31.04 68.25
N ALA A 1310 -13.17 31.45 67.02
CA ALA A 1310 -14.52 31.59 66.58
C ALA A 1310 -14.68 30.98 65.20
N PRO A 1311 -15.93 30.72 64.78
CA PRO A 1311 -16.11 30.24 63.41
C PRO A 1311 -15.91 31.35 62.39
N MET A 1312 -15.50 30.98 61.18
CA MET A 1312 -15.26 31.92 60.07
C MET A 1312 -16.55 32.43 59.49
N PHE A 1313 -17.47 31.51 59.17
CA PHE A 1313 -18.78 31.84 58.60
C PHE A 1313 -19.81 31.18 59.50
N SER A 1314 -20.96 31.83 59.63
CA SER A 1314 -22.09 31.30 60.39
C SER A 1314 -23.33 31.66 59.61
N TRP A 1315 -24.38 30.86 59.75
CA TRP A 1315 -25.60 31.09 58.99
C TRP A 1315 -26.81 30.31 59.53
N PRO A 1316 -28.03 30.81 59.27
CA PRO A 1316 -29.19 30.10 59.77
C PRO A 1316 -29.58 28.89 58.90
N ARG A 1317 -30.16 27.87 59.53
CA ARG A 1317 -30.81 26.74 58.88
C ARG A 1317 -32.21 26.67 59.44
N LEU A 1318 -33.17 26.43 58.57
CA LEU A 1318 -34.55 26.11 58.95
C LEU A 1318 -34.55 24.60 59.07
N ARG A 1319 -35.09 24.07 60.16
CA ARG A 1319 -34.90 22.64 60.53
C ARG A 1319 -36.22 22.08 61.12
N ASP A 1320 -36.72 20.88 60.76
CA ASP A 1320 -36.28 19.86 59.75
C ASP A 1320 -37.12 18.60 60.08
N ALA A 1321 -36.92 18.08 61.29
CA ALA A 1321 -37.74 16.99 61.86
C ALA A 1321 -39.15 17.47 62.19
N ASP A 1322 -39.28 18.74 62.58
CA ASP A 1322 -40.58 19.42 62.81
C ASP A 1322 -41.48 18.83 63.92
N PRO A 1323 -40.89 18.35 65.05
CA PRO A 1323 -41.74 18.25 66.24
C PRO A 1323 -42.07 19.66 66.76
N ILE A 1324 -41.05 20.52 66.73
CA ILE A 1324 -41.22 21.96 66.71
C ILE A 1324 -40.45 22.45 65.48
N LEU A 1325 -40.98 23.46 64.79
CA LEU A 1325 -40.19 24.16 63.78
C LEU A 1325 -39.12 24.92 64.55
N ARG A 1326 -37.86 24.68 64.20
CA ARG A 1326 -36.71 25.20 64.94
C ARG A 1326 -35.74 25.89 63.98
N CYS A 1327 -35.45 27.17 64.26
CA CYS A 1327 -34.37 27.88 63.56
C CYS A 1327 -33.07 27.59 64.31
N GLU A 1328 -32.04 27.15 63.59
CA GLU A 1328 -30.73 26.86 64.16
C GLU A 1328 -29.68 27.68 63.46
N MET A 1329 -28.54 27.87 64.12
CA MET A 1329 -27.33 28.32 63.44
C MET A 1329 -26.41 27.14 63.13
N ALA A 1330 -25.68 27.22 62.02
CA ALA A 1330 -24.66 26.24 61.66
C ALA A 1330 -23.38 27.01 61.38
N SER A 1331 -22.22 26.39 61.54
CA SER A 1331 -20.96 27.11 61.31
C SER A 1331 -19.76 26.25 60.93
N THR A 1332 -18.83 26.88 60.22
CA THR A 1332 -17.66 26.19 59.73
C THR A 1332 -16.44 27.13 59.65
N GLY A 1333 -15.26 26.55 59.56
CA GLY A 1333 -14.02 27.33 59.48
C GLY A 1333 -13.60 27.93 60.82
N GLU A 1334 -12.49 28.65 60.81
CA GLU A 1334 -11.85 29.11 62.02
C GLU A 1334 -11.35 30.51 61.83
N VAL A 1335 -11.61 31.35 62.82
CA VAL A 1335 -10.86 32.58 62.98
C VAL A 1335 -10.36 32.61 64.43
N ALA A 1336 -9.10 32.99 64.61
CA ALA A 1336 -8.48 32.93 65.92
C ALA A 1336 -7.51 34.08 66.07
N CYS A 1337 -7.66 34.82 67.17
CA CYS A 1337 -6.89 36.03 67.38
C CYS A 1337 -6.45 36.16 68.81
N PHE A 1338 -5.37 36.92 68.99
CA PHE A 1338 -4.94 37.40 70.29
C PHE A 1338 -5.39 38.84 70.53
N GLY A 1339 -5.52 39.21 71.79
CA GLY A 1339 -5.74 40.62 72.19
C GLY A 1339 -5.22 40.82 73.59
N GLU A 1340 -5.21 42.06 74.10
CA GLU A 1340 -4.77 42.35 75.49
C GLU A 1340 -5.63 41.59 76.48
N GLY A 1341 -6.93 41.59 76.19
CA GLY A 1341 -7.92 40.81 76.93
C GLY A 1341 -8.90 40.26 75.93
N ILE A 1342 -9.87 39.51 76.43
CA ILE A 1342 -10.86 38.85 75.57
C ILE A 1342 -11.67 39.83 74.68
N HIS A 1343 -11.95 41.02 75.22
CA HIS A 1343 -12.78 42.01 74.54
C HIS A 1343 -12.13 42.53 73.26
N THR A 1344 -10.84 42.85 73.29
CA THR A 1344 -10.15 43.28 72.05
C THR A 1344 -9.91 42.08 71.07
N ALA A 1345 -9.62 40.89 71.58
CA ALA A 1345 -9.48 39.71 70.72
C ALA A 1345 -10.79 39.41 69.96
N PHE A 1346 -11.91 39.50 70.66
CA PHE A 1346 -13.23 39.33 70.05
C PHE A 1346 -13.54 40.38 68.98
N LEU A 1347 -13.10 41.61 69.18
CA LEU A 1347 -13.28 42.65 68.16
C LEU A 1347 -12.32 42.45 66.98
N LYS A 1348 -11.12 41.93 67.25
CA LYS A 1348 -10.20 41.53 66.19
C LYS A 1348 -10.77 40.33 65.41
N ALA A 1349 -11.30 39.35 66.14
CA ALA A 1349 -12.01 38.25 65.49
C ALA A 1349 -13.07 38.82 64.52
N MET A 1350 -13.88 39.74 65.03
CA MET A 1350 -14.95 40.33 64.22
C MET A 1350 -14.39 40.97 62.94
N LEU A 1351 -13.33 41.74 63.09
CA LEU A 1351 -12.70 42.35 61.93
C LEU A 1351 -12.14 41.30 60.99
N SER A 1352 -11.62 40.22 61.57
CA SER A 1352 -10.94 39.16 60.82
C SER A 1352 -11.87 38.23 60.05
N THR A 1353 -13.15 38.17 60.42
CA THR A 1353 -14.16 37.47 59.61
C THR A 1353 -14.71 38.39 58.53
N GLY A 1354 -14.10 39.55 58.31
CA GLY A 1354 -14.54 40.51 57.27
C GLY A 1354 -15.65 41.48 57.65
N PHE A 1355 -15.99 41.57 58.93
CA PHE A 1355 -17.03 42.48 59.34
C PHE A 1355 -16.44 43.85 59.68
N LYS A 1356 -17.31 44.87 59.60
CA LYS A 1356 -17.06 46.23 60.10
C LYS A 1356 -17.61 46.27 61.52
N ILE A 1357 -16.82 46.73 62.50
CA ILE A 1357 -17.29 46.86 63.90
C ILE A 1357 -18.53 47.79 63.98
N PRO A 1358 -19.66 47.28 64.50
CA PRO A 1358 -20.90 48.05 64.51
C PRO A 1358 -20.76 49.39 65.21
N GLN A 1359 -21.45 50.41 64.67
CA GLN A 1359 -21.49 51.74 65.30
C GLN A 1359 -22.80 52.54 65.23
N LYS A 1360 -23.69 52.28 64.26
CA LYS A 1360 -24.92 53.11 64.05
C LYS A 1360 -26.13 52.61 64.81
N GLY A 1361 -26.57 51.39 64.50
CA GLY A 1361 -27.82 50.86 65.06
C GLY A 1361 -27.87 49.35 65.17
N ILE A 1362 -28.75 48.88 66.05
CA ILE A 1362 -28.79 47.50 66.45
C ILE A 1362 -30.21 47.01 66.47
N LEU A 1363 -30.52 46.03 65.65
CA LEU A 1363 -31.81 45.34 65.71
C LEU A 1363 -31.80 44.39 66.89
N ILE A 1364 -32.84 44.47 67.72
CA ILE A 1364 -32.92 43.65 68.91
C ILE A 1364 -34.11 42.73 68.85
N GLY A 1365 -33.83 41.44 68.67
CA GLY A 1365 -34.86 40.40 68.69
C GLY A 1365 -34.65 39.47 69.86
N ILE A 1366 -35.55 39.52 70.83
CA ILE A 1366 -35.51 38.62 71.97
C ILE A 1366 -36.87 37.97 72.25
N GLN A 1367 -36.86 36.93 73.06
CA GLN A 1367 -38.07 36.27 73.52
C GLN A 1367 -38.74 37.17 74.56
N GLN A 1368 -40.06 37.20 74.58
CA GLN A 1368 -40.80 38.03 75.55
C GLN A 1368 -40.39 37.70 76.99
N SER A 1369 -40.22 36.41 77.32
CA SER A 1369 -39.82 36.00 78.69
C SER A 1369 -38.40 36.41 79.09
N PHE A 1370 -37.53 36.63 78.11
CA PHE A 1370 -36.15 37.08 78.33
C PHE A 1370 -35.97 38.59 78.58
N ARG A 1371 -37.05 39.37 78.60
CA ARG A 1371 -36.95 40.83 78.74
C ARG A 1371 -36.25 41.34 80.02
N PRO A 1372 -36.69 40.83 81.17
CA PRO A 1372 -36.04 41.25 82.40
C PRO A 1372 -34.55 41.06 82.35
N ARG A 1373 -34.09 39.92 81.85
CA ARG A 1373 -32.66 39.64 81.77
C ARG A 1373 -31.91 40.39 80.68
N PHE A 1374 -32.61 40.97 79.71
CA PHE A 1374 -31.97 41.67 78.60
C PHE A 1374 -31.87 43.20 78.79
N LEU A 1375 -32.87 43.79 79.44
CA LEU A 1375 -32.96 45.26 79.59
C LEU A 1375 -31.62 45.95 79.92
N GLY A 1376 -30.80 45.32 80.76
CA GLY A 1376 -29.53 45.89 81.18
C GLY A 1376 -28.60 46.11 80.01
N VAL A 1377 -28.40 45.04 79.24
CA VAL A 1377 -27.59 45.07 78.02
C VAL A 1377 -28.14 46.10 77.05
N ALA A 1378 -29.46 46.12 76.86
CA ALA A 1378 -30.06 47.09 75.93
C ALA A 1378 -29.75 48.56 76.29
N GLU A 1379 -29.93 48.96 77.56
CA GLU A 1379 -29.56 50.31 78.05
C GLU A 1379 -28.08 50.58 77.82
N GLN A 1380 -27.27 49.60 78.19
CA GLN A 1380 -25.82 49.65 78.02
C GLN A 1380 -25.44 49.98 76.58
N LEU A 1381 -26.09 49.30 75.65
CA LEU A 1381 -25.87 49.52 74.22
C LEU A 1381 -26.35 50.89 73.77
N HIS A 1382 -27.54 51.30 74.21
CA HIS A 1382 -28.04 52.67 73.99
C HIS A 1382 -27.10 53.75 74.57
N ASN A 1383 -26.54 53.51 75.74
CA ASN A 1383 -25.57 54.43 76.34
C ASN A 1383 -24.28 54.60 75.54
N GLU A 1384 -23.88 53.58 74.75
CA GLU A 1384 -22.67 53.72 73.91
C GLU A 1384 -22.96 54.49 72.60
N GLY A 1385 -24.20 54.95 72.44
CA GLY A 1385 -24.61 55.74 71.27
C GLY A 1385 -25.30 54.96 70.15
N PHE A 1386 -25.70 53.71 70.41
CA PHE A 1386 -26.39 52.90 69.41
C PHE A 1386 -27.87 53.21 69.41
N LYS A 1387 -28.44 53.30 68.22
CA LYS A 1387 -29.87 53.43 68.06
C LYS A 1387 -30.42 52.01 68.04
N LEU A 1388 -31.44 51.75 68.85
CA LEU A 1388 -32.01 50.42 68.94
C LEU A 1388 -33.25 50.33 68.06
N PHE A 1389 -33.30 49.25 67.29
CA PHE A 1389 -34.50 48.86 66.58
C PHE A 1389 -35.02 47.58 67.20
N ALA A 1390 -36.33 47.42 67.17
CA ALA A 1390 -36.93 46.17 67.54
C ALA A 1390 -38.30 46.08 66.88
N THR A 1391 -38.95 44.94 67.00
CA THR A 1391 -40.32 44.77 66.54
C THR A 1391 -41.20 45.37 67.63
N GLU A 1392 -42.46 45.64 67.28
CA GLU A 1392 -43.29 46.67 67.96
C GLU A 1392 -43.51 46.41 69.43
N ALA A 1393 -43.78 45.16 69.79
CA ALA A 1393 -43.98 44.79 71.19
C ALA A 1393 -42.72 45.06 72.03
N THR A 1394 -41.54 44.72 71.47
CA THR A 1394 -40.25 44.90 72.17
C THR A 1394 -39.90 46.37 72.24
N SER A 1395 -39.94 47.02 71.09
CA SER A 1395 -39.67 48.48 70.97
C SER A 1395 -40.51 49.29 71.95
N ASP A 1396 -41.79 48.98 72.01
CA ASP A 1396 -42.67 49.62 72.97
C ASP A 1396 -42.13 49.43 74.36
N TRP A 1397 -41.93 48.17 74.73
CA TRP A 1397 -41.46 47.82 76.09
C TRP A 1397 -40.11 48.45 76.46
N LEU A 1398 -39.16 48.52 75.53
CA LEU A 1398 -37.89 49.23 75.76
C LEU A 1398 -38.14 50.70 76.00
N ASN A 1399 -38.99 51.30 75.15
CA ASN A 1399 -39.37 52.71 75.29
C ASN A 1399 -40.10 52.94 76.60
N ALA A 1400 -41.04 52.06 76.93
CA ALA A 1400 -41.70 52.07 78.22
C ALA A 1400 -40.72 52.12 79.43
N ASN A 1401 -39.56 51.47 79.32
CA ASN A 1401 -38.55 51.50 80.40
C ASN A 1401 -37.51 52.63 80.22
N ASN A 1402 -37.84 53.66 79.45
CA ASN A 1402 -36.90 54.73 79.08
C ASN A 1402 -35.64 54.26 78.35
N VAL A 1403 -35.78 53.31 77.42
CA VAL A 1403 -34.70 52.98 76.49
C VAL A 1403 -35.18 53.24 75.04
N PRO A 1404 -34.79 54.38 74.46
CA PRO A 1404 -35.27 54.75 73.12
C PRO A 1404 -35.10 53.64 72.10
N ALA A 1405 -36.13 53.42 71.29
CA ALA A 1405 -36.10 52.37 70.30
C ALA A 1405 -37.14 52.63 69.23
N THR A 1406 -36.78 52.31 67.99
CA THR A 1406 -37.67 52.50 66.87
C THR A 1406 -38.36 51.19 66.56
N PRO A 1407 -39.70 51.19 66.44
CA PRO A 1407 -40.43 50.05 65.89
C PRO A 1407 -40.08 49.71 64.44
N VAL A 1408 -39.90 48.42 64.18
CA VAL A 1408 -39.78 47.87 62.83
C VAL A 1408 -40.79 46.72 62.68
N ALA A 1409 -40.80 46.12 61.49
CA ALA A 1409 -41.78 45.15 61.11
C ALA A 1409 -41.17 43.76 60.91
N TRP A 1410 -41.92 42.74 61.32
CA TRP A 1410 -41.56 41.36 60.99
C TRP A 1410 -41.58 41.19 59.48
N PRO A 1411 -40.64 40.40 58.91
CA PRO A 1411 -40.57 40.35 57.44
C PRO A 1411 -41.80 39.77 56.77
N SER A 1412 -42.51 38.86 57.45
CA SER A 1412 -43.82 38.39 56.99
C SER A 1412 -44.72 39.59 56.74
N GLN A 1413 -44.89 40.43 57.76
CA GLN A 1413 -45.80 41.58 57.72
C GLN A 1413 -45.32 42.85 56.96
N GLU A 1414 -44.26 42.74 56.14
CA GLU A 1414 -43.87 43.82 55.21
C GLU A 1414 -44.98 44.13 54.18
N GLY A 1415 -45.25 45.43 53.97
CA GLY A 1415 -46.37 45.92 53.14
C GLY A 1415 -47.62 46.41 53.89
N GLN A 1416 -47.87 45.82 55.08
CA GLN A 1416 -49.15 45.96 55.82
C GLN A 1416 -49.14 47.04 56.91
N ASN A 1417 -48.14 47.92 56.90
CA ASN A 1417 -48.00 48.92 57.95
C ASN A 1417 -46.87 49.88 57.54
N PRO A 1418 -47.20 50.92 56.74
CA PRO A 1418 -46.16 51.84 56.24
C PRO A 1418 -45.55 52.84 57.27
N SER A 1419 -46.10 52.91 58.48
CA SER A 1419 -45.43 53.61 59.58
C SER A 1419 -44.11 52.91 59.99
N LEU A 1420 -44.07 51.57 59.86
CA LEU A 1420 -42.89 50.76 60.26
C LEU A 1420 -41.97 50.51 59.08
N SER A 1421 -40.69 50.84 59.24
CA SER A 1421 -39.70 50.57 58.20
C SER A 1421 -39.40 49.07 58.17
N SER A 1422 -39.13 48.53 56.99
CA SER A 1422 -38.74 47.12 56.86
C SER A 1422 -37.28 46.96 57.26
N ILE A 1423 -36.94 45.77 57.78
CA ILE A 1423 -35.56 45.47 58.19
C ILE A 1423 -34.60 45.48 56.99
N ARG A 1424 -35.06 45.01 55.83
CA ARG A 1424 -34.22 45.03 54.63
C ARG A 1424 -33.88 46.48 54.28
N LYS A 1425 -34.85 47.39 54.37
CA LYS A 1425 -34.58 48.83 54.09
C LYS A 1425 -33.60 49.42 55.09
N LEU A 1426 -33.85 49.21 56.38
CA LEU A 1426 -32.96 49.72 57.43
C LEU A 1426 -31.54 49.12 57.38
N ILE A 1427 -31.39 47.91 56.81
CA ILE A 1427 -30.07 47.32 56.57
C ILE A 1427 -29.42 47.82 55.25
N ARG A 1428 -30.22 48.01 54.19
CA ARG A 1428 -29.75 48.67 52.96
C ARG A 1428 -29.32 50.11 53.27
N ASP A 1429 -30.22 50.87 53.89
CA ASP A 1429 -29.96 52.20 54.54
C ASP A 1429 -28.57 52.36 55.13
N GLY A 1430 -28.20 51.40 55.96
CA GLY A 1430 -27.04 51.49 56.85
C GLY A 1430 -27.39 51.89 58.28
N SER A 1431 -28.69 51.90 58.62
CA SER A 1431 -29.16 52.27 59.98
C SER A 1431 -28.84 51.15 60.94
N ILE A 1432 -29.13 49.93 60.48
CA ILE A 1432 -28.88 48.71 61.22
C ILE A 1432 -27.56 48.13 60.71
N ASP A 1433 -26.57 48.04 61.59
CA ASP A 1433 -25.30 47.34 61.29
C ASP A 1433 -24.90 46.28 62.34
N LEU A 1434 -25.89 45.76 63.06
CA LEU A 1434 -25.76 44.59 63.90
C LEU A 1434 -27.14 44.06 64.22
N VAL A 1435 -27.39 42.79 63.97
CA VAL A 1435 -28.59 42.12 64.45
C VAL A 1435 -28.23 41.29 65.71
N ILE A 1436 -29.08 41.37 66.72
CA ILE A 1436 -29.04 40.49 67.89
C ILE A 1436 -30.33 39.71 67.75
N ASN A 1437 -30.24 38.37 67.72
CA ASN A 1437 -31.45 37.53 67.50
C ASN A 1437 -31.34 36.26 68.32
N LEU A 1438 -31.80 36.32 69.57
CA LEU A 1438 -31.60 35.23 70.54
C LEU A 1438 -32.71 34.20 70.43
N PRO A 1439 -32.43 32.94 70.82
CA PRO A 1439 -33.42 31.88 70.60
C PRO A 1439 -34.83 32.27 71.04
N ASN A 1440 -35.77 32.14 70.10
CA ASN A 1440 -37.16 32.50 70.28
C ASN A 1440 -37.92 31.21 70.03
N ASN A 1441 -38.45 30.62 71.09
CA ASN A 1441 -39.16 29.35 70.98
C ASN A 1441 -40.62 29.52 70.48
N ASN A 1442 -41.12 30.75 70.42
CA ASN A 1442 -42.45 31.06 69.86
C ASN A 1442 -42.57 30.62 68.38
N THR A 1443 -43.32 29.53 68.16
CA THR A 1443 -43.46 28.89 66.82
C THR A 1443 -44.10 29.78 65.76
N LYS A 1444 -44.86 30.79 66.19
CA LYS A 1444 -45.41 31.77 65.26
C LYS A 1444 -44.30 32.48 64.49
N PHE A 1445 -43.26 32.93 65.21
CA PHE A 1445 -42.24 33.79 64.63
C PHE A 1445 -40.93 33.08 64.27
N VAL A 1446 -40.97 31.75 64.14
CA VAL A 1446 -39.79 31.01 63.73
C VAL A 1446 -39.34 31.30 62.28
N HIS A 1447 -40.24 31.31 61.30
CA HIS A 1447 -39.82 31.62 59.91
C HIS A 1447 -39.38 33.07 59.81
N ASP A 1448 -39.98 33.95 60.60
CA ASP A 1448 -39.56 35.35 60.63
C ASP A 1448 -38.14 35.51 61.19
N ASN A 1449 -37.88 34.87 62.33
CA ASN A 1449 -36.55 34.90 62.92
C ASN A 1449 -35.48 34.25 62.05
N TYR A 1450 -35.85 33.18 61.31
CA TYR A 1450 -35.01 32.63 60.22
C TYR A 1450 -34.66 33.70 59.18
N VAL A 1451 -35.67 34.45 58.75
CA VAL A 1451 -35.48 35.45 57.70
C VAL A 1451 -34.61 36.60 58.20
N ILE A 1452 -34.90 37.09 59.41
CA ILE A 1452 -34.12 38.21 59.97
C ILE A 1452 -32.63 37.80 59.98
N ARG A 1453 -32.37 36.60 60.53
CA ARG A 1453 -31.05 36.02 60.53
C ARG A 1453 -30.48 35.96 59.12
N ARG A 1454 -31.22 35.34 58.21
CA ARG A 1454 -30.80 35.21 56.81
C ARG A 1454 -30.42 36.54 56.16
N THR A 1455 -31.22 37.58 56.42
CA THR A 1455 -30.97 38.91 55.87
C THR A 1455 -29.62 39.44 56.35
N ALA A 1456 -29.41 39.37 57.66
CA ALA A 1456 -28.17 39.81 58.30
C ALA A 1456 -26.94 39.15 57.68
N VAL A 1457 -27.00 37.85 57.49
CA VAL A 1457 -25.82 37.11 57.03
C VAL A 1457 -25.51 37.49 55.58
N ASP A 1458 -26.52 37.39 54.71
CA ASP A 1458 -26.41 37.74 53.28
C ASP A 1458 -26.12 39.23 53.02
N SER A 1459 -26.56 40.11 53.92
CA SER A 1459 -26.16 41.54 53.87
C SER A 1459 -24.72 41.78 54.36
N GLY A 1460 -24.16 40.83 55.13
CA GLY A 1460 -22.80 40.96 55.64
C GLY A 1460 -22.61 41.84 56.87
N ILE A 1461 -23.67 42.08 57.64
CA ILE A 1461 -23.60 42.68 59.00
C ILE A 1461 -23.56 41.58 60.08
N PRO A 1462 -22.80 41.79 61.16
CA PRO A 1462 -22.66 40.74 62.16
C PRO A 1462 -23.97 40.36 62.88
N LEU A 1463 -24.14 39.05 63.15
CA LEU A 1463 -25.35 38.46 63.75
C LEU A 1463 -24.94 37.79 65.03
N LEU A 1464 -25.63 38.14 66.12
CA LEU A 1464 -25.41 37.57 67.43
C LEU A 1464 -26.64 36.80 67.83
N THR A 1465 -26.44 35.55 68.21
CA THR A 1465 -27.55 34.66 68.54
C THR A 1465 -27.51 34.06 69.95
N ASN A 1466 -26.53 34.50 70.74
CA ASN A 1466 -26.34 34.04 72.09
C ASN A 1466 -26.20 35.25 73.02
N PHE A 1467 -26.86 35.21 74.19
CA PHE A 1467 -26.83 36.33 75.13
C PHE A 1467 -25.43 36.64 75.71
N GLN A 1468 -24.59 35.62 75.93
CA GLN A 1468 -23.24 35.86 76.45
C GLN A 1468 -22.34 36.48 75.36
N VAL A 1469 -22.50 36.05 74.11
CA VAL A 1469 -21.78 36.68 73.03
C VAL A 1469 -22.25 38.13 72.92
N THR A 1470 -23.55 38.36 73.12
CA THR A 1470 -24.10 39.71 73.08
C THR A 1470 -23.48 40.56 74.20
N LYS A 1471 -23.46 40.04 75.42
CA LYS A 1471 -22.84 40.76 76.52
C LYS A 1471 -21.37 41.08 76.19
N LEU A 1472 -20.61 40.07 75.79
CA LEU A 1472 -19.17 40.24 75.45
C LEU A 1472 -18.97 41.36 74.43
N PHE A 1473 -19.91 41.52 73.48
CA PHE A 1473 -19.81 42.61 72.50
C PHE A 1473 -20.06 43.99 73.15
N ALA A 1474 -21.13 44.07 73.94
CA ALA A 1474 -21.53 45.30 74.63
C ALA A 1474 -20.41 45.85 75.48
N GLU A 1475 -19.78 44.96 76.23
CA GLU A 1475 -18.69 45.33 77.11
C GLU A 1475 -17.52 45.79 76.26
N ALA A 1476 -17.37 45.20 75.07
CA ALA A 1476 -16.22 45.43 74.19
C ALA A 1476 -16.22 46.79 73.56
N VAL A 1477 -17.38 47.22 73.09
CA VAL A 1477 -17.49 48.56 72.50
C VAL A 1477 -17.31 49.65 73.53
N GLN A 1478 -17.85 49.46 74.75
CA GLN A 1478 -17.58 50.38 75.88
C GLN A 1478 -16.07 50.60 76.09
N LYS A 1479 -15.32 49.48 76.23
CA LYS A 1479 -13.82 49.45 76.33
C LYS A 1479 -13.08 50.26 75.23
N SER A 1480 -13.38 49.96 73.97
CA SER A 1480 -12.84 50.71 72.82
C SER A 1480 -13.65 52.00 72.59
N SER A 1485 -9.66 51.06 64.30
CA SER A 1485 -9.36 49.64 64.08
C SER A 1485 -7.84 49.31 64.06
N LYS A 1486 -6.97 50.31 63.87
CA LYS A 1486 -5.52 50.10 63.93
C LYS A 1486 -4.90 50.37 65.34
N SER A 1487 -5.75 50.59 66.35
CA SER A 1487 -5.33 50.55 67.79
C SER A 1487 -4.90 49.10 68.20
N LEU A 1488 -5.76 48.13 67.86
CA LEU A 1488 -5.80 46.80 68.46
C LEU A 1488 -4.67 45.84 67.99
N PHE A 1489 -4.24 45.99 66.74
CA PHE A 1489 -3.12 45.22 66.17
C PHE A 1489 -1.80 45.97 66.42
N HIS A 1490 -1.79 47.28 66.11
CA HIS A 1490 -0.62 48.19 66.21
C HIS A 1490 0.73 47.49 66.56
N TYR A 1491 1.28 46.79 65.57
CA TYR A 1491 2.47 45.88 65.65
C TYR A 1491 2.96 45.44 67.06
N ARG A 1492 2.02 45.01 67.90
CA ARG A 1492 2.28 44.59 69.29
C ARG A 1492 2.49 43.06 69.33
N GLN A 1493 3.38 42.59 70.22
CA GLN A 1493 3.87 41.19 70.18
C GLN A 1493 3.30 40.19 71.23
N TYR A 1494 3.25 38.92 70.83
CA TYR A 1494 2.45 37.86 71.48
C TYR A 1494 3.19 36.49 71.53
N SER A 1495 2.44 35.45 71.92
CA SER A 1495 2.61 34.01 71.53
C SER A 1495 3.32 33.05 72.52
N ALA A 1496 3.26 33.34 73.82
CA ALA A 1496 3.73 32.42 74.88
C ALA A 1496 3.12 32.74 76.27
N ALA B 43 31.49 7.54 -27.07
CA ALA B 43 30.83 6.99 -25.84
C ALA B 43 31.78 6.11 -25.05
N GLN B 44 31.42 5.86 -23.81
CA GLN B 44 32.29 5.19 -22.85
C GLN B 44 32.45 3.71 -23.17
N THR B 45 33.68 3.21 -23.04
CA THR B 45 33.99 1.82 -23.39
C THR B 45 34.44 1.06 -22.15
N ALA B 46 34.43 -0.26 -22.26
CA ALA B 46 34.88 -1.14 -21.19
C ALA B 46 35.21 -2.52 -21.71
N HIS B 47 35.95 -3.27 -20.91
CA HIS B 47 36.37 -4.59 -21.31
C HIS B 47 35.74 -5.64 -20.40
N ILE B 48 35.35 -6.76 -20.99
CA ILE B 48 35.07 -7.97 -20.25
C ILE B 48 36.36 -8.75 -20.33
N VAL B 49 36.95 -9.00 -19.16
CA VAL B 49 38.19 -9.73 -19.03
C VAL B 49 37.89 -11.01 -18.24
N LEU B 50 38.17 -12.17 -18.83
CA LEU B 50 38.04 -13.46 -18.15
C LEU B 50 39.38 -13.83 -17.48
N GLU B 51 39.36 -14.67 -16.45
CA GLU B 51 40.63 -15.04 -15.81
C GLU B 51 41.55 -15.86 -16.72
N ASP B 52 41.03 -16.44 -17.81
CA ASP B 52 41.89 -17.15 -18.76
C ASP B 52 42.69 -16.23 -19.72
N GLY B 53 42.51 -14.92 -19.63
CA GLY B 53 43.20 -13.96 -20.47
C GLY B 53 42.34 -13.37 -21.58
N THR B 54 41.18 -13.96 -21.85
CA THR B 54 40.25 -13.47 -22.86
C THR B 54 39.78 -12.08 -22.57
N LYS B 55 39.84 -11.20 -23.57
CA LYS B 55 39.43 -9.80 -23.47
C LYS B 55 38.51 -9.46 -24.64
N MET B 56 37.47 -8.68 -24.37
CA MET B 56 36.61 -8.16 -25.44
C MET B 56 36.25 -6.73 -25.11
N LYS B 57 36.65 -5.80 -25.97
CA LYS B 57 36.31 -4.40 -25.79
C LYS B 57 34.83 -4.21 -26.15
N GLY B 58 34.10 -3.43 -25.34
CA GLY B 58 32.68 -3.23 -25.55
C GLY B 58 32.27 -1.83 -25.16
N TYR B 59 31.07 -1.46 -25.56
CA TYR B 59 30.51 -0.17 -25.22
C TYR B 59 29.62 -0.27 -23.98
N SER B 60 29.80 0.65 -23.02
CA SER B 60 28.91 0.78 -21.86
C SER B 60 27.51 1.27 -22.20
N PHE B 61 26.53 0.61 -21.64
CA PHE B 61 25.18 1.14 -21.62
C PHE B 61 24.53 1.19 -20.24
N GLY B 62 25.08 0.46 -19.27
CA GLY B 62 24.71 0.62 -17.86
C GLY B 62 25.57 1.60 -17.03
N HIS B 63 25.76 1.24 -15.77
CA HIS B 63 26.47 2.08 -14.86
C HIS B 63 27.95 2.00 -15.16
N PRO B 64 28.63 3.17 -15.34
CA PRO B 64 29.97 3.18 -15.85
C PRO B 64 31.04 2.96 -14.77
N SER B 65 30.98 1.78 -14.15
CA SER B 65 31.88 1.39 -13.05
C SER B 65 32.20 -0.08 -13.19
N SER B 66 33.29 -0.51 -12.58
CA SER B 66 33.78 -1.90 -12.73
C SER B 66 33.15 -2.82 -11.71
N VAL B 67 33.09 -4.10 -12.07
CA VAL B 67 32.55 -5.14 -11.21
C VAL B 67 33.10 -6.50 -11.64
N ALA B 68 33.28 -7.40 -10.68
CA ALA B 68 33.71 -8.76 -10.96
C ALA B 68 32.72 -9.80 -10.44
N GLY B 69 32.87 -11.02 -10.93
CA GLY B 69 32.02 -12.13 -10.48
C GLY B 69 32.31 -13.43 -11.19
N GLU B 70 31.28 -14.26 -11.29
CA GLU B 70 31.31 -15.46 -12.11
C GLU B 70 30.58 -15.11 -13.39
N VAL B 71 31.18 -15.45 -14.54
CA VAL B 71 30.55 -15.20 -15.83
C VAL B 71 29.78 -16.46 -16.19
N VAL B 72 28.50 -16.30 -16.49
CA VAL B 72 27.62 -17.38 -16.90
C VAL B 72 26.91 -17.02 -18.20
N PHE B 73 26.27 -18.00 -18.83
CA PHE B 73 25.36 -17.69 -19.93
C PHE B 73 24.03 -18.40 -19.68
N ASN B 74 22.94 -17.77 -20.13
CA ASN B 74 21.65 -18.38 -20.20
C ASN B 74 21.17 -18.27 -21.67
N THR B 75 20.72 -19.41 -22.23
CA THR B 75 20.29 -19.48 -23.65
C THR B 75 18.82 -19.05 -23.87
N GLY B 76 18.15 -18.61 -22.81
CA GLY B 76 16.79 -18.13 -22.91
C GLY B 76 16.75 -16.87 -23.73
N LEU B 77 15.85 -16.78 -24.67
CA LEU B 77 15.85 -15.67 -25.58
C LEU B 77 14.98 -14.53 -25.09
N GLY B 78 13.86 -14.85 -24.46
CA GLY B 78 12.87 -13.84 -24.11
C GLY B 78 12.88 -13.53 -22.64
N GLY B 79 12.14 -12.48 -22.28
CA GLY B 79 12.01 -12.01 -20.90
C GLY B 79 13.26 -11.49 -20.23
N TYR B 80 14.05 -10.67 -20.91
CA TYR B 80 15.23 -10.09 -20.24
C TYR B 80 14.85 -9.31 -18.97
N PRO B 81 13.75 -8.51 -18.99
CA PRO B 81 13.54 -7.77 -17.75
C PRO B 81 13.28 -8.69 -16.55
N GLU B 82 12.46 -9.72 -16.74
CA GLU B 82 12.27 -10.75 -15.69
C GLU B 82 13.53 -11.55 -15.36
N ALA B 83 14.33 -11.81 -16.40
CA ALA B 83 15.54 -12.61 -16.24
C ALA B 83 16.57 -11.92 -15.33
N ILE B 84 16.80 -10.63 -15.55
CA ILE B 84 17.84 -9.93 -14.81
C ILE B 84 17.47 -9.66 -13.34
N THR B 85 16.17 -9.76 -13.00
CA THR B 85 15.74 -9.64 -11.61
C THR B 85 15.59 -11.00 -10.90
N ASP B 86 16.33 -12.01 -11.36
CA ASP B 86 16.32 -13.36 -10.81
C ASP B 86 17.42 -13.41 -9.75
N PRO B 87 17.06 -13.61 -8.47
CA PRO B 87 18.00 -13.85 -7.40
C PRO B 87 19.11 -14.87 -7.67
N ALA B 88 18.90 -15.86 -8.55
CA ALA B 88 20.02 -16.79 -8.86
C ALA B 88 21.26 -16.15 -9.51
N TYR B 89 21.13 -14.98 -10.12
CA TYR B 89 22.29 -14.33 -10.73
C TYR B 89 23.12 -13.51 -9.76
N LYS B 90 22.74 -13.45 -8.46
CA LYS B 90 23.50 -12.67 -7.44
C LYS B 90 24.96 -12.98 -7.54
N GLY B 91 25.80 -11.94 -7.70
CA GLY B 91 27.25 -12.11 -7.85
C GLY B 91 27.77 -12.55 -9.24
N GLN B 92 26.86 -12.76 -10.21
CA GLN B 92 27.21 -13.26 -11.56
C GLN B 92 27.08 -12.19 -12.68
N ILE B 93 28.02 -12.20 -13.61
CA ILE B 93 27.93 -11.41 -14.82
C ILE B 93 27.28 -12.29 -15.90
N LEU B 94 26.14 -11.83 -16.40
CA LEU B 94 25.27 -12.64 -17.23
C LEU B 94 25.51 -12.36 -18.70
N THR B 95 26.00 -13.38 -19.40
CA THR B 95 26.19 -13.32 -20.85
C THR B 95 24.90 -13.78 -21.50
N MET B 96 24.26 -12.88 -22.25
CA MET B 96 22.99 -13.17 -22.91
C MET B 96 23.15 -13.86 -24.27
N ALA B 97 22.40 -14.92 -24.51
CA ALA B 97 22.48 -15.60 -25.76
C ALA B 97 21.85 -14.78 -26.85
N ASN B 98 20.61 -14.33 -26.60
CA ASN B 98 19.87 -13.48 -27.52
C ASN B 98 20.73 -12.25 -27.88
N PRO B 99 21.02 -12.07 -29.17
CA PRO B 99 21.91 -10.96 -29.51
C PRO B 99 21.25 -9.55 -29.55
N ILE B 100 19.93 -9.45 -29.39
CA ILE B 100 19.22 -8.17 -29.56
C ILE B 100 18.45 -7.83 -28.27
N ILE B 101 19.16 -7.27 -27.30
CA ILE B 101 18.61 -6.97 -25.98
C ILE B 101 18.09 -5.52 -25.85
N GLY B 102 16.96 -5.35 -25.16
CA GLY B 102 16.47 -4.01 -24.81
C GLY B 102 15.34 -3.47 -25.65
N ASN B 103 14.74 -4.34 -26.47
CA ASN B 103 13.72 -3.92 -27.43
C ASN B 103 12.43 -3.44 -26.76
N GLY B 104 12.12 -4.00 -25.58
CA GLY B 104 11.01 -3.55 -24.76
C GLY B 104 11.26 -2.45 -23.73
N GLY B 105 12.49 -1.93 -23.67
CA GLY B 105 12.84 -0.98 -22.63
C GLY B 105 12.81 -1.71 -21.31
N ALA B 106 12.52 -0.99 -20.23
CA ALA B 106 12.21 -1.59 -18.94
C ALA B 106 10.78 -1.26 -18.68
N PRO B 107 10.06 -2.15 -17.96
CA PRO B 107 8.67 -1.83 -17.62
C PRO B 107 8.60 -0.89 -16.42
N ASP B 108 7.39 -0.55 -15.97
CA ASP B 108 7.26 0.26 -14.76
C ASP B 108 7.86 -0.49 -13.55
N THR B 109 9.10 -0.14 -13.18
CA THR B 109 9.81 -0.90 -12.13
C THR B 109 9.46 -0.46 -10.71
N THR B 110 8.72 0.64 -10.57
CA THR B 110 8.24 1.14 -9.28
C THR B 110 6.84 0.58 -8.92
N ALA B 111 6.16 -0.08 -9.85
CA ALA B 111 4.76 -0.47 -9.65
C ALA B 111 4.70 -1.78 -8.94
N LEU B 112 3.62 -1.98 -8.19
CA LEU B 112 3.46 -3.11 -7.27
C LEU B 112 2.19 -3.84 -7.52
N ASP B 113 2.17 -5.17 -7.40
CA ASP B 113 0.91 -5.90 -7.60
C ASP B 113 -0.02 -5.83 -6.37
N GLU B 114 -1.20 -6.42 -6.51
CA GLU B 114 -2.19 -6.66 -5.42
C GLU B 114 -1.57 -7.16 -4.10
N LEU B 115 -0.48 -7.96 -4.17
CA LEU B 115 0.19 -8.52 -3.00
C LEU B 115 1.44 -7.75 -2.52
N GLY B 116 1.68 -6.56 -3.08
CA GLY B 116 2.84 -5.77 -2.70
C GLY B 116 4.17 -6.37 -3.13
N LEU B 117 4.14 -7.20 -4.18
CA LEU B 117 5.33 -7.68 -4.84
C LEU B 117 5.49 -6.84 -6.07
N SER B 118 6.71 -6.84 -6.61
CA SER B 118 7.00 -6.07 -7.82
C SER B 118 6.13 -6.56 -8.97
N LYS B 119 5.28 -5.70 -9.48
CA LYS B 119 4.29 -6.11 -10.48
C LYS B 119 4.86 -6.80 -11.71
N TYR B 120 5.99 -6.31 -12.23
CA TYR B 120 6.50 -6.82 -13.48
C TYR B 120 7.82 -7.58 -13.36
N LEU B 121 8.43 -7.59 -12.17
CA LEU B 121 9.76 -8.23 -11.99
C LEU B 121 9.71 -9.34 -10.94
N GLU B 122 10.81 -10.09 -10.84
CA GLU B 122 10.83 -11.29 -10.02
C GLU B 122 11.50 -11.11 -8.65
N SER B 123 11.68 -9.86 -8.24
CA SER B 123 12.41 -9.48 -7.04
C SER B 123 12.51 -7.95 -6.95
N ASN B 124 12.92 -7.46 -5.78
CA ASN B 124 12.98 -6.01 -5.51
C ASN B 124 13.85 -5.26 -6.52
N GLY B 125 14.82 -5.92 -7.16
CA GLY B 125 15.57 -5.31 -8.25
C GLY B 125 16.54 -6.17 -9.06
N ILE B 126 17.48 -5.49 -9.73
CA ILE B 126 18.34 -6.15 -10.68
C ILE B 126 19.42 -6.91 -9.93
N LYS B 127 19.40 -8.23 -10.06
CA LYS B 127 20.24 -9.11 -9.25
C LYS B 127 21.58 -9.45 -9.85
N VAL B 128 21.69 -9.44 -11.19
CA VAL B 128 23.01 -9.71 -11.82
C VAL B 128 24.05 -8.68 -11.38
N SER B 129 25.28 -9.13 -11.24
CA SER B 129 26.35 -8.22 -10.90
C SER B 129 26.70 -7.37 -12.09
N GLY B 130 26.53 -7.94 -13.30
CA GLY B 130 26.68 -7.23 -14.59
C GLY B 130 26.04 -7.97 -15.76
N LEU B 131 26.07 -7.38 -16.95
CA LEU B 131 25.30 -7.88 -18.11
C LEU B 131 26.07 -7.68 -19.43
N LEU B 132 26.28 -8.76 -20.18
CA LEU B 132 27.01 -8.72 -21.44
C LEU B 132 26.08 -9.03 -22.59
N VAL B 133 26.05 -8.15 -23.58
CA VAL B 133 25.19 -8.33 -24.73
C VAL B 133 25.91 -8.00 -26.02
N LEU B 134 25.31 -8.40 -27.12
CA LEU B 134 25.90 -8.19 -28.42
C LEU B 134 25.43 -6.86 -28.94
N ASP B 135 24.14 -6.70 -29.13
CA ASP B 135 23.61 -5.42 -29.54
C ASP B 135 22.61 -4.97 -28.48
N TYR B 136 22.76 -3.73 -28.02
CA TYR B 136 21.77 -3.09 -27.18
C TYR B 136 20.97 -2.11 -28.02
N SER B 137 19.65 -2.24 -28.05
CA SER B 137 18.76 -1.26 -28.67
C SER B 137 18.59 -0.02 -27.78
N LYS B 138 19.05 1.13 -28.27
CA LYS B 138 18.82 2.39 -27.54
C LYS B 138 17.29 2.63 -27.56
N ASP B 139 16.68 2.39 -28.70
CA ASP B 139 15.28 2.69 -28.88
C ASP B 139 14.42 1.45 -28.71
N TYR B 140 13.32 1.66 -28.00
CA TYR B 140 12.46 0.58 -27.51
C TYR B 140 11.04 0.89 -27.94
N ASN B 141 10.24 -0.15 -28.10
CA ASN B 141 8.85 0.05 -28.44
C ASN B 141 8.04 -1.13 -27.99
N HIS B 142 7.66 -1.09 -26.73
CA HIS B 142 6.63 -1.96 -26.20
C HIS B 142 5.64 -1.16 -25.35
N TRP B 143 4.40 -1.61 -25.36
CA TRP B 143 3.29 -0.88 -24.73
C TRP B 143 3.36 -0.72 -23.20
N LEU B 144 4.10 -1.59 -22.53
CA LEU B 144 4.40 -1.50 -21.09
C LEU B 144 5.74 -0.88 -20.76
N ALA B 145 6.44 -0.29 -21.73
CA ALA B 145 7.77 0.28 -21.52
C ALA B 145 7.72 1.66 -20.86
N THR B 146 8.65 1.99 -19.98
CA THR B 146 8.69 3.33 -19.33
C THR B 146 9.97 4.13 -19.54
N LYS B 147 10.97 3.51 -20.14
CA LYS B 147 12.33 4.00 -20.12
C LYS B 147 13.17 2.90 -20.74
N SER B 148 14.39 3.23 -21.11
CA SER B 148 15.26 2.28 -21.75
C SER B 148 15.74 1.27 -20.71
N LEU B 149 16.22 0.11 -21.17
CA LEU B 149 16.93 -0.85 -20.33
C LEU B 149 18.26 -0.27 -19.87
N GLY B 150 18.83 0.66 -20.66
CA GLY B 150 20.04 1.36 -20.22
C GLY B 150 19.78 2.20 -18.97
N GLN B 151 18.75 3.02 -19.03
CA GLN B 151 18.40 3.87 -17.91
C GLN B 151 18.16 3.00 -16.65
N TRP B 152 17.42 1.88 -16.78
CA TRP B 152 17.12 0.99 -15.66
C TRP B 152 18.40 0.44 -15.02
N LEU B 153 19.37 0.05 -15.84
CA LEU B 153 20.64 -0.50 -15.33
C LEU B 153 21.50 0.56 -14.62
N GLN B 154 21.46 1.77 -15.16
CA GLN B 154 22.15 2.94 -14.57
C GLN B 154 21.56 3.32 -13.19
N GLU B 155 20.25 3.42 -13.11
CA GLU B 155 19.54 3.62 -11.86
C GLU B 155 19.82 2.55 -10.80
N GLU B 156 19.98 1.30 -11.21
CA GLU B 156 20.24 0.18 -10.27
C GLU B 156 21.75 -0.07 -9.98
N LYS B 157 22.61 0.76 -10.58
CA LYS B 157 24.08 0.72 -10.43
C LYS B 157 24.72 -0.59 -10.95
N VAL B 158 24.17 -1.08 -12.06
CA VAL B 158 24.60 -2.32 -12.66
C VAL B 158 25.39 -2.02 -13.93
N PRO B 159 26.67 -2.45 -14.01
CA PRO B 159 27.41 -2.29 -15.26
C PRO B 159 26.92 -3.24 -16.35
N ALA B 160 27.08 -2.81 -17.60
CA ALA B 160 26.57 -3.56 -18.75
C ALA B 160 27.22 -3.07 -20.03
N ILE B 161 27.94 -3.95 -20.74
CA ILE B 161 28.58 -3.58 -22.03
C ILE B 161 27.92 -4.30 -23.19
N TYR B 162 27.85 -3.61 -24.33
CA TYR B 162 27.40 -4.23 -25.60
C TYR B 162 28.52 -4.28 -26.68
N GLY B 163 28.28 -5.06 -27.72
CA GLY B 163 29.26 -5.22 -28.82
C GLY B 163 30.37 -6.22 -28.57
N VAL B 164 30.13 -7.15 -27.65
CA VAL B 164 31.02 -8.28 -27.40
C VAL B 164 30.40 -9.55 -28.00
N ASP B 165 31.26 -10.47 -28.40
CA ASP B 165 30.84 -11.70 -29.06
C ASP B 165 30.35 -12.66 -27.96
N THR B 166 29.05 -12.59 -27.68
CA THR B 166 28.43 -13.43 -26.67
C THR B 166 28.54 -14.90 -26.95
N ARG B 167 28.60 -15.26 -28.22
CA ARG B 167 28.72 -16.66 -28.65
C ARG B 167 30.10 -17.21 -28.32
N MET B 168 31.14 -16.40 -28.58
CA MET B 168 32.52 -16.75 -28.22
C MET B 168 32.57 -16.94 -26.72
N LEU B 169 32.04 -15.98 -25.97
CA LEU B 169 31.99 -16.10 -24.52
C LEU B 169 31.29 -17.39 -24.11
N THR B 170 30.10 -17.64 -24.64
CA THR B 170 29.35 -18.83 -24.24
C THR B 170 30.25 -20.04 -24.43
N LYS B 171 30.88 -20.12 -25.61
CA LYS B 171 31.75 -21.25 -25.93
C LYS B 171 32.94 -21.39 -24.99
N ILE B 172 33.43 -20.27 -24.46
CA ILE B 172 34.55 -20.30 -23.51
C ILE B 172 34.06 -20.76 -22.15
N ILE B 173 32.98 -20.16 -21.68
CA ILE B 173 32.32 -20.55 -20.41
C ILE B 173 31.82 -22.00 -20.44
N ARG B 174 31.22 -22.42 -21.55
CA ARG B 174 30.72 -23.78 -21.71
C ARG B 174 31.70 -24.80 -21.16
N ASP B 175 31.20 -25.60 -20.21
CA ASP B 175 31.89 -26.78 -19.65
C ASP B 175 33.35 -26.54 -19.23
N LYS B 176 33.61 -25.42 -18.54
CA LYS B 176 34.90 -25.18 -17.89
C LYS B 176 34.67 -24.86 -16.42
N GLY B 177 33.74 -25.60 -15.80
CA GLY B 177 33.34 -25.41 -14.42
C GLY B 177 32.86 -23.99 -14.21
N THR B 178 33.79 -23.17 -13.75
CA THR B 178 33.52 -21.84 -13.27
C THR B 178 34.47 -20.86 -13.95
N MET B 179 33.93 -19.91 -14.72
CA MET B 179 34.77 -18.88 -15.31
C MET B 179 34.65 -17.56 -14.53
N LEU B 180 35.76 -17.09 -13.99
CA LEU B 180 35.75 -15.81 -13.31
C LEU B 180 36.07 -14.75 -14.32
N GLY B 181 35.40 -13.60 -14.19
CA GLY B 181 35.69 -12.44 -14.98
C GLY B 181 35.40 -11.17 -14.26
N LYS B 182 35.58 -10.08 -14.99
CA LYS B 182 35.29 -8.73 -14.52
C LYS B 182 34.95 -7.82 -15.69
N ILE B 183 33.97 -6.94 -15.49
CA ILE B 183 33.72 -5.85 -16.42
C ILE B 183 34.58 -4.71 -15.88
N GLU B 184 35.58 -4.26 -16.65
CA GLU B 184 36.60 -3.31 -16.15
C GLU B 184 36.68 -2.08 -17.02
N PHE B 185 36.42 -0.93 -16.43
CA PHE B 185 36.56 0.36 -17.10
C PHE B 185 37.97 0.85 -16.81
N GLU B 186 38.58 1.59 -17.76
CA GLU B 186 39.96 2.05 -17.60
C GLU B 186 40.07 3.00 -16.40
N GLY B 187 41.14 2.84 -15.62
CA GLY B 187 41.30 3.55 -14.36
C GLY B 187 40.33 3.13 -13.26
N GLN B 188 39.85 1.90 -13.33
CA GLN B 188 38.93 1.38 -12.34
C GLN B 188 39.15 -0.11 -12.18
N PRO B 189 40.40 -0.50 -11.88
CA PRO B 189 40.72 -1.93 -11.79
C PRO B 189 40.02 -2.57 -10.61
N VAL B 190 39.73 -3.86 -10.71
CA VAL B 190 39.23 -4.66 -9.58
C VAL B 190 39.78 -6.08 -9.70
N ASP B 191 39.94 -6.75 -8.57
CA ASP B 191 40.48 -8.11 -8.55
C ASP B 191 39.35 -9.03 -9.00
N PHE B 192 39.71 -10.24 -9.43
CA PHE B 192 38.68 -11.31 -9.63
C PHE B 192 38.10 -11.73 -8.29
N VAL B 193 36.94 -12.40 -8.31
CA VAL B 193 36.37 -12.92 -7.07
C VAL B 193 35.31 -13.97 -7.36
N ASP B 194 35.38 -15.13 -6.69
CA ASP B 194 34.40 -16.20 -6.88
C ASP B 194 33.36 -15.92 -5.82
N PRO B 195 32.18 -15.48 -6.24
CA PRO B 195 31.18 -15.16 -5.25
C PRO B 195 30.64 -16.40 -4.58
N ASN B 196 30.75 -17.55 -5.23
CA ASN B 196 30.20 -18.81 -4.73
C ASN B 196 30.88 -19.21 -3.42
N LYS B 197 32.11 -18.72 -3.23
CA LYS B 197 32.80 -18.86 -1.96
C LYS B 197 32.10 -18.22 -0.74
N GLN B 198 31.28 -17.17 -0.93
CA GLN B 198 30.41 -16.62 0.15
C GLN B 198 29.04 -17.31 0.08
N ASN B 199 28.31 -17.30 1.21
CA ASN B 199 26.97 -17.92 1.26
C ASN B 199 25.96 -16.98 0.63
N LEU B 200 25.75 -17.11 -0.67
CA LEU B 200 24.94 -16.14 -1.39
C LEU B 200 23.46 -16.23 -1.08
N ILE B 201 23.04 -17.33 -0.46
CA ILE B 201 21.65 -17.48 0.01
C ILE B 201 21.41 -16.45 1.13
N ALA B 202 22.37 -16.31 2.03
CA ALA B 202 22.27 -15.31 3.10
C ALA B 202 22.09 -13.90 2.56
N GLU B 203 22.88 -13.58 1.53
CA GLU B 203 22.95 -12.24 0.95
C GLU B 203 21.68 -11.80 0.15
N VAL B 204 20.79 -12.75 -0.18
CA VAL B 204 19.52 -12.45 -0.88
C VAL B 204 18.25 -12.83 -0.16
N SER B 205 18.32 -13.75 0.81
CA SER B 205 17.16 -14.15 1.63
C SER B 205 16.57 -12.99 2.41
N THR B 206 15.26 -13.01 2.60
CA THR B 206 14.63 -11.97 3.38
C THR B 206 15.16 -12.02 4.81
N LYS B 207 15.34 -10.85 5.38
CA LYS B 207 15.88 -10.68 6.74
C LYS B 207 14.84 -10.99 7.77
N ASP B 208 13.58 -10.82 7.41
CA ASP B 208 12.45 -10.90 8.35
C ASP B 208 11.32 -11.64 7.71
N VAL B 209 10.43 -12.19 8.54
CA VAL B 209 9.28 -12.96 8.08
C VAL B 209 8.27 -12.02 7.44
N LYS B 210 7.74 -12.42 6.29
CA LYS B 210 6.71 -11.62 5.62
C LYS B 210 5.52 -12.48 5.20
N VAL B 211 4.36 -11.85 5.18
CA VAL B 211 3.13 -12.56 4.97
C VAL B 211 2.52 -12.01 3.68
N TYR B 212 2.14 -12.94 2.80
CA TYR B 212 1.53 -12.63 1.52
C TYR B 212 0.32 -13.55 1.37
N GLY B 213 -0.79 -13.00 0.87
CA GLY B 213 -2.05 -13.74 0.77
C GLY B 213 -2.71 -13.86 2.14
N LYS B 214 -2.89 -12.74 2.81
CA LYS B 214 -3.19 -12.72 4.25
C LYS B 214 -4.64 -13.18 4.49
N GLY B 215 -4.82 -14.14 5.39
CA GLY B 215 -6.14 -14.73 5.69
C GLY B 215 -6.70 -15.65 4.62
N ASN B 216 -5.82 -16.35 3.92
CA ASN B 216 -6.23 -17.41 3.01
C ASN B 216 -6.13 -18.70 3.80
N PRO B 217 -6.93 -19.73 3.43
CA PRO B 217 -7.05 -20.95 4.25
C PRO B 217 -5.81 -21.85 4.38
N THR B 218 -4.96 -21.92 3.38
CA THR B 218 -3.79 -22.82 3.42
C THR B 218 -2.52 -22.05 3.84
N LYS B 219 -1.86 -22.51 4.88
CA LYS B 219 -0.77 -21.76 5.48
C LYS B 219 0.52 -22.43 5.07
N VAL B 220 1.23 -21.79 4.14
CA VAL B 220 2.47 -22.33 3.58
C VAL B 220 3.67 -21.53 4.07
N VAL B 221 4.67 -22.23 4.56
CA VAL B 221 5.96 -21.63 4.82
C VAL B 221 6.76 -21.64 3.53
N ALA B 222 7.31 -20.50 3.14
CA ALA B 222 8.26 -20.43 2.03
C ALA B 222 9.65 -20.09 2.56
N VAL B 223 10.57 -21.04 2.54
CA VAL B 223 11.95 -20.74 2.96
C VAL B 223 12.61 -19.92 1.86
N ASP B 224 12.97 -18.67 2.14
CA ASP B 224 13.49 -17.80 1.11
C ASP B 224 14.96 -18.13 0.84
N CYS B 225 15.18 -18.84 -0.25
CA CYS B 225 16.53 -19.19 -0.64
C CYS B 225 16.99 -18.37 -1.86
N GLY B 226 16.34 -17.24 -2.07
CA GLY B 226 16.38 -16.49 -3.32
C GLY B 226 15.12 -16.72 -4.12
N ILE B 227 13.97 -16.66 -3.47
CA ILE B 227 12.73 -17.05 -4.11
C ILE B 227 12.39 -16.04 -5.19
N LYS B 228 11.66 -16.50 -6.21
CA LYS B 228 11.18 -15.61 -7.28
C LYS B 228 9.74 -15.17 -7.02
N ASN B 229 9.43 -13.93 -7.37
CA ASN B 229 8.15 -13.36 -7.00
C ASN B 229 7.06 -14.29 -7.44
N ASN B 230 7.21 -14.89 -8.60
CA ASN B 230 6.16 -15.77 -9.13
C ASN B 230 5.87 -17.06 -8.34
N VAL B 231 6.83 -17.61 -7.62
CA VAL B 231 6.49 -18.73 -6.71
C VAL B 231 5.49 -18.23 -5.65
N ILE B 232 5.76 -17.05 -5.10
CA ILE B 232 4.83 -16.44 -4.18
C ILE B 232 3.48 -16.23 -4.87
N ARG B 233 3.48 -15.66 -6.06
CA ARG B 233 2.23 -15.35 -6.78
C ARG B 233 1.42 -16.60 -7.09
N LEU B 234 2.08 -17.71 -7.42
CA LEU B 234 1.34 -18.91 -7.84
C LEU B 234 0.74 -19.68 -6.67
N LEU B 235 1.49 -19.77 -5.57
CA LEU B 235 0.98 -20.27 -4.28
C LEU B 235 -0.25 -19.48 -3.79
N VAL B 236 -0.17 -18.15 -3.79
CA VAL B 236 -1.28 -17.31 -3.33
C VAL B 236 -2.53 -17.48 -4.17
N LYS B 237 -2.37 -17.76 -5.46
CA LYS B 237 -3.52 -17.93 -6.35
C LYS B 237 -4.28 -19.22 -6.01
N ARG B 238 -3.55 -20.24 -5.53
CA ARG B 238 -4.16 -21.51 -5.08
C ARG B 238 -4.55 -21.50 -3.58
N GLY B 239 -5.02 -20.35 -3.07
CA GLY B 239 -5.48 -20.25 -1.69
C GLY B 239 -4.47 -20.38 -0.56
N ALA B 240 -3.21 -20.01 -0.81
CA ALA B 240 -2.20 -19.99 0.24
C ALA B 240 -2.06 -18.63 0.90
N GLU B 241 -1.77 -18.65 2.19
CA GLU B 241 -1.27 -17.51 2.94
C GLU B 241 0.16 -17.91 3.08
N VAL B 242 1.04 -17.09 2.50
CA VAL B 242 2.41 -17.48 2.39
C VAL B 242 3.15 -16.79 3.49
N HIS B 243 3.89 -17.58 4.24
CA HIS B 243 4.75 -17.08 5.28
C HIS B 243 6.15 -17.25 4.79
N LEU B 244 6.72 -16.18 4.23
CA LEU B 244 8.07 -16.18 3.68
C LEU B 244 9.09 -15.86 4.78
N VAL B 245 10.00 -16.80 5.01
CA VAL B 245 10.89 -16.75 6.16
C VAL B 245 12.36 -16.69 5.77
N PRO B 246 13.20 -16.12 6.65
CA PRO B 246 14.61 -16.22 6.33
C PRO B 246 15.07 -17.66 6.10
N TRP B 247 16.13 -17.80 5.34
CA TRP B 247 16.71 -19.13 5.06
C TRP B 247 17.11 -19.85 6.32
N ASN B 248 17.51 -19.09 7.34
CA ASN B 248 17.95 -19.62 8.62
C ASN B 248 16.88 -19.49 9.72
N HIS B 249 15.61 -19.31 9.35
CA HIS B 249 14.52 -19.36 10.32
C HIS B 249 14.40 -20.80 10.86
N ASP B 250 14.09 -20.92 12.14
CA ASP B 250 13.75 -22.20 12.76
C ASP B 250 12.23 -22.35 12.63
N PHE B 251 11.83 -22.97 11.55
CA PHE B 251 10.43 -23.24 11.21
C PHE B 251 10.04 -24.63 11.72
N THR B 252 10.95 -25.32 12.41
CA THR B 252 10.76 -26.72 12.79
C THR B 252 9.55 -26.96 13.68
N LYS B 253 9.21 -25.96 14.52
CA LYS B 253 8.04 -26.05 15.43
C LYS B 253 7.05 -24.92 15.14
N MET B 254 6.73 -24.76 13.84
CA MET B 254 5.70 -23.80 13.39
C MET B 254 4.51 -24.60 12.86
N GLU B 255 3.32 -24.05 12.98
CA GLU B 255 2.12 -24.67 12.42
C GLU B 255 1.92 -24.22 10.98
N TYR B 256 1.84 -25.18 10.07
CA TYR B 256 1.60 -24.89 8.67
C TYR B 256 1.00 -26.10 8.01
N ASP B 257 0.18 -25.85 7.00
CA ASP B 257 -0.38 -26.90 6.16
C ASP B 257 0.69 -27.49 5.20
N GLY B 258 1.54 -26.63 4.62
CA GLY B 258 2.67 -27.04 3.77
C GLY B 258 3.93 -26.19 3.90
N ILE B 259 5.06 -26.74 3.45
CA ILE B 259 6.31 -26.02 3.42
C ILE B 259 6.95 -26.07 2.02
N LEU B 260 7.67 -25.01 1.67
CA LEU B 260 8.29 -24.85 0.37
C LEU B 260 9.65 -24.21 0.55
N ILE B 261 10.59 -24.62 -0.30
CA ILE B 261 11.98 -24.10 -0.33
C ILE B 261 12.28 -23.77 -1.78
N ALA B 262 12.69 -22.52 -2.01
CA ALA B 262 12.82 -21.95 -3.35
C ALA B 262 13.92 -20.95 -3.36
N GLY B 263 14.90 -21.21 -4.20
CA GLY B 263 15.94 -20.27 -4.42
C GLY B 263 16.66 -20.44 -5.73
N GLY B 264 17.66 -19.56 -5.86
CA GLY B 264 18.64 -19.57 -6.88
C GLY B 264 20.03 -19.59 -6.33
N PRO B 265 20.58 -18.44 -5.91
CA PRO B 265 22.05 -18.33 -5.92
C PRO B 265 22.79 -19.20 -4.91
N GLY B 266 24.05 -19.49 -5.21
CA GLY B 266 25.00 -20.03 -4.25
C GLY B 266 25.15 -21.54 -4.20
N ASN B 267 26.32 -21.97 -3.72
CA ASN B 267 26.60 -23.35 -3.28
C ASN B 267 25.68 -23.64 -2.09
N PRO B 268 24.75 -24.58 -2.26
CA PRO B 268 23.78 -24.79 -1.19
C PRO B 268 24.32 -25.60 0.00
N ALA B 269 25.54 -26.13 -0.11
CA ALA B 269 26.18 -26.75 1.02
C ALA B 269 26.61 -25.71 2.03
N LEU B 270 26.87 -24.48 1.56
CA LEU B 270 27.19 -23.37 2.46
C LEU B 270 26.03 -22.91 3.38
N ALA B 271 24.84 -23.50 3.31
CA ALA B 271 23.71 -23.05 4.11
C ALA B 271 23.33 -24.11 5.12
N GLU B 272 24.32 -24.51 5.93
CA GLU B 272 24.16 -25.65 6.86
C GLU B 272 22.93 -25.54 7.78
N PRO B 273 22.74 -24.39 8.46
CA PRO B 273 21.55 -24.25 9.32
C PRO B 273 20.21 -24.59 8.69
N LEU B 274 20.01 -24.26 7.40
CA LEU B 274 18.79 -24.68 6.68
C LEU B 274 18.78 -26.17 6.39
N ILE B 275 19.95 -26.71 6.10
CA ILE B 275 20.10 -28.14 5.89
C ILE B 275 19.66 -28.83 7.17
N GLN B 276 20.29 -28.43 8.28
CA GLN B 276 20.05 -29.03 9.60
C GLN B 276 18.57 -28.99 9.96
N ASN B 277 17.95 -27.82 9.78
CA ASN B 277 16.50 -27.62 9.94
C ASN B 277 15.59 -28.51 9.08
N VAL B 278 16.04 -28.85 7.88
CA VAL B 278 15.25 -29.71 7.02
C VAL B 278 15.43 -31.13 7.52
N ARG B 279 16.67 -31.53 7.66
CA ARG B 279 17.02 -32.81 8.29
C ARG B 279 16.16 -33.09 9.55
N LYS B 280 15.87 -32.05 10.35
CA LYS B 280 14.93 -32.17 11.49
C LYS B 280 13.45 -32.40 11.12
N ILE B 281 12.95 -31.74 10.09
CA ILE B 281 11.61 -32.07 9.56
C ILE B 281 11.60 -33.51 9.03
N LEU B 282 12.70 -33.92 8.42
CA LEU B 282 12.79 -35.23 7.75
C LEU B 282 12.89 -36.39 8.74
N GLU B 283 13.52 -36.15 9.88
CA GLU B 283 13.71 -37.18 10.91
C GLU B 283 12.65 -37.19 12.01
N SER B 284 11.87 -36.11 12.12
CA SER B 284 10.71 -36.06 13.01
C SER B 284 9.60 -36.87 12.35
N ASP B 285 8.40 -36.79 12.91
CA ASP B 285 7.24 -37.50 12.37
C ASP B 285 6.26 -36.53 11.75
N ARG B 286 6.74 -35.36 11.29
CA ARG B 286 5.88 -34.43 10.56
C ARG B 286 5.66 -34.94 9.13
N LYS B 287 4.39 -35.00 8.74
CA LYS B 287 3.97 -35.53 7.45
C LYS B 287 3.54 -34.43 6.49
N GLU B 288 3.82 -33.16 6.82
CA GLU B 288 3.28 -32.08 5.99
C GLU B 288 4.04 -32.02 4.65
N PRO B 289 3.29 -31.84 3.52
CA PRO B 289 3.89 -31.82 2.19
C PRO B 289 5.04 -30.80 2.06
N LEU B 290 6.17 -31.26 1.55
CA LEU B 290 7.31 -30.41 1.17
C LEU B 290 7.40 -30.34 -0.38
N PHE B 291 7.56 -29.12 -0.92
CA PHE B 291 7.80 -28.84 -2.35
C PHE B 291 9.09 -28.02 -2.48
N GLY B 292 10.15 -28.65 -3.00
CA GLY B 292 11.42 -27.98 -3.30
C GLY B 292 11.45 -27.42 -4.72
N ILE B 293 12.11 -26.27 -4.90
CA ILE B 293 12.32 -25.67 -6.23
C ILE B 293 13.76 -25.19 -6.35
N SER B 294 14.52 -25.84 -7.23
CA SER B 294 15.92 -25.49 -7.61
C SER B 294 16.90 -25.59 -6.45
N THR B 295 17.16 -24.49 -5.72
CA THR B 295 17.94 -24.63 -4.48
C THR B 295 17.27 -25.59 -3.48
N GLY B 296 15.92 -25.62 -3.49
CA GLY B 296 15.14 -26.53 -2.64
C GLY B 296 15.46 -27.99 -2.86
N ASN B 297 15.46 -28.42 -4.13
CA ASN B 297 15.88 -29.76 -4.51
C ASN B 297 17.27 -30.04 -4.00
N LEU B 298 18.19 -29.10 -4.12
CA LEU B 298 19.54 -29.28 -3.60
C LEU B 298 19.60 -29.35 -2.07
N ILE B 299 18.75 -28.55 -1.41
CA ILE B 299 18.66 -28.49 0.08
C ILE B 299 17.94 -29.73 0.67
N THR B 300 16.77 -30.06 0.14
CA THR B 300 16.04 -31.25 0.57
C THR B 300 16.87 -32.53 0.44
N GLY B 301 17.59 -32.64 -0.67
CA GLY B 301 18.45 -33.79 -0.91
C GLY B 301 19.69 -33.81 -0.04
N LEU B 302 20.21 -32.63 0.31
CA LEU B 302 21.36 -32.56 1.23
C LEU B 302 20.95 -33.01 2.62
N ALA B 303 19.71 -32.66 3.01
CA ALA B 303 19.11 -33.06 4.29
C ALA B 303 18.98 -34.56 4.38
N ALA B 304 18.50 -35.15 3.29
CA ALA B 304 18.38 -36.61 3.16
C ALA B 304 19.71 -37.39 3.21
N GLY B 305 20.87 -36.75 3.05
CA GLY B 305 22.16 -37.42 3.04
C GLY B 305 22.75 -37.53 1.64
N ALA B 306 22.05 -37.00 0.64
CA ALA B 306 22.57 -36.91 -0.72
C ALA B 306 23.64 -35.82 -0.85
N LYS B 307 24.38 -35.89 -1.95
CA LYS B 307 25.53 -35.03 -2.18
C LYS B 307 25.15 -34.00 -3.24
N THR B 308 25.96 -32.94 -3.32
CA THR B 308 25.88 -31.96 -4.39
C THR B 308 27.26 -31.72 -4.93
N TYR B 309 27.33 -31.25 -6.18
CA TYR B 309 28.59 -30.91 -6.84
C TYR B 309 28.36 -29.66 -7.69
N LYS B 310 29.42 -28.92 -7.96
CA LYS B 310 29.34 -27.79 -8.88
C LYS B 310 29.46 -28.35 -10.29
N MET B 311 28.64 -27.85 -11.20
CA MET B 311 28.49 -28.47 -12.51
C MET B 311 29.55 -27.93 -13.44
N SER B 312 30.09 -28.80 -14.31
CA SER B 312 31.01 -28.30 -15.36
C SER B 312 30.16 -27.56 -16.38
N MET B 313 29.11 -28.24 -16.82
CA MET B 313 28.13 -27.77 -17.79
C MET B 313 26.82 -27.44 -17.03
N ALA B 314 26.65 -26.19 -16.62
CA ALA B 314 25.50 -25.79 -15.81
C ALA B 314 24.29 -25.70 -16.70
N ASN B 315 23.09 -25.81 -16.13
CA ASN B 315 21.86 -25.74 -16.90
C ASN B 315 21.28 -24.34 -16.71
N ARG B 316 21.33 -23.53 -17.77
CA ARG B 316 20.81 -22.16 -17.73
C ARG B 316 20.05 -21.84 -19.01
N GLY B 317 18.74 -22.02 -19.00
CA GLY B 317 17.94 -21.72 -20.20
C GLY B 317 16.46 -22.00 -20.03
N GLN B 318 15.70 -21.76 -21.10
CA GLN B 318 14.26 -21.97 -21.13
C GLN B 318 13.84 -23.11 -22.08
N ASN B 319 14.81 -23.96 -22.42
CA ASN B 319 14.64 -25.05 -23.38
C ASN B 319 15.24 -26.34 -22.81
N GLN B 320 15.36 -26.44 -21.48
CA GLN B 320 15.99 -27.62 -20.87
C GLN B 320 14.96 -28.74 -20.79
N PRO B 321 15.26 -29.90 -21.43
CA PRO B 321 14.26 -30.96 -21.49
C PRO B 321 14.42 -31.92 -20.33
N VAL B 322 13.28 -32.35 -19.80
CA VAL B 322 13.29 -33.29 -18.68
C VAL B 322 12.30 -34.44 -18.91
N LEU B 323 12.66 -35.61 -18.40
CA LEU B 323 11.80 -36.76 -18.43
C LEU B 323 11.34 -37.01 -17.01
N ASN B 324 10.02 -37.16 -16.82
CA ASN B 324 9.47 -37.72 -15.57
C ASN B 324 9.79 -39.20 -15.52
N ILE B 325 10.91 -39.56 -14.90
CA ILE B 325 11.41 -40.95 -14.81
C ILE B 325 10.28 -41.97 -14.75
N THR B 326 9.42 -41.82 -13.75
CA THR B 326 8.28 -42.71 -13.51
C THR B 326 7.45 -42.96 -14.78
N ASN B 327 6.67 -41.98 -15.19
CA ASN B 327 5.65 -42.18 -16.23
C ASN B 327 6.15 -41.83 -17.61
N LYS B 328 7.42 -41.47 -17.73
CA LYS B 328 8.06 -41.23 -19.02
C LYS B 328 7.50 -40.02 -19.78
N GLN B 329 6.74 -39.13 -19.14
CA GLN B 329 6.28 -37.90 -19.80
C GLN B 329 7.47 -36.92 -19.78
N ALA B 330 7.60 -36.16 -20.86
CA ALA B 330 8.71 -35.25 -21.05
C ALA B 330 8.22 -33.81 -21.07
N PHE B 331 9.04 -32.90 -20.55
CA PHE B 331 8.65 -31.49 -20.36
C PHE B 331 9.79 -30.55 -20.72
N ILE B 332 9.46 -29.35 -21.17
CA ILE B 332 10.46 -28.31 -21.40
C ILE B 332 10.46 -27.37 -20.19
N THR B 333 11.62 -27.14 -19.61
CA THR B 333 11.75 -26.41 -18.34
C THR B 333 12.68 -25.19 -18.40
N ALA B 334 12.37 -24.18 -17.59
CA ALA B 334 13.33 -23.11 -17.34
C ALA B 334 14.26 -23.62 -16.27
N GLN B 335 15.55 -23.39 -16.43
CA GLN B 335 16.54 -23.73 -15.41
C GLN B 335 17.56 -22.65 -15.31
N ASN B 336 17.98 -22.36 -14.09
CA ASN B 336 19.11 -21.48 -13.82
C ASN B 336 19.91 -21.95 -12.60
N HIS B 337 20.69 -23.02 -12.80
CA HIS B 337 21.44 -23.67 -11.72
C HIS B 337 22.77 -24.25 -12.18
N GLY B 338 23.80 -24.04 -11.38
CA GLY B 338 25.12 -24.60 -11.61
C GLY B 338 25.64 -25.47 -10.49
N TYR B 339 24.73 -25.87 -9.60
CA TYR B 339 24.98 -26.92 -8.64
C TYR B 339 23.93 -27.95 -8.86
N ALA B 340 24.34 -29.21 -8.70
CA ALA B 340 23.47 -30.33 -9.01
C ALA B 340 23.62 -31.34 -7.92
N LEU B 341 22.58 -32.18 -7.83
CA LEU B 341 22.45 -33.19 -6.82
C LEU B 341 22.97 -34.50 -7.40
N ASP B 342 24.04 -35.06 -6.83
CA ASP B 342 24.57 -36.37 -7.22
C ASP B 342 23.45 -37.40 -7.35
N ASN B 343 23.53 -38.21 -8.41
CA ASN B 343 22.46 -39.17 -8.75
C ASN B 343 22.42 -40.41 -7.87
N THR B 344 23.44 -40.66 -7.02
CA THR B 344 23.35 -41.71 -5.97
C THR B 344 22.72 -41.15 -4.67
N LEU B 345 21.42 -41.41 -4.56
CA LEU B 345 20.56 -40.88 -3.50
C LEU B 345 20.49 -41.86 -2.34
N PRO B 346 20.39 -41.34 -1.10
CA PRO B 346 20.24 -42.23 0.04
C PRO B 346 18.84 -42.85 0.15
N ALA B 347 18.74 -43.82 1.06
CA ALA B 347 17.60 -44.74 1.10
C ALA B 347 16.31 -44.08 1.56
N GLY B 348 15.19 -44.51 0.96
CA GLY B 348 13.87 -43.87 1.13
C GLY B 348 13.54 -42.91 0.01
N TRP B 349 14.58 -42.32 -0.60
CA TRP B 349 14.44 -41.31 -1.64
C TRP B 349 14.73 -41.89 -3.01
N LYS B 350 13.96 -41.46 -4.02
CA LYS B 350 14.12 -41.90 -5.40
C LYS B 350 14.11 -40.70 -6.37
N PRO B 351 14.74 -40.83 -7.56
CA PRO B 351 14.74 -39.72 -8.51
C PRO B 351 13.37 -39.56 -9.19
N LEU B 352 13.00 -38.31 -9.52
CA LEU B 352 11.67 -37.96 -10.04
C LEU B 352 11.69 -37.50 -11.50
N PHE B 353 12.46 -36.45 -11.78
CA PHE B 353 12.73 -36.03 -13.15
C PHE B 353 14.24 -36.17 -13.43
N VAL B 354 14.59 -36.43 -14.67
CA VAL B 354 16.00 -36.45 -15.09
C VAL B 354 16.15 -35.65 -16.40
N ASN B 355 17.31 -35.01 -16.58
CA ASN B 355 17.60 -34.18 -17.76
C ASN B 355 17.91 -35.09 -18.94
N VAL B 356 17.20 -34.87 -20.04
CA VAL B 356 17.32 -35.73 -21.22
C VAL B 356 18.68 -35.54 -21.93
N ASN B 357 19.22 -34.34 -21.91
CA ASN B 357 20.50 -34.07 -22.59
C ASN B 357 21.70 -34.66 -21.86
N ASP B 358 21.86 -34.29 -20.58
CA ASP B 358 23.10 -34.62 -19.84
C ASP B 358 22.95 -35.61 -18.66
N GLN B 359 21.76 -36.22 -18.47
CA GLN B 359 21.55 -37.24 -17.42
C GLN B 359 21.93 -36.73 -16.02
N THR B 360 21.32 -35.64 -15.60
CA THR B 360 21.55 -35.05 -14.27
C THR B 360 20.21 -35.03 -13.51
N ASN B 361 20.29 -35.05 -12.18
CA ASN B 361 19.10 -35.03 -11.37
C ASN B 361 18.32 -33.72 -11.55
N GLU B 362 17.09 -33.86 -12.04
CA GLU B 362 16.17 -32.73 -12.15
C GLU B 362 14.96 -32.86 -11.19
N GLY B 363 15.18 -33.54 -10.06
CA GLY B 363 14.10 -33.85 -9.11
C GLY B 363 14.34 -35.01 -8.18
N ILE B 364 13.71 -34.99 -7.00
CA ILE B 364 13.67 -36.16 -6.12
C ILE B 364 12.29 -36.33 -5.51
N MET B 365 12.07 -37.48 -4.87
CA MET B 365 10.82 -37.79 -4.14
C MET B 365 11.05 -38.79 -3.01
N HIS B 366 10.13 -38.80 -2.06
CA HIS B 366 10.11 -39.82 -1.01
C HIS B 366 9.13 -40.89 -1.45
N GLU B 367 9.48 -42.15 -1.21
CA GLU B 367 8.66 -43.29 -1.69
C GLU B 367 7.28 -43.39 -1.03
N SER B 368 7.16 -42.96 0.23
CA SER B 368 5.85 -42.95 0.98
C SER B 368 5.28 -41.56 1.42
N LYS B 369 6.17 -40.64 1.84
CA LYS B 369 5.75 -39.31 2.29
C LYS B 369 5.58 -38.32 1.11
N PRO B 370 4.78 -37.24 1.30
CA PRO B 370 4.63 -36.24 0.23
C PRO B 370 5.77 -35.16 0.21
N PHE B 371 7.03 -35.59 0.39
CA PHE B 371 8.18 -34.74 0.17
C PHE B 371 8.63 -34.92 -1.30
N PHE B 372 8.59 -33.85 -2.08
CA PHE B 372 9.16 -33.85 -3.42
C PHE B 372 9.86 -32.53 -3.75
N ALA B 373 10.74 -32.57 -4.75
CA ALA B 373 11.41 -31.36 -5.26
C ALA B 373 11.69 -31.48 -6.75
N VAL B 374 11.72 -30.33 -7.41
CA VAL B 374 12.26 -30.25 -8.76
C VAL B 374 13.41 -29.26 -8.75
N GLN B 375 14.34 -29.47 -9.68
CA GLN B 375 15.56 -28.67 -9.85
C GLN B 375 15.32 -27.47 -10.78
N PHE B 376 14.21 -27.52 -11.49
CA PHE B 376 13.83 -26.51 -12.43
C PHE B 376 12.81 -25.58 -11.77
N HIS B 377 12.43 -24.53 -12.49
CA HIS B 377 11.53 -23.51 -12.03
C HIS B 377 10.20 -23.63 -12.74
N PRO B 378 9.21 -24.26 -12.10
CA PRO B 378 7.88 -24.32 -12.73
C PRO B 378 7.16 -22.97 -12.78
N GLU B 379 7.59 -22.04 -11.92
CA GLU B 379 7.05 -20.68 -11.94
C GLU B 379 7.47 -19.92 -13.18
N VAL B 380 8.59 -20.36 -13.76
CA VAL B 380 9.14 -19.83 -15.01
C VAL B 380 9.32 -18.28 -14.86
N THR B 381 8.88 -17.46 -15.82
CA THR B 381 9.02 -16.00 -15.67
C THR B 381 10.53 -15.57 -15.58
N PRO B 382 11.29 -15.74 -16.66
CA PRO B 382 10.80 -16.09 -18.01
C PRO B 382 10.84 -17.55 -18.28
N GLY B 383 9.93 -18.03 -19.13
CA GLY B 383 10.02 -19.40 -19.61
C GLY B 383 8.70 -20.10 -19.86
N PRO B 384 8.77 -21.34 -20.37
CA PRO B 384 7.62 -22.07 -20.89
C PRO B 384 6.71 -22.55 -19.77
N ILE B 385 5.44 -22.17 -19.85
CA ILE B 385 4.47 -22.44 -18.79
C ILE B 385 3.92 -23.81 -19.05
N ASP B 386 4.73 -24.82 -18.75
CA ASP B 386 4.47 -26.21 -19.07
C ASP B 386 4.26 -27.00 -17.77
N THR B 387 5.07 -26.70 -16.75
CA THR B 387 5.13 -27.49 -15.54
C THR B 387 4.47 -26.84 -14.31
N GLU B 388 3.54 -25.92 -14.56
CA GLU B 388 2.78 -25.29 -13.52
C GLU B 388 1.96 -26.35 -12.76
N TYR B 389 1.40 -27.31 -13.48
CA TYR B 389 0.72 -28.45 -12.87
C TYR B 389 1.33 -28.95 -11.54
N LEU B 390 2.64 -28.76 -11.34
CA LEU B 390 3.33 -29.09 -10.07
C LEU B 390 2.86 -28.31 -8.82
N PHE B 391 2.36 -27.09 -9.05
CA PHE B 391 1.73 -26.31 -7.98
C PHE B 391 0.39 -26.88 -7.58
N ASP B 392 -0.34 -27.45 -8.53
CA ASP B 392 -1.51 -28.25 -8.17
C ASP B 392 -1.07 -29.46 -7.39
N SER B 393 -0.06 -30.16 -7.86
CA SER B 393 0.41 -31.32 -7.12
C SER B 393 0.56 -31.03 -5.62
N PHE B 394 1.22 -29.92 -5.30
CA PHE B 394 1.42 -29.48 -3.92
C PHE B 394 0.07 -29.34 -3.19
N PHE B 395 -0.83 -28.51 -3.69
CA PHE B 395 -2.12 -28.27 -3.03
C PHE B 395 -3.00 -29.50 -2.94
N SER B 396 -3.00 -30.32 -4.00
CA SER B 396 -3.60 -31.65 -3.93
C SER B 396 -3.01 -32.49 -2.78
N LEU B 397 -1.68 -32.57 -2.66
CA LEU B 397 -1.06 -33.30 -1.53
C LEU B 397 -1.44 -32.79 -0.13
N ILE B 398 -1.79 -31.50 -0.03
CA ILE B 398 -2.22 -30.93 1.24
C ILE B 398 -3.66 -31.35 1.55
N LYS B 399 -4.59 -31.13 0.60
CA LYS B 399 -6.00 -31.53 0.73
C LYS B 399 -6.22 -33.04 0.93
N LYS B 400 -5.39 -33.89 0.34
CA LYS B 400 -5.30 -35.29 0.78
C LYS B 400 -4.70 -35.24 2.20
N GLY B 401 -3.39 -34.95 2.28
CA GLY B 401 -2.69 -34.75 3.55
C GLY B 401 -2.75 -35.94 4.50
N LYS B 402 -2.66 -37.14 3.94
CA LYS B 402 -2.69 -38.39 4.71
C LYS B 402 -1.44 -39.22 4.46
N ALA B 403 -0.35 -38.56 4.09
CA ALA B 403 0.90 -39.19 3.63
C ALA B 403 0.75 -40.00 2.31
N THR B 404 0.08 -39.39 1.32
CA THR B 404 0.07 -39.87 -0.07
C THR B 404 1.49 -39.64 -0.64
N THR B 405 1.75 -40.19 -1.84
CA THR B 405 3.03 -40.01 -2.53
C THR B 405 2.86 -39.04 -3.72
N ILE B 406 3.94 -38.36 -4.10
CA ILE B 406 3.91 -37.37 -5.18
C ILE B 406 3.27 -37.93 -6.49
N THR B 407 3.67 -39.14 -6.86
CA THR B 407 3.17 -39.85 -8.05
C THR B 407 1.65 -39.96 -8.19
N SER B 408 0.95 -40.02 -7.07
CA SER B 408 -0.49 -40.22 -7.04
C SER B 408 -1.28 -39.01 -7.53
N VAL B 409 -0.68 -37.83 -7.47
CA VAL B 409 -1.35 -36.58 -7.89
C VAL B 409 -0.88 -36.09 -9.26
N LEU B 410 0.15 -36.73 -9.80
CA LEU B 410 0.51 -36.60 -11.23
C LEU B 410 -0.31 -37.69 -11.94
N PRO B 411 -0.23 -37.76 -13.28
CA PRO B 411 -0.63 -39.01 -13.94
C PRO B 411 0.24 -40.27 -13.66
N LYS B 412 -0.23 -41.40 -14.22
CA LYS B 412 0.42 -42.72 -14.13
C LYS B 412 0.77 -43.19 -15.57
N PRO B 413 1.71 -44.18 -15.73
CA PRO B 413 2.27 -44.66 -17.03
C PRO B 413 1.28 -44.99 -18.19
N ALA B 414 1.84 -45.35 -19.35
CA ALA B 414 1.05 -45.73 -20.53
C ALA B 414 0.46 -47.14 -20.39
N SER B 418 3.16 -48.25 -27.14
CA SER B 418 2.15 -48.21 -28.18
C SER B 418 2.72 -47.56 -29.46
N ARG B 419 2.76 -48.34 -30.57
CA ARG B 419 3.27 -47.86 -31.87
C ARG B 419 2.50 -48.41 -33.06
N VAL B 420 2.73 -47.79 -34.21
CA VAL B 420 1.98 -48.09 -35.43
C VAL B 420 2.97 -48.79 -36.37
N GLU B 421 2.88 -50.12 -36.43
CA GLU B 421 3.80 -50.93 -37.23
C GLU B 421 3.50 -50.77 -38.73
N VAL B 422 4.54 -50.47 -39.50
CA VAL B 422 4.42 -50.16 -40.93
C VAL B 422 5.54 -50.89 -41.64
N SER B 423 5.18 -51.68 -42.65
CA SER B 423 6.14 -52.34 -43.53
C SER B 423 6.34 -51.66 -44.92
N LYS B 424 5.38 -50.83 -45.35
CA LYS B 424 5.51 -50.10 -46.63
C LYS B 424 4.62 -48.86 -46.66
N VAL B 425 5.26 -47.66 -46.81
CA VAL B 425 4.56 -46.36 -46.88
C VAL B 425 4.51 -45.77 -48.28
N LEU B 426 3.37 -45.18 -48.62
CA LEU B 426 3.20 -44.44 -49.84
C LEU B 426 3.32 -42.96 -49.49
N ILE B 427 4.30 -42.30 -50.10
CA ILE B 427 4.51 -40.85 -49.92
C ILE B 427 4.04 -40.07 -51.15
N LEU B 428 3.07 -39.17 -50.97
CA LEU B 428 2.58 -38.35 -52.09
C LEU B 428 3.44 -37.10 -52.24
N GLY B 429 4.21 -37.05 -53.33
CA GLY B 429 5.16 -35.95 -53.59
C GLY B 429 4.48 -34.76 -54.23
N SER B 430 5.29 -33.80 -54.69
CA SER B 430 4.77 -32.47 -55.00
C SER B 430 3.85 -32.46 -56.21
N GLY B 431 2.59 -32.12 -55.96
CA GLY B 431 1.53 -32.29 -56.94
C GLY B 431 1.41 -31.14 -57.92
N GLY B 432 0.23 -31.07 -58.53
CA GLY B 432 -0.10 -30.08 -59.57
C GLY B 432 -0.94 -28.95 -59.02
N LEU B 433 -1.93 -28.52 -59.79
CA LEU B 433 -2.71 -27.32 -59.44
C LEU B 433 -3.73 -27.63 -58.35
N SER B 434 -3.88 -26.69 -57.40
CA SER B 434 -5.05 -26.60 -56.50
C SER B 434 -5.82 -25.33 -56.91
N ILE B 435 -6.98 -25.10 -56.30
CA ILE B 435 -7.70 -23.83 -56.49
C ILE B 435 -7.25 -22.88 -55.37
N GLY B 436 -6.77 -21.69 -55.73
CA GLY B 436 -6.11 -20.78 -54.77
C GLY B 436 -4.60 -20.97 -54.63
N GLN B 437 -4.18 -21.83 -53.69
CA GLN B 437 -2.74 -22.02 -53.34
C GLN B 437 -1.95 -22.80 -54.43
N ALA B 438 -1.83 -22.19 -55.61
CA ALA B 438 -1.48 -22.91 -56.84
C ALA B 438 0.04 -23.04 -57.08
N GLY B 439 0.45 -24.24 -57.50
CA GLY B 439 1.83 -24.52 -57.90
C GLY B 439 2.87 -24.42 -56.80
N GLU B 440 2.51 -24.80 -55.57
CA GLU B 440 3.41 -24.72 -54.42
C GLU B 440 4.42 -25.88 -54.39
N PHE B 441 5.69 -25.63 -54.73
CA PHE B 441 6.73 -26.70 -54.73
C PHE B 441 7.09 -27.10 -53.30
N ASP B 442 7.16 -28.41 -53.04
CA ASP B 442 7.36 -28.96 -51.70
C ASP B 442 8.06 -30.32 -51.84
N TYR B 443 9.40 -30.31 -51.82
CA TYR B 443 10.21 -31.53 -52.00
C TYR B 443 10.72 -32.12 -50.69
N SER B 444 9.88 -31.96 -49.66
CA SER B 444 10.08 -32.45 -48.29
C SER B 444 9.82 -33.94 -48.16
N GLY B 445 8.94 -34.49 -49.00
CA GLY B 445 8.67 -35.92 -49.03
C GLY B 445 9.92 -36.76 -49.06
N SER B 446 11.00 -36.25 -49.67
CA SER B 446 12.32 -36.90 -49.65
C SER B 446 12.90 -37.10 -48.24
N GLN B 447 12.69 -36.13 -47.35
CA GLN B 447 13.07 -36.28 -45.93
C GLN B 447 12.27 -37.44 -45.34
N ALA B 448 11.01 -37.54 -45.73
CA ALA B 448 10.16 -38.62 -45.28
C ALA B 448 10.67 -39.97 -45.80
N VAL B 449 11.01 -40.05 -47.08
CA VAL B 449 11.71 -41.23 -47.63
C VAL B 449 12.95 -41.57 -46.79
N LYS B 450 13.79 -40.58 -46.52
CA LYS B 450 14.97 -40.76 -45.69
C LYS B 450 14.59 -41.22 -44.27
N ALA B 451 13.53 -40.64 -43.71
CA ALA B 451 13.04 -41.03 -42.38
C ALA B 451 12.60 -42.50 -42.37
N MET B 452 11.77 -42.87 -43.35
CA MET B 452 11.28 -44.26 -43.53
C MET B 452 12.40 -45.28 -43.72
N LYS B 453 13.39 -44.94 -44.55
CA LYS B 453 14.47 -45.88 -44.85
C LYS B 453 15.22 -46.25 -43.56
N GLU B 454 15.45 -45.24 -42.72
CA GLU B 454 16.15 -45.48 -41.45
C GLU B 454 15.42 -46.47 -40.52
N GLU B 455 14.10 -46.59 -40.63
CA GLU B 455 13.35 -47.59 -39.83
C GLU B 455 12.97 -48.83 -40.63
N ASN B 456 13.81 -49.21 -41.60
CA ASN B 456 13.54 -50.27 -42.57
C ASN B 456 12.11 -50.33 -43.11
N VAL B 457 11.50 -49.17 -43.33
CA VAL B 457 10.17 -49.07 -43.95
C VAL B 457 10.30 -48.85 -45.45
N LYS B 458 9.49 -49.58 -46.21
CA LYS B 458 9.55 -49.48 -47.65
C LYS B 458 8.81 -48.22 -48.13
N THR B 459 9.35 -47.64 -49.18
CA THR B 459 8.92 -46.35 -49.66
C THR B 459 8.43 -46.50 -51.07
N VAL B 460 7.30 -45.87 -51.33
CA VAL B 460 6.79 -45.65 -52.67
C VAL B 460 6.48 -44.16 -52.71
N LEU B 461 7.01 -43.48 -53.72
CA LEU B 461 6.87 -42.05 -53.88
C LEU B 461 6.19 -41.74 -55.20
N MET B 462 5.20 -40.84 -55.20
CA MET B 462 4.58 -40.39 -56.43
C MET B 462 4.97 -38.97 -56.75
N ASN B 463 5.42 -38.73 -57.99
CA ASN B 463 5.76 -37.41 -58.48
C ASN B 463 5.61 -37.46 -59.98
N PRO B 464 4.73 -36.65 -60.57
CA PRO B 464 4.59 -36.75 -62.02
C PRO B 464 5.78 -36.27 -62.85
N ASN B 465 6.64 -35.41 -62.30
CA ASN B 465 7.71 -34.78 -63.07
C ASN B 465 8.96 -35.66 -63.19
N ILE B 466 9.20 -36.22 -64.39
CA ILE B 466 10.35 -37.13 -64.61
C ILE B 466 11.71 -36.46 -64.36
N ALA B 467 11.79 -35.13 -64.39
CA ALA B 467 13.05 -34.43 -64.10
C ALA B 467 13.03 -33.65 -62.78
N SER B 468 12.21 -34.12 -61.84
CA SER B 468 12.05 -33.49 -60.55
C SER B 468 13.25 -33.70 -59.69
N VAL B 469 13.74 -32.64 -59.06
CA VAL B 469 14.84 -32.75 -58.09
C VAL B 469 14.59 -33.75 -56.93
N GLN B 470 13.32 -33.93 -56.57
CA GLN B 470 12.87 -34.94 -55.57
C GLN B 470 13.20 -36.40 -55.93
N THR B 471 13.16 -36.74 -57.24
CA THR B 471 13.51 -38.09 -57.75
C THR B 471 14.94 -38.17 -58.32
N ASN B 472 15.78 -37.18 -57.99
CA ASN B 472 17.17 -37.06 -58.43
C ASN B 472 18.07 -37.35 -57.23
N GLU B 473 17.80 -38.45 -56.54
CA GLU B 473 18.47 -38.78 -55.28
C GLU B 473 18.98 -40.21 -55.35
N VAL B 474 20.16 -40.49 -54.80
CA VAL B 474 20.78 -41.80 -55.04
C VAL B 474 21.08 -42.64 -53.80
N GLY B 475 20.81 -42.11 -52.62
CA GLY B 475 21.08 -42.85 -51.42
C GLY B 475 19.80 -43.13 -50.68
N LEU B 476 19.88 -42.86 -49.38
CA LEU B 476 18.76 -42.93 -48.44
C LEU B 476 17.64 -41.95 -48.73
N LYS B 477 17.87 -40.93 -49.57
CA LYS B 477 16.77 -40.04 -50.04
C LYS B 477 15.99 -40.56 -51.23
N GLN B 478 16.47 -41.64 -51.86
CA GLN B 478 15.81 -42.22 -53.02
C GLN B 478 14.76 -43.20 -52.57
N ALA B 479 13.54 -43.05 -53.09
CA ALA B 479 12.46 -44.00 -52.76
C ALA B 479 12.80 -45.41 -53.29
N ASP B 480 12.17 -46.43 -52.70
CA ASP B 480 12.40 -47.82 -53.11
C ASP B 480 11.79 -48.04 -54.49
N THR B 481 10.58 -47.53 -54.65
CA THR B 481 9.86 -47.51 -55.92
C THR B 481 9.35 -46.08 -56.19
N VAL B 482 9.38 -45.64 -57.45
CA VAL B 482 8.89 -44.32 -57.81
C VAL B 482 7.91 -44.44 -58.94
N TYR B 483 6.72 -43.88 -58.77
CA TYR B 483 5.76 -43.80 -59.83
C TYR B 483 5.70 -42.37 -60.34
N PHE B 484 5.94 -42.18 -61.64
CA PHE B 484 5.84 -40.86 -62.26
C PHE B 484 4.42 -40.63 -62.72
N LEU B 485 3.48 -40.60 -61.77
CA LEU B 485 2.05 -40.47 -62.10
C LEU B 485 1.50 -39.20 -61.48
N PRO B 486 0.42 -38.67 -62.04
CA PRO B 486 -0.15 -37.46 -61.44
C PRO B 486 -0.68 -37.69 -60.04
N ILE B 487 -0.75 -36.62 -59.26
CA ILE B 487 -1.24 -36.66 -57.90
C ILE B 487 -2.74 -36.35 -57.91
N THR B 488 -3.51 -37.38 -58.25
CA THR B 488 -4.96 -37.33 -58.25
C THR B 488 -5.49 -38.65 -57.69
N PRO B 489 -6.77 -38.67 -57.24
CA PRO B 489 -7.38 -39.89 -56.69
C PRO B 489 -7.41 -41.10 -57.60
N GLN B 490 -7.61 -40.91 -58.90
CA GLN B 490 -7.56 -42.04 -59.83
C GLN B 490 -6.20 -42.73 -59.74
N PHE B 491 -5.13 -41.96 -59.86
CA PHE B 491 -3.78 -42.49 -59.94
C PHE B 491 -3.22 -42.96 -58.60
N VAL B 492 -3.50 -42.22 -57.53
CA VAL B 492 -3.14 -42.70 -56.18
C VAL B 492 -3.84 -44.01 -55.84
N THR B 493 -5.11 -44.16 -56.23
CA THR B 493 -5.82 -45.45 -56.11
C THR B 493 -5.07 -46.55 -56.88
N GLU B 494 -4.63 -46.29 -58.12
CA GLU B 494 -3.95 -47.34 -58.91
C GLU B 494 -2.64 -47.79 -58.27
N VAL B 495 -1.87 -46.83 -57.76
CA VAL B 495 -0.63 -47.17 -57.07
C VAL B 495 -0.94 -47.97 -55.81
N ILE B 496 -2.03 -47.62 -55.13
CA ILE B 496 -2.46 -48.37 -53.92
C ILE B 496 -2.74 -49.85 -54.26
N LYS B 497 -3.61 -50.08 -55.26
CA LYS B 497 -3.91 -51.44 -55.75
C LYS B 497 -2.66 -52.25 -56.08
N ALA B 498 -1.71 -51.62 -56.78
CA ALA B 498 -0.48 -52.30 -57.22
C ALA B 498 0.48 -52.60 -56.08
N GLU B 499 0.80 -51.58 -55.28
CA GLU B 499 1.86 -51.68 -54.27
C GLU B 499 1.38 -52.17 -52.91
N GLN B 500 0.07 -52.00 -52.63
CA GLN B 500 -0.57 -52.41 -51.39
C GLN B 500 0.20 -51.91 -50.17
N PRO B 501 0.15 -50.60 -49.91
CA PRO B 501 0.85 -50.08 -48.74
C PRO B 501 -0.03 -50.08 -47.49
N ASP B 502 0.60 -50.30 -46.34
CA ASP B 502 -0.12 -50.16 -45.06
C ASP B 502 -0.10 -48.73 -44.56
N GLY B 503 0.82 -47.90 -45.09
CA GLY B 503 0.97 -46.50 -44.67
C GLY B 503 0.78 -45.49 -45.79
N LEU B 504 0.17 -44.34 -45.44
CA LEU B 504 0.11 -43.13 -46.29
C LEU B 504 0.67 -41.88 -45.56
N ILE B 505 1.57 -41.13 -46.18
CA ILE B 505 1.88 -39.75 -45.76
C ILE B 505 1.27 -38.83 -46.84
N LEU B 506 0.31 -37.98 -46.46
CA LEU B 506 -0.46 -37.14 -47.39
C LEU B 506 -0.23 -35.63 -47.18
N GLY B 507 0.65 -35.26 -46.26
CA GLY B 507 0.90 -33.87 -45.89
C GLY B 507 2.33 -33.42 -46.06
N MET B 508 3.03 -33.95 -47.06
CA MET B 508 4.35 -33.46 -47.41
C MET B 508 4.51 -33.27 -48.91
N GLY B 509 3.42 -32.93 -49.58
CA GLY B 509 3.45 -32.64 -51.01
C GLY B 509 2.64 -31.41 -51.33
N GLY B 510 2.50 -30.54 -50.34
CA GLY B 510 1.69 -29.35 -50.49
C GLY B 510 0.22 -29.64 -50.44
N GLN B 511 -0.55 -28.63 -50.82
CA GLN B 511 -1.99 -28.68 -50.81
C GLN B 511 -2.54 -29.79 -51.71
N THR B 512 -2.10 -29.87 -52.96
CA THR B 512 -2.73 -30.79 -53.91
C THR B 512 -2.59 -32.27 -53.49
N ALA B 513 -1.46 -32.64 -52.91
CA ALA B 513 -1.34 -33.93 -52.29
C ALA B 513 -2.26 -34.11 -51.06
N LEU B 514 -2.46 -33.05 -50.28
CA LEU B 514 -3.31 -33.13 -49.09
C LEU B 514 -4.77 -33.21 -49.45
N ASN B 515 -5.23 -32.35 -50.34
CA ASN B 515 -6.60 -32.46 -50.85
C ASN B 515 -6.86 -33.86 -51.44
N CYS B 516 -5.85 -34.42 -52.13
CA CYS B 516 -5.97 -35.73 -52.76
C CYS B 516 -6.07 -36.89 -51.76
N GLY B 517 -5.29 -36.85 -50.70
CA GLY B 517 -5.34 -37.91 -49.66
C GLY B 517 -6.59 -37.84 -48.77
N VAL B 518 -7.09 -36.63 -48.55
CA VAL B 518 -8.35 -36.38 -47.88
C VAL B 518 -9.43 -36.96 -48.77
N GLU B 519 -9.49 -36.54 -50.02
CA GLU B 519 -10.47 -37.04 -50.97
C GLU B 519 -10.56 -38.56 -50.89
N LEU B 520 -9.42 -39.25 -50.88
CA LEU B 520 -9.41 -40.72 -50.81
C LEU B 520 -10.06 -41.32 -49.54
N PHE B 521 -9.85 -40.64 -48.41
CA PHE B 521 -10.47 -41.01 -47.13
C PHE B 521 -12.00 -40.95 -47.20
N LYS B 522 -12.51 -39.84 -47.73
CA LYS B 522 -13.95 -39.62 -47.93
C LYS B 522 -14.64 -40.68 -48.80
N ARG B 523 -13.98 -41.14 -49.86
CA ARG B 523 -14.50 -42.21 -50.71
C ARG B 523 -14.17 -43.62 -50.17
N GLY B 524 -13.83 -43.76 -48.91
CA GLY B 524 -13.52 -45.06 -48.35
C GLY B 524 -12.42 -45.87 -49.01
N VAL B 525 -11.67 -45.23 -49.91
CA VAL B 525 -10.62 -45.94 -50.65
C VAL B 525 -9.54 -46.45 -49.70
N LEU B 526 -9.13 -45.58 -48.78
CA LEU B 526 -8.02 -45.91 -47.87
C LEU B 526 -8.36 -47.03 -46.92
N LYS B 527 -9.63 -47.02 -46.50
CA LYS B 527 -10.18 -48.04 -45.61
C LYS B 527 -10.32 -49.37 -46.31
N GLU B 528 -10.76 -49.34 -47.57
CA GLU B 528 -10.96 -50.56 -48.34
C GLU B 528 -9.65 -51.32 -48.57
N TYR B 529 -8.54 -50.60 -48.74
CA TYR B 529 -7.24 -51.27 -48.94
C TYR B 529 -6.41 -51.28 -47.68
N GLY B 530 -6.99 -50.84 -46.57
CA GLY B 530 -6.36 -50.93 -45.26
C GLY B 530 -5.09 -50.11 -45.23
N VAL B 531 -5.24 -48.82 -45.53
CA VAL B 531 -4.11 -47.89 -45.56
C VAL B 531 -4.23 -46.95 -44.37
N LYS B 532 -3.34 -47.11 -43.39
CA LYS B 532 -3.25 -46.18 -42.25
C LYS B 532 -2.69 -44.85 -42.73
N VAL B 533 -3.42 -43.76 -42.47
CA VAL B 533 -2.86 -42.42 -42.56
C VAL B 533 -1.87 -42.25 -41.41
N LEU B 534 -0.61 -42.00 -41.75
CA LEU B 534 0.42 -41.86 -40.75
C LEU B 534 0.49 -40.39 -40.37
N GLY B 535 0.48 -40.12 -39.07
CA GLY B 535 0.51 -38.75 -38.55
C GLY B 535 -0.83 -38.13 -38.13
N THR B 536 -1.05 -36.88 -38.49
CA THR B 536 -2.26 -36.20 -38.12
C THR B 536 -3.40 -36.81 -38.92
N SER B 537 -4.41 -37.30 -38.20
CA SER B 537 -5.64 -37.90 -38.78
C SER B 537 -6.41 -36.96 -39.70
N VAL B 538 -7.21 -37.57 -40.55
CA VAL B 538 -7.90 -36.86 -41.60
C VAL B 538 -9.06 -36.10 -40.99
N GLU B 539 -9.64 -36.66 -39.91
CA GLU B 539 -10.68 -35.93 -39.13
C GLU B 539 -10.10 -34.62 -38.60
N SER B 540 -8.86 -34.69 -38.11
CA SER B 540 -8.15 -33.51 -37.62
C SER B 540 -7.84 -32.48 -38.72
N ILE B 541 -7.20 -32.92 -39.81
CA ILE B 541 -6.94 -32.04 -40.96
C ILE B 541 -8.21 -31.35 -41.46
N MET B 542 -9.32 -32.09 -41.57
CA MET B 542 -10.57 -31.50 -42.08
C MET B 542 -11.07 -30.36 -41.18
N ALA B 543 -10.89 -30.54 -39.87
CA ALA B 543 -11.22 -29.52 -38.90
C ALA B 543 -10.36 -28.25 -39.03
N THR B 544 -9.13 -28.37 -39.49
CA THR B 544 -8.28 -27.20 -39.74
C THR B 544 -8.46 -26.60 -41.12
N GLU B 545 -8.98 -27.36 -42.09
CA GLU B 545 -9.24 -26.84 -43.46
C GLU B 545 -10.61 -26.17 -43.60
N ASP B 546 -11.55 -26.48 -42.72
CA ASP B 546 -12.90 -25.85 -42.74
C ASP B 546 -13.00 -24.83 -41.60
N ARG B 547 -13.16 -23.57 -41.97
CA ARG B 547 -13.28 -22.44 -41.02
C ARG B 547 -14.33 -22.70 -39.90
N GLN B 548 -15.56 -23.02 -40.31
CA GLN B 548 -16.64 -23.26 -39.37
C GLN B 548 -16.32 -24.41 -38.44
N LEU B 549 -15.80 -25.50 -38.99
CA LEU B 549 -15.41 -26.64 -38.17
C LEU B 549 -14.29 -26.26 -37.19
N PHE B 550 -13.32 -25.49 -37.70
CA PHE B 550 -12.18 -24.96 -36.93
C PHE B 550 -12.65 -24.09 -35.78
N SER B 551 -13.53 -23.13 -36.12
CA SER B 551 -14.14 -22.22 -35.17
C SER B 551 -14.81 -22.99 -34.04
N ASP B 552 -15.53 -24.07 -34.37
CA ASP B 552 -16.24 -24.90 -33.36
C ASP B 552 -15.26 -25.67 -32.47
N LYS B 553 -14.19 -26.19 -33.06
CA LYS B 553 -13.20 -26.97 -32.29
C LYS B 553 -12.47 -26.08 -31.28
N LEU B 554 -12.23 -24.82 -31.64
CA LEU B 554 -11.45 -23.91 -30.81
C LEU B 554 -12.28 -23.41 -29.64
N ASN B 555 -13.57 -23.12 -29.87
CA ASN B 555 -14.54 -22.72 -28.81
C ASN B 555 -14.56 -23.70 -27.62
N GLU B 556 -14.46 -24.99 -27.92
CA GLU B 556 -14.42 -26.03 -26.89
C GLU B 556 -13.28 -25.84 -25.89
N ILE B 557 -12.22 -25.10 -26.24
CA ILE B 557 -11.11 -24.78 -25.31
C ILE B 557 -10.96 -23.26 -25.12
N ASN B 558 -12.08 -22.55 -25.15
CA ASN B 558 -12.12 -21.09 -24.92
C ASN B 558 -11.23 -20.30 -25.88
N GLU B 559 -11.25 -20.67 -27.15
CA GLU B 559 -10.53 -19.92 -28.18
C GLU B 559 -11.47 -19.56 -29.33
N LYS B 560 -11.23 -18.39 -29.94
CA LYS B 560 -12.23 -17.74 -30.83
C LYS B 560 -11.62 -17.32 -32.17
N ILE B 561 -12.47 -16.69 -33.00
CA ILE B 561 -12.02 -15.79 -34.09
C ILE B 561 -13.08 -14.67 -34.28
N LYS B 624 -13.82 -9.23 -38.99
CA LYS B 624 -13.23 -8.29 -38.03
C LYS B 624 -11.86 -7.80 -38.48
N SER B 625 -11.61 -6.51 -38.22
CA SER B 625 -10.34 -5.87 -38.50
C SER B 625 -9.30 -6.25 -37.49
N VAL B 626 -8.24 -6.88 -37.95
CA VAL B 626 -7.04 -6.99 -37.17
C VAL B 626 -5.89 -6.45 -38.01
N THR B 627 -6.18 -5.40 -38.78
CA THR B 627 -5.17 -4.68 -39.55
C THR B 627 -4.33 -3.91 -38.54
N GLY B 628 -3.01 -4.03 -38.67
CA GLY B 628 -2.11 -3.40 -37.71
C GLY B 628 -1.82 -4.18 -36.44
N TRP B 629 -2.41 -5.34 -36.24
CA TRP B 629 -2.04 -6.19 -35.12
C TRP B 629 -0.73 -6.91 -35.49
N LYS B 630 0.02 -7.35 -34.49
CA LYS B 630 1.25 -8.09 -34.70
C LYS B 630 0.86 -9.46 -35.19
N GLU B 631 1.45 -9.90 -36.29
CA GLU B 631 1.21 -11.24 -36.78
C GLU B 631 2.37 -12.10 -36.34
N ILE B 632 2.09 -13.03 -35.43
CA ILE B 632 3.11 -13.90 -34.88
C ILE B 632 2.76 -15.33 -35.24
N GLU B 633 3.74 -16.15 -35.61
CA GLU B 633 3.48 -17.56 -35.86
C GLU B 633 4.43 -18.56 -35.18
N TYR B 634 3.89 -19.74 -34.94
CA TYR B 634 4.54 -20.78 -34.17
C TYR B 634 4.56 -22.06 -34.98
N GLU B 635 5.73 -22.68 -35.06
CA GLU B 635 5.85 -24.03 -35.58
C GLU B 635 5.90 -24.92 -34.40
N VAL B 636 4.92 -25.81 -34.32
CA VAL B 636 4.77 -26.74 -33.24
C VAL B 636 4.94 -28.15 -33.78
N VAL B 637 5.49 -29.00 -32.93
CA VAL B 637 5.65 -30.41 -33.21
C VAL B 637 5.05 -31.19 -32.01
N ARG B 638 4.18 -32.17 -32.29
CA ARG B 638 3.57 -33.03 -31.24
C ARG B 638 3.71 -34.47 -31.65
N ASP B 639 4.26 -35.30 -30.77
CA ASP B 639 4.42 -36.72 -31.05
C ASP B 639 3.26 -37.51 -30.44
N ALA B 640 3.22 -38.83 -30.69
CA ALA B 640 2.10 -39.68 -30.29
C ALA B 640 1.99 -39.88 -28.77
N ASP B 641 3.11 -39.77 -28.04
CA ASP B 641 3.09 -39.72 -26.55
C ASP B 641 2.69 -38.33 -25.93
N ASP B 642 2.11 -37.44 -26.74
CA ASP B 642 1.67 -36.12 -26.27
C ASP B 642 2.84 -35.20 -25.79
N ASN B 643 4.07 -35.42 -26.28
CA ASN B 643 5.17 -34.47 -26.06
C ASN B 643 5.00 -33.41 -27.11
N CYS B 644 4.94 -32.14 -26.70
CA CYS B 644 4.62 -31.05 -27.62
C CYS B 644 5.64 -29.89 -27.47
N VAL B 645 6.21 -29.42 -28.59
CA VAL B 645 7.25 -28.37 -28.54
C VAL B 645 7.07 -27.31 -29.62
N THR B 646 7.56 -26.11 -29.30
CA THR B 646 7.66 -25.03 -30.24
C THR B 646 9.08 -25.01 -30.76
N VAL B 647 9.19 -25.24 -32.08
CA VAL B 647 10.43 -25.36 -32.79
C VAL B 647 10.96 -23.95 -33.11
N CYS B 648 10.06 -23.01 -33.40
CA CYS B 648 10.45 -21.71 -33.95
C CYS B 648 9.28 -20.74 -33.88
N ASN B 649 9.57 -19.44 -33.78
CA ASN B 649 8.52 -18.41 -33.79
C ASN B 649 8.92 -17.30 -34.74
N MET B 650 7.93 -16.64 -35.32
CA MET B 650 8.20 -15.65 -36.36
C MET B 650 7.28 -14.44 -36.24
N GLU B 651 7.85 -13.25 -36.38
CA GLU B 651 7.10 -12.02 -36.35
C GLU B 651 7.11 -11.48 -37.77
N ASN B 652 5.93 -11.22 -38.33
CA ASN B 652 5.80 -10.46 -39.57
C ASN B 652 6.22 -9.04 -39.31
N VAL B 653 7.20 -8.58 -40.06
CA VAL B 653 7.59 -7.18 -40.07
C VAL B 653 6.62 -6.31 -40.88
N ASP B 654 6.23 -6.81 -42.05
CA ASP B 654 5.45 -6.04 -43.00
C ASP B 654 4.66 -6.97 -43.91
N ALA B 655 3.37 -6.69 -44.08
CA ALA B 655 2.52 -7.45 -44.98
C ALA B 655 2.44 -6.77 -46.34
N MET B 656 3.19 -5.69 -46.52
CA MET B 656 3.40 -5.02 -47.80
C MET B 656 2.16 -4.51 -48.51
N GLY B 657 1.09 -4.28 -47.74
CA GLY B 657 -0.18 -3.90 -48.29
C GLY B 657 -0.92 -5.01 -49.02
N VAL B 658 -0.66 -6.28 -48.68
CA VAL B 658 -1.38 -7.41 -49.28
C VAL B 658 -1.69 -8.49 -48.23
N HIS B 659 -2.37 -9.56 -48.64
CA HIS B 659 -2.94 -10.57 -47.73
C HIS B 659 -2.63 -11.95 -48.34
N THR B 660 -1.51 -12.56 -47.93
CA THR B 660 -1.03 -13.83 -48.54
C THR B 660 0.18 -14.46 -47.78
N GLY B 661 0.67 -15.59 -48.29
CA GLY B 661 2.00 -16.18 -47.90
C GLY B 661 3.17 -15.39 -48.50
N ASP B 662 3.33 -14.19 -47.97
CA ASP B 662 3.86 -13.11 -48.75
C ASP B 662 4.48 -12.02 -47.91
N SER B 663 4.88 -12.29 -46.68
CA SER B 663 5.26 -11.21 -45.76
C SER B 663 6.75 -11.19 -45.49
N VAL B 664 7.24 -10.00 -45.15
CA VAL B 664 8.60 -9.85 -44.65
C VAL B 664 8.52 -10.28 -43.20
N VAL B 665 9.36 -11.25 -42.84
CA VAL B 665 9.29 -11.94 -41.54
C VAL B 665 10.67 -11.95 -40.91
N VAL B 666 10.69 -11.91 -39.57
CA VAL B 666 11.90 -12.19 -38.80
C VAL B 666 11.72 -13.36 -37.83
N ALA B 667 12.83 -13.96 -37.44
CA ALA B 667 12.82 -15.12 -36.53
C ALA B 667 14.08 -15.03 -35.71
N PRO B 668 14.01 -15.13 -34.40
CA PRO B 668 12.76 -15.17 -33.63
C PRO B 668 12.02 -13.84 -33.63
N ALA B 669 10.85 -13.83 -33.00
CA ALA B 669 10.07 -12.61 -32.79
C ALA B 669 10.87 -11.60 -32.02
N GLN B 670 10.66 -10.31 -32.28
CA GLN B 670 11.50 -9.30 -31.65
C GLN B 670 10.82 -8.36 -30.67
N THR B 671 9.53 -8.13 -30.84
CA THR B 671 8.86 -7.06 -30.12
C THR B 671 7.89 -7.60 -29.09
N LEU B 672 8.17 -8.77 -28.50
CA LEU B 672 7.21 -9.42 -27.58
C LEU B 672 7.79 -9.55 -26.19
N SER B 673 6.94 -9.32 -25.18
CA SER B 673 7.32 -9.59 -23.79
C SER B 673 7.30 -11.10 -23.54
N ASN B 674 7.88 -11.53 -22.42
CA ASN B 674 7.82 -12.94 -22.06
C ASN B 674 6.39 -13.38 -21.90
N ALA B 675 5.54 -12.50 -21.37
CA ALA B 675 4.14 -12.87 -21.10
C ALA B 675 3.31 -13.01 -22.38
N GLU B 676 3.54 -12.14 -23.37
CA GLU B 676 2.94 -12.26 -24.70
C GLU B 676 3.45 -13.54 -25.33
N PHE B 677 4.76 -13.71 -25.34
CA PHE B 677 5.37 -14.89 -25.94
C PHE B 677 4.90 -16.20 -25.29
N GLN B 678 4.90 -16.27 -23.96
CA GLN B 678 4.51 -17.52 -23.27
C GLN B 678 3.00 -17.81 -23.19
N MET B 679 2.16 -16.77 -23.28
CA MET B 679 0.71 -16.90 -23.47
C MET B 679 0.43 -17.49 -24.83
N LEU B 680 1.07 -16.94 -25.88
CA LEU B 680 0.86 -17.43 -27.25
C LEU B 680 1.39 -18.84 -27.44
N ARG B 681 2.60 -19.10 -26.95
CA ARG B 681 3.15 -20.45 -27.03
C ARG B 681 2.17 -21.47 -26.42
N ARG B 682 1.71 -21.18 -25.22
CA ARG B 682 0.87 -22.13 -24.48
C ARG B 682 -0.46 -22.39 -25.19
N THR B 683 -1.05 -21.36 -25.79
CA THR B 683 -2.22 -21.54 -26.63
C THR B 683 -1.94 -22.48 -27.81
N SER B 684 -0.84 -22.24 -28.53
CA SER B 684 -0.38 -23.12 -29.61
C SER B 684 -0.39 -24.57 -29.13
N ILE B 685 0.25 -24.82 -28.00
CA ILE B 685 0.29 -26.17 -27.43
C ILE B 685 -1.13 -26.70 -27.08
N ASN B 686 -1.95 -25.92 -26.38
CA ASN B 686 -3.38 -26.27 -26.18
C ASN B 686 -4.14 -26.59 -27.49
N VAL B 687 -4.06 -25.69 -28.47
CA VAL B 687 -4.71 -25.87 -29.75
C VAL B 687 -4.22 -27.16 -30.41
N VAL B 688 -2.91 -27.31 -30.50
CA VAL B 688 -2.32 -28.46 -31.19
C VAL B 688 -2.73 -29.79 -30.53
N ARG B 689 -2.64 -29.88 -29.21
CA ARG B 689 -3.19 -31.04 -28.45
C ARG B 689 -4.67 -31.31 -28.74
N HIS B 690 -5.46 -30.25 -28.68
CA HIS B 690 -6.87 -30.38 -28.91
C HIS B 690 -7.23 -30.87 -30.31
N LEU B 691 -6.45 -30.40 -31.30
CA LEU B 691 -6.68 -30.73 -32.71
C LEU B 691 -6.25 -32.14 -33.12
N GLY B 692 -5.47 -32.84 -32.31
CA GLY B 692 -5.05 -34.20 -32.64
C GLY B 692 -3.66 -34.27 -33.27
N ILE B 693 -3.26 -33.21 -33.99
CA ILE B 693 -1.88 -33.07 -34.53
C ILE B 693 -0.85 -34.09 -34.01
N VAL B 694 -0.43 -35.03 -34.84
CA VAL B 694 0.72 -35.90 -34.54
C VAL B 694 1.75 -35.63 -35.67
N GLY B 695 2.82 -34.93 -35.33
CA GLY B 695 3.78 -34.40 -36.28
C GLY B 695 3.80 -32.88 -36.20
N GLU B 696 4.05 -32.23 -37.32
CA GLU B 696 4.37 -30.82 -37.36
C GLU B 696 3.08 -30.07 -37.55
N CYS B 697 3.06 -28.81 -37.12
CA CYS B 697 1.92 -27.97 -37.34
C CYS B 697 2.36 -26.51 -37.25
N ASN B 698 1.73 -25.64 -38.07
CA ASN B 698 1.92 -24.19 -38.01
C ASN B 698 0.67 -23.50 -37.44
N ILE B 699 0.82 -22.56 -36.50
CA ILE B 699 -0.31 -21.75 -36.01
C ILE B 699 -0.02 -20.23 -35.98
N GLN B 700 -0.85 -19.47 -36.66
CA GLN B 700 -0.67 -18.05 -36.82
C GLN B 700 -1.57 -17.26 -35.89
N PHE B 701 -0.98 -16.34 -35.12
CA PHE B 701 -1.72 -15.37 -34.30
C PHE B 701 -1.72 -13.89 -34.78
N ALA B 702 -2.76 -13.19 -34.33
CA ALA B 702 -2.87 -11.74 -34.45
C ALA B 702 -2.88 -11.26 -33.00
N LEU B 703 -1.87 -10.50 -32.60
CA LEU B 703 -1.74 -9.98 -31.23
C LEU B 703 -1.90 -8.47 -31.23
N HIS B 704 -2.84 -7.97 -30.44
CA HIS B 704 -3.10 -6.53 -30.35
C HIS B 704 -1.82 -5.84 -29.88
N PRO B 705 -1.45 -4.70 -30.50
CA PRO B 705 -0.14 -4.10 -30.17
C PRO B 705 -0.01 -3.44 -28.79
N THR B 706 -1.14 -3.14 -28.14
CA THR B 706 -1.13 -2.37 -26.89
C THR B 706 -1.87 -3.07 -25.74
N SER B 707 -1.88 -4.40 -25.75
CA SER B 707 -2.60 -5.21 -24.74
C SER B 707 -2.34 -6.70 -24.98
N MET B 708 -2.92 -7.55 -24.13
CA MET B 708 -2.77 -9.02 -24.24
C MET B 708 -3.83 -9.72 -25.08
N GLU B 709 -4.77 -8.96 -25.62
CA GLU B 709 -5.78 -9.53 -26.49
C GLU B 709 -5.09 -10.14 -27.72
N TYR B 710 -5.58 -11.29 -28.13
CA TYR B 710 -5.11 -11.94 -29.35
C TYR B 710 -6.22 -12.73 -29.95
N CYS B 711 -6.04 -13.11 -31.20
CA CYS B 711 -6.92 -14.11 -31.77
C CYS B 711 -6.20 -14.95 -32.80
N ILE B 712 -6.72 -16.14 -33.03
CA ILE B 712 -6.07 -17.14 -33.86
C ILE B 712 -6.49 -16.92 -35.30
N ILE B 713 -5.50 -16.79 -36.18
CA ILE B 713 -5.71 -16.54 -37.59
C ILE B 713 -5.92 -17.86 -38.32
N GLU B 714 -4.96 -18.76 -38.24
CA GLU B 714 -5.12 -20.09 -38.89
C GLU B 714 -4.16 -21.13 -38.38
N VAL B 715 -4.49 -22.38 -38.68
CA VAL B 715 -3.63 -23.51 -38.42
C VAL B 715 -3.50 -24.33 -39.70
N ASN B 716 -2.27 -24.73 -40.02
CA ASN B 716 -1.96 -25.57 -41.16
C ASN B 716 -1.39 -26.86 -40.62
N ALA B 717 -2.07 -27.99 -40.85
CA ALA B 717 -1.63 -29.31 -40.36
C ALA B 717 -0.89 -30.13 -41.43
N ARG B 718 -0.29 -29.44 -42.39
CA ARG B 718 0.66 -30.03 -43.33
C ARG B 718 1.93 -29.20 -43.32
N LEU B 719 3.00 -29.74 -43.90
CA LEU B 719 4.18 -28.94 -44.16
C LEU B 719 3.84 -27.82 -45.17
N SER B 720 4.44 -26.67 -44.94
CA SER B 720 4.10 -25.43 -45.62
C SER B 720 5.36 -24.62 -45.92
N ARG B 721 5.17 -23.54 -46.67
CA ARG B 721 6.22 -22.54 -46.86
C ARG B 721 6.84 -22.14 -45.49
N SER B 722 6.00 -21.88 -44.48
CA SER B 722 6.46 -21.53 -43.11
C SER B 722 7.29 -22.59 -42.37
N SER B 723 6.86 -23.84 -42.42
CA SER B 723 7.61 -24.93 -41.79
C SER B 723 8.96 -25.16 -42.52
N ALA B 724 8.98 -24.88 -43.83
CA ALA B 724 10.25 -24.92 -44.60
C ALA B 724 11.20 -23.84 -44.10
N LEU B 725 10.68 -22.61 -43.95
CA LEU B 725 11.47 -21.49 -43.48
C LEU B 725 12.01 -21.77 -42.10
N ALA B 726 11.11 -22.27 -41.24
CA ALA B 726 11.44 -22.56 -39.86
C ALA B 726 12.55 -23.58 -39.76
N SER B 727 12.53 -24.59 -40.65
CA SER B 727 13.65 -25.53 -40.75
C SER B 727 14.95 -24.89 -41.13
N LYS B 728 14.96 -24.01 -42.12
CA LYS B 728 16.23 -23.37 -42.53
C LYS B 728 16.75 -22.39 -41.47
N ALA B 729 15.82 -21.68 -40.84
CA ALA B 729 16.18 -20.69 -39.85
C ALA B 729 16.79 -21.28 -38.58
N THR B 730 16.36 -22.49 -38.19
CA THR B 730 16.69 -23.05 -36.88
C THR B 730 17.64 -24.22 -36.90
N GLY B 731 17.72 -24.92 -38.02
CA GLY B 731 18.46 -26.16 -38.10
C GLY B 731 17.63 -27.38 -37.77
N TYR B 732 16.37 -27.20 -37.37
CA TYR B 732 15.54 -28.28 -36.85
C TYR B 732 14.85 -28.91 -38.07
N PRO B 733 15.23 -30.14 -38.45
CA PRO B 733 14.67 -30.72 -39.68
C PRO B 733 13.19 -31.21 -39.52
N LEU B 734 12.26 -30.28 -39.71
CA LEU B 734 10.84 -30.50 -39.39
C LEU B 734 10.22 -31.66 -40.15
N ALA B 735 10.44 -31.70 -41.46
CA ALA B 735 9.86 -32.74 -42.28
C ALA B 735 10.37 -34.11 -41.87
N PHE B 736 11.68 -34.23 -41.65
CA PHE B 736 12.28 -35.51 -41.21
C PHE B 736 11.68 -35.98 -39.91
N ILE B 737 11.57 -35.06 -38.95
CA ILE B 737 11.10 -35.40 -37.61
C ILE B 737 9.62 -35.75 -37.64
N ALA B 738 8.81 -34.94 -38.32
CA ALA B 738 7.39 -35.23 -38.42
C ALA B 738 7.15 -36.61 -39.01
N ALA B 739 8.01 -37.00 -39.96
CA ALA B 739 7.93 -38.31 -40.58
C ALA B 739 8.26 -39.42 -39.57
N LYS B 740 9.34 -39.26 -38.81
CA LYS B 740 9.60 -40.17 -37.70
C LYS B 740 8.40 -40.25 -36.73
N ILE B 741 7.79 -39.11 -36.47
CA ILE B 741 6.67 -39.00 -35.57
C ILE B 741 5.49 -39.80 -36.09
N ALA B 742 5.28 -39.79 -37.40
CA ALA B 742 4.17 -40.57 -38.03
C ALA B 742 4.26 -42.08 -37.82
N LEU B 743 5.49 -42.58 -37.64
CA LEU B 743 5.72 -43.96 -37.20
C LEU B 743 5.52 -44.20 -35.69
N GLY B 744 4.96 -43.21 -34.97
CA GLY B 744 4.75 -43.31 -33.54
C GLY B 744 6.02 -43.29 -32.71
N ILE B 745 7.13 -42.85 -33.31
CA ILE B 745 8.36 -42.68 -32.53
C ILE B 745 8.21 -41.34 -31.83
N PRO B 746 8.52 -41.28 -30.53
CA PRO B 746 8.39 -40.01 -29.81
C PRO B 746 9.67 -39.16 -29.83
N LEU B 747 9.49 -37.86 -29.71
CA LEU B 747 10.56 -36.89 -29.82
C LEU B 747 11.85 -37.31 -29.09
N PRO B 748 11.73 -37.77 -27.82
CA PRO B 748 12.95 -38.02 -27.07
C PRO B 748 13.80 -39.15 -27.59
N GLU B 749 13.20 -40.10 -28.30
CA GLU B 749 13.92 -41.23 -28.89
C GLU B 749 14.48 -40.97 -30.30
N ILE B 750 14.18 -39.79 -30.87
CA ILE B 750 14.79 -39.33 -32.13
C ILE B 750 16.06 -38.50 -31.83
N LYS B 751 17.07 -38.59 -32.69
CA LYS B 751 18.29 -37.78 -32.60
C LYS B 751 18.14 -36.37 -33.29
N ASN B 752 18.58 -35.30 -32.62
CA ASN B 752 18.80 -33.98 -33.26
C ASN B 752 20.01 -34.08 -34.18
N VAL B 753 19.80 -33.90 -35.49
CA VAL B 753 20.91 -34.13 -36.47
C VAL B 753 22.12 -33.17 -36.34
N VAL B 754 21.92 -31.96 -35.83
CA VAL B 754 22.95 -30.89 -35.82
C VAL B 754 24.01 -31.09 -34.70
N SER B 755 23.53 -31.38 -33.48
CA SER B 755 24.41 -31.61 -32.33
C SER B 755 24.97 -33.04 -32.29
N GLY B 756 24.23 -34.02 -32.80
CA GLY B 756 24.64 -35.42 -32.70
C GLY B 756 24.35 -36.10 -31.37
N LYS B 757 24.47 -35.36 -30.27
CA LYS B 757 24.38 -35.89 -28.90
C LYS B 757 23.00 -35.75 -28.24
N THR B 758 22.23 -34.71 -28.60
CA THR B 758 20.94 -34.45 -27.97
C THR B 758 19.79 -35.00 -28.79
N SER B 759 18.61 -35.07 -28.17
CA SER B 759 17.40 -35.53 -28.84
C SER B 759 16.73 -34.37 -29.57
N ALA B 760 15.61 -34.68 -30.23
CA ALA B 760 14.79 -33.70 -30.93
C ALA B 760 13.67 -33.14 -30.05
N CYS B 761 13.63 -33.55 -28.79
CA CYS B 761 12.69 -33.01 -27.79
C CYS B 761 13.37 -31.84 -27.09
N PHE B 762 13.45 -30.74 -27.82
CA PHE B 762 13.95 -29.45 -27.33
C PHE B 762 13.44 -28.30 -28.20
N GLU B 763 13.58 -27.07 -27.71
CA GLU B 763 13.14 -25.86 -28.42
C GLU B 763 14.41 -25.14 -28.77
N PRO B 764 14.68 -24.93 -30.07
CA PRO B 764 15.97 -24.36 -30.39
C PRO B 764 16.22 -22.96 -29.84
N SER B 765 17.49 -22.65 -29.54
CA SER B 765 17.92 -21.28 -29.24
C SER B 765 18.75 -20.68 -30.37
N LEU B 766 18.24 -19.61 -30.97
CA LEU B 766 18.93 -18.89 -32.03
C LEU B 766 19.73 -17.78 -31.43
N ASP B 767 21.04 -17.77 -31.64
CA ASP B 767 21.92 -16.61 -31.24
C ASP B 767 22.23 -15.64 -32.41
N TYR B 768 21.31 -15.64 -33.38
CA TYR B 768 21.35 -14.83 -34.59
C TYR B 768 19.89 -14.43 -34.83
N MET B 769 19.65 -13.59 -35.83
CA MET B 769 18.32 -13.27 -36.25
C MET B 769 18.20 -13.47 -37.78
N VAL B 770 17.04 -13.94 -38.21
CA VAL B 770 16.78 -14.30 -39.61
C VAL B 770 15.73 -13.37 -40.22
N THR B 771 15.97 -12.88 -41.44
CA THR B 771 14.98 -12.08 -42.18
C THR B 771 14.61 -12.78 -43.48
N LYS B 772 13.32 -12.86 -43.75
CA LYS B 772 12.84 -13.46 -44.99
C LYS B 772 12.06 -12.41 -45.74
N ILE B 773 12.42 -12.19 -47.00
CA ILE B 773 11.67 -11.34 -47.91
C ILE B 773 11.23 -12.20 -49.11
N PRO B 774 9.95 -12.08 -49.53
CA PRO B 774 9.54 -12.75 -50.77
C PRO B 774 10.07 -12.03 -52.01
N ARG B 775 10.21 -12.79 -53.10
CA ARG B 775 10.42 -12.25 -54.44
C ARG B 775 9.10 -12.37 -55.18
N TRP B 776 8.58 -11.24 -55.69
CA TRP B 776 7.36 -11.23 -56.47
C TRP B 776 7.64 -11.54 -57.94
N ASP B 777 6.56 -11.84 -58.67
CA ASP B 777 6.61 -11.98 -60.12
C ASP B 777 6.70 -10.65 -60.92
N LEU B 778 6.70 -9.50 -60.23
CA LEU B 778 6.96 -8.23 -60.89
C LEU B 778 8.38 -8.21 -61.41
N ASP B 779 8.62 -7.51 -62.50
CA ASP B 779 9.97 -7.43 -63.04
C ASP B 779 10.51 -6.03 -63.31
N ARG B 780 9.81 -5.01 -62.79
CA ARG B 780 10.29 -3.63 -62.81
C ARG B 780 9.99 -3.02 -61.44
N PHE B 781 10.58 -1.87 -61.15
CA PHE B 781 10.33 -1.12 -59.91
C PHE B 781 9.36 0.07 -60.13
N HIS B 782 8.06 -0.09 -59.82
CA HIS B 782 7.03 0.94 -60.11
C HIS B 782 6.50 1.70 -58.85
N GLY B 783 5.26 1.44 -58.39
CA GLY B 783 4.53 2.36 -57.48
C GLY B 783 3.01 2.39 -57.67
N ILE B 788 -0.15 2.08 -61.34
CA ILE B 788 -1.06 1.32 -60.47
C ILE B 788 -0.28 0.13 -59.93
N GLY B 789 -0.67 -0.35 -58.74
CA GLY B 789 0.04 -1.39 -58.00
C GLY B 789 -0.30 -2.84 -58.31
N SER B 790 -1.53 -3.10 -58.75
CA SER B 790 -1.99 -4.44 -59.16
C SER B 790 -2.03 -5.46 -57.99
N SER B 791 -2.38 -6.71 -58.32
CA SER B 791 -2.22 -7.87 -57.41
C SER B 791 -1.79 -9.11 -58.21
N MET B 792 -0.85 -9.86 -57.60
CA MET B 792 0.07 -10.72 -58.33
C MET B 792 0.80 -11.74 -57.43
N LYS B 793 1.50 -12.69 -58.04
CA LYS B 793 2.03 -13.85 -57.33
C LYS B 793 3.35 -13.56 -56.61
N SER B 794 3.65 -14.37 -55.61
CA SER B 794 4.94 -14.33 -54.94
C SER B 794 5.64 -15.67 -55.21
N VAL B 795 6.66 -15.63 -56.06
CA VAL B 795 7.22 -16.80 -56.72
C VAL B 795 8.51 -17.37 -56.12
N GLY B 796 9.18 -16.57 -55.30
CA GLY B 796 10.36 -17.03 -54.57
C GLY B 796 10.51 -16.37 -53.23
N GLU B 797 11.52 -16.80 -52.47
CA GLU B 797 11.91 -16.07 -51.28
C GLU B 797 13.40 -16.10 -51.06
N VAL B 798 13.86 -15.21 -50.20
CA VAL B 798 15.24 -15.18 -49.75
C VAL B 798 15.23 -15.21 -48.24
N MET B 799 16.36 -15.65 -47.66
CA MET B 799 16.56 -15.61 -46.21
C MET B 799 17.99 -15.27 -45.85
N ALA B 800 18.12 -14.38 -44.88
CA ALA B 800 19.40 -13.84 -44.48
C ALA B 800 19.56 -13.89 -42.97
N ILE B 801 20.73 -14.32 -42.54
CA ILE B 801 21.08 -14.48 -41.14
C ILE B 801 22.12 -13.42 -40.76
N GLY B 802 21.92 -12.79 -39.61
CA GLY B 802 22.79 -11.74 -39.12
C GLY B 802 22.66 -11.71 -37.62
N ARG B 803 23.50 -10.92 -36.94
CA ARG B 803 23.41 -10.85 -35.49
C ARG B 803 22.88 -9.52 -35.01
N THR B 804 22.44 -8.70 -35.94
CA THR B 804 21.64 -7.55 -35.59
C THR B 804 20.52 -7.55 -36.58
N PHE B 805 19.42 -6.93 -36.21
CA PHE B 805 18.37 -6.72 -37.19
C PHE B 805 18.94 -6.10 -38.45
N GLU B 806 19.82 -5.12 -38.27
CA GLU B 806 20.30 -4.32 -39.38
C GLU B 806 21.15 -5.12 -40.36
N GLU B 807 22.02 -5.99 -39.87
CA GLU B 807 22.88 -6.85 -40.70
C GLU B 807 22.05 -7.85 -41.48
N SER B 808 21.11 -8.51 -40.80
CA SER B 808 20.16 -9.43 -41.43
C SER B 808 19.30 -8.78 -42.48
N PHE B 809 18.74 -7.62 -42.13
CA PHE B 809 17.75 -6.93 -42.96
C PHE B 809 18.37 -6.43 -44.26
N GLN B 810 19.52 -5.80 -44.19
CA GLN B 810 20.14 -5.28 -45.42
C GLN B 810 20.58 -6.44 -46.33
N LYS B 811 21.22 -7.46 -45.76
CA LYS B 811 21.53 -8.66 -46.50
C LYS B 811 20.30 -9.19 -47.25
N ALA B 812 19.22 -9.39 -46.51
CA ALA B 812 18.00 -9.91 -47.09
C ALA B 812 17.54 -9.04 -48.29
N LEU B 813 17.64 -7.71 -48.18
CA LEU B 813 17.26 -6.83 -49.28
C LEU B 813 18.11 -7.12 -50.49
N ARG B 814 19.43 -7.14 -50.32
CA ARG B 814 20.31 -7.41 -51.43
C ARG B 814 20.02 -8.77 -52.09
N MET B 815 19.69 -9.79 -51.27
CA MET B 815 19.41 -11.13 -51.75
C MET B 815 18.24 -11.14 -52.71
N CYS B 816 17.22 -10.35 -52.39
CA CYS B 816 15.97 -10.27 -53.17
C CYS B 816 16.18 -10.00 -54.66
N HIS B 817 17.08 -9.12 -55.01
CA HIS B 817 17.35 -8.79 -56.41
C HIS B 817 18.67 -8.05 -56.46
N PRO B 818 19.47 -8.28 -57.53
CA PRO B 818 20.80 -7.71 -57.55
C PRO B 818 20.87 -6.19 -57.71
N SER B 819 19.79 -5.55 -58.16
CA SER B 819 19.71 -4.07 -58.22
C SER B 819 19.53 -3.36 -56.89
N ILE B 820 19.26 -4.12 -55.83
CA ILE B 820 19.00 -3.56 -54.51
C ILE B 820 20.28 -3.58 -53.69
N GLU B 821 20.72 -2.41 -53.24
CA GLU B 821 22.00 -2.27 -52.52
C GLU B 821 21.85 -2.43 -51.01
N GLY B 822 20.62 -2.27 -50.53
CA GLY B 822 20.29 -2.33 -49.12
C GLY B 822 19.08 -1.46 -48.79
N PHE B 823 19.05 -0.94 -47.57
CA PHE B 823 18.01 -0.01 -47.20
C PHE B 823 18.51 1.42 -47.48
N THR B 824 18.11 2.03 -48.59
CA THR B 824 18.31 3.48 -48.79
C THR B 824 17.10 4.08 -49.50
N PRO B 825 16.96 5.41 -49.44
CA PRO B 825 15.96 6.11 -50.28
C PRO B 825 16.29 6.26 -51.77
N ARG B 826 17.54 6.02 -52.19
CA ARG B 826 17.90 6.03 -53.62
C ARG B 826 17.28 4.84 -54.33
N LEU B 827 16.35 5.14 -55.24
CA LEU B 827 15.70 4.14 -56.07
C LEU B 827 16.76 3.44 -56.90
N PRO B 828 16.50 2.19 -57.29
CA PRO B 828 17.51 1.51 -58.10
C PRO B 828 17.59 2.11 -59.50
N MET B 829 18.58 1.66 -60.27
CA MET B 829 18.81 2.08 -61.69
C MET B 829 19.03 3.59 -61.85
N ASN B 830 19.56 4.24 -60.80
CA ASN B 830 19.71 5.70 -60.76
C ASN B 830 18.41 6.53 -60.90
N LYS B 831 17.23 5.92 -60.75
CA LYS B 831 15.96 6.64 -60.96
C LYS B 831 15.75 7.77 -59.96
N GLU B 832 14.96 8.75 -60.38
CA GLU B 832 14.55 9.83 -59.51
C GLU B 832 13.09 9.71 -59.06
N TRP B 833 12.86 10.07 -57.80
CA TRP B 833 11.53 10.19 -57.26
C TRP B 833 10.84 11.32 -58.04
N PRO B 834 9.62 11.09 -58.57
CA PRO B 834 8.86 12.22 -59.12
C PRO B 834 8.59 13.28 -58.07
N SER B 835 8.41 14.51 -58.54
CA SER B 835 8.04 15.64 -57.69
C SER B 835 6.53 15.66 -57.33
N ASN B 836 5.70 14.94 -58.10
CA ASN B 836 4.25 14.80 -57.84
C ASN B 836 3.93 13.63 -56.88
N LEU B 837 4.76 13.46 -55.85
CA LEU B 837 4.80 12.23 -55.04
C LEU B 837 3.93 12.32 -53.80
N ASP B 838 2.77 11.67 -53.85
CA ASP B 838 1.97 11.50 -52.66
C ASP B 838 2.66 10.44 -51.78
N LEU B 839 3.53 10.88 -50.86
CA LEU B 839 4.32 9.96 -50.01
C LEU B 839 3.47 9.06 -49.09
N ARG B 840 2.29 9.54 -48.69
CA ARG B 840 1.35 8.73 -47.93
C ARG B 840 0.73 7.61 -48.75
N LYS B 841 0.38 7.91 -50.00
CA LYS B 841 -0.09 6.88 -50.93
C LYS B 841 0.94 5.76 -51.11
N GLU B 842 2.20 6.12 -51.34
CA GLU B 842 3.28 5.14 -51.55
C GLU B 842 3.54 4.21 -50.35
N LEU B 843 3.18 4.66 -49.15
CA LEU B 843 3.28 3.87 -47.91
C LEU B 843 2.02 3.08 -47.53
N SER B 844 0.88 3.42 -48.14
CA SER B 844 -0.38 2.73 -47.82
C SER B 844 -0.66 1.61 -48.81
N GLU B 845 -0.42 1.88 -50.09
CA GLU B 845 -0.65 0.89 -51.17
C GLU B 845 0.57 0.02 -51.56
N PRO B 846 0.29 -1.19 -52.10
CA PRO B 846 1.39 -2.09 -52.44
C PRO B 846 2.16 -1.53 -53.61
N SER B 847 3.49 -1.65 -53.59
CA SER B 847 4.33 -0.85 -54.46
C SER B 847 5.39 -1.61 -55.25
N SER B 848 6.20 -2.46 -54.62
CA SER B 848 7.48 -2.91 -55.29
C SER B 848 8.69 -1.95 -55.23
N THR B 849 8.50 -0.67 -54.89
CA THR B 849 9.54 0.15 -54.28
C THR B 849 9.08 0.55 -52.88
N ARG B 850 8.12 -0.18 -52.31
CA ARG B 850 7.59 0.18 -50.99
C ARG B 850 8.70 0.53 -49.99
N ILE B 851 9.73 -0.31 -49.95
CA ILE B 851 10.79 -0.21 -48.93
C ILE B 851 11.61 1.04 -49.14
N TYR B 852 11.79 1.35 -50.42
CA TYR B 852 12.42 2.58 -50.85
C TYR B 852 11.57 3.78 -50.43
N ALA B 853 10.25 3.60 -50.44
CA ALA B 853 9.34 4.65 -50.00
C ALA B 853 9.43 4.88 -48.52
N ILE B 854 9.59 3.80 -47.79
CA ILE B 854 9.76 3.87 -46.35
C ILE B 854 11.04 4.61 -46.06
N ALA B 855 12.12 4.21 -46.74
CA ALA B 855 13.39 4.90 -46.58
C ALA B 855 13.27 6.41 -46.81
N LYS B 856 12.62 6.81 -47.92
CA LYS B 856 12.41 8.24 -48.18
C LYS B 856 11.54 8.94 -47.12
N ALA B 857 10.52 8.27 -46.60
CA ALA B 857 9.74 8.84 -45.48
C ALA B 857 10.62 9.13 -44.25
N ILE B 858 11.45 8.18 -43.85
CA ILE B 858 12.29 8.41 -42.69
C ILE B 858 13.25 9.57 -42.96
N ASP B 859 13.73 9.69 -44.20
CA ASP B 859 14.66 10.74 -44.62
C ASP B 859 14.02 12.13 -44.67
N ASP B 860 12.77 12.21 -45.10
CA ASP B 860 12.00 13.46 -45.12
C ASP B 860 11.36 13.84 -43.76
N ASN B 861 11.71 13.13 -42.69
CA ASN B 861 11.30 13.47 -41.33
C ASN B 861 9.79 13.42 -41.06
N MET B 862 9.07 12.64 -41.88
CA MET B 862 7.78 12.13 -41.48
C MET B 862 8.05 11.35 -40.20
N SER B 863 7.25 11.57 -39.17
CA SER B 863 7.52 10.91 -37.88
C SER B 863 7.32 9.40 -38.04
N LEU B 864 8.05 8.65 -37.23
CA LEU B 864 8.00 7.20 -37.31
C LEU B 864 6.62 6.70 -36.92
N ASP B 865 5.93 7.42 -36.04
CA ASP B 865 4.57 7.08 -35.62
C ASP B 865 3.58 7.11 -36.76
N GLU B 866 3.71 8.07 -37.67
CA GLU B 866 2.86 8.12 -38.88
C GLU B 866 3.22 7.04 -39.90
N ILE B 867 4.51 6.71 -39.97
CA ILE B 867 4.97 5.62 -40.82
C ILE B 867 4.41 4.33 -40.24
N GLU B 868 4.38 4.21 -38.91
CA GLU B 868 3.79 3.05 -38.23
C GLU B 868 2.31 3.01 -38.57
N LYS B 869 1.65 4.17 -38.56
CA LYS B 869 0.22 4.28 -38.92
C LYS B 869 -0.03 3.81 -40.33
N LEU B 870 0.70 4.37 -41.28
CA LEU B 870 0.49 4.08 -42.70
C LEU B 870 0.84 2.65 -43.16
N THR B 871 1.93 2.09 -42.62
CA THR B 871 2.48 0.79 -43.04
C THR B 871 2.19 -0.40 -42.15
N TYR B 872 1.79 -0.15 -40.90
CA TYR B 872 1.55 -1.19 -39.87
C TYR B 872 2.85 -1.89 -39.41
N ILE B 873 4.00 -1.23 -39.65
CA ILE B 873 5.29 -1.77 -39.28
C ILE B 873 5.59 -1.26 -37.87
N ASP B 874 5.75 -2.17 -36.91
CA ASP B 874 6.07 -1.82 -35.53
C ASP B 874 7.30 -0.90 -35.51
N LYS B 875 7.22 0.12 -34.67
CA LYS B 875 8.15 1.23 -34.71
C LYS B 875 9.54 0.82 -34.26
N TRP B 876 9.67 -0.35 -33.62
CA TRP B 876 10.99 -0.87 -33.31
C TRP B 876 11.77 -1.12 -34.58
N PHE B 877 11.12 -1.75 -35.56
CA PHE B 877 11.75 -1.98 -36.89
C PHE B 877 12.14 -0.65 -37.52
N LEU B 878 11.22 0.31 -37.45
CA LEU B 878 11.45 1.65 -37.99
C LEU B 878 12.63 2.38 -37.29
N TYR B 879 12.83 2.15 -35.99
CA TYR B 879 13.96 2.72 -35.27
C TYR B 879 15.25 2.20 -35.84
N LYS B 880 15.31 0.92 -36.12
CA LYS B 880 16.53 0.33 -36.64
C LYS B 880 16.70 0.74 -38.10
N MET B 881 15.61 0.89 -38.83
CA MET B 881 15.72 1.38 -40.19
C MET B 881 16.42 2.73 -40.22
N ARG B 882 15.98 3.63 -39.35
CA ARG B 882 16.52 4.99 -39.25
C ARG B 882 17.98 5.06 -38.80
N ASP B 883 18.44 4.11 -37.99
CA ASP B 883 19.85 4.07 -37.65
C ASP B 883 20.68 3.81 -38.89
N ILE B 884 20.16 2.98 -39.79
CA ILE B 884 20.85 2.68 -41.05
C ILE B 884 20.96 3.96 -41.88
N LEU B 885 19.86 4.69 -42.04
CA LEU B 885 19.90 5.96 -42.78
C LEU B 885 20.82 7.03 -42.19
N ASN B 886 20.80 7.17 -40.87
CA ASN B 886 21.73 8.03 -40.14
C ASN B 886 23.18 7.62 -40.38
N MET B 887 23.46 6.31 -40.41
CA MET B 887 24.80 5.82 -40.78
C MET B 887 25.15 6.16 -42.23
N GLU B 888 24.17 6.10 -43.14
CA GLU B 888 24.37 6.59 -44.50
C GLU B 888 24.83 8.07 -44.50
N LYS B 889 24.12 8.95 -43.79
CA LYS B 889 24.46 10.39 -43.79
C LYS B 889 25.86 10.64 -43.22
N THR B 890 26.16 10.05 -42.06
CA THR B 890 27.52 10.07 -41.50
C THR B 890 28.54 9.70 -42.57
N LEU B 891 28.30 8.62 -43.27
CA LEU B 891 29.22 8.17 -44.31
C LEU B 891 29.32 9.18 -45.46
N LYS B 892 28.19 9.63 -46.01
CA LYS B 892 28.17 10.70 -47.02
C LYS B 892 29.15 11.86 -46.77
N GLY B 893 29.33 12.25 -45.51
CA GLY B 893 30.24 13.35 -45.12
C GLY B 893 31.65 12.93 -44.77
N LEU B 894 31.99 11.66 -44.97
CA LEU B 894 33.34 11.14 -44.77
C LEU B 894 33.99 10.77 -46.12
N ASN B 895 35.28 10.45 -46.07
CA ASN B 895 36.07 10.07 -47.22
C ASN B 895 37.10 9.06 -46.74
N SER B 896 37.92 8.56 -47.66
CA SER B 896 38.83 7.47 -47.35
C SER B 896 39.77 7.77 -46.18
N GLU B 897 40.12 9.03 -46.01
CA GLU B 897 41.09 9.46 -44.98
C GLU B 897 40.42 9.82 -43.68
N SER B 898 39.27 10.47 -43.70
CA SER B 898 38.61 10.88 -42.45
C SER B 898 37.79 9.78 -41.78
N MET B 899 37.32 8.79 -42.55
CA MET B 899 36.55 7.71 -41.98
C MET B 899 37.37 6.89 -40.99
N THR B 900 36.91 6.81 -39.75
CA THR B 900 37.62 6.00 -38.76
C THR B 900 37.33 4.48 -38.90
N GLU B 901 38.31 3.69 -38.46
CA GLU B 901 38.15 2.24 -38.23
C GLU B 901 36.82 1.92 -37.50
N GLU B 902 36.50 2.71 -36.49
CA GLU B 902 35.35 2.53 -35.63
C GLU B 902 34.03 2.75 -36.38
N THR B 903 33.96 3.82 -37.19
CA THR B 903 32.75 4.04 -37.97
C THR B 903 32.58 2.93 -39.01
N LEU B 904 33.65 2.55 -39.71
CA LEU B 904 33.54 1.43 -40.67
C LEU B 904 33.08 0.11 -40.04
N LYS B 905 33.62 -0.23 -38.88
CA LYS B 905 33.23 -1.43 -38.13
C LYS B 905 31.71 -1.41 -37.91
N ARG B 906 31.22 -0.29 -37.39
CA ARG B 906 29.79 -0.12 -37.14
C ARG B 906 28.98 -0.27 -38.41
N ALA B 907 29.37 0.41 -39.49
CA ALA B 907 28.69 0.27 -40.78
C ALA B 907 28.62 -1.21 -41.19
N LYS B 908 29.74 -1.92 -41.11
CA LYS B 908 29.74 -3.31 -41.52
C LYS B 908 28.88 -4.21 -40.60
N GLU B 909 28.84 -3.86 -39.32
CA GLU B 909 27.99 -4.55 -38.35
C GLU B 909 26.50 -4.27 -38.51
N ILE B 910 26.13 -3.19 -39.21
CA ILE B 910 24.72 -2.94 -39.53
C ILE B 910 24.37 -3.15 -41.00
N GLY B 911 25.21 -3.91 -41.70
CA GLY B 911 24.84 -4.51 -42.99
C GLY B 911 25.14 -3.73 -44.24
N PHE B 912 25.98 -2.72 -44.12
CA PHE B 912 26.43 -1.96 -45.27
C PHE B 912 27.35 -2.83 -46.09
N SER B 913 27.03 -2.99 -47.37
CA SER B 913 28.00 -3.52 -48.36
C SER B 913 29.11 -2.53 -48.63
N ASP B 914 30.29 -3.04 -48.95
CA ASP B 914 31.37 -2.20 -49.49
C ASP B 914 30.85 -1.28 -50.61
N LYS B 915 30.00 -1.83 -51.47
CA LYS B 915 29.33 -1.11 -52.55
C LYS B 915 28.57 0.14 -52.09
N GLN B 916 27.73 0.02 -51.06
CA GLN B 916 27.03 1.17 -50.48
C GLN B 916 27.93 2.26 -49.91
N ILE B 917 29.02 1.82 -49.29
CA ILE B 917 29.96 2.71 -48.64
C ILE B 917 30.81 3.39 -49.69
N SER B 918 31.06 2.67 -50.77
CA SER B 918 31.89 3.20 -51.86
C SER B 918 31.25 4.49 -52.37
N LYS B 919 29.94 4.45 -52.60
CA LYS B 919 29.19 5.60 -53.09
C LYS B 919 29.23 6.78 -52.14
N CYS B 920 29.24 6.52 -50.84
CA CYS B 920 29.33 7.54 -49.81
C CYS B 920 30.69 8.25 -49.78
N LEU B 921 31.75 7.47 -49.79
CA LEU B 921 33.13 7.96 -49.71
C LEU B 921 33.73 8.43 -51.03
N GLY B 922 32.97 8.29 -52.12
CA GLY B 922 33.43 8.60 -53.49
C GLY B 922 34.50 7.65 -53.99
N LEU B 923 34.42 6.37 -53.61
CA LEU B 923 35.39 5.37 -54.04
C LEU B 923 34.67 4.31 -54.90
N THR B 924 35.45 3.43 -55.53
CA THR B 924 34.92 2.19 -56.14
C THR B 924 34.76 1.10 -55.09
N GLU B 925 33.88 0.14 -55.40
CA GLU B 925 33.66 -1.04 -54.56
C GLU B 925 34.97 -1.76 -54.21
N ALA B 926 35.83 -1.97 -55.22
CA ALA B 926 37.13 -2.65 -55.03
C ALA B 926 38.01 -1.84 -54.12
N GLN B 927 38.03 -0.54 -54.33
CA GLN B 927 38.77 0.37 -53.46
C GLN B 927 38.30 0.30 -52.03
N THR B 928 36.98 0.20 -51.86
CA THR B 928 36.38 0.21 -50.51
C THR B 928 36.68 -1.08 -49.79
N ARG B 929 36.71 -2.18 -50.54
CA ARG B 929 37.10 -3.46 -50.00
C ARG B 929 38.56 -3.42 -49.56
N GLU B 930 39.42 -2.87 -50.41
CA GLU B 930 40.86 -2.77 -50.10
C GLU B 930 41.10 -1.96 -48.84
N LEU B 931 40.44 -0.80 -48.77
CA LEU B 931 40.44 0.09 -47.60
C LEU B 931 39.98 -0.60 -46.32
N ARG B 932 38.89 -1.36 -46.42
CA ARG B 932 38.36 -2.17 -45.32
C ARG B 932 39.35 -3.23 -44.86
N LEU B 933 39.92 -3.99 -45.81
CA LEU B 933 40.84 -5.10 -45.45
C LEU B 933 42.13 -4.59 -44.88
N LYS B 934 42.51 -3.41 -45.33
CA LYS B 934 43.72 -2.74 -44.91
C LYS B 934 43.65 -2.37 -43.44
N LYS B 935 42.47 -1.99 -42.95
CA LYS B 935 42.20 -1.79 -41.51
C LYS B 935 41.87 -3.09 -40.76
N ASN B 936 42.12 -4.23 -41.40
CA ASN B 936 41.76 -5.58 -40.93
C ASN B 936 40.31 -5.76 -40.34
N ILE B 937 39.34 -5.14 -40.96
CA ILE B 937 37.96 -5.31 -40.63
C ILE B 937 37.38 -6.32 -41.62
N HIS B 938 37.00 -7.49 -41.14
CA HIS B 938 36.46 -8.54 -42.00
C HIS B 938 35.36 -9.30 -41.27
N PRO B 939 34.52 -10.07 -41.99
CA PRO B 939 33.50 -10.80 -41.24
C PRO B 939 33.97 -12.16 -40.66
N TRP B 940 33.06 -12.82 -39.96
CA TRP B 940 33.33 -14.02 -39.19
C TRP B 940 32.37 -15.10 -39.61
N VAL B 941 32.88 -16.35 -39.60
CA VAL B 941 32.10 -17.52 -39.96
C VAL B 941 31.58 -18.14 -38.69
N LYS B 942 30.27 -18.27 -38.60
CA LYS B 942 29.59 -18.84 -37.46
C LYS B 942 28.71 -19.97 -37.88
N GLN B 943 28.45 -20.84 -36.91
CA GLN B 943 27.54 -21.96 -37.05
C GLN B 943 26.13 -21.66 -36.57
N ILE B 944 25.15 -22.18 -37.29
CA ILE B 944 23.88 -22.50 -36.70
C ILE B 944 24.15 -23.84 -36.02
N ASP B 945 24.05 -23.89 -34.67
CA ASP B 945 24.08 -25.19 -33.94
C ASP B 945 22.76 -25.58 -33.22
N THR B 946 21.72 -24.77 -33.42
CA THR B 946 20.36 -24.93 -32.87
C THR B 946 20.22 -24.72 -31.35
N LEU B 947 21.35 -24.53 -30.66
CA LEU B 947 21.39 -24.59 -29.21
C LEU B 947 22.05 -23.40 -28.54
N ALA B 948 22.37 -22.37 -29.34
CA ALA B 948 23.13 -21.18 -28.91
C ALA B 948 24.48 -21.52 -28.22
N ALA B 949 25.13 -22.55 -28.77
CA ALA B 949 26.48 -22.98 -28.42
C ALA B 949 26.53 -23.60 -27.05
N GLU B 950 25.38 -24.04 -26.58
CA GLU B 950 25.27 -24.75 -25.33
C GLU B 950 25.97 -26.09 -25.48
N TYR B 951 25.77 -26.76 -26.62
CA TYR B 951 26.53 -27.96 -26.98
C TYR B 951 27.20 -27.76 -28.34
N PRO B 952 28.42 -28.27 -28.54
CA PRO B 952 29.07 -28.10 -29.86
C PRO B 952 28.30 -28.76 -30.99
N SER B 953 28.57 -28.36 -32.23
CA SER B 953 27.90 -28.91 -33.41
C SER B 953 28.99 -29.48 -34.30
N VAL B 954 28.79 -30.69 -34.81
CA VAL B 954 29.74 -31.25 -35.78
C VAL B 954 29.02 -31.43 -37.13
N THR B 955 28.30 -30.38 -37.51
CA THR B 955 27.85 -30.19 -38.89
C THR B 955 28.06 -28.72 -39.21
N ASN B 956 28.29 -28.45 -40.49
CA ASN B 956 28.81 -27.20 -40.90
C ASN B 956 27.72 -26.44 -41.65
N TYR B 957 26.68 -26.04 -40.92
CA TYR B 957 25.62 -25.12 -41.41
C TYR B 957 25.93 -23.67 -40.97
N LEU B 958 26.35 -22.85 -41.92
CA LEU B 958 27.14 -21.67 -41.61
C LEU B 958 26.56 -20.37 -42.16
N TYR B 959 26.89 -19.26 -41.51
CA TYR B 959 26.59 -17.93 -42.04
C TYR B 959 27.81 -17.05 -41.78
N VAL B 960 27.75 -15.78 -42.17
CA VAL B 960 28.87 -14.87 -42.03
C VAL B 960 28.37 -13.56 -41.41
N THR B 961 29.05 -13.10 -40.37
CA THR B 961 28.56 -11.97 -39.59
C THR B 961 29.77 -11.13 -39.29
N TYR B 962 29.61 -9.81 -39.37
CA TYR B 962 30.58 -8.87 -38.79
C TYR B 962 30.51 -8.73 -37.27
N ASN B 963 29.49 -9.28 -36.64
CA ASN B 963 29.32 -9.20 -35.19
C ASN B 963 29.92 -10.43 -34.50
N GLY B 964 31.24 -10.44 -34.37
CA GLY B 964 31.92 -11.52 -33.69
C GLY B 964 33.40 -11.24 -33.55
N GLN B 965 34.13 -12.16 -32.92
CA GLN B 965 35.57 -12.03 -32.70
C GLN B 965 36.33 -13.35 -32.93
N GLU B 966 35.70 -14.32 -33.59
CA GLU B 966 36.30 -15.65 -33.83
C GLU B 966 35.51 -16.38 -34.90
N HIS B 967 36.16 -17.34 -35.54
CA HIS B 967 35.46 -18.22 -36.46
C HIS B 967 35.06 -19.46 -35.68
N ASP B 968 34.04 -20.16 -36.15
CA ASP B 968 33.57 -21.37 -35.53
C ASP B 968 34.09 -22.64 -36.23
N VAL B 969 34.81 -22.47 -37.34
CA VAL B 969 35.37 -23.61 -38.10
C VAL B 969 36.81 -23.36 -38.50
N ASN B 970 37.51 -24.45 -38.76
CA ASN B 970 38.82 -24.41 -39.39
C ASN B 970 38.67 -24.29 -40.92
N PHE B 971 39.69 -23.74 -41.57
CA PHE B 971 39.71 -23.58 -43.01
C PHE B 971 40.85 -24.38 -43.60
N ASP B 972 40.76 -25.69 -43.37
CA ASP B 972 41.66 -26.70 -43.92
C ASP B 972 41.09 -27.53 -45.10
N ASP B 973 39.77 -27.56 -45.29
CA ASP B 973 39.15 -28.28 -46.42
C ASP B 973 39.64 -27.82 -47.81
N HIS B 974 39.82 -26.53 -47.99
CA HIS B 974 40.20 -25.95 -49.28
C HIS B 974 39.33 -26.53 -50.41
N GLY B 975 38.02 -26.52 -50.17
CA GLY B 975 37.11 -27.27 -51.02
C GLY B 975 36.67 -26.56 -52.29
N MET B 976 35.71 -27.20 -52.96
CA MET B 976 35.22 -26.74 -54.25
C MET B 976 33.93 -25.98 -54.04
N MET B 977 33.87 -24.74 -54.50
CA MET B 977 32.70 -23.93 -54.28
C MET B 977 31.74 -24.17 -55.41
N VAL B 978 30.46 -24.27 -55.07
CA VAL B 978 29.40 -24.38 -56.05
C VAL B 978 28.36 -23.34 -55.72
N LEU B 979 28.10 -22.41 -56.63
CA LEU B 979 27.15 -21.31 -56.37
C LEU B 979 25.69 -21.66 -56.72
N GLY B 980 24.79 -21.24 -55.85
CA GLY B 980 23.37 -21.48 -56.01
C GLY B 980 22.71 -20.48 -56.92
N CYS B 981 21.40 -20.65 -57.09
CA CYS B 981 20.61 -19.86 -58.04
C CYS B 981 20.04 -18.58 -57.44
N GLY B 982 19.95 -18.52 -56.12
CA GLY B 982 19.32 -17.41 -55.45
C GLY B 982 17.82 -17.58 -55.50
N PRO B 983 17.09 -16.49 -55.27
CA PRO B 983 15.64 -16.66 -55.21
C PRO B 983 15.01 -17.06 -56.55
N TYR B 984 14.03 -17.96 -56.49
CA TYR B 984 13.21 -18.28 -57.67
C TYR B 984 12.49 -17.02 -58.12
N HIS B 985 12.42 -16.84 -59.43
CA HIS B 985 11.60 -15.78 -60.04
C HIS B 985 11.17 -16.32 -61.39
N ILE B 986 10.48 -15.51 -62.18
CA ILE B 986 10.16 -15.89 -63.56
C ILE B 986 11.46 -16.08 -64.34
N GLY B 987 11.52 -17.17 -65.07
CA GLY B 987 12.70 -17.48 -65.87
C GLY B 987 13.83 -18.16 -65.13
N SER B 988 13.72 -18.26 -63.80
CA SER B 988 14.70 -19.00 -62.98
C SER B 988 14.04 -19.75 -61.81
N SER B 989 13.82 -21.03 -62.02
CA SER B 989 12.96 -21.84 -61.18
C SER B 989 13.65 -23.12 -60.71
N VAL B 990 12.85 -24.09 -60.28
CA VAL B 990 13.31 -25.35 -59.65
C VAL B 990 14.37 -26.20 -60.37
N GLU B 991 14.62 -25.93 -61.66
CA GLU B 991 15.54 -26.74 -62.44
C GLU B 991 16.97 -26.44 -62.05
N PHE B 992 17.25 -25.22 -61.57
CA PHE B 992 18.62 -24.91 -61.16
C PHE B 992 18.99 -25.59 -59.82
N ASP B 993 17.95 -26.04 -59.10
CA ASP B 993 18.11 -26.86 -57.90
C ASP B 993 18.57 -28.29 -58.23
N TRP B 994 17.98 -28.87 -59.27
CA TRP B 994 18.38 -30.20 -59.80
C TRP B 994 19.84 -30.16 -60.24
N CYS B 995 20.21 -29.11 -60.96
CA CYS B 995 21.60 -28.95 -61.40
C CYS B 995 22.55 -28.84 -60.23
N ALA B 996 22.14 -28.18 -59.14
CA ALA B 996 23.00 -28.06 -57.94
C ALA B 996 23.21 -29.39 -57.24
N VAL B 997 22.12 -30.13 -57.00
CA VAL B 997 22.17 -31.42 -56.36
C VAL B 997 23.12 -32.34 -57.13
N SER B 998 22.99 -32.39 -58.46
CA SER B 998 23.85 -33.27 -59.30
C SER B 998 25.31 -32.87 -59.21
N SER B 999 25.59 -31.60 -59.46
CA SER B 999 26.98 -31.14 -59.43
C SER B 999 27.63 -31.38 -58.05
N ILE B 1000 26.90 -31.08 -56.97
CA ILE B 1000 27.38 -31.31 -55.60
C ILE B 1000 27.64 -32.79 -55.34
N ARG B 1001 26.67 -33.65 -55.70
CA ARG B 1001 26.84 -35.10 -55.65
C ARG B 1001 28.05 -35.63 -56.41
N THR B 1002 28.29 -35.12 -57.62
CA THR B 1002 29.43 -35.59 -58.41
C THR B 1002 30.76 -35.31 -57.67
N LEU B 1003 30.87 -34.10 -57.15
CA LEU B 1003 32.06 -33.74 -56.44
C LEU B 1003 32.25 -34.70 -55.24
N ARG B 1004 31.19 -34.84 -54.44
CA ARG B 1004 31.14 -35.74 -53.28
C ARG B 1004 31.48 -37.20 -53.64
N GLN B 1005 30.88 -37.74 -54.70
CA GLN B 1005 31.21 -39.07 -55.21
C GLN B 1005 32.69 -39.22 -55.53
N LEU B 1006 33.34 -38.18 -56.06
CA LEU B 1006 34.79 -38.23 -56.31
C LEU B 1006 35.63 -37.80 -55.11
N GLY B 1007 35.04 -37.79 -53.91
CA GLY B 1007 35.78 -37.50 -52.68
C GLY B 1007 36.35 -36.09 -52.60
N LYS B 1008 35.75 -35.19 -53.35
CA LYS B 1008 36.13 -33.80 -53.36
C LYS B 1008 35.36 -33.13 -52.23
N LYS B 1009 36.02 -32.29 -51.46
CA LYS B 1009 35.33 -31.48 -50.47
C LYS B 1009 34.48 -30.41 -51.13
N THR B 1010 33.25 -30.21 -50.66
CA THR B 1010 32.35 -29.19 -51.21
C THR B 1010 32.18 -27.95 -50.29
N VAL B 1011 31.70 -26.87 -50.92
CA VAL B 1011 31.30 -25.63 -50.25
C VAL B 1011 30.14 -25.05 -51.04
N VAL B 1012 28.95 -25.10 -50.49
CA VAL B 1012 27.73 -24.65 -51.15
C VAL B 1012 27.33 -23.30 -50.60
N VAL B 1013 27.01 -22.38 -51.50
CA VAL B 1013 26.50 -21.04 -51.15
C VAL B 1013 25.19 -20.77 -51.88
N ASN B 1014 24.15 -20.48 -51.13
CA ASN B 1014 22.88 -20.10 -51.74
C ASN B 1014 22.08 -19.43 -50.66
N CYS B 1015 21.15 -18.59 -51.06
CA CYS B 1015 20.33 -17.86 -50.13
C CYS B 1015 18.85 -18.16 -50.30
N ASN B 1016 18.50 -19.16 -51.11
CA ASN B 1016 17.10 -19.53 -51.40
C ASN B 1016 16.67 -20.61 -50.41
N PRO B 1017 15.74 -20.33 -49.50
CA PRO B 1017 15.32 -21.35 -48.53
C PRO B 1017 14.38 -22.43 -49.03
N GLU B 1018 13.97 -22.35 -50.29
CA GLU B 1018 13.10 -23.36 -50.91
C GLU B 1018 13.89 -24.38 -51.77
N THR B 1019 15.19 -24.57 -51.50
CA THR B 1019 16.03 -25.39 -52.36
C THR B 1019 16.37 -26.67 -51.63
N VAL B 1020 16.26 -27.80 -52.33
CA VAL B 1020 16.75 -29.08 -51.84
C VAL B 1020 18.28 -29.08 -51.75
N SER B 1021 18.94 -28.32 -52.62
CA SER B 1021 20.41 -28.23 -52.69
C SER B 1021 21.05 -27.77 -51.38
N THR B 1022 20.45 -26.78 -50.74
CA THR B 1022 20.90 -26.27 -49.42
C THR B 1022 20.58 -27.26 -48.27
N ASP B 1023 21.35 -28.34 -48.18
CA ASP B 1023 21.13 -29.46 -47.26
C ASP B 1023 22.52 -29.77 -46.69
N PHE B 1024 22.72 -29.51 -45.40
CA PHE B 1024 24.07 -29.71 -44.79
C PHE B 1024 24.59 -31.17 -44.81
N ASP B 1025 23.70 -32.15 -44.92
CA ASP B 1025 24.12 -33.55 -45.08
C ASP B 1025 24.69 -33.90 -46.47
N GLU B 1026 24.28 -33.21 -47.55
CA GLU B 1026 24.79 -33.57 -48.90
C GLU B 1026 26.06 -32.84 -49.37
N CYS B 1027 26.55 -31.88 -48.57
CA CYS B 1027 27.81 -31.12 -48.81
C CYS B 1027 28.55 -30.88 -47.52
N ASP B 1028 29.82 -30.53 -47.62
CA ASP B 1028 30.69 -30.40 -46.46
C ASP B 1028 30.60 -29.07 -45.75
N LYS B 1029 30.37 -27.99 -46.49
CA LYS B 1029 30.14 -26.70 -45.88
C LYS B 1029 29.03 -25.99 -46.61
N LEU B 1030 27.99 -25.64 -45.89
CA LEU B 1030 26.87 -24.93 -46.47
C LEU B 1030 26.92 -23.57 -45.84
N TYR B 1031 27.22 -22.56 -46.66
CA TYR B 1031 27.05 -21.15 -46.29
C TYR B 1031 25.70 -20.67 -46.81
N PHE B 1032 24.76 -20.41 -45.89
CA PHE B 1032 23.48 -19.79 -46.26
C PHE B 1032 23.69 -18.29 -46.35
N GLU B 1033 24.09 -17.84 -47.52
CA GLU B 1033 24.68 -16.50 -47.71
C GLU B 1033 24.33 -15.70 -48.98
N GLU B 1034 24.80 -14.47 -49.04
CA GLU B 1034 24.65 -13.66 -50.22
C GLU B 1034 25.48 -14.16 -51.42
N LEU B 1035 24.94 -13.93 -52.62
CA LEU B 1035 25.61 -14.27 -53.87
C LEU B 1035 26.07 -12.98 -54.54
N SER B 1036 26.70 -12.17 -53.73
CA SER B 1036 27.27 -10.93 -54.17
C SER B 1036 28.76 -11.16 -54.40
N LEU B 1037 29.37 -10.40 -55.31
CA LEU B 1037 30.82 -10.40 -55.37
C LEU B 1037 31.43 -10.32 -53.97
N GLU B 1038 31.01 -9.33 -53.17
CA GLU B 1038 31.60 -9.11 -51.85
C GLU B 1038 31.65 -10.38 -50.98
N ARG B 1039 30.48 -11.00 -50.82
CA ARG B 1039 30.34 -12.10 -49.89
C ARG B 1039 30.91 -13.43 -50.41
N ILE B 1040 30.83 -13.66 -51.73
CA ILE B 1040 31.53 -14.81 -52.35
C ILE B 1040 33.05 -14.65 -52.26
N LEU B 1041 33.58 -13.45 -52.48
CA LEU B 1041 35.00 -13.26 -52.18
C LEU B 1041 35.29 -13.53 -50.69
N ASP B 1042 34.50 -12.94 -49.79
CA ASP B 1042 34.62 -13.20 -48.34
C ASP B 1042 34.78 -14.72 -48.05
N ILE B 1043 33.88 -15.54 -48.59
CA ILE B 1043 33.89 -16.98 -48.31
C ILE B 1043 35.01 -17.68 -49.08
N TYR B 1044 35.11 -17.40 -50.37
CA TYR B 1044 36.13 -18.06 -51.18
C TYR B 1044 37.49 -17.89 -50.56
N HIS B 1045 37.87 -16.66 -50.21
CA HIS B 1045 39.22 -16.40 -49.69
C HIS B 1045 39.46 -16.85 -48.26
N GLN B 1046 38.45 -16.72 -47.41
CA GLN B 1046 38.54 -17.21 -46.05
C GLN B 1046 38.69 -18.72 -45.99
N GLU B 1047 37.93 -19.45 -46.82
CA GLU B 1047 38.12 -20.91 -46.98
C GLU B 1047 39.43 -21.31 -47.69
N ALA B 1048 39.94 -20.40 -48.55
CA ALA B 1048 41.00 -20.69 -49.52
C ALA B 1048 40.59 -21.91 -50.33
N CYS B 1049 39.48 -21.75 -51.05
CA CYS B 1049 38.86 -22.79 -51.86
C CYS B 1049 39.73 -23.14 -53.04
N GLY B 1050 39.66 -24.41 -53.44
CA GLY B 1050 40.40 -24.96 -54.60
C GLY B 1050 39.97 -24.36 -55.91
N GLY B 1051 38.66 -24.16 -56.06
CA GLY B 1051 38.12 -23.28 -57.10
C GLY B 1051 36.67 -22.92 -56.88
N CYS B 1052 36.05 -22.41 -57.92
CA CYS B 1052 34.64 -22.07 -57.88
C CYS B 1052 33.96 -22.46 -59.21
N ILE B 1053 32.79 -23.12 -59.08
CA ILE B 1053 31.88 -23.46 -60.19
C ILE B 1053 30.68 -22.49 -60.23
N ILE B 1054 30.63 -21.70 -61.30
CA ILE B 1054 29.62 -20.65 -61.55
C ILE B 1054 28.56 -21.03 -62.60
N SER B 1055 28.70 -22.28 -63.10
CA SER B 1055 28.05 -22.80 -64.30
C SER B 1055 26.68 -23.46 -64.04
N VAL B 1056 26.35 -23.73 -62.77
CA VAL B 1056 25.14 -24.55 -62.49
C VAL B 1056 24.07 -23.89 -61.62
N GLY B 1057 23.99 -22.55 -61.66
CA GLY B 1057 23.02 -21.76 -60.86
C GLY B 1057 22.28 -20.64 -61.56
N GLY B 1058 22.22 -20.68 -62.87
CA GLY B 1058 21.54 -19.64 -63.62
C GLY B 1058 22.33 -18.33 -63.73
N GLN B 1059 21.58 -17.27 -63.99
CA GLN B 1059 22.12 -16.01 -64.41
C GLN B 1059 22.99 -15.41 -63.30
N ILE B 1060 22.55 -15.54 -62.04
CA ILE B 1060 23.19 -14.82 -60.92
C ILE B 1060 24.70 -15.13 -60.80
N PRO B 1061 25.05 -16.41 -60.53
CA PRO B 1061 26.45 -16.76 -60.39
C PRO B 1061 27.25 -16.57 -61.66
N ASN B 1062 26.68 -16.88 -62.82
CA ASN B 1062 27.41 -16.67 -64.10
C ASN B 1062 27.76 -15.17 -64.31
N ASN B 1063 26.93 -14.22 -63.86
CA ASN B 1063 27.27 -12.79 -64.03
C ASN B 1063 28.47 -12.32 -63.18
N LEU B 1064 28.88 -13.13 -62.21
CA LEU B 1064 30.05 -12.86 -61.38
C LEU B 1064 31.35 -13.43 -61.94
N ALA B 1065 31.29 -14.08 -63.11
CA ALA B 1065 32.45 -14.74 -63.70
C ALA B 1065 33.69 -13.85 -63.78
N VAL B 1066 33.55 -12.76 -64.51
CA VAL B 1066 34.67 -11.87 -64.71
C VAL B 1066 35.11 -11.21 -63.37
N PRO B 1067 34.17 -10.71 -62.53
CA PRO B 1067 34.64 -10.03 -61.30
C PRO B 1067 35.38 -10.92 -60.36
N LEU B 1068 34.85 -12.12 -60.15
CA LEU B 1068 35.54 -13.14 -59.38
C LEU B 1068 36.91 -13.43 -59.99
N TYR B 1069 36.95 -13.57 -61.33
CA TYR B 1069 38.18 -13.87 -62.06
C TYR B 1069 39.22 -12.84 -61.76
N LYS B 1070 38.78 -11.60 -61.86
CA LYS B 1070 39.64 -10.47 -61.63
C LYS B 1070 40.12 -10.39 -60.17
N ASN B 1071 39.32 -10.85 -59.22
CA ASN B 1071 39.60 -10.66 -57.80
C ASN B 1071 40.18 -11.91 -57.17
N GLY B 1072 40.78 -12.79 -57.98
CA GLY B 1072 41.60 -13.92 -57.48
C GLY B 1072 41.01 -15.34 -57.50
N VAL B 1073 39.80 -15.50 -58.00
CA VAL B 1073 39.10 -16.77 -57.89
C VAL B 1073 39.43 -17.68 -59.09
N LYS B 1074 39.86 -18.92 -58.78
CA LYS B 1074 40.06 -19.92 -59.81
C LYS B 1074 38.69 -20.41 -60.22
N ILE B 1075 38.27 -20.04 -61.42
CA ILE B 1075 36.96 -20.33 -61.89
C ILE B 1075 37.05 -21.58 -62.73
N MET B 1076 36.33 -22.62 -62.34
CA MET B 1076 36.44 -23.94 -63.00
C MET B 1076 35.74 -23.93 -64.35
N GLY B 1077 36.38 -24.53 -65.34
CA GLY B 1077 35.81 -24.65 -66.70
C GLY B 1077 36.13 -23.55 -67.71
N THR B 1078 35.21 -23.38 -68.65
CA THR B 1078 35.20 -22.26 -69.59
C THR B 1078 35.60 -20.96 -68.88
N SER B 1079 36.59 -20.29 -69.47
CA SER B 1079 37.25 -19.14 -68.89
C SER B 1079 36.28 -17.99 -68.84
N PRO B 1080 36.26 -17.26 -67.72
CA PRO B 1080 35.43 -16.04 -67.70
C PRO B 1080 35.66 -15.09 -68.90
N LEU B 1081 36.88 -15.07 -69.44
CA LEU B 1081 37.16 -14.24 -70.63
C LEU B 1081 36.31 -14.64 -71.83
N GLN B 1082 36.21 -15.94 -72.04
CA GLN B 1082 35.34 -16.51 -73.08
C GLN B 1082 33.87 -16.29 -72.74
N ILE B 1083 33.47 -16.47 -71.49
CA ILE B 1083 32.10 -16.15 -71.09
C ILE B 1083 31.70 -14.74 -71.50
N ASP B 1084 32.56 -13.78 -71.20
CA ASP B 1084 32.28 -12.37 -71.48
C ASP B 1084 32.22 -12.11 -72.97
N ARG B 1085 33.12 -12.73 -73.73
CA ARG B 1085 33.09 -12.64 -75.18
C ARG B 1085 31.77 -13.16 -75.73
N ALA B 1086 31.36 -14.34 -75.25
CA ALA B 1086 30.13 -15.00 -75.76
C ALA B 1086 28.84 -14.23 -75.48
N GLU B 1087 28.84 -13.44 -74.40
CA GLU B 1087 27.64 -12.77 -73.94
C GLU B 1087 27.73 -11.26 -74.08
N ASP B 1088 28.74 -10.77 -74.83
CA ASP B 1088 28.77 -9.41 -75.43
C ASP B 1088 28.24 -9.58 -76.86
N ARG B 1089 27.17 -8.87 -77.19
CA ARG B 1089 26.45 -9.08 -78.42
C ARG B 1089 27.32 -8.78 -79.63
N SER B 1090 27.98 -7.62 -79.62
CA SER B 1090 28.85 -7.17 -80.70
C SER B 1090 29.99 -8.16 -81.00
N ILE B 1091 30.65 -8.59 -79.93
CA ILE B 1091 31.73 -9.55 -80.05
C ILE B 1091 31.24 -10.88 -80.58
N PHE B 1092 30.23 -11.42 -79.92
CA PHE B 1092 29.65 -12.73 -80.27
C PHE B 1092 29.26 -12.70 -81.73
N SER B 1093 28.52 -11.65 -82.10
CA SER B 1093 28.05 -11.53 -83.46
C SER B 1093 29.19 -11.52 -84.51
N ALA B 1094 30.27 -10.80 -84.23
CA ALA B 1094 31.37 -10.71 -85.15
C ALA B 1094 32.10 -12.03 -85.23
N VAL B 1095 32.16 -12.77 -84.13
CA VAL B 1095 32.73 -14.15 -84.17
C VAL B 1095 31.89 -15.04 -85.09
N LEU B 1096 30.56 -14.94 -84.99
CA LEU B 1096 29.69 -15.73 -85.85
C LEU B 1096 29.83 -15.42 -87.35
N ASP B 1097 30.19 -14.18 -87.74
CA ASP B 1097 30.46 -13.87 -89.15
C ASP B 1097 31.70 -14.60 -89.60
N GLU B 1098 32.74 -14.54 -88.79
CA GLU B 1098 34.01 -15.12 -89.15
C GLU B 1098 33.80 -16.60 -89.42
N LEU B 1099 32.88 -17.19 -88.65
CA LEU B 1099 32.57 -18.60 -88.75
C LEU B 1099 31.49 -18.96 -89.75
N LYS B 1100 30.93 -17.98 -90.44
CA LYS B 1100 29.85 -18.22 -91.42
C LYS B 1100 28.62 -18.89 -90.77
N VAL B 1101 28.30 -18.50 -89.55
CA VAL B 1101 27.09 -18.93 -88.88
C VAL B 1101 26.13 -17.77 -88.98
N ALA B 1102 24.94 -18.04 -89.47
CA ALA B 1102 23.94 -17.02 -89.66
C ALA B 1102 23.32 -16.62 -88.33
N GLN B 1103 22.80 -15.39 -88.33
CA GLN B 1103 22.04 -14.82 -87.22
C GLN B 1103 21.12 -13.80 -87.85
N ALA B 1104 19.99 -13.49 -87.21
CA ALA B 1104 19.11 -12.39 -87.68
C ALA B 1104 19.82 -11.02 -87.64
N PRO B 1105 19.59 -10.16 -88.64
CA PRO B 1105 20.27 -8.85 -88.61
C PRO B 1105 19.87 -8.03 -87.39
N TRP B 1106 20.78 -7.17 -86.93
CA TRP B 1106 20.59 -6.42 -85.70
C TRP B 1106 21.44 -5.15 -85.61
N LYS B 1107 21.01 -4.23 -84.75
CA LYS B 1107 21.73 -2.97 -84.50
C LYS B 1107 21.38 -2.38 -83.14
N ALA B 1108 22.38 -1.81 -82.46
CA ALA B 1108 22.17 -1.05 -81.21
C ALA B 1108 22.06 0.39 -81.61
N VAL B 1109 20.92 1.01 -81.30
CA VAL B 1109 20.65 2.41 -81.69
C VAL B 1109 20.49 3.34 -80.50
N ASN B 1110 20.66 4.63 -80.79
CA ASN B 1110 20.70 5.70 -79.79
C ASN B 1110 19.66 6.84 -80.03
N THR B 1111 18.93 6.79 -81.17
CA THR B 1111 18.07 7.87 -81.68
C THR B 1111 16.89 7.31 -82.50
N LEU B 1112 15.71 7.92 -82.38
CA LEU B 1112 14.51 7.45 -83.10
C LEU B 1112 14.66 7.36 -84.62
N ASN B 1113 15.37 8.30 -85.22
CA ASN B 1113 15.66 8.24 -86.66
C ASN B 1113 16.62 7.08 -87.01
N GLU B 1114 17.57 6.77 -86.13
CA GLU B 1114 18.47 5.59 -86.29
C GLU B 1114 17.69 4.26 -86.37
N ALA B 1115 16.76 4.11 -85.43
CA ALA B 1115 15.90 2.93 -85.31
C ALA B 1115 15.12 2.65 -86.59
N LEU B 1116 14.37 3.64 -87.04
CA LEU B 1116 13.50 3.49 -88.20
C LEU B 1116 14.30 3.28 -89.48
N GLU B 1117 15.52 3.83 -89.53
CA GLU B 1117 16.39 3.64 -90.68
C GLU B 1117 16.70 2.15 -90.80
N PHE B 1118 16.99 1.51 -89.67
CA PHE B 1118 17.28 0.07 -89.64
C PHE B 1118 16.03 -0.78 -89.95
N ALA B 1119 14.93 -0.51 -89.24
CA ALA B 1119 13.67 -1.22 -89.46
C ALA B 1119 13.38 -1.32 -90.95
N LYS B 1120 13.32 -0.17 -91.60
CA LYS B 1120 13.07 -0.10 -93.03
C LYS B 1120 14.14 -0.83 -93.91
N SER B 1121 15.37 -0.97 -93.40
CA SER B 1121 16.45 -1.67 -94.14
C SER B 1121 16.39 -3.20 -94.07
N VAL B 1122 15.61 -3.75 -93.14
CA VAL B 1122 15.52 -5.21 -92.95
C VAL B 1122 14.07 -5.76 -93.06
N ASP B 1123 13.12 -4.91 -93.44
CA ASP B 1123 11.68 -5.22 -93.37
C ASP B 1123 11.20 -5.37 -91.91
N TYR B 1124 9.98 -4.91 -91.65
CA TYR B 1124 9.30 -5.15 -90.39
C TYR B 1124 8.97 -6.64 -90.33
N PRO B 1125 8.65 -7.19 -89.16
CA PRO B 1125 8.67 -6.51 -87.86
C PRO B 1125 10.06 -6.47 -87.18
N CYS B 1126 10.11 -6.00 -85.93
CA CYS B 1126 11.34 -5.94 -85.13
C CYS B 1126 11.11 -6.18 -83.63
N LEU B 1127 12.18 -6.62 -82.95
CA LEU B 1127 12.23 -6.77 -81.48
C LEU B 1127 12.84 -5.53 -80.80
N LEU B 1128 12.90 -5.51 -79.46
CA LEU B 1128 13.45 -4.39 -78.68
C LEU B 1128 14.04 -4.79 -77.31
N ARG B 1129 14.68 -3.85 -76.61
CA ARG B 1129 15.22 -4.06 -75.25
C ARG B 1129 15.44 -2.72 -74.50
N PRO B 1130 15.78 -2.74 -73.18
CA PRO B 1130 15.91 -1.49 -72.40
C PRO B 1130 17.30 -0.85 -72.48
N MET B 1139 10.98 -6.32 -73.16
CA MET B 1139 11.13 -6.72 -74.56
C MET B 1139 9.79 -6.75 -75.28
N ASN B 1140 9.73 -6.21 -76.49
CA ASN B 1140 8.47 -6.03 -77.22
C ASN B 1140 8.65 -6.15 -78.73
N VAL B 1141 7.57 -6.51 -79.41
CA VAL B 1141 7.55 -6.72 -80.88
C VAL B 1141 7.24 -5.35 -81.49
N VAL B 1142 7.46 -5.20 -82.79
CA VAL B 1142 7.18 -3.94 -83.49
C VAL B 1142 6.66 -4.20 -84.89
N PHE B 1143 5.45 -3.73 -85.19
CA PHE B 1143 4.94 -3.61 -86.58
C PHE B 1143 4.80 -2.14 -87.04
N SER B 1144 4.56 -1.22 -86.10
CA SER B 1144 4.29 0.20 -86.39
C SER B 1144 5.44 1.16 -86.00
N GLU B 1145 5.39 2.36 -86.58
CA GLU B 1145 6.31 3.46 -86.21
C GLU B 1145 6.06 3.96 -84.78
N ASP B 1146 4.79 4.15 -84.45
CA ASP B 1146 4.34 4.79 -83.19
C ASP B 1146 4.83 4.17 -81.87
N GLU B 1147 5.23 2.90 -81.89
CA GLU B 1147 5.62 2.18 -80.67
C GLU B 1147 7.05 2.53 -80.22
N MET B 1148 7.92 2.89 -81.17
CA MET B 1148 9.38 3.06 -80.94
C MET B 1148 9.74 4.18 -79.94
N LYS B 1149 9.22 5.38 -80.18
CA LYS B 1149 9.45 6.54 -79.29
C LYS B 1149 8.83 6.47 -77.88
N LYS B 1150 7.99 5.48 -77.60
CA LYS B 1150 7.39 5.32 -76.26
C LYS B 1150 8.25 4.53 -75.26
N PHE B 1151 9.15 3.66 -75.73
CA PHE B 1151 9.96 2.82 -74.85
C PHE B 1151 11.09 3.59 -74.15
N LEU B 1152 11.90 4.35 -74.91
CA LEU B 1152 13.06 5.10 -74.34
C LEU B 1152 12.60 6.35 -73.59
N GLU B 1153 12.48 6.26 -72.25
CA GLU B 1153 11.88 7.30 -71.40
C GLU B 1153 12.91 8.18 -70.68
N PRO B 1163 20.09 3.74 -74.82
CA PRO B 1163 20.88 2.67 -75.48
C PRO B 1163 20.01 1.44 -75.80
N VAL B 1164 19.52 1.34 -77.03
CA VAL B 1164 18.37 0.47 -77.38
C VAL B 1164 18.64 -0.43 -78.61
N VAL B 1165 18.45 -1.75 -78.45
CA VAL B 1165 18.83 -2.77 -79.45
C VAL B 1165 17.65 -3.29 -80.27
N LEU B 1166 17.73 -3.13 -81.60
CA LEU B 1166 16.77 -3.72 -82.56
C LEU B 1166 17.22 -5.04 -83.23
N THR B 1167 16.26 -5.96 -83.42
CA THR B 1167 16.52 -7.24 -84.10
C THR B 1167 15.40 -7.59 -85.08
N LYS B 1168 15.74 -7.96 -86.33
CA LYS B 1168 14.76 -8.35 -87.34
C LYS B 1168 13.98 -9.54 -86.86
N PHE B 1169 12.66 -9.43 -86.84
CA PHE B 1169 11.81 -10.50 -86.35
C PHE B 1169 11.48 -11.39 -87.55
N VAL B 1170 11.82 -12.68 -87.47
CA VAL B 1170 11.44 -13.66 -88.50
C VAL B 1170 10.12 -14.34 -88.10
N GLU B 1171 9.15 -14.35 -89.02
CA GLU B 1171 7.82 -14.88 -88.70
C GLU B 1171 7.67 -16.32 -89.15
N GLY B 1172 6.78 -17.05 -88.48
CA GLY B 1172 6.52 -18.47 -88.81
C GLY B 1172 7.74 -19.36 -88.69
N ALA B 1173 8.53 -19.11 -87.65
CA ALA B 1173 9.82 -19.71 -87.50
C ALA B 1173 9.80 -20.64 -86.31
N ARG B 1174 10.51 -21.76 -86.43
CA ARG B 1174 10.62 -22.72 -85.34
C ARG B 1174 11.82 -22.31 -84.52
N GLU B 1175 11.86 -22.72 -83.26
CA GLU B 1175 13.01 -22.49 -82.41
C GLU B 1175 13.45 -23.78 -81.78
N VAL B 1176 14.76 -23.88 -81.56
CA VAL B 1176 15.42 -25.12 -81.17
C VAL B 1176 16.44 -24.80 -80.06
N GLU B 1177 16.43 -25.56 -78.99
CA GLU B 1177 17.45 -25.43 -77.94
C GLU B 1177 18.48 -26.45 -78.27
N MET B 1178 19.73 -26.03 -78.27
CA MET B 1178 20.86 -26.93 -78.20
C MET B 1178 21.37 -26.86 -76.76
N ASP B 1179 21.30 -27.96 -76.01
CA ASP B 1179 21.98 -28.04 -74.73
C ASP B 1179 23.19 -28.93 -74.89
N ALA B 1180 24.33 -28.59 -74.27
CA ALA B 1180 25.57 -29.32 -74.52
C ALA B 1180 26.63 -29.17 -73.43
N VAL B 1181 27.60 -30.08 -73.44
CA VAL B 1181 28.81 -30.00 -72.62
C VAL B 1181 29.97 -29.95 -73.59
N GLY B 1182 30.76 -28.90 -73.48
CA GLY B 1182 32.04 -28.82 -74.17
C GLY B 1182 33.17 -29.33 -73.28
N LYS B 1183 34.19 -29.90 -73.92
CA LYS B 1183 35.43 -30.28 -73.28
C LYS B 1183 36.57 -29.82 -74.19
N ASP B 1184 37.45 -28.95 -73.68
CA ASP B 1184 38.58 -28.38 -74.44
C ASP B 1184 38.16 -27.92 -75.82
N GLY B 1185 36.98 -27.32 -75.91
CA GLY B 1185 36.39 -26.91 -77.19
C GLY B 1185 35.71 -27.94 -78.11
N ARG B 1186 35.74 -29.21 -77.76
CA ARG B 1186 34.97 -30.20 -78.47
C ARG B 1186 33.64 -30.49 -77.76
N VAL B 1187 32.57 -30.65 -78.54
CA VAL B 1187 31.27 -31.08 -78.01
C VAL B 1187 31.24 -32.57 -77.67
N ILE B 1188 31.09 -32.90 -76.37
CA ILE B 1188 31.03 -34.28 -75.90
C ILE B 1188 29.68 -34.75 -75.33
N SER B 1189 28.67 -33.91 -75.31
CA SER B 1189 27.31 -34.37 -75.09
C SER B 1189 26.40 -33.34 -75.58
N HIS B 1190 25.30 -33.72 -76.23
CA HIS B 1190 24.32 -32.73 -76.70
C HIS B 1190 22.94 -33.31 -76.86
N ALA B 1191 21.98 -32.39 -77.03
CA ALA B 1191 20.58 -32.73 -77.13
C ALA B 1191 19.85 -31.57 -77.79
N ILE B 1192 19.15 -31.84 -78.88
CA ILE B 1192 18.40 -30.80 -79.57
C ILE B 1192 16.91 -30.92 -79.25
N SER B 1193 16.33 -29.85 -78.70
CA SER B 1193 14.90 -29.84 -78.30
C SER B 1193 14.22 -28.82 -79.19
N GLU B 1194 12.97 -29.07 -79.55
CA GLU B 1194 12.20 -28.16 -80.37
C GLU B 1194 11.06 -27.57 -79.52
N HIS B 1195 10.84 -26.26 -79.68
CA HIS B 1195 9.79 -25.56 -78.99
C HIS B 1195 8.54 -25.83 -79.74
N VAL B 1196 7.45 -26.10 -79.01
CA VAL B 1196 6.11 -26.26 -79.62
C VAL B 1196 5.72 -24.96 -80.32
N GLU B 1197 5.86 -23.87 -79.57
CA GLU B 1197 5.52 -22.53 -80.00
C GLU B 1197 6.44 -22.11 -81.13
N ASP B 1198 5.90 -21.40 -82.12
CA ASP B 1198 6.71 -20.62 -83.07
C ASP B 1198 7.54 -19.68 -82.22
N ALA B 1199 8.61 -19.16 -82.78
CA ALA B 1199 9.50 -18.29 -82.02
C ALA B 1199 8.83 -16.94 -81.83
N GLY B 1200 8.81 -16.46 -80.59
CA GLY B 1200 8.29 -15.11 -80.29
C GLY B 1200 9.04 -14.58 -79.08
N VAL B 1201 8.47 -13.57 -78.43
CA VAL B 1201 8.98 -13.05 -77.14
C VAL B 1201 8.93 -14.13 -76.03
N HIS B 1202 7.88 -14.97 -76.02
CA HIS B 1202 7.70 -16.03 -75.01
C HIS B 1202 8.70 -17.19 -75.20
N SER B 1203 10.00 -16.94 -75.04
CA SER B 1203 11.08 -17.93 -75.35
C SER B 1203 11.71 -18.62 -74.13
N GLY B 1204 11.27 -18.27 -72.92
CA GLY B 1204 11.71 -18.91 -71.66
C GLY B 1204 10.63 -19.69 -70.90
N ASP B 1205 9.44 -19.78 -71.51
CA ASP B 1205 8.31 -20.62 -71.03
C ASP B 1205 7.74 -21.50 -72.16
N ALA B 1206 8.54 -21.70 -73.21
CA ALA B 1206 8.09 -22.50 -74.32
C ALA B 1206 8.12 -23.94 -73.87
N THR B 1207 7.14 -24.70 -74.32
CA THR B 1207 7.07 -26.12 -74.08
C THR B 1207 8.08 -26.80 -75.02
N LEU B 1208 8.93 -27.67 -74.47
CA LEU B 1208 9.99 -28.32 -75.27
C LEU B 1208 9.60 -29.75 -75.65
N MET B 1209 9.99 -30.19 -76.85
CA MET B 1209 9.80 -31.57 -77.31
C MET B 1209 11.19 -32.10 -77.56
N LEU B 1210 11.53 -33.24 -76.96
CA LEU B 1210 12.79 -33.93 -77.29
C LEU B 1210 12.45 -35.37 -77.60
N PRO B 1211 12.77 -35.85 -78.81
CA PRO B 1211 13.62 -35.17 -79.78
C PRO B 1211 12.82 -34.23 -80.68
N THR B 1212 13.44 -33.76 -81.77
CA THR B 1212 12.75 -32.80 -82.62
C THR B 1212 11.67 -33.52 -83.36
N GLN B 1213 10.69 -32.74 -83.79
CA GLN B 1213 9.44 -33.24 -84.36
C GLN B 1213 9.23 -32.74 -85.76
N THR B 1214 9.50 -31.45 -86.02
CA THR B 1214 9.26 -30.87 -87.37
C THR B 1214 10.40 -29.99 -87.97
N ILE B 1215 11.64 -30.42 -87.77
CA ILE B 1215 12.82 -29.68 -88.13
C ILE B 1215 13.46 -30.44 -89.26
N SER B 1216 13.74 -29.79 -90.37
CA SER B 1216 14.40 -30.49 -91.49
C SER B 1216 15.72 -31.13 -91.05
N GLN B 1217 16.01 -32.31 -91.59
CA GLN B 1217 17.28 -33.00 -91.30
C GLN B 1217 18.52 -32.14 -91.57
N GLY B 1218 18.47 -31.23 -92.56
CA GLY B 1218 19.57 -30.29 -92.83
C GLY B 1218 19.73 -29.20 -91.78
N ALA B 1219 18.62 -28.71 -91.22
CA ALA B 1219 18.68 -27.80 -90.07
C ALA B 1219 19.38 -28.45 -88.87
N ILE B 1220 19.05 -29.69 -88.58
CA ILE B 1220 19.75 -30.39 -87.49
C ILE B 1220 21.26 -30.37 -87.75
N GLU B 1221 21.70 -30.68 -88.98
CA GLU B 1221 23.14 -30.65 -89.31
C GLU B 1221 23.76 -29.28 -89.11
N LYS B 1222 23.04 -28.24 -89.54
CA LYS B 1222 23.53 -26.86 -89.44
C LYS B 1222 23.60 -26.40 -87.99
N VAL B 1223 22.56 -26.69 -87.20
CA VAL B 1223 22.60 -26.55 -85.72
C VAL B 1223 23.79 -27.30 -85.09
N LYS B 1224 23.97 -28.56 -85.42
CA LYS B 1224 25.11 -29.33 -84.92
C LYS B 1224 26.43 -28.66 -85.30
N ASP B 1225 26.57 -28.35 -86.57
CA ASP B 1225 27.80 -27.78 -87.10
C ASP B 1225 28.12 -26.44 -86.44
N ALA B 1226 27.10 -25.60 -86.31
CA ALA B 1226 27.25 -24.32 -85.67
C ALA B 1226 27.69 -24.47 -84.21
N THR B 1227 27.09 -25.45 -83.53
CA THR B 1227 27.45 -25.75 -82.15
C THR B 1227 28.93 -26.17 -81.99
N ARG B 1228 29.40 -27.05 -82.87
CA ARG B 1228 30.82 -27.44 -82.94
C ARG B 1228 31.76 -26.21 -83.07
N LYS B 1229 31.43 -25.31 -83.98
CA LYS B 1229 32.21 -24.08 -84.22
C LYS B 1229 32.20 -23.14 -83.03
N ILE B 1230 31.01 -22.96 -82.43
CA ILE B 1230 30.87 -22.14 -81.23
C ILE B 1230 31.67 -22.70 -80.06
N ALA B 1231 31.55 -23.98 -79.79
CA ALA B 1231 32.32 -24.63 -78.72
C ALA B 1231 33.83 -24.46 -78.91
N LYS B 1232 34.30 -24.52 -80.15
CA LYS B 1232 35.72 -24.33 -80.46
C LYS B 1232 36.14 -22.87 -80.28
N ALA B 1233 35.34 -21.93 -80.80
CA ALA B 1233 35.63 -20.50 -80.74
C ALA B 1233 35.76 -19.93 -79.33
N PHE B 1234 34.94 -20.42 -78.40
CA PHE B 1234 35.01 -20.01 -76.99
C PHE B 1234 35.71 -21.03 -76.06
N ALA B 1235 36.48 -21.96 -76.62
CA ALA B 1235 37.23 -22.92 -75.82
C ALA B 1235 36.43 -23.50 -74.65
N ILE B 1236 35.19 -23.93 -74.90
CA ILE B 1236 34.27 -24.31 -73.86
C ILE B 1236 34.67 -25.61 -73.14
N SER B 1237 34.73 -25.53 -71.81
CA SER B 1237 34.94 -26.68 -70.92
C SER B 1237 33.88 -26.60 -69.82
N GLY B 1238 32.69 -27.15 -70.10
CA GLY B 1238 31.58 -27.13 -69.14
C GLY B 1238 30.25 -27.16 -69.84
N PRO B 1239 29.19 -26.79 -69.14
CA PRO B 1239 27.94 -26.75 -69.85
C PRO B 1239 27.82 -25.49 -70.67
N PHE B 1240 27.00 -25.58 -71.69
CA PHE B 1240 26.56 -24.42 -72.46
C PHE B 1240 25.28 -24.73 -73.20
N ASN B 1241 24.61 -23.66 -73.60
CA ASN B 1241 23.35 -23.69 -74.33
C ASN B 1241 23.37 -22.69 -75.52
N VAL B 1242 22.68 -23.04 -76.61
CA VAL B 1242 22.53 -22.15 -77.79
C VAL B 1242 21.11 -22.24 -78.26
N GLN B 1243 20.49 -21.09 -78.55
CA GLN B 1243 19.15 -21.06 -79.14
C GLN B 1243 19.23 -20.65 -80.61
N PHE B 1244 18.42 -21.28 -81.45
CA PHE B 1244 18.40 -21.09 -82.89
C PHE B 1244 16.98 -20.80 -83.37
N LEU B 1245 16.83 -19.92 -84.38
CA LEU B 1245 15.66 -19.93 -85.26
C LEU B 1245 15.90 -20.93 -86.37
N VAL B 1246 14.90 -21.75 -86.63
CA VAL B 1246 14.90 -22.63 -87.78
C VAL B 1246 13.66 -22.36 -88.59
N LYS B 1247 13.84 -22.02 -89.85
CA LYS B 1247 12.76 -21.87 -90.80
C LYS B 1247 13.17 -22.57 -92.07
N GLY B 1248 12.55 -23.70 -92.34
CA GLY B 1248 12.95 -24.55 -93.45
C GLY B 1248 14.34 -25.06 -93.20
N ASN B 1249 15.26 -24.64 -94.05
CA ASN B 1249 16.64 -25.04 -93.96
C ASN B 1249 17.55 -23.87 -93.50
N ASP B 1250 16.95 -22.71 -93.23
CA ASP B 1250 17.68 -21.58 -92.66
C ASP B 1250 17.77 -21.72 -91.15
N VAL B 1251 19.00 -21.64 -90.65
CA VAL B 1251 19.27 -21.73 -89.21
C VAL B 1251 20.01 -20.49 -88.71
N LEU B 1252 19.37 -19.75 -87.81
CA LEU B 1252 19.96 -18.53 -87.31
C LEU B 1252 20.21 -18.68 -85.83
N VAL B 1253 21.34 -18.19 -85.35
CA VAL B 1253 21.57 -18.16 -83.92
C VAL B 1253 20.82 -16.98 -83.31
N ILE B 1254 20.11 -17.26 -82.23
CA ILE B 1254 19.37 -16.25 -81.47
C ILE B 1254 20.36 -15.80 -80.43
N GLU B 1255 20.81 -16.71 -79.58
CA GLU B 1255 21.77 -16.36 -78.51
C GLU B 1255 22.51 -17.57 -77.91
N CYS B 1256 23.52 -17.32 -77.10
CA CYS B 1256 24.35 -18.33 -76.48
C CYS B 1256 24.63 -18.00 -75.03
N ASN B 1257 24.26 -18.89 -74.12
CA ASN B 1257 24.54 -18.71 -72.70
C ASN B 1257 25.53 -19.78 -72.33
N LEU B 1258 26.69 -19.39 -71.83
CA LEU B 1258 27.78 -20.31 -71.51
C LEU B 1258 27.61 -20.79 -70.09
N ARG B 1259 26.52 -21.53 -69.90
CA ARG B 1259 26.19 -22.11 -68.61
C ARG B 1259 25.16 -23.19 -68.79
N ALA B 1260 24.89 -23.96 -67.75
CA ALA B 1260 23.70 -24.81 -67.78
C ALA B 1260 22.39 -23.99 -68.02
N SER B 1261 21.46 -24.59 -68.76
CA SER B 1261 20.12 -24.08 -68.97
C SER B 1261 19.08 -24.77 -68.07
N ARG B 1262 17.88 -24.22 -68.03
CA ARG B 1262 16.75 -24.81 -67.32
C ARG B 1262 16.31 -26.14 -67.91
N SER B 1263 16.78 -26.48 -69.11
CA SER B 1263 16.42 -27.76 -69.69
C SER B 1263 17.45 -28.86 -69.40
N PHE B 1264 18.53 -28.59 -68.67
CA PHE B 1264 19.50 -29.65 -68.38
C PHE B 1264 18.91 -30.84 -67.63
N PRO B 1265 18.05 -30.60 -66.63
CA PRO B 1265 17.45 -31.77 -65.98
C PRO B 1265 16.60 -32.59 -66.94
N PHE B 1266 15.67 -31.95 -67.60
CA PHE B 1266 14.90 -32.56 -68.73
C PHE B 1266 15.69 -33.45 -69.71
N VAL B 1267 16.74 -32.86 -70.26
CA VAL B 1267 17.56 -33.49 -71.28
C VAL B 1267 18.27 -34.72 -70.74
N SER B 1268 18.82 -34.57 -69.54
CA SER B 1268 19.58 -35.62 -68.90
C SER B 1268 18.72 -36.82 -68.62
N LYS B 1269 17.53 -36.57 -68.10
CA LYS B 1269 16.67 -37.67 -67.67
C LYS B 1269 16.03 -38.34 -68.87
N THR B 1270 15.99 -37.61 -69.99
CA THR B 1270 15.43 -38.14 -71.26
C THR B 1270 16.41 -39.01 -72.04
N LEU B 1271 17.68 -38.64 -72.04
CA LEU B 1271 18.71 -39.40 -72.74
C LEU B 1271 19.43 -40.43 -71.84
N GLY B 1272 19.11 -40.44 -70.55
CA GLY B 1272 19.74 -41.35 -69.60
C GLY B 1272 21.20 -41.06 -69.31
N VAL B 1273 21.57 -39.78 -69.33
CA VAL B 1273 22.90 -39.32 -69.02
C VAL B 1273 22.78 -38.01 -68.28
N ASP B 1274 23.38 -37.92 -67.11
CA ASP B 1274 23.39 -36.69 -66.34
C ASP B 1274 24.44 -35.74 -66.97
N PHE B 1275 23.94 -34.78 -67.76
CA PHE B 1275 24.78 -33.75 -68.40
C PHE B 1275 25.50 -32.85 -67.41
N ILE B 1276 24.94 -32.68 -66.21
CA ILE B 1276 25.62 -31.91 -65.17
C ILE B 1276 26.76 -32.69 -64.57
N ASP B 1277 26.55 -33.99 -64.39
CA ASP B 1277 27.65 -34.88 -63.94
C ASP B 1277 28.83 -34.86 -64.93
N VAL B 1278 28.53 -34.85 -66.23
CA VAL B 1278 29.55 -34.84 -67.27
C VAL B 1278 30.29 -33.51 -67.23
N ALA B 1279 29.56 -32.42 -67.06
CA ALA B 1279 30.13 -31.08 -67.08
C ALA B 1279 31.02 -30.84 -65.89
N THR B 1280 30.58 -31.25 -64.71
CA THR B 1280 31.35 -31.04 -63.48
C THR B 1280 32.70 -31.74 -63.60
N LYS B 1281 32.68 -32.97 -64.12
CA LYS B 1281 33.93 -33.73 -64.35
C LYS B 1281 34.87 -33.02 -65.31
N VAL B 1282 34.33 -32.54 -66.43
CA VAL B 1282 35.08 -31.79 -67.40
C VAL B 1282 35.72 -30.61 -66.67
N MET B 1283 34.89 -29.86 -65.95
CA MET B 1283 35.33 -28.67 -65.27
C MET B 1283 36.43 -28.94 -64.25
N ILE B 1284 36.32 -30.02 -63.47
CA ILE B 1284 37.37 -30.36 -62.48
C ILE B 1284 38.42 -31.32 -63.03
N GLY B 1285 38.46 -31.54 -64.34
CA GLY B 1285 39.51 -32.38 -64.99
C GLY B 1285 39.48 -33.89 -64.71
N GLU B 1286 38.34 -34.40 -64.25
CA GLU B 1286 38.12 -35.81 -64.09
C GLU B 1286 37.82 -36.32 -65.48
N ASN B 1287 38.49 -37.38 -65.93
CA ASN B 1287 38.27 -37.84 -67.32
C ASN B 1287 36.92 -38.54 -67.44
N VAL B 1288 36.46 -38.60 -68.68
CA VAL B 1288 35.13 -39.08 -68.96
C VAL B 1288 35.19 -39.86 -70.28
N ASP B 1289 34.65 -41.08 -70.26
CA ASP B 1289 34.71 -41.94 -71.44
C ASP B 1289 33.59 -41.48 -72.33
N GLU B 1290 33.97 -40.99 -73.50
CA GLU B 1290 33.03 -40.36 -74.42
C GLU B 1290 32.31 -41.37 -75.27
N LYS B 1291 32.58 -42.67 -75.06
CA LYS B 1291 32.06 -43.72 -75.94
C LYS B 1291 30.53 -43.78 -75.93
N HIS B 1292 29.92 -43.79 -74.76
CA HIS B 1292 28.44 -43.93 -74.61
C HIS B 1292 27.73 -42.58 -74.36
N LEU B 1293 28.46 -41.47 -74.54
CA LEU B 1293 27.90 -40.12 -74.43
C LEU B 1293 27.32 -39.68 -75.78
N PRO B 1294 26.33 -38.78 -75.74
CA PRO B 1294 25.69 -38.32 -76.94
C PRO B 1294 26.50 -37.24 -77.67
N THR B 1295 27.66 -37.61 -78.23
CA THR B 1295 28.48 -36.62 -78.95
C THR B 1295 27.82 -36.22 -80.26
N LEU B 1296 28.33 -35.20 -80.94
CA LEU B 1296 27.77 -34.79 -82.25
C LEU B 1296 27.79 -35.88 -83.36
N ASP B 1297 28.75 -36.81 -83.26
CA ASP B 1297 28.94 -37.90 -84.23
C ASP B 1297 28.10 -39.13 -83.90
N HIS B 1298 27.86 -39.34 -82.61
CA HIS B 1298 26.95 -40.36 -82.15
C HIS B 1298 25.95 -39.77 -81.13
N PRO B 1299 24.88 -39.11 -81.63
CA PRO B 1299 23.85 -38.59 -80.74
C PRO B 1299 23.05 -39.71 -80.12
N ILE B 1300 22.37 -39.42 -79.01
CA ILE B 1300 21.36 -40.29 -78.43
C ILE B 1300 20.01 -39.70 -78.79
N ILE B 1301 19.17 -40.50 -79.44
CA ILE B 1301 17.91 -40.05 -79.95
C ILE B 1301 16.85 -41.05 -79.59
N PRO B 1302 16.01 -40.73 -78.61
CA PRO B 1302 14.94 -41.65 -78.29
C PRO B 1302 14.05 -42.01 -79.51
N ALA B 1303 13.90 -43.32 -79.73
CA ALA B 1303 13.04 -43.88 -80.80
C ALA B 1303 11.66 -44.24 -80.29
N ASP B 1304 11.59 -45.01 -79.20
CA ASP B 1304 10.33 -45.53 -78.65
C ASP B 1304 9.41 -44.45 -78.10
N TYR B 1305 10.01 -43.50 -77.38
CA TYR B 1305 9.30 -42.46 -76.62
C TYR B 1305 9.73 -41.08 -77.09
N VAL B 1306 8.97 -40.08 -76.65
CA VAL B 1306 9.25 -38.67 -76.82
C VAL B 1306 9.05 -37.99 -75.47
N ALA B 1307 9.89 -37.01 -75.13
CA ALA B 1307 9.77 -36.29 -73.86
C ALA B 1307 9.17 -34.91 -74.07
N ILE B 1308 8.37 -34.43 -73.12
CA ILE B 1308 7.85 -33.06 -73.18
C ILE B 1308 8.20 -32.33 -71.90
N LYS B 1309 8.49 -31.04 -72.02
CA LYS B 1309 8.77 -30.14 -70.88
C LYS B 1309 7.85 -28.92 -70.99
N ALA B 1310 7.23 -28.54 -69.88
CA ALA B 1310 6.24 -27.48 -69.91
C ALA B 1310 6.16 -26.86 -68.53
N PRO B 1311 5.48 -25.71 -68.42
CA PRO B 1311 5.41 -25.14 -67.09
C PRO B 1311 4.41 -25.87 -66.20
N MET B 1312 4.67 -25.84 -64.90
CA MET B 1312 3.81 -26.44 -63.89
C MET B 1312 2.62 -25.52 -63.70
N PHE B 1313 2.85 -24.22 -63.52
CA PHE B 1313 1.76 -23.25 -63.43
C PHE B 1313 1.96 -22.09 -64.38
N SER B 1314 0.86 -21.66 -65.00
CA SER B 1314 0.80 -20.51 -65.87
C SER B 1314 -0.37 -19.64 -65.45
N TRP B 1315 -0.26 -18.32 -65.68
CA TRP B 1315 -1.30 -17.34 -65.33
C TRP B 1315 -1.09 -15.99 -66.05
N PRO B 1316 -2.18 -15.23 -66.26
CA PRO B 1316 -2.09 -13.91 -66.90
C PRO B 1316 -1.73 -12.75 -65.95
N ARG B 1317 -0.85 -11.87 -66.42
CA ARG B 1317 -0.63 -10.56 -65.82
C ARG B 1317 -1.05 -9.50 -66.82
N LEU B 1318 -1.28 -8.30 -66.31
CA LEU B 1318 -1.66 -7.14 -67.10
C LEU B 1318 -0.42 -6.24 -67.31
N ARG B 1319 -0.61 -5.09 -67.97
CA ARG B 1319 0.41 -4.03 -68.00
C ARG B 1319 -0.18 -2.64 -67.66
N ASP B 1320 -0.30 -2.41 -66.35
CA ASP B 1320 -0.53 -1.07 -65.78
C ASP B 1320 0.74 -0.22 -65.98
N ALA B 1321 1.92 -0.87 -65.89
CA ALA B 1321 3.25 -0.26 -66.17
C ALA B 1321 3.37 0.36 -67.58
N ASP B 1322 2.56 -0.16 -68.51
CA ASP B 1322 2.13 0.54 -69.73
C ASP B 1322 3.21 1.21 -70.61
N PRO B 1323 4.03 0.38 -71.29
CA PRO B 1323 4.52 0.83 -72.61
C PRO B 1323 3.34 0.89 -73.63
N ILE B 1324 2.58 -0.21 -73.70
CA ILE B 1324 1.21 -0.25 -74.28
C ILE B 1324 0.44 -1.33 -73.51
N LEU B 1325 -0.90 -1.27 -73.53
CA LEU B 1325 -1.72 -2.22 -72.72
C LEU B 1325 -1.81 -3.60 -73.37
N ARG B 1326 -1.34 -4.59 -72.64
CA ARG B 1326 -1.27 -5.96 -73.14
C ARG B 1326 -1.38 -6.98 -72.01
N CYS B 1327 -1.75 -8.19 -72.41
CA CYS B 1327 -1.95 -9.32 -71.53
C CYS B 1327 -0.86 -10.38 -71.83
N GLU B 1328 0.07 -10.56 -70.89
CA GLU B 1328 1.11 -11.57 -71.02
C GLU B 1328 0.78 -12.74 -70.14
N MET B 1329 1.20 -13.92 -70.54
CA MET B 1329 1.19 -15.09 -69.65
C MET B 1329 2.54 -15.17 -68.99
N ALA B 1330 2.53 -15.69 -67.77
CA ALA B 1330 3.73 -15.84 -66.95
C ALA B 1330 3.80 -17.25 -66.35
N SER B 1331 4.93 -17.93 -66.52
CA SER B 1331 5.01 -19.33 -66.22
C SER B 1331 6.08 -19.57 -65.20
N THR B 1332 5.95 -20.68 -64.46
CA THR B 1332 6.98 -21.12 -63.53
C THR B 1332 6.87 -22.62 -63.19
N GLY B 1333 7.93 -23.18 -62.60
CA GLY B 1333 7.92 -24.60 -62.26
C GLY B 1333 7.97 -25.47 -63.50
N GLU B 1334 7.98 -26.78 -63.33
CA GLU B 1334 8.26 -27.69 -64.44
C GLU B 1334 7.46 -28.97 -64.34
N VAL B 1335 6.90 -29.40 -65.48
CA VAL B 1335 6.38 -30.77 -65.66
C VAL B 1335 7.12 -31.43 -66.84
N ALA B 1336 7.52 -32.67 -66.68
CA ALA B 1336 8.04 -33.41 -67.80
C ALA B 1336 7.51 -34.82 -67.80
N CYS B 1337 7.09 -35.25 -68.98
CA CYS B 1337 6.57 -36.57 -69.21
C CYS B 1337 7.19 -37.19 -70.46
N PHE B 1338 7.19 -38.52 -70.45
CA PHE B 1338 7.45 -39.29 -71.62
C PHE B 1338 6.12 -39.75 -72.20
N GLY B 1339 6.10 -39.99 -73.50
CA GLY B 1339 4.95 -40.60 -74.19
C GLY B 1339 5.45 -41.30 -75.42
N GLU B 1340 4.70 -42.29 -75.91
CA GLU B 1340 5.04 -42.99 -77.17
C GLU B 1340 5.33 -42.00 -78.30
N GLY B 1341 4.60 -40.89 -78.29
CA GLY B 1341 4.90 -39.77 -79.15
C GLY B 1341 4.51 -38.50 -78.43
N ILE B 1342 4.69 -37.37 -79.11
CA ILE B 1342 4.48 -36.06 -78.49
C ILE B 1342 3.04 -35.85 -78.03
N HIS B 1343 2.10 -36.44 -78.75
CA HIS B 1343 0.69 -36.21 -78.50
C HIS B 1343 0.26 -36.85 -77.16
N THR B 1344 0.74 -38.05 -76.83
CA THR B 1344 0.36 -38.66 -75.52
C THR B 1344 1.22 -38.07 -74.41
N ALA B 1345 2.44 -37.66 -74.75
CA ALA B 1345 3.31 -36.99 -73.81
C ALA B 1345 2.65 -35.72 -73.29
N PHE B 1346 2.12 -34.94 -74.23
CA PHE B 1346 1.41 -33.69 -73.94
C PHE B 1346 0.20 -33.89 -73.04
N LEU B 1347 -0.60 -34.93 -73.31
CA LEU B 1347 -1.78 -35.22 -72.49
C LEU B 1347 -1.37 -35.66 -71.08
N LYS B 1348 -0.30 -36.44 -70.96
CA LYS B 1348 0.24 -36.81 -69.64
C LYS B 1348 0.70 -35.59 -68.89
N ALA B 1349 1.29 -34.63 -69.60
CA ALA B 1349 1.64 -33.35 -68.97
C ALA B 1349 0.38 -32.63 -68.47
N MET B 1350 -0.67 -32.61 -69.29
CA MET B 1350 -1.90 -31.95 -68.91
C MET B 1350 -2.45 -32.59 -67.58
N LEU B 1351 -2.58 -33.91 -67.59
CA LEU B 1351 -3.01 -34.62 -66.38
C LEU B 1351 -2.10 -34.33 -65.21
N SER B 1352 -0.81 -34.23 -65.50
CA SER B 1352 0.22 -34.08 -64.47
C SER B 1352 0.26 -32.72 -63.81
N THR B 1353 -0.27 -31.67 -64.47
CA THR B 1353 -0.37 -30.35 -63.84
C THR B 1353 -1.75 -30.16 -63.18
N GLY B 1354 -2.47 -31.29 -62.96
CA GLY B 1354 -3.72 -31.33 -62.22
C GLY B 1354 -4.96 -31.06 -63.05
N PHE B 1355 -4.84 -30.95 -64.37
CA PHE B 1355 -6.01 -30.71 -65.24
C PHE B 1355 -6.70 -32.00 -65.62
N LYS B 1356 -7.87 -31.80 -66.18
CA LYS B 1356 -8.73 -32.84 -66.65
C LYS B 1356 -8.74 -32.66 -68.16
N ILE B 1357 -8.44 -33.74 -68.89
CA ILE B 1357 -8.42 -33.69 -70.35
C ILE B 1357 -9.81 -33.24 -70.76
N PRO B 1358 -9.93 -32.07 -71.44
CA PRO B 1358 -11.24 -31.53 -71.78
C PRO B 1358 -12.03 -32.53 -72.59
N GLN B 1359 -13.34 -32.53 -72.39
CA GLN B 1359 -14.22 -33.33 -73.25
C GLN B 1359 -15.58 -32.76 -73.63
N LYS B 1360 -16.01 -31.65 -73.04
CA LYS B 1360 -17.37 -31.14 -73.21
C LYS B 1360 -17.38 -30.04 -74.25
N GLY B 1361 -16.71 -28.93 -73.97
CA GLY B 1361 -16.77 -27.80 -74.88
C GLY B 1361 -15.65 -26.79 -74.69
N ILE B 1362 -15.47 -25.96 -75.72
CA ILE B 1362 -14.31 -25.07 -75.86
C ILE B 1362 -14.68 -23.63 -76.22
N LEU B 1363 -14.21 -22.68 -75.40
CA LEU B 1363 -14.32 -21.25 -75.74
C LEU B 1363 -13.24 -20.86 -76.75
N ILE B 1364 -13.59 -20.14 -77.81
CA ILE B 1364 -12.65 -19.77 -78.85
C ILE B 1364 -12.51 -18.28 -78.91
N GLY B 1365 -11.29 -17.79 -78.71
CA GLY B 1365 -10.94 -16.37 -78.72
C GLY B 1365 -9.74 -16.12 -79.62
N ILE B 1366 -10.00 -15.54 -80.79
CA ILE B 1366 -8.97 -15.24 -81.78
C ILE B 1366 -9.18 -13.88 -82.41
N GLN B 1367 -8.07 -13.27 -82.78
CA GLN B 1367 -8.10 -12.00 -83.49
C GLN B 1367 -8.81 -12.20 -84.81
N GLN B 1368 -9.51 -11.19 -85.29
CA GLN B 1368 -10.23 -11.28 -86.57
C GLN B 1368 -9.35 -11.71 -87.73
N SER B 1369 -8.19 -11.08 -87.87
CA SER B 1369 -7.20 -11.41 -88.91
C SER B 1369 -6.75 -12.86 -88.88
N PHE B 1370 -6.86 -13.49 -87.72
CA PHE B 1370 -6.44 -14.88 -87.55
C PHE B 1370 -7.51 -15.93 -87.92
N ARG B 1371 -8.68 -15.49 -88.33
CA ARG B 1371 -9.78 -16.42 -88.65
C ARG B 1371 -9.45 -17.47 -89.72
N PRO B 1372 -9.00 -17.03 -90.92
CA PRO B 1372 -8.74 -17.99 -91.99
C PRO B 1372 -7.79 -19.11 -91.61
N ARG B 1373 -6.74 -18.79 -90.87
CA ARG B 1373 -5.80 -19.81 -90.40
C ARG B 1373 -6.36 -20.67 -89.30
N PHE B 1374 -7.30 -20.14 -88.51
CA PHE B 1374 -7.92 -20.90 -87.42
C PHE B 1374 -9.12 -21.78 -87.77
N LEU B 1375 -9.74 -21.59 -88.94
CA LEU B 1375 -11.03 -22.26 -89.22
C LEU B 1375 -10.90 -23.77 -89.22
N GLY B 1376 -9.94 -24.30 -89.98
CA GLY B 1376 -9.70 -25.74 -90.01
C GLY B 1376 -9.54 -26.42 -88.65
N VAL B 1377 -8.80 -25.81 -87.73
CA VAL B 1377 -8.62 -26.34 -86.37
C VAL B 1377 -9.90 -26.24 -85.54
N ALA B 1378 -10.63 -25.13 -85.69
CA ALA B 1378 -11.96 -25.04 -85.08
C ALA B 1378 -12.82 -26.20 -85.56
N GLU B 1379 -12.82 -26.45 -86.84
CA GLU B 1379 -13.61 -27.54 -87.42
C GLU B 1379 -13.09 -28.89 -86.97
N GLN B 1380 -11.78 -29.06 -86.91
CA GLN B 1380 -11.17 -30.30 -86.42
C GLN B 1380 -11.67 -30.63 -85.01
N LEU B 1381 -11.78 -29.58 -84.19
CA LEU B 1381 -12.21 -29.70 -82.81
C LEU B 1381 -13.68 -30.06 -82.72
N HIS B 1382 -14.50 -29.44 -83.56
CA HIS B 1382 -15.92 -29.78 -83.67
C HIS B 1382 -16.12 -31.25 -84.02
N ASN B 1383 -15.47 -31.69 -85.09
CA ASN B 1383 -15.45 -33.11 -85.49
C ASN B 1383 -15.13 -34.14 -84.40
N GLU B 1384 -14.41 -33.76 -83.36
CA GLU B 1384 -14.14 -34.68 -82.24
C GLU B 1384 -15.32 -34.76 -81.28
N GLY B 1385 -16.27 -33.82 -81.43
CA GLY B 1385 -17.46 -33.75 -80.62
C GLY B 1385 -17.31 -32.81 -79.44
N PHE B 1386 -16.61 -31.68 -79.63
CA PHE B 1386 -16.55 -30.59 -78.66
C PHE B 1386 -17.57 -29.54 -79.05
N LYS B 1387 -18.29 -29.02 -78.07
CA LYS B 1387 -19.26 -27.96 -78.28
C LYS B 1387 -18.46 -26.66 -78.34
N LEU B 1388 -18.51 -25.95 -79.46
CA LEU B 1388 -17.78 -24.68 -79.56
C LEU B 1388 -18.53 -23.52 -78.94
N PHE B 1389 -17.77 -22.62 -78.31
CA PHE B 1389 -18.27 -21.35 -77.81
C PHE B 1389 -17.32 -20.24 -78.26
N ALA B 1390 -17.87 -19.06 -78.55
CA ALA B 1390 -17.07 -17.87 -78.91
C ALA B 1390 -17.81 -16.53 -78.65
N THR B 1391 -17.13 -15.41 -78.76
CA THR B 1391 -17.80 -14.11 -78.69
C THR B 1391 -18.67 -13.93 -79.94
N GLU B 1392 -19.56 -12.95 -79.88
CA GLU B 1392 -20.67 -12.90 -80.83
C GLU B 1392 -20.22 -12.91 -82.31
N ALA B 1393 -19.28 -12.04 -82.65
CA ALA B 1393 -18.77 -11.91 -84.04
C ALA B 1393 -18.18 -13.22 -84.57
N THR B 1394 -17.29 -13.83 -83.76
CA THR B 1394 -16.60 -15.08 -84.10
C THR B 1394 -17.56 -16.26 -84.30
N SER B 1395 -18.43 -16.51 -83.33
CA SER B 1395 -19.44 -17.57 -83.44
C SER B 1395 -20.29 -17.45 -84.72
N ASP B 1396 -20.65 -16.24 -85.10
CA ASP B 1396 -21.40 -16.01 -86.33
C ASP B 1396 -20.58 -16.35 -87.55
N TRP B 1397 -19.28 -16.02 -87.51
CA TRP B 1397 -18.38 -16.40 -88.58
C TRP B 1397 -18.20 -17.94 -88.63
N LEU B 1398 -17.99 -18.57 -87.48
CA LEU B 1398 -17.87 -20.01 -87.43
C LEU B 1398 -19.11 -20.65 -88.01
N ASN B 1399 -20.27 -20.29 -87.44
CA ASN B 1399 -21.58 -20.81 -87.89
C ASN B 1399 -21.74 -20.59 -89.41
N ALA B 1400 -21.44 -19.38 -89.88
CA ALA B 1400 -21.47 -19.05 -91.31
C ALA B 1400 -20.60 -19.97 -92.24
N ASN B 1401 -19.52 -20.56 -91.73
CA ASN B 1401 -18.72 -21.55 -92.46
C ASN B 1401 -19.08 -23.01 -92.09
N ASN B 1402 -20.29 -23.24 -91.57
CA ASN B 1402 -20.79 -24.57 -91.16
C ASN B 1402 -19.98 -25.21 -90.04
N VAL B 1403 -19.55 -24.37 -89.09
CA VAL B 1403 -18.87 -24.84 -87.88
C VAL B 1403 -19.74 -24.41 -86.70
N PRO B 1404 -20.63 -25.32 -86.23
CA PRO B 1404 -21.57 -25.01 -85.17
C PRO B 1404 -20.90 -24.46 -83.94
N ALA B 1405 -21.31 -23.26 -83.55
CA ALA B 1405 -20.81 -22.60 -82.36
C ALA B 1405 -21.91 -21.74 -81.76
N THR B 1406 -21.75 -21.50 -80.46
CA THR B 1406 -22.78 -20.95 -79.59
C THR B 1406 -22.23 -19.66 -78.96
N PRO B 1407 -22.85 -18.52 -79.29
CA PRO B 1407 -22.24 -17.25 -78.90
C PRO B 1407 -22.32 -16.91 -77.39
N VAL B 1408 -21.31 -16.17 -76.93
CA VAL B 1408 -21.20 -15.62 -75.57
C VAL B 1408 -20.83 -14.13 -75.62
N ALA B 1409 -20.98 -13.45 -74.51
CA ALA B 1409 -20.68 -12.03 -74.46
C ALA B 1409 -19.35 -11.86 -73.78
N TRP B 1410 -18.67 -10.77 -74.12
CA TRP B 1410 -17.47 -10.39 -73.40
C TRP B 1410 -17.83 -10.15 -71.91
N PRO B 1411 -16.87 -10.34 -70.97
CA PRO B 1411 -17.12 -10.05 -69.53
C PRO B 1411 -17.52 -8.61 -69.15
N SER B 1412 -17.14 -7.63 -69.97
CA SER B 1412 -17.49 -6.24 -69.73
C SER B 1412 -18.77 -5.85 -70.48
N GLN B 1413 -19.61 -6.83 -70.80
CA GLN B 1413 -20.89 -6.59 -71.49
C GLN B 1413 -21.98 -7.60 -71.07
N GLU B 1414 -21.81 -8.24 -69.90
CA GLU B 1414 -22.71 -9.35 -69.53
C GLU B 1414 -24.07 -8.81 -69.10
N GLY B 1415 -25.12 -9.60 -69.36
CA GLY B 1415 -26.50 -9.26 -68.99
C GLY B 1415 -27.12 -8.03 -69.65
N GLN B 1416 -26.49 -7.50 -70.71
CA GLN B 1416 -27.03 -6.41 -71.52
C GLN B 1416 -27.57 -6.94 -72.85
N ASN B 1417 -27.54 -8.26 -73.02
CA ASN B 1417 -28.24 -8.96 -74.07
C ASN B 1417 -28.76 -10.24 -73.40
N PRO B 1418 -30.09 -10.44 -73.37
CA PRO B 1418 -30.63 -11.62 -72.65
C PRO B 1418 -30.34 -12.95 -73.36
N SER B 1419 -30.10 -12.91 -74.67
CA SER B 1419 -29.74 -14.09 -75.44
C SER B 1419 -28.41 -14.69 -74.95
N LEU B 1420 -27.36 -13.87 -75.00
CA LEU B 1420 -25.97 -14.32 -74.90
C LEU B 1420 -25.61 -14.85 -73.52
N SER B 1421 -25.33 -16.15 -73.44
CA SER B 1421 -24.96 -16.77 -72.17
C SER B 1421 -23.56 -16.25 -71.77
N SER B 1422 -23.25 -16.31 -70.48
CA SER B 1422 -22.02 -15.72 -69.96
C SER B 1422 -20.95 -16.78 -69.76
N ILE B 1423 -19.70 -16.32 -69.78
CA ILE B 1423 -18.52 -17.18 -69.68
C ILE B 1423 -18.40 -17.71 -68.26
N ARG B 1424 -18.46 -16.85 -67.24
CA ARG B 1424 -18.41 -17.35 -65.86
C ARG B 1424 -19.48 -18.40 -65.60
N LYS B 1425 -20.71 -18.14 -66.03
CA LYS B 1425 -21.80 -19.12 -65.95
C LYS B 1425 -21.37 -20.45 -66.54
N LEU B 1426 -20.96 -20.41 -67.80
CA LEU B 1426 -20.67 -21.63 -68.58
C LEU B 1426 -19.44 -22.43 -68.14
N ILE B 1427 -18.46 -21.78 -67.50
CA ILE B 1427 -17.34 -22.49 -66.86
C ILE B 1427 -17.83 -23.21 -65.60
N ARG B 1428 -18.57 -22.51 -64.73
CA ARG B 1428 -19.19 -23.10 -63.51
C ARG B 1428 -20.07 -24.32 -63.84
N ASP B 1429 -20.89 -24.21 -64.89
CA ASP B 1429 -21.71 -25.32 -65.37
C ASP B 1429 -20.86 -26.51 -65.78
N GLY B 1430 -19.61 -26.27 -66.19
CA GLY B 1430 -18.75 -27.30 -66.77
C GLY B 1430 -19.12 -27.57 -68.22
N SER B 1431 -19.75 -26.57 -68.86
CA SER B 1431 -20.12 -26.61 -70.28
C SER B 1431 -18.91 -26.23 -71.15
N ILE B 1432 -18.12 -25.27 -70.67
CA ILE B 1432 -16.79 -24.95 -71.19
C ILE B 1432 -15.73 -25.49 -70.22
N ASP B 1433 -14.98 -26.50 -70.66
CA ASP B 1433 -13.89 -27.08 -69.86
C ASP B 1433 -12.50 -26.98 -70.52
N LEU B 1434 -12.37 -26.13 -71.54
CA LEU B 1434 -11.09 -25.69 -72.08
C LEU B 1434 -11.27 -24.29 -72.62
N VAL B 1435 -10.25 -23.44 -72.45
CA VAL B 1435 -10.28 -22.10 -73.05
C VAL B 1435 -9.08 -21.97 -73.99
N ILE B 1436 -9.35 -21.37 -75.15
CA ILE B 1436 -8.37 -21.01 -76.14
C ILE B 1436 -8.50 -19.49 -76.24
N ASN B 1437 -7.41 -18.79 -75.93
CA ASN B 1437 -7.40 -17.33 -76.00
C ASN B 1437 -6.08 -16.86 -76.59
N LEU B 1438 -6.06 -16.72 -77.92
CA LEU B 1438 -4.83 -16.37 -78.65
C LEU B 1438 -4.54 -14.89 -78.55
N PRO B 1439 -3.30 -14.48 -78.74
CA PRO B 1439 -3.01 -13.06 -78.50
C PRO B 1439 -3.75 -12.11 -79.45
N ASN B 1440 -4.37 -11.07 -78.88
CA ASN B 1440 -5.31 -10.18 -79.58
C ASN B 1440 -4.89 -8.71 -79.34
N ASN B 1441 -4.23 -8.13 -80.34
CA ASN B 1441 -3.57 -6.82 -80.21
C ASN B 1441 -4.55 -5.64 -80.05
N ASN B 1442 -5.77 -5.80 -80.57
CA ASN B 1442 -6.87 -4.83 -80.40
C ASN B 1442 -7.05 -4.37 -78.94
N THR B 1443 -6.79 -3.09 -78.69
CA THR B 1443 -6.62 -2.55 -77.32
C THR B 1443 -7.89 -2.39 -76.46
N LYS B 1444 -9.06 -2.42 -77.11
CA LYS B 1444 -10.32 -2.37 -76.37
C LYS B 1444 -10.49 -3.65 -75.56
N PHE B 1445 -10.46 -4.78 -76.26
CA PHE B 1445 -10.70 -6.09 -75.66
C PHE B 1445 -9.53 -6.71 -74.89
N VAL B 1446 -8.38 -6.05 -74.84
CA VAL B 1446 -7.28 -6.49 -74.00
C VAL B 1446 -7.75 -6.83 -72.59
N HIS B 1447 -8.52 -5.93 -71.96
CA HIS B 1447 -8.89 -6.15 -70.56
C HIS B 1447 -9.86 -7.30 -70.44
N ASP B 1448 -10.86 -7.34 -71.30
CA ASP B 1448 -11.75 -8.50 -71.34
C ASP B 1448 -10.99 -9.84 -71.47
N ASN B 1449 -9.98 -9.89 -72.35
CA ASN B 1449 -9.18 -11.10 -72.56
C ASN B 1449 -8.39 -11.50 -71.32
N TYR B 1450 -7.77 -10.53 -70.64
CA TYR B 1450 -7.20 -10.76 -69.30
C TYR B 1450 -8.19 -11.46 -68.35
N VAL B 1451 -9.42 -10.95 -68.32
CA VAL B 1451 -10.47 -11.50 -67.44
C VAL B 1451 -10.91 -12.88 -67.93
N ILE B 1452 -11.03 -13.09 -69.26
CA ILE B 1452 -11.38 -14.43 -69.77
C ILE B 1452 -10.29 -15.40 -69.34
N ARG B 1453 -9.04 -14.98 -69.54
CA ARG B 1453 -7.89 -15.76 -69.12
C ARG B 1453 -7.87 -16.02 -67.60
N ARG B 1454 -8.00 -14.98 -66.78
CA ARG B 1454 -7.98 -15.14 -65.30
C ARG B 1454 -9.06 -16.09 -64.82
N THR B 1455 -10.22 -16.05 -65.47
CA THR B 1455 -11.33 -16.92 -65.12
C THR B 1455 -10.98 -18.38 -65.33
N ALA B 1456 -10.47 -18.71 -66.52
CA ALA B 1456 -10.06 -20.10 -66.81
C ALA B 1456 -9.03 -20.61 -65.81
N VAL B 1457 -8.03 -19.78 -65.51
CA VAL B 1457 -6.93 -20.18 -64.65
C VAL B 1457 -7.51 -20.45 -63.26
N ASP B 1458 -8.11 -19.44 -62.66
CA ASP B 1458 -8.79 -19.56 -61.35
C ASP B 1458 -9.78 -20.72 -61.18
N SER B 1459 -10.46 -21.12 -62.25
CA SER B 1459 -11.41 -22.26 -62.19
C SER B 1459 -10.72 -23.64 -62.29
N GLY B 1460 -9.52 -23.67 -62.88
CA GLY B 1460 -8.76 -24.91 -63.05
C GLY B 1460 -9.13 -25.68 -64.30
N ILE B 1461 -9.58 -24.97 -65.34
CA ILE B 1461 -9.71 -25.56 -66.68
C ILE B 1461 -8.53 -25.11 -67.56
N PRO B 1462 -7.92 -26.05 -68.33
CA PRO B 1462 -6.77 -25.73 -69.19
C PRO B 1462 -6.93 -24.46 -70.05
N LEU B 1463 -5.90 -23.60 -70.02
CA LEU B 1463 -5.79 -22.42 -70.89
C LEU B 1463 -4.70 -22.65 -71.96
N LEU B 1464 -5.07 -22.49 -73.22
CA LEU B 1464 -4.13 -22.46 -74.33
C LEU B 1464 -4.10 -21.05 -74.89
N THR B 1465 -2.92 -20.50 -75.11
CA THR B 1465 -2.79 -19.16 -75.60
C THR B 1465 -1.85 -19.04 -76.81
N ASN B 1466 -1.47 -20.16 -77.41
CA ASN B 1466 -0.62 -20.14 -78.57
C ASN B 1466 -1.24 -21.11 -79.58
N PHE B 1467 -1.25 -20.73 -80.86
CA PHE B 1467 -1.86 -21.52 -81.92
C PHE B 1467 -1.22 -22.91 -82.12
N GLN B 1468 0.10 -23.01 -81.99
CA GLN B 1468 0.82 -24.27 -82.22
C GLN B 1468 0.52 -25.28 -81.11
N VAL B 1469 0.36 -24.78 -79.88
CA VAL B 1469 -0.06 -25.59 -78.74
C VAL B 1469 -1.51 -26.02 -78.93
N THR B 1470 -2.34 -25.11 -79.46
CA THR B 1470 -3.72 -25.42 -79.77
C THR B 1470 -3.79 -26.58 -80.77
N LYS B 1471 -3.07 -26.48 -81.88
CA LYS B 1471 -3.02 -27.57 -82.87
C LYS B 1471 -2.58 -28.85 -82.22
N LEU B 1472 -1.53 -28.78 -81.40
CA LEU B 1472 -1.00 -29.97 -80.74
C LEU B 1472 -2.08 -30.68 -79.90
N PHE B 1473 -2.92 -29.89 -79.22
CA PHE B 1473 -4.04 -30.46 -78.44
C PHE B 1473 -5.09 -31.18 -79.33
N ALA B 1474 -5.56 -30.47 -80.36
CA ALA B 1474 -6.53 -30.98 -81.34
C ALA B 1474 -6.18 -32.35 -81.88
N GLU B 1475 -4.91 -32.53 -82.19
CA GLU B 1475 -4.37 -33.77 -82.74
C GLU B 1475 -4.24 -34.84 -81.65
N ALA B 1476 -4.01 -34.39 -80.41
CA ALA B 1476 -3.95 -35.29 -79.27
C ALA B 1476 -5.31 -35.92 -78.97
N VAL B 1477 -6.36 -35.12 -78.89
CA VAL B 1477 -7.70 -35.65 -78.53
C VAL B 1477 -8.34 -36.49 -79.64
N GLN B 1478 -7.86 -36.34 -80.86
CA GLN B 1478 -8.27 -37.17 -82.00
C GLN B 1478 -7.84 -38.65 -81.86
N LYS B 1479 -6.55 -38.86 -81.55
CA LYS B 1479 -5.94 -40.19 -81.35
C LYS B 1479 -6.45 -40.99 -80.14
N SER B 1480 -6.46 -40.36 -78.97
CA SER B 1480 -6.72 -41.02 -77.67
C SER B 1480 -8.05 -41.81 -77.61
N SER B 1485 -6.94 -42.06 -69.45
CA SER B 1485 -5.98 -41.73 -68.40
C SER B 1485 -5.01 -42.91 -68.11
N LYS B 1486 -5.52 -43.98 -67.50
CA LYS B 1486 -4.69 -45.16 -67.18
C LYS B 1486 -4.30 -46.03 -68.41
N SER B 1487 -4.70 -45.59 -69.61
CA SER B 1487 -4.17 -46.17 -70.87
C SER B 1487 -2.77 -45.61 -71.27
N LEU B 1488 -2.55 -44.31 -71.02
CA LEU B 1488 -1.36 -43.59 -71.54
C LEU B 1488 -0.07 -43.91 -70.75
N PHE B 1489 -0.22 -44.09 -69.43
CA PHE B 1489 0.86 -44.49 -68.52
C PHE B 1489 0.93 -46.03 -68.47
N HIS B 1490 -0.24 -46.67 -68.36
CA HIS B 1490 -0.46 -48.16 -68.29
C HIS B 1490 0.80 -49.04 -68.08
N TYR B 1491 1.61 -48.72 -67.05
CA TYR B 1491 2.90 -49.40 -66.78
C TYR B 1491 3.76 -49.54 -68.04
N ARG B 1492 4.64 -48.58 -68.29
CA ARG B 1492 5.49 -48.64 -69.47
C ARG B 1492 6.93 -48.15 -69.17
N GLN B 1493 7.92 -48.80 -69.77
CA GLN B 1493 9.34 -48.48 -69.55
C GLN B 1493 9.96 -47.65 -70.71
N TYR B 1494 11.06 -46.98 -70.40
CA TYR B 1494 11.48 -45.80 -71.16
C TYR B 1494 13.01 -45.63 -71.11
N SER B 1495 13.70 -46.16 -72.14
CA SER B 1495 15.16 -46.42 -72.13
C SER B 1495 15.97 -45.76 -73.26
N ALA B 1496 17.05 -45.05 -72.89
CA ALA B 1496 18.06 -44.48 -73.83
C ALA B 1496 17.48 -43.42 -74.77
F1 374 C . -27.21 15.89 51.97
C20 374 C . -26.52 15.00 52.69
C19 374 C . -27.01 14.57 53.92
C17 374 C . -26.27 13.68 54.69
O4 374 C . -26.79 13.27 55.89
C18 374 C . -25.86 12.91 56.91
C16 374 C . -25.04 13.21 54.19
C15 374 C . -24.56 13.64 52.95
C14 374 C . -25.30 14.53 52.20
C13 374 C . -24.79 14.95 50.97
O3 374 C . -23.86 15.77 50.94
N2 374 C . -25.30 14.40 49.84
C10 374 C . -26.42 13.44 49.83
C12 374 C . -27.19 13.52 48.54
C11 374 C . -25.98 12.00 50.05
C8 374 C . -24.71 14.83 48.58
C9 374 C . -25.23 16.20 48.21
C7 374 C . -24.92 13.85 47.48
N1 374 C . -26.33 13.38 47.37
C6 374 C . -26.89 12.83 46.26
O2 374 C . -28.06 12.45 46.27
C5 374 C . -26.22 12.59 45.06
C21 374 C . -25.06 11.77 44.95
F2 374 C . -24.40 11.18 46.05
C22 374 C . -24.50 11.53 43.71
C2 374 C . -25.07 12.03 42.53
O1 374 C . -24.43 11.75 41.35
C1 374 C . -25.26 11.63 40.19
C3 374 C . -26.23 12.82 42.65
C4 374 C . -26.80 13.08 43.90
ZN ZN D . 7.85 13.67 17.12
C1 EDO E . -15.00 0.41 50.11
O1 EDO E . -14.46 0.96 51.32
C2 EDO E . -13.99 -0.28 49.16
O2 EDO E . -13.62 0.42 47.94
F1 374 F . 8.72 -6.51 -56.84
C20 374 F . 9.84 -6.69 -57.22
C19 374 F . 10.24 -6.24 -58.45
C17 374 F . 11.57 -6.44 -58.88
O4 374 F . 11.90 -5.99 -60.12
C18 374 F . 13.07 -6.53 -60.73
C16 374 F . 12.49 -7.10 -58.03
C15 374 F . 12.05 -7.56 -56.80
C14 374 F . 10.74 -7.34 -56.40
C13 374 F . 10.33 -7.78 -55.15
O3 374 F . 10.08 -8.97 -55.07
N2 374 F . 10.19 -6.91 -54.12
C10 374 F . 10.51 -5.47 -54.24
C12 374 F . 9.72 -4.67 -53.23
C11 374 F . 12.03 -5.29 -54.06
C8 374 F . 9.70 -7.39 -52.81
C9 374 F . 8.17 -7.40 -52.81
C7 374 F . 10.26 -6.56 -51.65
N1 374 F . 9.96 -5.12 -51.87
C6 374 F . 9.79 -4.20 -50.88
O2 374 F . 9.50 -3.03 -51.17
C5 374 F . 10.01 -4.42 -49.53
C21 374 F . 11.24 -4.93 -49.02
F2 374 F . 12.29 -5.35 -49.79
C22 374 F . 11.43 -5.07 -47.66
C2 374 F . 10.46 -4.68 -46.76
O1 374 F . 10.77 -4.88 -45.44
C1 374 F . 10.00 -4.22 -44.44
C3 374 F . 9.24 -4.14 -47.25
C4 374 F . 9.03 -4.01 -48.62
ZN ZN G . 19.31 -29.26 -14.38
#